data_7SBB
#
_entry.id   7SBB
#
_cell.length_a   1.00
_cell.length_b   1.00
_cell.length_c   1.00
_cell.angle_alpha   90.00
_cell.angle_beta   90.00
_cell.angle_gamma   90.00
#
_symmetry.space_group_name_H-M   'P 1'
#
loop_
_entity.id
_entity.type
_entity.pdbx_description
1 polymer Cas7d
2 polymer Cas5d
3 polymer Cas10d
4 polymer Cas11d
5 polymer 'ssRNA target'
6 polymer crRNA
#
loop_
_entity_poly.entity_id
_entity_poly.type
_entity_poly.pdbx_seq_one_letter_code
_entity_poly.pdbx_strand_id
1 'polypeptide(L)'
;MLDSLKSQFQPSFPRLASGHYVHFLMLRHSQSFPVFQTDGVLNTTRTQAGLLEKTDQLSRLVMFKRKQTTPERLAGRELL
RNLGLTSADKSAKNLCEYNGEGSCKQCPDCILYGFAIGDSGSERSKVYSDSAFSLGAYEQSHRSFTFNAPFEGGTMSEAG
VMRSAINELDHILPEVTFPTVESLRDATYEGFIYVLGNLLRTKRYGAQESRTGTMKNHLVGIVFADGEIFSNLHLTQALY
DQMGGELNKPISELCETAATVAQDLLNKEPVRKSELIFGAHLDTLLQEVNDIYQNDAELTKLLGSLYQQTQDYATEFGAL
SGGKKKAKS
;
A,B,C,D,E,F,G
2 'polypeptide(L)'
;MTKIYRCKLTLHDNVFFASREMGILYETEKYFHNWALSYAFFKGTIIPHPYGLVGQNAQTPAYLDRDREQNLLHLNDSGI
YVFPAQPIHWSYQINTFKAAQSAYYGRSVQFGGKGATKNYPINYGRAKELAVGSEFLTYIVSQKELDLPVWIRLGKWSSK
IRVEVEAIAPDQIKTASGVYVCNHPLNPLDCPANQQILLYNRVVMPPSSLFSQSQLQGDYWQIDRNTFLPQGFHYGATTA
IAQDSPQLSLLDTN
;
H
3 'polypeptide(L)'
;MTTLLQTLLIRTLSEQKDYILLEYFQTILPALEEHFGNTSGLGGSFISHQKHFGTQGYDTEKAKKMAQGFAKKGDQTLAA
HILNALLTTWNVMQELEFPLNDIERRLLCLGITLHDYDKHCHAQDMAAPEPDNIQEIINICLELGKRLNFDEFWADWRDY
IAEISYLAQNTHGKQHTNLISSNWSNAGYPFTIKERKLDHPLRHLLTFGDVAVHLSSPHDLVSSTMGDRLRDLLNRLGIE
KRFVYHHLRDTTGILSNAIHNVILRTVQKLDWKPLLFFAQGVIYFAPQDTEIPERNEIKQIVWQGISQELGKKMSAGDVG
FKRDGKGLKVSPQTSELLAAADIVRILPQVISVKVNNAKSPATPKRLEKLELGDAEREKLYEVADLRCDRLAELLGLVQK
EIFLLPEPFIEWVLKDLELTSVIMPEETQVQSGGVNYGWYRVAAHYVANHATWDLEEFQEFLQGFGDRLATWAEEEGYFA
EHQSPTRQIFEDYLDRYLEIQGWESDHQAFIQELENYVNAKTKKSKQPICSLSSGEFPSEDQMDSVVLFKPQQYSNKNPL
GGGQIKRGISKIWSLEMLLRQAFWSVPSGKFEDQQPIFIYLYPAYVYAPQVVEAIRELVYGIASVNLWDVRKHWVNNKMD
LTSLKSLPWLNEEVEAGTNAQLKYTKEDLPFLATVYTTTREKTDTDAWVKPAFLALLLPYLLGVKAIATRSMVPLYRSDQ
DFRESIHLDGVAGFWSLLGIPTDLRVEDITPALNKLLAIYTLHLAARSSPPKARWQDLPKTVQEVMTDVLNVFALAEQGL
RREKRDRPYESEVTEYWQFAELFSQGNIVMTEKLKLTKRLVEEYRRFYQVELSKKPSTHAILLPLSKALEQILSVPDDWD
EEELILQGSGQLQAALDRQEVYTRPIIKDKSVAYETRQLQELEAIQIFMTTCVRDLFGEMCKGDRAILQEQRNRIKSGAE
FAYRLLALEAQQNQN
;
I
4 'polypeptide(L)'
;MTEKLKLTKRLVEEYRRFYQVELSKKPSTHAILLPLSKALEQILSVPDDWDEEELILQGSGQLQAALDRQEVYTRPIIKD
KSVAYETRQLQELEAIQIFMTTCVRDLFGEMCKGDRAILQEQRNRIKSGAEFAYRLLALEAQQNQN
;
J,K
5 'polyribonucleotide' AGGCAUUGAAAGCGACCACCAGGGGCACAACAA X
6 'polyribonucleotide' ACUGAAACGAUUGUUGUGCCCCUGGCGGUCGCUUUCAAUGCCU Z
#
loop_
_chem_comp.id
_chem_comp.type
_chem_comp.name
_chem_comp.formula
A RNA linking ADENOSINE-5'-MONOPHOSPHATE 'C10 H14 N5 O7 P'
C RNA linking CYTIDINE-5'-MONOPHOSPHATE 'C9 H14 N3 O8 P'
G RNA linking GUANOSINE-5'-MONOPHOSPHATE 'C10 H14 N5 O8 P'
U RNA linking URIDINE-5'-MONOPHOSPHATE 'C9 H13 N2 O9 P'
#
# COMPACT_ATOMS: atom_id res chain seq x y z
N MET A 1 16.94 57.82 -28.94
CA MET A 1 16.19 57.17 -30.04
C MET A 1 14.98 57.99 -30.44
N LEU A 2 13.99 58.18 -29.58
CA LEU A 2 12.75 58.95 -29.84
C LEU A 2 13.00 60.39 -30.29
N ASP A 3 14.05 61.02 -29.77
CA ASP A 3 14.49 62.37 -30.14
C ASP A 3 14.85 62.49 -31.63
N SER A 4 15.35 61.41 -32.25
CA SER A 4 15.59 61.38 -33.68
C SER A 4 14.28 61.17 -34.45
N LEU A 5 13.36 60.34 -33.91
CA LEU A 5 12.07 60.08 -34.55
C LEU A 5 11.15 61.30 -34.56
N LYS A 6 11.29 62.25 -33.64
CA LYS A 6 10.57 63.53 -33.70
C LYS A 6 10.63 64.18 -35.10
N SER A 7 11.68 63.89 -35.88
CA SER A 7 11.80 64.33 -37.29
C SER A 7 10.73 63.77 -38.22
N GLN A 8 10.21 62.56 -37.97
CA GLN A 8 9.29 61.89 -38.91
C GLN A 8 7.85 62.36 -38.84
N PHE A 9 7.37 62.69 -37.65
CA PHE A 9 5.96 63.01 -37.44
C PHE A 9 5.53 64.35 -38.03
N GLN A 10 4.23 64.55 -38.17
CA GLN A 10 3.75 65.81 -38.67
C GLN A 10 3.87 66.79 -37.50
N PRO A 11 3.92 68.11 -37.74
CA PRO A 11 3.96 69.09 -36.67
C PRO A 11 2.59 69.42 -36.05
N SER A 12 1.50 69.31 -36.81
CA SER A 12 0.11 69.39 -36.33
C SER A 12 -0.81 68.58 -37.22
N PHE A 13 -1.98 68.17 -36.73
CA PHE A 13 -2.89 67.28 -37.47
C PHE A 13 -3.38 67.99 -38.75
N PRO A 14 -3.27 67.29 -39.92
CA PRO A 14 -3.67 67.91 -41.16
C PRO A 14 -5.14 67.79 -41.51
N ARG A 15 -5.68 68.62 -42.40
CA ARG A 15 -7.08 68.48 -42.83
C ARG A 15 -7.27 67.24 -43.69
N LEU A 16 -6.44 67.10 -44.74
CA LEU A 16 -6.57 66.00 -45.67
C LEU A 16 -5.54 64.97 -45.33
N ALA A 17 -5.81 63.71 -45.61
CA ALA A 17 -4.91 62.63 -45.27
C ALA A 17 -3.68 62.71 -46.10
N SER A 18 -2.58 62.13 -45.63
CA SER A 18 -1.29 62.31 -46.26
C SER A 18 -0.53 61.17 -46.83
N GLY A 19 -0.52 60.04 -46.16
CA GLY A 19 0.29 58.94 -46.61
C GLY A 19 1.54 58.85 -45.82
N HIS A 20 1.46 59.12 -44.53
CA HIS A 20 2.57 59.01 -43.64
C HIS A 20 2.00 58.02 -42.66
N TYR A 21 2.35 56.74 -42.75
CA TYR A 21 1.91 55.70 -41.85
C TYR A 21 3.05 55.25 -40.93
N VAL A 22 2.82 55.28 -39.61
CA VAL A 22 3.67 54.58 -38.64
C VAL A 22 2.96 53.30 -38.23
N HIS A 23 3.58 52.15 -38.49
CA HIS A 23 3.01 50.81 -38.29
C HIS A 23 3.66 50.15 -37.09
N PHE A 24 2.85 49.71 -36.14
CA PHE A 24 3.24 48.94 -34.97
C PHE A 24 3.01 47.45 -35.26
N LEU A 25 4.08 46.67 -35.25
CA LEU A 25 4.02 45.22 -35.45
C LEU A 25 4.09 44.56 -34.07
N MET A 26 3.12 43.72 -33.73
CA MET A 26 3.00 43.13 -32.41
C MET A 26 2.64 41.65 -32.49
N LEU A 27 3.03 40.90 -31.47
CA LEU A 27 2.48 39.59 -31.14
C LEU A 27 1.70 39.76 -29.84
N ARG A 28 0.38 39.54 -29.88
CA ARG A 28 -0.47 39.54 -28.69
C ARG A 28 -0.51 38.13 -28.11
N HIS A 29 0.04 37.90 -26.93
CA HIS A 29 0.06 36.58 -26.31
C HIS A 29 -1.05 36.48 -25.27
N SER A 30 -1.89 35.45 -25.33
CA SER A 30 -2.83 35.17 -24.24
C SER A 30 -2.07 34.77 -22.98
N GLN A 31 -2.48 35.28 -21.83
CA GLN A 31 -1.90 34.96 -20.52
C GLN A 31 -2.90 34.23 -19.63
N SER A 32 -4.19 34.56 -19.76
CA SER A 32 -5.27 33.86 -19.08
C SER A 32 -6.55 33.94 -19.90
N PHE A 33 -6.88 32.83 -20.55
CA PHE A 33 -8.23 32.46 -20.96
C PHE A 33 -9.17 33.56 -21.54
N PRO A 34 -8.78 34.31 -22.59
CA PRO A 34 -9.67 35.27 -23.23
C PRO A 34 -10.86 34.65 -23.94
N VAL A 35 -11.91 35.45 -24.12
CA VAL A 35 -13.18 35.03 -24.73
C VAL A 35 -13.55 35.99 -25.86
N PHE A 36 -12.96 35.77 -27.02
CA PHE A 36 -13.29 36.45 -28.27
C PHE A 36 -14.54 35.84 -28.88
N GLN A 37 -15.69 36.32 -28.44
CA GLN A 37 -17.01 35.82 -28.79
C GLN A 37 -17.89 36.85 -29.48
N THR A 38 -18.81 36.32 -30.28
CA THR A 38 -20.09 36.93 -30.67
C THR A 38 -21.06 35.74 -30.69
N ASP A 39 -22.35 35.96 -30.50
CA ASP A 39 -23.39 34.95 -30.71
C ASP A 39 -23.25 33.65 -29.89
N GLY A 40 -22.50 33.66 -28.79
CA GLY A 40 -22.36 32.52 -27.87
C GLY A 40 -21.31 31.45 -28.22
N VAL A 41 -20.48 31.65 -29.24
CA VAL A 41 -19.35 30.75 -29.59
C VAL A 41 -18.07 31.55 -29.83
N LEU A 42 -16.90 30.93 -29.67
CA LEU A 42 -15.61 31.56 -30.03
C LEU A 42 -15.51 31.75 -31.54
N ASN A 43 -15.15 32.95 -31.96
CA ASN A 43 -15.03 33.32 -33.36
C ASN A 43 -13.88 32.61 -34.07
N THR A 44 -14.16 32.04 -35.23
CA THR A 44 -13.20 31.32 -36.10
C THR A 44 -13.45 31.61 -37.57
N THR A 45 -12.44 31.42 -38.41
CA THR A 45 -12.69 31.30 -39.86
C THR A 45 -11.71 30.31 -40.49
N ARG A 46 -12.10 29.63 -41.58
CA ARG A 46 -11.19 28.82 -42.40
C ARG A 46 -10.27 29.71 -43.22
N THR A 47 -9.00 29.33 -43.26
CA THR A 47 -7.91 30.06 -43.92
C THR A 47 -6.95 29.08 -44.56
N GLN A 48 -6.11 29.53 -45.48
CA GLN A 48 -4.98 28.71 -45.91
C GLN A 48 -3.94 28.70 -44.79
N ALA A 49 -3.32 27.56 -44.52
CA ALA A 49 -2.41 27.40 -43.38
C ALA A 49 -1.17 28.30 -43.43
N GLY A 50 -0.56 28.50 -44.61
CA GLY A 50 0.60 29.35 -44.81
C GLY A 50 0.81 29.73 -46.27
N LEU A 51 1.69 30.70 -46.52
CA LEU A 51 1.69 31.45 -47.80
C LEU A 51 2.09 30.62 -49.02
N LEU A 52 2.85 29.53 -48.88
CA LEU A 52 3.38 28.78 -50.03
C LEU A 52 2.37 27.84 -50.70
N GLU A 53 1.31 28.42 -51.25
CA GLU A 53 0.40 27.76 -52.19
C GLU A 53 -0.23 26.45 -51.65
N LYS A 54 -0.49 26.38 -50.34
CA LYS A 54 -0.91 25.16 -49.63
C LYS A 54 -2.24 24.62 -50.16
N THR A 55 -2.33 23.30 -50.21
CA THR A 55 -3.62 22.59 -50.23
C THR A 55 -4.32 22.62 -48.86
N ASP A 56 -3.57 22.90 -47.81
CA ASP A 56 -3.95 22.65 -46.42
C ASP A 56 -4.68 23.86 -45.82
N GLN A 57 -5.95 23.67 -45.48
CA GLN A 57 -6.80 24.67 -44.83
C GLN A 57 -6.73 24.53 -43.31
N LEU A 58 -6.96 25.62 -42.58
CA LEU A 58 -6.86 25.65 -41.12
C LEU A 58 -7.87 26.65 -40.56
N SER A 59 -8.76 26.18 -39.68
CA SER A 59 -9.67 27.00 -38.88
C SER A 59 -8.92 27.65 -37.73
N ARG A 60 -8.76 28.98 -37.75
CA ARG A 60 -7.99 29.71 -36.73
C ARG A 60 -8.93 30.68 -36.02
N LEU A 61 -8.69 30.95 -34.74
CA LEU A 61 -9.47 31.93 -33.97
C LEU A 61 -9.31 33.32 -34.58
N VAL A 62 -10.38 34.09 -34.65
CA VAL A 62 -10.32 35.50 -35.06
C VAL A 62 -10.77 36.46 -33.97
N MET A 63 -9.87 37.36 -33.61
CA MET A 63 -10.11 38.50 -32.73
C MET A 63 -10.47 39.69 -33.61
N PHE A 64 -11.74 40.05 -33.69
CA PHE A 64 -12.23 41.10 -34.59
C PHE A 64 -11.65 42.46 -34.24
N LYS A 65 -11.60 43.38 -35.20
CA LYS A 65 -11.11 44.76 -35.01
C LYS A 65 -11.70 45.44 -33.76
N ARG A 66 -13.01 45.28 -33.54
CA ARG A 66 -13.75 45.80 -32.38
C ARG A 66 -13.15 45.31 -31.07
N LYS A 67 -12.96 43.99 -30.98
CA LYS A 67 -12.54 43.25 -29.80
C LYS A 67 -11.15 43.60 -29.29
N GLN A 68 -10.33 44.24 -30.12
CA GLN A 68 -8.97 44.70 -29.76
C GLN A 68 -8.83 46.22 -29.72
N THR A 69 -9.49 46.94 -30.63
CA THR A 69 -9.44 48.41 -30.70
C THR A 69 -10.12 49.09 -29.52
N THR A 70 -11.28 48.64 -29.05
CA THR A 70 -11.98 49.25 -27.91
C THR A 70 -11.25 49.12 -26.57
N PRO A 71 -10.73 47.96 -26.14
CA PRO A 71 -9.86 47.91 -24.96
C PRO A 71 -8.64 48.84 -24.99
N GLU A 72 -8.06 49.11 -26.16
CA GLU A 72 -6.99 50.10 -26.29
C GLU A 72 -7.56 51.51 -26.12
N ARG A 73 -8.68 51.79 -26.79
CA ARG A 73 -9.35 53.08 -26.79
C ARG A 73 -9.82 53.50 -25.40
N LEU A 74 -10.57 52.67 -24.69
CA LEU A 74 -11.10 52.98 -23.36
C LEU A 74 -9.97 53.13 -22.31
N ALA A 75 -8.87 52.41 -22.45
CA ALA A 75 -7.68 52.57 -21.59
C ALA A 75 -6.92 53.87 -21.86
N GLY A 76 -7.16 54.54 -22.98
CA GLY A 76 -6.64 55.87 -23.25
C GLY A 76 -7.49 56.95 -22.58
N ARG A 77 -8.81 56.82 -22.67
CA ARG A 77 -9.78 57.74 -22.04
C ARG A 77 -9.62 57.76 -20.52
N GLU A 78 -9.34 56.61 -19.90
CA GLU A 78 -9.12 56.53 -18.45
C GLU A 78 -7.89 57.29 -18.06
N LEU A 79 -6.83 57.18 -18.85
CA LEU A 79 -5.59 57.90 -18.55
C LEU A 79 -5.81 59.41 -18.64
N LEU A 80 -6.48 59.87 -19.69
CA LEU A 80 -6.79 61.30 -19.86
C LEU A 80 -7.65 61.86 -18.72
N ARG A 81 -8.52 61.05 -18.13
CA ARG A 81 -9.27 61.47 -16.96
C ARG A 81 -8.41 61.41 -15.71
N ASN A 82 -7.45 60.51 -15.61
CA ASN A 82 -6.54 60.49 -14.47
C ASN A 82 -5.73 61.75 -14.49
N LEU A 83 -5.20 62.12 -15.65
CA LEU A 83 -4.43 63.36 -15.75
C LEU A 83 -5.28 64.62 -15.54
N GLY A 84 -6.61 64.52 -15.61
CA GLY A 84 -7.50 65.68 -15.52
C GLY A 84 -7.54 66.53 -16.79
N LEU A 85 -7.24 65.93 -17.93
CA LEU A 85 -7.37 66.55 -19.25
C LEU A 85 -8.80 66.47 -19.79
N THR A 86 -9.56 65.45 -19.36
CA THR A 86 -11.00 65.24 -19.58
C THR A 86 -11.63 64.85 -18.23
N SER A 87 -12.94 64.90 -18.07
CA SER A 87 -13.64 64.52 -16.84
C SER A 87 -14.93 63.74 -17.07
N ALA A 88 -15.41 62.99 -16.08
CA ALA A 88 -16.66 62.25 -16.13
C ALA A 88 -17.90 63.02 -15.60
N ASP A 89 -17.71 64.14 -14.92
CA ASP A 89 -18.77 64.93 -14.30
C ASP A 89 -19.51 65.81 -15.31
N LYS A 90 -20.85 65.71 -15.40
CA LYS A 90 -21.62 66.43 -16.42
C LYS A 90 -21.56 67.95 -16.30
N SER A 91 -21.24 68.52 -15.14
CA SER A 91 -21.20 69.98 -14.95
C SER A 91 -19.84 70.60 -15.29
N ALA A 92 -18.84 69.77 -15.59
CA ALA A 92 -17.52 70.21 -15.98
C ALA A 92 -17.48 70.59 -17.47
N LYS A 93 -16.59 71.53 -17.80
CA LYS A 93 -16.43 72.06 -19.17
C LYS A 93 -15.69 71.10 -20.11
N ASN A 94 -15.03 70.06 -19.59
CA ASN A 94 -14.26 69.07 -20.33
C ASN A 94 -14.86 67.65 -20.24
N LEU A 95 -16.19 67.53 -20.17
CA LEU A 95 -16.91 66.25 -20.26
C LEU A 95 -16.64 65.55 -21.60
N CYS A 96 -16.44 64.23 -21.55
CA CYS A 96 -16.58 63.35 -22.71
C CYS A 96 -17.26 62.01 -22.35
N GLU A 97 -18.26 61.57 -23.12
CA GLU A 97 -18.90 60.23 -23.03
C GLU A 97 -18.72 59.45 -24.34
N TYR A 98 -18.57 58.13 -24.29
CA TYR A 98 -17.84 57.34 -25.29
C TYR A 98 -18.39 57.37 -26.73
N ASN A 99 -19.70 57.41 -26.96
CA ASN A 99 -20.28 57.38 -28.32
C ASN A 99 -21.35 58.45 -28.62
N GLY A 100 -22.13 58.94 -27.65
CA GLY A 100 -23.41 59.58 -27.98
C GLY A 100 -23.32 61.03 -28.48
N GLU A 101 -24.44 61.75 -28.47
CA GLU A 101 -24.43 63.17 -28.85
C GLU A 101 -23.53 63.98 -27.89
N GLY A 102 -23.46 63.56 -26.63
CA GLY A 102 -22.56 64.12 -25.62
C GLY A 102 -21.11 63.66 -25.74
N SER A 103 -20.75 62.90 -26.77
CA SER A 103 -19.34 62.66 -27.07
C SER A 103 -18.65 63.98 -27.40
N CYS A 104 -17.43 64.16 -26.91
CA CYS A 104 -16.65 65.34 -27.20
C CYS A 104 -16.31 65.43 -28.70
N LYS A 105 -15.82 66.58 -29.15
CA LYS A 105 -15.36 66.81 -30.52
C LYS A 105 -13.91 67.26 -30.56
N GLN A 106 -13.24 67.32 -29.41
CA GLN A 106 -11.91 67.89 -29.24
C GLN A 106 -10.89 67.02 -28.53
N CYS A 107 -11.26 66.12 -27.61
CA CYS A 107 -10.28 65.39 -26.81
C CYS A 107 -9.49 64.38 -27.66
N PRO A 108 -8.30 63.93 -27.23
CA PRO A 108 -7.40 63.12 -28.04
C PRO A 108 -8.05 61.86 -28.60
N ASP A 109 -8.89 61.21 -27.80
CA ASP A 109 -9.64 60.05 -28.23
C ASP A 109 -10.54 60.32 -29.45
N CYS A 110 -11.31 61.39 -29.39
CA CYS A 110 -12.27 61.75 -30.42
C CYS A 110 -11.57 62.05 -31.75
N ILE A 111 -10.36 62.62 -31.74
CA ILE A 111 -9.61 62.93 -32.95
C ILE A 111 -8.76 61.77 -33.48
N LEU A 112 -8.15 60.95 -32.64
CA LEU A 112 -7.33 59.83 -33.09
C LEU A 112 -8.14 58.56 -33.43
N TYR A 113 -9.16 58.24 -32.64
CA TYR A 113 -10.01 57.06 -32.84
C TYR A 113 -11.37 57.39 -33.49
N GLY A 114 -11.72 58.68 -33.61
CA GLY A 114 -12.85 59.15 -34.40
C GLY A 114 -14.17 59.26 -33.64
N PHE A 115 -15.11 59.98 -34.23
CA PHE A 115 -16.49 60.09 -33.77
C PHE A 115 -17.45 60.26 -34.93
N ALA A 116 -18.71 59.89 -34.75
CA ALA A 116 -19.78 60.30 -35.65
C ALA A 116 -21.00 60.65 -34.83
N ILE A 117 -21.28 61.94 -34.70
CA ILE A 117 -22.48 62.44 -34.04
C ILE A 117 -23.60 62.59 -35.07
N GLY A 118 -23.29 63.07 -36.28
CA GLY A 118 -24.30 63.38 -37.29
C GLY A 118 -24.01 64.73 -37.91
N ASP A 119 -25.04 65.55 -38.10
CA ASP A 119 -24.91 66.91 -38.61
C ASP A 119 -23.99 67.77 -37.71
N SER A 120 -24.03 67.52 -36.40
CA SER A 120 -23.16 68.14 -35.40
C SER A 120 -21.68 67.75 -35.50
N GLY A 121 -21.30 66.87 -36.42
CA GLY A 121 -19.90 66.54 -36.72
C GLY A 121 -19.62 65.05 -36.91
N SER A 122 -18.58 64.75 -37.69
CA SER A 122 -17.92 63.45 -37.73
C SER A 122 -16.42 63.55 -38.03
N GLU A 123 -15.67 62.53 -37.64
CA GLU A 123 -14.22 62.44 -37.76
C GLU A 123 -13.77 60.98 -38.00
N ARG A 124 -12.97 60.71 -39.03
CA ARG A 124 -12.38 59.39 -39.30
C ARG A 124 -11.28 59.00 -38.32
N SER A 125 -11.25 57.73 -37.91
CA SER A 125 -10.19 57.11 -37.11
C SER A 125 -8.87 57.16 -37.85
N LYS A 126 -7.86 57.71 -37.21
CA LYS A 126 -6.48 57.78 -37.71
C LYS A 126 -5.71 56.51 -37.40
N VAL A 127 -6.03 55.80 -36.33
CA VAL A 127 -5.55 54.44 -36.11
C VAL A 127 -6.34 53.44 -36.96
N TYR A 128 -5.77 53.05 -38.09
CA TYR A 128 -6.20 51.93 -38.91
C TYR A 128 -5.69 50.61 -38.30
N SER A 129 -6.46 49.54 -38.45
CA SER A 129 -6.18 48.24 -37.81
C SER A 129 -6.93 47.09 -38.52
N ASP A 130 -6.58 45.85 -38.23
CA ASP A 130 -7.23 44.67 -38.84
C ASP A 130 -7.64 43.65 -37.78
N SER A 131 -8.55 42.76 -38.16
CA SER A 131 -8.90 41.57 -37.35
C SER A 131 -7.72 40.61 -37.25
N ALA A 132 -7.38 40.16 -36.06
CA ALA A 132 -6.21 39.34 -35.77
C ALA A 132 -6.53 37.86 -35.78
N PHE A 133 -5.58 37.02 -36.14
CA PHE A 133 -5.80 35.58 -36.28
C PHE A 133 -4.86 34.76 -35.40
N SER A 134 -5.34 33.64 -34.87
CA SER A 134 -4.52 32.71 -34.10
C SER A 134 -3.46 32.12 -35.00
N LEU A 135 -2.24 32.03 -34.50
CA LEU A 135 -1.14 31.41 -35.22
C LEU A 135 -1.36 29.92 -35.47
N GLY A 136 -1.94 29.21 -34.50
CA GLY A 136 -2.29 27.79 -34.61
C GLY A 136 -3.76 27.55 -34.93
N ALA A 137 -4.13 26.28 -35.05
CA ALA A 137 -5.51 25.88 -35.31
C ALA A 137 -6.37 25.98 -34.06
N TYR A 138 -7.65 26.23 -34.26
CA TYR A 138 -8.66 26.32 -33.22
C TYR A 138 -8.74 25.10 -32.31
N GLU A 139 -8.71 23.90 -32.89
CA GLU A 139 -8.78 22.65 -32.14
C GLU A 139 -7.62 22.41 -31.17
N GLN A 140 -6.48 23.07 -31.38
CA GLN A 140 -5.30 22.99 -30.52
C GLN A 140 -5.29 24.10 -29.46
N SER A 141 -6.16 25.10 -29.62
CA SER A 141 -6.01 26.46 -29.11
C SER A 141 -7.14 26.94 -28.19
N HIS A 142 -8.11 26.09 -27.87
CA HIS A 142 -9.24 26.42 -27.01
C HIS A 142 -9.61 25.26 -26.08
N ARG A 143 -10.38 25.52 -25.02
CA ARG A 143 -10.99 24.50 -24.16
C ARG A 143 -12.30 25.02 -23.60
N SER A 144 -13.27 24.16 -23.34
CA SER A 144 -14.53 24.55 -22.72
C SER A 144 -14.55 24.15 -21.25
N PHE A 145 -14.91 25.11 -20.40
CA PHE A 145 -14.94 25.00 -18.96
C PHE A 145 -16.37 25.12 -18.48
N THR A 146 -16.84 24.17 -17.67
CA THR A 146 -18.11 24.32 -16.94
C THR A 146 -18.06 25.48 -15.97
N PHE A 147 -19.24 26.07 -15.72
CA PHE A 147 -19.41 27.09 -14.70
C PHE A 147 -20.78 26.88 -14.02
N ASN A 148 -20.86 26.91 -12.70
CA ASN A 148 -22.12 26.83 -11.97
C ASN A 148 -22.28 28.02 -11.01
N ALA A 149 -23.49 28.29 -10.52
CA ALA A 149 -23.72 29.37 -9.55
C ALA A 149 -24.79 29.04 -8.48
N PRO A 150 -24.44 28.40 -7.34
CA PRO A 150 -25.38 27.96 -6.33
C PRO A 150 -25.94 29.11 -5.49
N PHE A 151 -26.85 28.76 -4.58
CA PHE A 151 -27.22 29.60 -3.45
C PHE A 151 -25.98 29.89 -2.58
N GLU A 152 -25.92 31.02 -1.87
CA GLU A 152 -24.81 31.28 -0.93
C GLU A 152 -24.68 30.18 0.13
N GLY A 153 -25.78 29.51 0.47
CA GLY A 153 -25.80 28.36 1.37
C GLY A 153 -25.04 27.12 0.87
N GLY A 154 -24.22 27.23 -0.16
CA GLY A 154 -23.27 26.18 -0.59
C GLY A 154 -23.90 25.16 -1.53
N THR A 155 -25.13 25.42 -1.95
CA THR A 155 -26.08 24.38 -2.35
C THR A 155 -26.72 24.72 -3.69
N MET A 156 -26.83 23.77 -4.63
CA MET A 156 -27.61 23.97 -5.86
C MET A 156 -29.13 24.05 -5.67
N SER A 157 -29.65 23.59 -4.54
CA SER A 157 -31.06 23.66 -4.19
C SER A 157 -31.38 24.76 -3.18
N GLU A 158 -32.48 25.47 -3.38
CA GLU A 158 -33.11 26.32 -2.35
C GLU A 158 -34.60 25.97 -2.28
N ALA A 159 -35.17 25.92 -1.07
CA ALA A 159 -36.50 25.34 -0.82
C ALA A 159 -36.68 23.93 -1.43
N GLY A 160 -35.57 23.18 -1.55
CA GLY A 160 -35.54 21.84 -2.11
C GLY A 160 -35.66 21.73 -3.63
N VAL A 161 -35.57 22.82 -4.39
CA VAL A 161 -35.68 22.80 -5.87
C VAL A 161 -34.42 23.35 -6.50
N MET A 162 -33.99 22.78 -7.62
CA MET A 162 -32.68 23.09 -8.20
C MET A 162 -32.63 24.44 -8.93
N ARG A 163 -31.56 25.19 -8.71
CA ARG A 163 -31.22 26.45 -9.37
C ARG A 163 -30.71 26.22 -10.80
N SER A 164 -31.23 26.90 -11.78
CA SER A 164 -30.86 26.56 -13.16
C SER A 164 -29.55 27.06 -13.66
N ALA A 165 -28.52 27.06 -12.84
CA ALA A 165 -27.29 27.66 -13.29
C ALA A 165 -26.15 26.73 -13.56
N ILE A 166 -26.10 26.13 -14.74
CA ILE A 166 -24.95 25.33 -15.12
C ILE A 166 -24.83 25.49 -16.60
N ASN A 167 -23.65 25.80 -17.10
CA ASN A 167 -23.43 25.89 -18.51
C ASN A 167 -21.97 25.85 -18.88
N GLU A 168 -21.66 25.50 -20.10
CA GLU A 168 -20.33 25.50 -20.68
C GLU A 168 -19.97 26.93 -21.08
N LEU A 169 -18.68 27.25 -21.15
CA LEU A 169 -18.18 28.35 -21.98
C LEU A 169 -16.86 27.98 -22.61
N ASP A 170 -16.59 28.51 -23.79
CA ASP A 170 -15.39 28.26 -24.58
C ASP A 170 -14.38 29.39 -24.40
N HIS A 171 -13.15 28.99 -24.12
CA HIS A 171 -12.08 29.85 -23.64
C HIS A 171 -10.84 29.56 -24.48
N ILE A 172 -10.09 30.58 -24.80
CA ILE A 172 -8.81 30.46 -25.51
C ILE A 172 -7.73 30.00 -24.52
N LEU A 173 -6.68 29.27 -24.93
CA LEU A 173 -5.68 28.78 -23.99
C LEU A 173 -4.52 29.78 -23.74
N PRO A 174 -3.94 29.85 -22.52
CA PRO A 174 -2.91 30.78 -22.03
C PRO A 174 -1.50 30.83 -22.67
N GLU A 175 -1.34 30.51 -23.96
CA GLU A 175 -0.10 30.90 -24.65
C GLU A 175 -0.26 31.15 -26.16
N VAL A 176 -1.48 31.13 -26.68
CA VAL A 176 -1.77 31.24 -28.11
C VAL A 176 -1.62 32.67 -28.61
N THR A 177 -0.87 32.80 -29.70
CA THR A 177 -0.34 34.08 -30.16
C THR A 177 -1.13 34.61 -31.34
N PHE A 178 -1.44 35.90 -31.30
CA PHE A 178 -2.14 36.65 -32.34
C PHE A 178 -1.22 37.72 -32.93
N PRO A 179 -0.48 37.44 -34.02
CA PRO A 179 0.23 38.46 -34.75
C PRO A 179 -0.73 39.56 -35.22
N THR A 180 -0.33 40.80 -35.02
CA THR A 180 -1.09 42.01 -35.37
C THR A 180 -0.21 43.11 -35.93
N VAL A 181 -0.72 43.84 -36.90
CA VAL A 181 -0.25 45.18 -37.26
C VAL A 181 -1.33 46.20 -36.91
N GLU A 182 -0.99 47.18 -36.09
CA GLU A 182 -1.77 48.38 -35.83
C GLU A 182 -1.06 49.50 -36.57
N SER A 183 -1.78 50.41 -37.21
CA SER A 183 -1.18 51.43 -38.06
C SER A 183 -1.80 52.78 -37.82
N LEU A 184 -0.99 53.82 -37.69
CA LEU A 184 -1.43 55.16 -37.32
C LEU A 184 -1.05 56.12 -38.45
N ARG A 185 -2.01 56.88 -38.99
CA ARG A 185 -1.77 57.80 -40.09
C ARG A 185 -1.66 59.23 -39.72
N ASP A 186 -0.74 59.95 -40.34
CA ASP A 186 -0.62 61.38 -40.18
C ASP A 186 -0.62 61.88 -38.79
N ALA A 187 0.14 61.22 -37.92
CA ALA A 187 0.17 61.57 -36.51
C ALA A 187 1.30 62.54 -36.11
N THR A 188 1.02 63.32 -35.07
CA THR A 188 2.05 64.04 -34.32
C THR A 188 2.87 63.09 -33.47
N TYR A 189 4.04 63.53 -33.01
CA TYR A 189 4.87 62.74 -32.10
C TYR A 189 4.11 62.36 -30.83
N GLU A 190 3.39 63.31 -30.25
CA GLU A 190 2.62 63.07 -29.04
C GLU A 190 1.42 62.16 -29.28
N GLY A 191 0.79 62.19 -30.46
CA GLY A 191 -0.23 61.21 -30.85
C GLY A 191 0.30 59.79 -30.95
N PHE A 192 1.53 59.64 -31.46
CA PHE A 192 2.21 58.36 -31.52
C PHE A 192 2.51 57.84 -30.12
N ILE A 193 2.96 58.69 -29.19
CA ILE A 193 3.19 58.26 -27.81
C ILE A 193 1.88 57.91 -27.10
N TYR A 194 0.77 58.59 -27.35
CA TYR A 194 -0.54 58.22 -26.80
C TYR A 194 -1.01 56.85 -27.26
N VAL A 195 -0.98 56.61 -28.56
CA VAL A 195 -1.41 55.35 -29.17
C VAL A 195 -0.47 54.21 -28.80
N LEU A 196 0.85 54.41 -28.86
CA LEU A 196 1.82 53.42 -28.37
C LEU A 196 1.67 53.16 -26.88
N GLY A 197 1.30 54.18 -26.11
CA GLY A 197 0.82 54.04 -24.75
C GLY A 197 -0.31 53.03 -24.65
N ASN A 198 -1.39 53.19 -25.40
CA ASN A 198 -2.52 52.26 -25.36
C ASN A 198 -2.09 50.82 -25.64
N LEU A 199 -1.23 50.60 -26.64
CA LEU A 199 -0.75 49.28 -27.04
C LEU A 199 0.01 48.56 -25.91
N LEU A 200 0.80 49.29 -25.12
CA LEU A 200 1.60 48.74 -24.03
C LEU A 200 0.88 48.78 -22.66
N ARG A 201 -0.01 49.75 -22.44
CA ARG A 201 -0.65 50.03 -21.15
C ARG A 201 -1.90 49.19 -20.93
N THR A 202 -2.70 48.91 -21.96
CA THR A 202 -3.89 48.05 -21.84
C THR A 202 -3.51 46.57 -21.82
N LYS A 203 -4.22 45.73 -21.05
CA LYS A 203 -3.85 44.32 -20.88
C LYS A 203 -5.02 43.33 -20.86
N ARG A 204 -6.28 43.74 -20.94
CA ARG A 204 -7.41 42.79 -20.89
C ARG A 204 -8.33 42.96 -22.08
N TYR A 205 -8.78 41.86 -22.67
CA TYR A 205 -9.51 41.83 -23.95
C TYR A 205 -10.66 40.82 -23.99
N GLY A 206 -11.61 41.02 -24.91
CA GLY A 206 -12.72 40.10 -25.07
C GLY A 206 -13.75 40.26 -23.96
N ALA A 207 -14.59 39.25 -23.79
CA ALA A 207 -15.58 39.23 -22.73
C ALA A 207 -14.92 38.93 -21.38
N GLN A 208 -15.65 39.24 -20.31
CA GLN A 208 -15.37 38.88 -18.93
C GLN A 208 -14.05 39.41 -18.39
N GLU A 209 -13.73 40.69 -18.70
CA GLU A 209 -12.44 41.29 -18.37
C GLU A 209 -12.20 41.35 -16.86
N SER A 210 -13.27 41.32 -16.08
CA SER A 210 -13.30 41.29 -14.63
C SER A 210 -12.67 40.05 -14.01
N ARG A 211 -12.54 38.96 -14.76
CA ARG A 211 -12.15 37.64 -14.25
C ARG A 211 -11.14 36.93 -15.14
N THR A 212 -10.97 37.38 -16.38
CA THR A 212 -10.21 36.68 -17.43
C THR A 212 -9.73 37.64 -18.49
N GLY A 213 -8.98 37.13 -19.45
CA GLY A 213 -8.68 37.80 -20.71
C GLY A 213 -7.41 38.63 -20.68
N THR A 214 -6.50 38.34 -19.75
CA THR A 214 -5.24 39.03 -19.68
C THR A 214 -4.37 38.63 -20.85
N MET A 215 -3.74 39.61 -21.51
CA MET A 215 -2.85 39.41 -22.64
C MET A 215 -1.57 40.22 -22.48
N LYS A 216 -0.46 39.69 -22.98
CA LYS A 216 0.81 40.40 -23.08
C LYS A 216 1.03 40.82 -24.52
N ASN A 217 0.98 42.13 -24.78
CA ASN A 217 1.31 42.69 -26.08
C ASN A 217 2.81 42.87 -26.24
N HIS A 218 3.50 41.92 -26.87
CA HIS A 218 4.92 42.05 -27.19
C HIS A 218 5.04 42.80 -28.50
N LEU A 219 5.50 44.06 -28.46
CA LEU A 219 5.80 44.82 -29.66
C LEU A 219 7.09 44.27 -30.27
N VAL A 220 7.09 44.03 -31.57
CA VAL A 220 8.19 43.39 -32.30
C VAL A 220 8.85 44.28 -33.35
N GLY A 221 8.18 45.30 -33.85
CA GLY A 221 8.84 46.34 -34.63
C GLY A 221 7.97 47.56 -34.90
N ILE A 222 8.57 48.69 -35.32
CA ILE A 222 7.83 49.88 -35.74
C ILE A 222 8.36 50.13 -37.13
N VAL A 223 7.54 50.48 -38.10
CA VAL A 223 7.98 50.70 -39.48
C VAL A 223 7.32 51.95 -40.02
N PHE A 224 8.06 52.97 -40.40
CA PHE A 224 7.51 54.18 -40.98
C PHE A 224 7.42 53.94 -42.48
N ALA A 225 6.34 54.30 -43.16
CA ALA A 225 6.14 54.05 -44.58
C ALA A 225 5.21 55.05 -45.30
N ASP A 226 5.39 55.11 -46.61
CA ASP A 226 4.64 55.89 -47.59
C ASP A 226 3.23 55.35 -47.89
N GLY A 227 2.94 54.16 -47.39
CA GLY A 227 1.63 53.53 -47.45
C GLY A 227 1.53 52.33 -46.51
N GLU A 228 0.35 51.74 -46.43
CA GLU A 228 0.15 50.51 -45.66
C GLU A 228 0.82 49.24 -46.16
N ILE A 229 1.42 48.50 -45.22
CA ILE A 229 2.13 47.25 -45.43
C ILE A 229 1.11 46.08 -45.37
N PHE A 230 1.57 44.86 -45.13
CA PHE A 230 0.81 43.61 -45.16
C PHE A 230 -0.43 43.57 -44.24
N SER A 231 -1.27 42.55 -44.38
CA SER A 231 -2.38 42.27 -43.44
C SER A 231 -1.95 41.40 -42.26
N ASN A 232 -2.75 41.38 -41.20
CA ASN A 232 -2.54 40.44 -40.10
C ASN A 232 -2.49 39.00 -40.57
N LEU A 233 -3.41 38.64 -41.47
CA LEU A 233 -3.51 37.28 -42.00
C LEU A 233 -2.22 36.89 -42.73
N HIS A 234 -1.67 37.81 -43.51
CA HIS A 234 -0.47 37.60 -44.30
C HIS A 234 0.76 37.47 -43.39
N LEU A 235 0.84 38.25 -42.31
CA LEU A 235 1.86 38.07 -41.27
C LEU A 235 1.73 36.73 -40.54
N THR A 236 0.51 36.30 -40.22
CA THR A 236 0.28 35.00 -39.55
C THR A 236 0.62 33.83 -40.45
N GLN A 237 0.23 33.88 -41.71
CA GLN A 237 0.56 32.85 -42.69
C GLN A 237 2.06 32.79 -43.00
N ALA A 238 2.75 33.92 -42.97
CA ALA A 238 4.20 33.93 -43.09
C ALA A 238 4.85 33.32 -41.85
N LEU A 239 4.36 33.65 -40.66
CA LEU A 239 4.95 33.19 -39.41
C LEU A 239 4.74 31.69 -39.22
N TYR A 240 3.57 31.16 -39.59
CA TYR A 240 3.27 29.73 -39.53
C TYR A 240 4.20 28.96 -40.45
N ASP A 241 4.41 29.48 -41.66
CA ASP A 241 5.33 28.90 -42.63
C ASP A 241 6.81 29.01 -42.21
N GLN A 242 7.24 30.09 -41.56
CA GLN A 242 8.62 30.20 -41.09
C GLN A 242 8.92 29.17 -40.00
N MET A 243 7.92 28.78 -39.23
CA MET A 243 8.01 27.70 -38.24
C MET A 243 7.69 26.32 -38.81
N GLY A 244 7.14 26.22 -40.01
CA GLY A 244 6.60 24.98 -40.59
C GLY A 244 5.51 24.33 -39.74
N GLY A 245 4.80 25.12 -38.93
CA GLY A 245 3.76 24.61 -38.04
C GLY A 245 4.27 24.03 -36.72
N GLU A 246 5.58 24.03 -36.46
CA GLU A 246 6.15 23.50 -35.21
C GLU A 246 5.96 24.51 -34.06
N LEU A 247 4.70 24.80 -33.74
CA LEU A 247 4.27 25.94 -32.93
C LEU A 247 4.66 25.92 -31.45
N ASN A 248 4.97 24.77 -30.87
CA ASN A 248 5.26 24.67 -29.44
C ASN A 248 6.71 25.08 -29.10
N LYS A 249 7.02 26.36 -29.32
CA LYS A 249 8.34 27.00 -29.09
C LYS A 249 8.15 28.19 -28.14
N PRO A 250 9.14 28.57 -27.33
CA PRO A 250 8.94 29.58 -26.29
C PRO A 250 8.69 30.96 -26.86
N ILE A 251 7.99 31.78 -26.08
CA ILE A 251 7.46 33.08 -26.52
C ILE A 251 8.53 34.01 -27.08
N SER A 252 9.72 34.00 -26.50
CA SER A 252 10.84 34.84 -26.92
C SER A 252 11.45 34.39 -28.25
N GLU A 253 11.46 33.08 -28.54
CA GLU A 253 11.85 32.55 -29.85
C GLU A 253 10.81 32.89 -30.90
N LEU A 254 9.53 32.95 -30.49
CA LEU A 254 8.44 33.34 -31.35
C LEU A 254 8.45 34.84 -31.65
N CYS A 255 8.85 35.66 -30.69
CA CYS A 255 9.07 37.10 -30.90
C CYS A 255 10.30 37.33 -31.76
N GLU A 256 11.39 36.60 -31.53
CA GLU A 256 12.62 36.73 -32.34
C GLU A 256 12.40 36.26 -33.78
N THR A 257 11.54 35.25 -34.00
CA THR A 257 11.17 34.85 -35.36
C THR A 257 10.24 35.86 -35.99
N ALA A 258 9.38 36.52 -35.22
CA ALA A 258 8.41 37.47 -35.75
C ALA A 258 9.10 38.72 -36.33
N ALA A 259 10.24 39.11 -35.76
CA ALA A 259 11.05 40.18 -36.31
C ALA A 259 11.64 39.81 -37.69
N THR A 260 12.07 38.56 -37.87
CA THR A 260 12.74 38.16 -39.11
C THR A 260 11.75 37.94 -40.25
N VAL A 261 10.56 37.39 -40.00
CA VAL A 261 9.49 37.34 -41.00
C VAL A 261 9.01 38.73 -41.36
N ALA A 262 8.90 39.66 -40.40
CA ALA A 262 8.46 41.01 -40.71
C ALA A 262 9.40 41.69 -41.72
N GLN A 263 10.71 41.59 -41.51
CA GLN A 263 11.67 42.20 -42.42
C GLN A 263 11.70 41.51 -43.79
N ASP A 264 11.51 40.20 -43.83
CA ASP A 264 11.38 39.42 -45.07
C ASP A 264 10.17 39.87 -45.91
N LEU A 265 9.06 40.22 -45.27
CA LEU A 265 7.84 40.66 -45.93
C LEU A 265 7.92 42.09 -46.43
N LEU A 266 8.41 42.99 -45.59
CA LEU A 266 8.51 44.43 -45.89
C LEU A 266 9.34 44.70 -47.13
N ASN A 267 10.35 43.88 -47.41
CA ASN A 267 11.17 43.98 -48.61
C ASN A 267 10.38 43.75 -49.92
N LYS A 268 9.24 43.06 -49.88
CA LYS A 268 8.52 42.62 -51.09
C LYS A 268 7.40 43.55 -51.55
N GLU A 269 6.72 44.23 -50.64
CA GLU A 269 5.64 45.19 -50.97
C GLU A 269 6.09 46.62 -51.35
N PRO A 270 5.52 47.24 -52.39
CA PRO A 270 6.11 48.34 -53.15
C PRO A 270 6.06 49.73 -52.47
N VAL A 271 5.57 49.82 -51.23
CA VAL A 271 5.56 51.10 -50.50
C VAL A 271 6.96 51.45 -49.99
N ARG A 272 7.34 52.72 -50.08
CA ARG A 272 8.64 53.23 -49.61
C ARG A 272 8.66 53.27 -48.08
N LYS A 273 9.78 52.86 -47.45
CA LYS A 273 9.84 52.73 -45.98
C LYS A 273 10.89 53.59 -45.33
N SER A 274 10.48 54.67 -44.71
CA SER A 274 11.40 55.59 -44.09
C SER A 274 12.25 55.05 -42.97
N GLU A 275 11.70 54.20 -42.13
CA GLU A 275 12.43 53.70 -40.97
C GLU A 275 11.96 52.35 -40.60
N LEU A 276 12.77 51.59 -39.89
CA LEU A 276 12.48 50.22 -39.57
C LEU A 276 13.08 50.00 -38.20
N ILE A 277 12.30 50.17 -37.15
CA ILE A 277 12.78 50.05 -35.78
C ILE A 277 12.59 48.58 -35.38
N PHE A 278 13.64 47.78 -35.26
CA PHE A 278 13.59 46.36 -34.88
C PHE A 278 14.74 46.03 -33.94
N GLY A 279 14.65 44.93 -33.18
CA GLY A 279 15.77 44.48 -32.35
C GLY A 279 16.17 45.47 -31.26
N ALA A 280 17.46 45.68 -31.09
CA ALA A 280 18.03 46.60 -30.12
C ALA A 280 17.61 48.07 -30.29
N HIS A 281 17.21 48.52 -31.49
CA HIS A 281 16.60 49.85 -31.61
C HIS A 281 15.18 49.92 -31.06
N LEU A 282 14.43 48.82 -31.15
CA LEU A 282 13.11 48.75 -30.54
C LEU A 282 13.21 48.63 -29.02
N ASP A 283 14.12 47.80 -28.50
CA ASP A 283 14.20 47.57 -27.06
C ASP A 283 14.64 48.84 -26.29
N THR A 284 15.40 49.73 -26.92
CA THR A 284 15.65 51.08 -26.40
C THR A 284 14.49 52.05 -26.58
N LEU A 285 13.74 51.98 -27.70
CA LEU A 285 12.50 52.74 -27.85
C LEU A 285 11.49 52.37 -26.76
N LEU A 286 11.28 51.09 -26.50
CA LEU A 286 10.33 50.61 -25.51
C LEU A 286 10.71 51.05 -24.08
N GLN A 287 11.97 50.95 -23.68
CA GLN A 287 12.37 51.42 -22.35
C GLN A 287 12.24 52.94 -22.22
N GLU A 288 12.65 53.72 -23.22
CA GLU A 288 12.52 55.18 -23.13
C GLU A 288 11.09 55.72 -23.22
N VAL A 289 10.17 54.97 -23.85
CA VAL A 289 8.72 55.26 -23.79
C VAL A 289 8.10 54.76 -22.48
N ASN A 290 8.53 53.63 -21.91
CA ASN A 290 8.11 53.23 -20.56
C ASN A 290 8.51 54.27 -19.51
N ASP A 291 9.67 54.92 -19.65
CA ASP A 291 10.12 55.98 -18.76
C ASP A 291 9.27 57.26 -18.86
N ILE A 292 8.61 57.53 -20.01
CA ILE A 292 7.60 58.60 -20.08
C ILE A 292 6.39 58.15 -19.27
N TYR A 293 5.86 56.95 -19.51
CA TYR A 293 4.68 56.47 -18.82
C TYR A 293 4.85 56.15 -17.33
N GLN A 294 6.07 56.20 -16.78
CA GLN A 294 6.35 56.11 -15.34
C GLN A 294 6.63 57.47 -14.69
N ASN A 295 6.71 58.57 -15.45
CA ASN A 295 7.05 59.88 -14.91
C ASN A 295 5.87 60.84 -14.97
N ASP A 296 5.49 61.34 -13.81
CA ASP A 296 4.32 62.20 -13.66
C ASP A 296 4.44 63.50 -14.41
N ALA A 297 5.62 64.13 -14.39
CA ALA A 297 5.79 65.44 -14.98
C ALA A 297 5.83 65.38 -16.50
N GLU A 298 6.70 64.52 -17.07
CA GLU A 298 6.82 64.43 -18.52
C GLU A 298 5.55 63.93 -19.19
N LEU A 299 4.86 62.94 -18.62
CA LEU A 299 3.59 62.47 -19.21
C LEU A 299 2.51 63.55 -19.16
N THR A 300 2.42 64.32 -18.08
CA THR A 300 1.44 65.42 -17.96
C THR A 300 1.75 66.57 -18.93
N LYS A 301 3.04 66.79 -19.27
CA LYS A 301 3.44 67.73 -20.31
C LYS A 301 3.11 67.21 -21.70
N LEU A 302 3.45 65.97 -21.97
CA LEU A 302 3.40 65.37 -23.29
C LEU A 302 1.96 65.13 -23.73
N LEU A 303 1.13 64.50 -22.89
CA LEU A 303 -0.29 64.33 -23.20
C LEU A 303 -1.05 65.66 -23.13
N GLY A 304 -0.53 66.64 -22.42
CA GLY A 304 -1.15 67.95 -22.42
C GLY A 304 -0.92 68.61 -23.74
N SER A 305 0.23 68.37 -24.32
CA SER A 305 0.51 68.90 -25.63
C SER A 305 -0.30 68.21 -26.67
N LEU A 306 -0.58 66.94 -26.50
CA LEU A 306 -1.46 66.27 -27.43
C LEU A 306 -2.79 66.98 -27.38
N TYR A 307 -3.25 67.32 -26.19
CA TYR A 307 -4.51 68.01 -26.03
C TYR A 307 -4.55 69.26 -26.81
N GLN A 308 -3.52 70.05 -26.79
CA GLN A 308 -3.57 71.30 -27.44
C GLN A 308 -3.57 71.10 -28.89
N GLN A 309 -2.87 70.10 -29.37
CA GLN A 309 -2.78 69.87 -30.80
C GLN A 309 -4.11 69.48 -31.28
N THR A 310 -4.84 68.73 -30.48
CA THR A 310 -6.13 68.21 -30.86
C THR A 310 -7.23 69.20 -30.64
N GLN A 311 -7.07 70.13 -29.72
CA GLN A 311 -8.05 71.18 -29.54
C GLN A 311 -7.85 72.18 -30.61
N ASP A 312 -6.62 72.37 -31.05
CA ASP A 312 -6.34 73.26 -32.13
C ASP A 312 -6.86 72.71 -33.41
N TYR A 313 -6.76 71.41 -33.61
CA TYR A 313 -7.33 70.80 -34.81
C TYR A 313 -8.81 70.96 -34.78
N ALA A 314 -9.46 70.77 -33.65
CA ALA A 314 -10.90 70.88 -33.54
C ALA A 314 -11.44 72.24 -33.98
N THR A 315 -10.84 73.34 -33.54
CA THR A 315 -11.26 74.72 -33.89
C THR A 315 -10.81 75.15 -35.29
N GLU A 316 -9.71 74.62 -35.82
CA GLU A 316 -9.18 75.06 -37.12
C GLU A 316 -9.79 74.29 -38.29
N PHE A 317 -9.91 72.97 -38.18
CA PHE A 317 -10.38 72.07 -39.24
C PHE A 317 -11.53 71.14 -38.85
N GLY A 318 -11.71 70.82 -37.56
CA GLY A 318 -12.69 69.83 -37.14
C GLY A 318 -14.13 70.35 -37.06
N ALA A 319 -14.88 69.85 -36.09
CA ALA A 319 -16.29 70.20 -35.85
C ALA A 319 -16.48 71.46 -34.98
N LEU A 320 -15.41 72.24 -34.79
CA LEU A 320 -15.29 73.38 -33.87
C LEU A 320 -15.60 72.99 -32.41
N MET B 1 0.43 53.50 9.47
CA MET B 1 0.49 53.30 8.01
C MET B 1 -0.79 53.73 7.32
N LEU B 2 -1.95 53.20 7.71
CA LEU B 2 -3.23 53.45 7.02
C LEU B 2 -3.63 54.93 7.00
N ASP B 3 -3.20 55.68 8.00
CA ASP B 3 -3.40 57.11 8.13
C ASP B 3 -2.71 57.92 7.01
N SER B 4 -1.63 57.41 6.41
CA SER B 4 -1.05 58.02 5.21
C SER B 4 -1.76 57.50 3.95
N LEU B 5 -2.05 56.21 3.88
CA LEU B 5 -2.69 55.62 2.71
C LEU B 5 -4.04 56.27 2.41
N LYS B 6 -4.81 56.69 3.42
CA LYS B 6 -6.07 57.42 3.22
C LYS B 6 -5.99 58.49 2.14
N SER B 7 -4.88 59.18 1.96
CA SER B 7 -4.77 60.14 0.88
C SER B 7 -4.93 59.58 -0.51
N GLN B 8 -4.31 58.45 -0.79
CA GLN B 8 -4.33 57.89 -2.14
C GLN B 8 -5.71 57.67 -2.72
N PHE B 9 -6.70 57.33 -1.90
CA PHE B 9 -8.03 56.92 -2.39
C PHE B 9 -8.93 58.09 -2.79
N GLN B 10 -10.03 57.74 -3.46
CA GLN B 10 -10.99 58.72 -3.89
C GLN B 10 -12.00 58.83 -2.75
N PRO B 11 -12.77 59.93 -2.64
CA PRO B 11 -13.72 60.14 -1.55
C PRO B 11 -15.05 59.40 -1.68
N SER B 12 -15.46 59.08 -2.91
CA SER B 12 -16.66 58.31 -3.23
C SER B 12 -16.51 57.64 -4.59
N PHE B 13 -17.29 56.60 -4.86
CA PHE B 13 -17.22 55.84 -6.11
C PHE B 13 -17.63 56.71 -7.31
N PRO B 14 -16.80 56.68 -8.42
CA PRO B 14 -17.18 57.42 -9.61
C PRO B 14 -17.97 56.58 -10.61
N ARG B 15 -18.65 57.21 -11.57
CA ARG B 15 -19.45 56.45 -12.55
C ARG B 15 -18.64 55.82 -13.67
N LEU B 16 -17.43 56.37 -13.93
CA LEU B 16 -16.54 55.87 -14.96
C LEU B 16 -15.24 55.70 -14.25
N ALA B 17 -14.34 54.88 -14.78
CA ALA B 17 -13.07 54.62 -14.11
C ALA B 17 -12.16 55.80 -14.18
N SER B 18 -11.27 55.94 -13.21
CA SER B 18 -10.36 57.07 -13.15
C SER B 18 -8.97 56.68 -12.84
N GLY B 19 -8.54 55.54 -13.32
CA GLY B 19 -7.23 55.04 -13.03
C GLY B 19 -7.34 54.47 -11.65
N HIS B 20 -6.54 54.93 -10.71
CA HIS B 20 -6.65 54.50 -9.35
C HIS B 20 -6.76 52.99 -9.09
N TYR B 21 -5.85 52.18 -9.62
CA TYR B 21 -5.79 50.77 -9.27
C TYR B 21 -5.00 50.57 -7.98
N VAL B 22 -5.44 49.64 -7.14
CA VAL B 22 -4.63 49.04 -6.08
C VAL B 22 -4.48 47.56 -6.35
N HIS B 23 -3.24 47.08 -6.43
CA HIS B 23 -2.92 45.71 -6.80
C HIS B 23 -2.44 44.95 -5.58
N PHE B 24 -3.15 43.89 -5.19
CA PHE B 24 -2.77 42.99 -4.12
C PHE B 24 -1.97 41.82 -4.67
N LEU B 25 -0.65 41.87 -4.51
CA LEU B 25 0.26 40.77 -4.82
C LEU B 25 0.26 39.72 -3.72
N MET B 26 -0.08 38.49 -4.06
CA MET B 26 -0.17 37.36 -3.16
C MET B 26 0.60 36.14 -3.64
N LEU B 27 1.03 35.34 -2.68
CA LEU B 27 1.27 33.93 -2.88
C LEU B 27 0.16 33.24 -2.09
N ARG B 28 -0.59 32.32 -2.70
CA ARG B 28 -1.53 31.45 -2.01
C ARG B 28 -0.92 30.09 -1.79
N HIS B 29 -0.58 29.73 -0.56
CA HIS B 29 -0.08 28.38 -0.24
C HIS B 29 -1.25 27.45 0.09
N SER B 30 -1.30 26.28 -0.51
CA SER B 30 -2.18 25.22 -0.05
C SER B 30 -1.75 24.72 1.32
N GLN B 31 -2.72 24.39 2.16
CA GLN B 31 -2.48 23.80 3.46
C GLN B 31 -3.10 22.42 3.59
N SER B 32 -4.20 22.15 2.89
CA SER B 32 -4.91 20.89 3.05
C SER B 32 -5.72 20.49 1.82
N PHE B 33 -5.03 19.91 0.86
CA PHE B 33 -5.63 19.15 -0.24
C PHE B 33 -6.77 19.81 -1.02
N PRO B 34 -6.60 21.02 -1.60
CA PRO B 34 -7.59 21.63 -2.46
C PRO B 34 -8.00 20.79 -3.66
N VAL B 35 -9.24 20.92 -4.09
CA VAL B 35 -9.70 20.42 -5.38
C VAL B 35 -10.12 21.59 -6.27
N PHE B 36 -9.41 21.85 -7.36
CA PHE B 36 -9.73 22.91 -8.32
C PHE B 36 -10.08 22.29 -9.66
N GLN B 37 -11.36 22.06 -9.86
CA GLN B 37 -11.88 21.29 -10.96
C GLN B 37 -13.02 22.01 -11.67
N THR B 38 -13.13 21.66 -12.92
CA THR B 38 -14.32 21.75 -13.75
C THR B 38 -14.29 20.43 -14.51
N ASP B 39 -15.42 19.89 -14.94
CA ASP B 39 -15.40 18.70 -15.78
C ASP B 39 -14.68 17.47 -15.19
N GLY B 40 -14.63 17.35 -13.87
CA GLY B 40 -14.27 16.10 -13.20
C GLY B 40 -12.78 15.77 -13.10
N VAL B 41 -11.90 16.67 -13.52
CA VAL B 41 -10.45 16.53 -13.43
C VAL B 41 -9.85 17.85 -12.93
N LEU B 42 -8.66 17.81 -12.33
CA LEU B 42 -7.96 19.03 -11.92
C LEU B 42 -7.64 19.88 -13.15
N ASN B 43 -7.95 21.16 -13.09
CA ASN B 43 -7.66 22.04 -14.21
C ASN B 43 -6.16 22.21 -14.31
N THR B 44 -5.63 22.01 -15.50
CA THR B 44 -4.20 21.95 -15.79
C THR B 44 -3.97 22.52 -17.16
N THR B 45 -2.83 23.16 -17.43
CA THR B 45 -2.51 23.69 -18.76
C THR B 45 -1.00 23.74 -19.01
N ARG B 46 -0.59 23.52 -20.26
CA ARG B 46 0.80 23.60 -20.71
C ARG B 46 1.20 25.06 -20.93
N THR B 47 2.32 25.44 -20.34
CA THR B 47 2.90 26.79 -20.35
C THR B 47 4.42 26.69 -20.38
N GLN B 48 5.13 27.70 -20.87
CA GLN B 48 6.57 27.80 -20.70
C GLN B 48 6.91 27.90 -19.21
N ALA B 49 7.92 27.17 -18.75
CA ALA B 49 8.17 27.09 -17.33
C ALA B 49 8.60 28.42 -16.70
N GLY B 50 9.44 29.19 -17.39
CA GLY B 50 9.90 30.48 -16.91
C GLY B 50 10.39 31.40 -18.03
N LEU B 51 10.38 32.70 -17.75
CA LEU B 51 10.48 33.76 -18.76
C LEU B 51 11.70 33.73 -19.67
N LEU B 52 12.93 33.74 -19.15
CA LEU B 52 14.13 33.96 -19.96
C LEU B 52 15.00 32.71 -20.04
N GLU B 53 15.29 32.09 -18.90
CA GLU B 53 16.32 31.05 -18.81
C GLU B 53 15.77 29.65 -19.08
N LYS B 54 14.81 29.21 -18.27
CA LYS B 54 14.31 27.83 -18.28
C LYS B 54 13.13 27.67 -19.23
N THR B 55 13.38 27.92 -20.50
CA THR B 55 12.37 28.09 -21.56
C THR B 55 11.80 26.80 -22.14
N ASP B 56 11.64 25.77 -21.31
CA ASP B 56 11.02 24.49 -21.68
C ASP B 56 9.54 24.53 -21.33
N GLN B 57 8.68 23.79 -22.02
CA GLN B 57 7.26 23.71 -21.65
C GLN B 57 7.04 22.80 -20.45
N LEU B 58 6.00 23.10 -19.68
CA LEU B 58 5.66 22.51 -18.40
C LEU B 58 4.15 22.64 -18.17
N SER B 59 3.51 21.59 -17.71
CA SER B 59 2.10 21.60 -17.31
C SER B 59 1.96 21.97 -15.84
N ARG B 60 1.18 23.01 -15.56
CA ARG B 60 0.85 23.51 -14.23
C ARG B 60 -0.64 23.57 -13.95
N LEU B 61 -1.00 23.38 -12.69
CA LEU B 61 -2.37 23.45 -12.20
C LEU B 61 -2.87 24.87 -12.38
N VAL B 62 -4.15 25.01 -12.66
CA VAL B 62 -4.81 26.29 -12.80
C VAL B 62 -5.87 26.43 -11.72
N MET B 63 -5.72 27.40 -10.84
CA MET B 63 -6.78 27.87 -9.95
C MET B 63 -7.64 28.83 -10.76
N PHE B 64 -8.60 28.23 -11.47
CA PHE B 64 -9.42 28.84 -12.50
C PHE B 64 -10.30 29.99 -12.05
N LYS B 65 -10.85 30.67 -13.04
CA LYS B 65 -11.25 32.07 -13.11
C LYS B 65 -12.06 32.58 -11.93
N ARG B 66 -13.14 31.91 -11.54
CA ARG B 66 -13.90 32.22 -10.31
C ARG B 66 -13.38 31.72 -8.99
N LYS B 67 -12.67 30.59 -8.96
CA LYS B 67 -12.23 29.91 -7.72
C LYS B 67 -11.45 30.80 -6.76
N GLN B 68 -10.96 31.95 -7.21
CA GLN B 68 -10.24 32.91 -6.37
C GLN B 68 -10.95 34.27 -6.25
N THR B 69 -12.28 34.30 -6.32
CA THR B 69 -13.08 35.49 -6.05
C THR B 69 -14.40 35.20 -5.36
N THR B 70 -15.04 34.06 -5.62
CA THR B 70 -16.24 33.70 -4.87
C THR B 70 -15.99 33.42 -3.39
N PRO B 71 -14.93 32.72 -2.96
CA PRO B 71 -14.61 32.61 -1.55
C PRO B 71 -14.49 33.96 -0.83
N GLU B 72 -13.76 34.91 -1.43
CA GLU B 72 -13.60 36.29 -0.93
C GLU B 72 -14.94 36.98 -0.77
N ARG B 73 -15.73 36.98 -1.84
CA ARG B 73 -17.02 37.63 -1.93
C ARG B 73 -18.01 37.14 -0.90
N LEU B 74 -18.16 35.82 -0.77
CA LEU B 74 -19.08 35.22 0.18
C LEU B 74 -18.63 35.41 1.63
N ALA B 75 -17.33 35.42 1.92
CA ALA B 75 -16.86 35.70 3.27
C ALA B 75 -17.10 37.16 3.70
N GLY B 76 -17.04 38.09 2.76
CA GLY B 76 -17.39 39.49 3.00
C GLY B 76 -18.88 39.68 3.23
N ARG B 77 -19.74 38.98 2.50
CA ARG B 77 -21.19 39.01 2.70
C ARG B 77 -21.58 38.46 4.06
N GLU B 78 -20.89 37.43 4.54
CA GLU B 78 -21.13 36.91 5.87
C GLU B 78 -20.79 37.94 6.91
N LEU B 79 -19.73 38.69 6.70
CA LEU B 79 -19.36 39.77 7.60
C LEU B 79 -20.40 40.90 7.60
N LEU B 80 -20.93 41.26 6.43
CA LEU B 80 -21.97 42.28 6.34
C LEU B 80 -23.23 41.85 7.11
N ARG B 81 -23.49 40.55 7.17
CA ARG B 81 -24.60 40.05 7.97
C ARG B 81 -24.30 39.93 9.45
N ASN B 82 -23.05 39.70 9.83
CA ASN B 82 -22.67 39.68 11.25
C ASN B 82 -22.72 41.05 11.80
N LEU B 83 -22.24 42.04 11.05
CA LEU B 83 -22.28 43.44 11.48
C LEU B 83 -23.71 44.02 11.44
N GLY B 84 -24.66 43.30 10.87
CA GLY B 84 -26.07 43.71 10.75
C GLY B 84 -26.34 44.71 9.62
N LEU B 85 -25.40 44.94 8.72
CA LEU B 85 -25.53 45.89 7.61
C LEU B 85 -26.39 45.33 6.46
N THR B 86 -26.69 44.05 6.47
CA THR B 86 -27.47 43.28 5.49
C THR B 86 -28.10 42.09 6.20
N SER B 87 -29.16 41.51 5.66
CA SER B 87 -29.80 40.34 6.27
C SER B 87 -30.20 39.31 5.22
N ALA B 88 -30.45 38.09 5.67
CA ALA B 88 -30.80 36.97 4.82
C ALA B 88 -32.24 36.48 5.00
N ASP B 89 -33.01 37.02 5.94
CA ASP B 89 -34.44 36.71 6.05
C ASP B 89 -35.26 37.52 5.05
N LYS B 90 -36.16 36.85 4.33
CA LYS B 90 -37.20 37.47 3.49
C LYS B 90 -38.12 38.34 4.35
N SER B 91 -38.68 39.40 3.78
CA SER B 91 -39.39 40.47 4.52
C SER B 91 -38.47 41.27 5.47
N ALA B 92 -37.29 41.64 4.99
CA ALA B 92 -36.36 42.60 5.60
C ALA B 92 -35.91 43.65 4.58
N LYS B 93 -35.85 44.94 4.96
CA LYS B 93 -35.51 46.05 4.04
C LYS B 93 -34.05 46.06 3.53
N ASN B 94 -33.19 45.20 4.05
CA ASN B 94 -31.77 45.07 3.75
C ASN B 94 -31.39 43.66 3.25
N LEU B 95 -32.31 42.98 2.59
CA LEU B 95 -32.07 41.70 1.93
C LEU B 95 -31.00 41.80 0.83
N CYS B 96 -30.18 40.77 0.67
CA CYS B 96 -29.34 40.59 -0.50
C CYS B 96 -29.25 39.12 -0.92
N GLU B 97 -30.16 38.67 -1.78
CA GLU B 97 -30.08 37.34 -2.39
C GLU B 97 -28.90 37.25 -3.37
N TYR B 98 -28.00 36.30 -3.14
CA TYR B 98 -26.87 36.01 -4.01
C TYR B 98 -27.33 35.29 -5.30
N ASN B 99 -26.83 35.72 -6.46
CA ASN B 99 -27.21 35.24 -7.79
C ASN B 99 -28.72 35.19 -8.10
N GLY B 100 -29.46 36.25 -7.76
CA GLY B 100 -30.83 36.47 -8.24
C GLY B 100 -31.25 37.92 -8.39
N GLU B 101 -32.46 38.14 -8.89
CA GLU B 101 -33.19 39.34 -8.52
C GLU B 101 -33.41 39.30 -6.99
N GLY B 102 -33.46 40.44 -6.33
CA GLY B 102 -33.46 40.54 -4.86
C GLY B 102 -32.07 40.54 -4.25
N SER B 103 -31.03 40.56 -5.09
CA SER B 103 -29.74 41.14 -4.76
C SER B 103 -29.96 42.63 -4.46
N CYS B 104 -29.26 43.14 -3.44
CA CYS B 104 -29.58 44.41 -2.79
C CYS B 104 -29.44 45.61 -3.75
N LYS B 105 -28.43 45.55 -4.62
CA LYS B 105 -27.96 46.62 -5.51
C LYS B 105 -27.44 47.88 -4.80
N GLN B 106 -27.17 47.81 -3.49
CA GLN B 106 -26.63 48.91 -2.69
C GLN B 106 -25.47 48.56 -1.76
N CYS B 107 -25.35 47.31 -1.32
CA CYS B 107 -24.33 46.84 -0.39
C CYS B 107 -22.94 46.71 -1.02
N PRO B 108 -21.87 46.66 -0.22
CA PRO B 108 -20.51 46.56 -0.73
C PRO B 108 -20.22 45.40 -1.68
N ASP B 109 -20.82 44.22 -1.49
CA ASP B 109 -20.74 43.13 -2.44
C ASP B 109 -21.33 43.52 -3.81
N CYS B 110 -22.53 44.09 -3.82
CA CYS B 110 -23.19 44.49 -5.05
C CYS B 110 -22.38 45.53 -5.83
N ILE B 111 -21.70 46.46 -5.16
CA ILE B 111 -20.94 47.52 -5.81
C ILE B 111 -19.51 47.10 -6.18
N LEU B 112 -18.76 46.46 -5.28
CA LEU B 112 -17.39 46.06 -5.51
C LEU B 112 -17.24 44.80 -6.37
N TYR B 113 -18.15 43.83 -6.26
CA TYR B 113 -18.07 42.53 -6.95
C TYR B 113 -19.15 42.34 -8.03
N GLY B 114 -20.10 43.25 -8.19
CA GLY B 114 -21.00 43.39 -9.33
C GLY B 114 -22.30 42.58 -9.29
N PHE B 115 -23.24 42.88 -10.16
CA PHE B 115 -24.52 42.18 -10.29
C PHE B 115 -25.06 42.24 -11.71
N ALA B 116 -25.90 41.30 -12.13
CA ALA B 116 -26.38 41.27 -13.51
C ALA B 116 -27.72 40.52 -13.76
N ILE B 117 -28.52 40.21 -12.75
CA ILE B 117 -29.69 39.35 -12.91
C ILE B 117 -30.94 40.24 -12.81
N GLY B 118 -31.88 40.10 -13.74
CA GLY B 118 -33.20 40.74 -13.62
C GLY B 118 -33.25 42.17 -14.16
N ASP B 119 -34.31 42.88 -13.76
CA ASP B 119 -34.54 44.29 -14.10
C ASP B 119 -33.51 45.21 -13.43
N SER B 120 -33.48 46.51 -13.75
CA SER B 120 -32.63 47.51 -13.11
C SER B 120 -31.12 47.34 -13.37
N GLY B 121 -30.77 46.74 -14.50
CA GLY B 121 -29.42 46.82 -15.09
C GLY B 121 -28.38 45.87 -14.50
N SER B 122 -27.11 46.22 -14.67
CA SER B 122 -25.95 45.43 -14.26
C SER B 122 -24.75 46.31 -13.92
N GLU B 123 -23.87 45.80 -13.07
CA GLU B 123 -22.77 46.52 -12.46
C GLU B 123 -21.47 45.74 -12.60
N ARG B 124 -20.43 46.37 -13.14
CA ARG B 124 -19.13 45.73 -13.36
C ARG B 124 -18.40 45.65 -12.03
N SER B 125 -17.78 44.52 -11.77
CA SER B 125 -16.97 44.32 -10.59
C SER B 125 -15.77 45.22 -10.65
N LYS B 126 -15.57 45.96 -9.57
CA LYS B 126 -14.44 46.83 -9.32
C LYS B 126 -13.25 46.04 -8.81
N VAL B 127 -13.50 44.88 -8.20
CA VAL B 127 -12.49 43.87 -8.01
C VAL B 127 -12.26 43.10 -9.31
N TYR B 128 -11.07 43.22 -9.87
CA TYR B 128 -10.55 42.53 -11.05
C TYR B 128 -9.63 41.38 -10.63
N SER B 129 -9.92 40.20 -11.12
CA SER B 129 -9.31 38.94 -10.71
C SER B 129 -8.89 38.14 -11.93
N ASP B 130 -8.12 37.07 -11.75
CA ASP B 130 -7.54 36.29 -12.85
C ASP B 130 -7.40 34.81 -12.48
N SER B 131 -7.24 33.91 -13.45
CA SER B 131 -6.82 32.52 -13.17
C SER B 131 -5.36 32.49 -12.71
N ALA B 132 -5.06 31.80 -11.62
CA ALA B 132 -3.69 31.65 -11.08
C ALA B 132 -3.08 30.28 -11.41
N PHE B 133 -1.77 30.16 -11.46
CA PHE B 133 -1.09 28.94 -11.90
C PHE B 133 -0.17 28.40 -10.80
N SER B 134 -0.04 27.10 -10.66
CA SER B 134 0.89 26.53 -9.68
C SER B 134 2.31 26.83 -10.12
N LEU B 135 3.12 27.29 -9.19
CA LEU B 135 4.53 27.55 -9.45
C LEU B 135 5.29 26.28 -9.88
N GLY B 136 4.92 25.12 -9.36
CA GLY B 136 5.49 23.83 -9.76
C GLY B 136 4.66 23.10 -10.82
N ALA B 137 5.23 22.05 -11.40
CA ALA B 137 4.53 21.22 -12.37
C ALA B 137 3.45 20.36 -11.72
N TYR B 138 2.42 20.03 -12.47
CA TYR B 138 1.32 19.16 -12.06
C TYR B 138 1.82 17.85 -11.47
N GLU B 139 2.83 17.19 -12.05
CA GLU B 139 3.33 15.92 -11.54
C GLU B 139 3.92 15.98 -10.13
N GLN B 140 4.53 17.09 -9.73
CA GLN B 140 5.05 17.25 -8.37
C GLN B 140 4.03 17.80 -7.38
N SER B 141 2.81 18.12 -7.83
CA SER B 141 1.89 19.00 -7.10
C SER B 141 0.49 18.45 -6.88
N HIS B 142 0.22 17.17 -7.11
CA HIS B 142 -1.10 16.56 -6.89
C HIS B 142 -1.02 15.09 -6.52
N ARG B 143 -2.09 14.53 -5.92
CA ARG B 143 -2.21 13.09 -5.69
C ARG B 143 -3.67 12.67 -5.78
N SER B 144 -3.93 11.43 -6.20
CA SER B 144 -5.25 10.82 -6.32
C SER B 144 -5.54 9.98 -5.09
N PHE B 145 -6.67 10.17 -4.44
CA PHE B 145 -7.05 9.43 -3.25
C PHE B 145 -8.33 8.65 -3.53
N THR B 146 -8.54 7.49 -3.00
CA THR B 146 -9.80 6.82 -3.20
C THR B 146 -10.85 7.11 -2.15
N PHE B 147 -12.12 7.27 -2.52
CA PHE B 147 -13.19 7.46 -1.56
C PHE B 147 -14.24 6.36 -1.55
N ASN B 148 -14.60 5.84 -0.38
CA ASN B 148 -15.63 4.83 -0.25
C ASN B 148 -16.77 5.39 0.47
N ALA B 149 -17.88 4.71 0.41
CA ALA B 149 -19.01 5.13 1.16
C ALA B 149 -19.73 3.86 1.62
N PRO B 150 -19.26 3.17 2.70
CA PRO B 150 -19.90 1.92 3.06
C PRO B 150 -21.27 2.17 3.65
N PHE B 151 -22.10 1.14 3.76
CA PHE B 151 -23.36 1.30 4.48
C PHE B 151 -23.11 1.46 5.98
N GLU B 152 -24.01 2.06 6.75
CA GLU B 152 -23.74 2.41 8.14
C GLU B 152 -23.42 1.20 9.03
N GLY B 153 -23.87 0.00 8.66
CA GLY B 153 -23.45 -1.26 9.29
C GLY B 153 -21.96 -1.57 9.13
N GLY B 154 -21.20 -0.69 8.50
CA GLY B 154 -19.76 -0.72 8.44
C GLY B 154 -19.19 -1.53 7.29
N THR B 155 -19.96 -1.86 6.28
CA THR B 155 -19.41 -2.58 5.13
C THR B 155 -20.04 -2.19 3.81
N MET B 156 -19.35 -2.41 2.70
CA MET B 156 -19.84 -2.09 1.36
C MET B 156 -20.81 -3.10 0.77
N SER B 157 -21.61 -3.78 1.57
CA SER B 157 -22.74 -4.56 1.08
C SER B 157 -23.88 -4.47 2.06
N GLU B 158 -25.13 -4.41 1.58
CA GLU B 158 -26.26 -4.06 2.45
C GLU B 158 -27.28 -5.19 2.62
N ALA B 159 -27.30 -6.15 1.69
CA ALA B 159 -28.06 -7.39 1.77
C ALA B 159 -27.31 -8.54 1.08
N GLY B 160 -25.99 -8.48 1.10
CA GLY B 160 -25.16 -9.18 0.13
C GLY B 160 -25.13 -8.52 -1.25
N VAL B 161 -25.82 -7.40 -1.38
CA VAL B 161 -25.74 -6.63 -2.60
C VAL B 161 -24.71 -5.56 -2.43
N MET B 162 -23.74 -5.49 -3.32
CA MET B 162 -22.66 -4.52 -3.20
C MET B 162 -23.08 -3.09 -3.38
N ARG B 163 -22.24 -2.14 -3.02
CA ARG B 163 -22.69 -0.77 -2.97
C ARG B 163 -22.23 0.27 -3.90
N SER B 164 -21.51 -0.07 -4.94
CA SER B 164 -21.16 0.90 -5.97
C SER B 164 -20.83 2.28 -5.51
N ALA B 165 -19.80 2.44 -4.70
CA ALA B 165 -19.47 3.72 -4.17
C ALA B 165 -18.01 3.81 -3.93
N ILE B 166 -17.22 3.59 -4.96
CA ILE B 166 -15.82 3.70 -4.81
C ILE B 166 -15.24 4.43 -5.96
N ASN B 167 -14.97 5.70 -5.82
CA ASN B 167 -14.25 6.34 -6.88
C ASN B 167 -13.03 6.98 -6.34
N GLU B 168 -12.30 7.68 -7.17
CA GLU B 168 -11.12 8.33 -6.76
C GLU B 168 -11.17 9.75 -7.21
N LEU B 169 -10.56 10.63 -6.47
CA LEU B 169 -10.53 12.06 -6.79
C LEU B 169 -9.09 12.55 -6.64
N ASP B 170 -8.71 13.51 -7.46
CA ASP B 170 -7.38 14.11 -7.45
C ASP B 170 -7.40 15.40 -6.64
N HIS B 171 -6.40 15.58 -5.77
CA HIS B 171 -6.30 16.71 -4.87
C HIS B 171 -4.90 17.29 -4.96
N ILE B 172 -4.80 18.59 -4.88
CA ILE B 172 -3.56 19.36 -4.94
C ILE B 172 -2.82 19.17 -3.62
N LEU B 173 -1.52 18.91 -3.61
CA LEU B 173 -0.81 18.67 -2.36
C LEU B 173 -0.69 19.92 -1.48
N PRO B 174 -0.49 19.81 -0.15
CA PRO B 174 -0.03 20.90 0.70
C PRO B 174 1.29 21.53 0.28
N GLU B 175 1.52 22.76 0.72
CA GLU B 175 2.70 23.60 0.48
C GLU B 175 2.96 23.99 -0.99
N VAL B 176 2.11 23.63 -1.94
CA VAL B 176 2.12 24.14 -3.32
C VAL B 176 1.58 25.57 -3.40
N THR B 177 2.25 26.43 -4.16
CA THR B 177 1.96 27.87 -4.18
C THR B 177 1.44 28.34 -5.52
N PHE B 178 0.42 29.19 -5.44
CA PHE B 178 -0.25 29.88 -6.53
C PHE B 178 -0.04 31.39 -6.41
N PRO B 179 0.93 31.95 -7.15
CA PRO B 179 1.14 33.39 -7.27
C PRO B 179 -0.07 34.11 -7.86
N THR B 180 -0.39 35.30 -7.36
CA THR B 180 -1.52 36.08 -7.87
C THR B 180 -1.33 37.57 -7.75
N VAL B 181 -1.89 38.33 -8.68
CA VAL B 181 -2.33 39.70 -8.48
C VAL B 181 -3.85 39.78 -8.65
N GLU B 182 -4.59 40.07 -7.59
CA GLU B 182 -5.95 40.60 -7.65
C GLU B 182 -5.93 42.13 -7.55
N SER B 183 -6.79 42.83 -8.27
CA SER B 183 -6.69 44.27 -8.52
C SER B 183 -8.00 44.98 -8.20
N LEU B 184 -7.98 46.16 -7.59
CA LEU B 184 -9.18 46.89 -7.19
C LEU B 184 -9.17 48.26 -7.86
N ARG B 185 -10.22 48.61 -8.61
CA ARG B 185 -10.27 49.86 -9.36
C ARG B 185 -11.20 50.83 -8.62
N ASP B 186 -10.82 52.10 -8.51
CA ASP B 186 -11.68 53.12 -7.95
C ASP B 186 -12.34 52.88 -6.60
N ALA B 187 -11.63 52.25 -5.68
CA ALA B 187 -12.13 52.08 -4.32
C ALA B 187 -11.94 53.35 -3.48
N THR B 188 -12.83 53.53 -2.52
CA THR B 188 -12.61 54.34 -1.33
C THR B 188 -11.77 53.60 -0.28
N TYR B 189 -11.25 54.31 0.72
CA TYR B 189 -10.37 53.71 1.73
C TYR B 189 -11.02 52.57 2.52
N GLU B 190 -12.29 52.72 2.89
CA GLU B 190 -13.05 51.65 3.52
C GLU B 190 -13.31 50.48 2.57
N GLY B 191 -13.47 50.75 1.27
CA GLY B 191 -13.62 49.72 0.26
C GLY B 191 -12.35 48.89 0.09
N PHE B 192 -11.19 49.53 0.13
CA PHE B 192 -9.89 48.87 0.23
C PHE B 192 -9.79 48.01 1.48
N ILE B 193 -10.17 48.52 2.66
CA ILE B 193 -10.15 47.72 3.89
C ILE B 193 -11.10 46.51 3.81
N TYR B 194 -12.24 46.62 3.14
CA TYR B 194 -13.17 45.52 2.93
C TYR B 194 -12.59 44.42 2.05
N VAL B 195 -12.08 44.78 0.89
CA VAL B 195 -11.47 43.86 -0.07
C VAL B 195 -10.20 43.21 0.50
N LEU B 196 -9.34 43.98 1.14
CA LEU B 196 -8.17 43.45 1.85
C LEU B 196 -8.58 42.52 2.99
N GLY B 197 -9.65 42.87 3.70
CA GLY B 197 -10.26 42.03 4.72
C GLY B 197 -10.64 40.67 4.16
N ASN B 198 -11.33 40.62 3.04
CA ASN B 198 -11.70 39.37 2.38
C ASN B 198 -10.48 38.50 2.07
N LEU B 199 -9.40 39.09 1.56
CA LEU B 199 -8.16 38.37 1.24
C LEU B 199 -7.44 37.78 2.46
N LEU B 200 -7.47 38.45 3.60
CA LEU B 200 -6.85 37.96 4.83
C LEU B 200 -7.77 37.06 5.68
N ARG B 201 -9.08 37.26 5.61
CA ARG B 201 -10.09 36.60 6.44
C ARG B 201 -10.64 35.31 5.81
N THR B 202 -10.64 35.18 4.49
CA THR B 202 -10.92 33.89 3.82
C THR B 202 -9.83 32.86 4.03
N LYS B 203 -10.23 31.58 4.08
CA LYS B 203 -9.33 30.46 4.36
C LYS B 203 -9.61 29.22 3.53
N ARG B 204 -10.76 29.08 2.86
CA ARG B 204 -11.15 27.91 2.05
C ARG B 204 -11.47 28.24 0.60
N TYR B 205 -11.14 27.35 -0.34
CA TYR B 205 -11.18 27.69 -1.77
C TYR B 205 -11.87 26.71 -2.72
N GLY B 206 -11.51 25.43 -2.69
CA GLY B 206 -11.86 24.51 -3.77
C GLY B 206 -13.28 23.97 -3.75
N ALA B 207 -13.49 22.88 -4.45
CA ALA B 207 -14.58 21.96 -4.18
C ALA B 207 -14.47 21.42 -2.76
N GLN B 208 -15.58 21.00 -2.18
CA GLN B 208 -15.65 20.33 -0.91
C GLN B 208 -15.01 21.15 0.21
N GLU B 209 -15.41 22.42 0.31
CA GLU B 209 -15.01 23.37 1.34
C GLU B 209 -15.27 22.80 2.74
N SER B 210 -16.38 22.11 2.90
CA SER B 210 -16.83 21.44 4.12
C SER B 210 -15.83 20.46 4.74
N ARG B 211 -14.87 19.99 3.96
CA ARG B 211 -13.88 18.99 4.35
C ARG B 211 -12.43 19.31 3.98
N THR B 212 -12.18 20.31 3.14
CA THR B 212 -10.91 20.43 2.45
C THR B 212 -10.65 21.84 1.97
N GLY B 213 -9.42 22.07 1.52
CA GLY B 213 -9.07 23.23 0.74
C GLY B 213 -8.77 24.43 1.59
N THR B 214 -8.22 24.23 2.79
CA THR B 214 -7.70 25.37 3.51
C THR B 214 -6.43 25.83 2.82
N MET B 215 -6.25 27.14 2.79
CA MET B 215 -5.11 27.81 2.19
C MET B 215 -4.66 28.96 3.07
N LYS B 216 -3.40 29.34 2.90
CA LYS B 216 -2.77 30.42 3.62
C LYS B 216 -2.38 31.49 2.61
N ASN B 217 -3.08 32.62 2.63
CA ASN B 217 -2.80 33.74 1.74
C ASN B 217 -1.72 34.63 2.37
N HIS B 218 -0.52 34.67 1.81
CA HIS B 218 0.47 35.68 2.17
C HIS B 218 0.42 36.82 1.15
N LEU B 219 -0.08 37.97 1.60
CA LEU B 219 0.02 39.22 0.87
C LEU B 219 1.47 39.66 0.91
N VAL B 220 2.10 39.73 -0.25
CA VAL B 220 3.52 40.04 -0.43
C VAL B 220 3.76 41.47 -0.89
N GLY B 221 2.75 42.16 -1.41
CA GLY B 221 2.86 43.57 -1.74
C GLY B 221 1.52 44.22 -2.03
N ILE B 222 1.42 45.56 -1.92
CA ILE B 222 0.24 46.31 -2.29
C ILE B 222 0.88 47.40 -3.16
N VAL B 223 0.43 47.63 -4.40
CA VAL B 223 1.02 48.63 -5.32
C VAL B 223 -0.02 49.57 -5.89
N PHE B 224 0.10 50.88 -5.69
CA PHE B 224 -0.89 51.85 -6.14
C PHE B 224 -0.41 52.26 -7.52
N ALA B 225 -1.25 52.25 -8.56
CA ALA B 225 -0.82 52.47 -9.95
C ALA B 225 -1.91 53.02 -10.87
N ASP B 226 -1.55 53.78 -11.90
CA ASP B 226 -2.49 54.02 -13.01
C ASP B 226 -2.54 52.83 -13.97
N GLY B 227 -3.19 51.75 -13.54
CA GLY B 227 -3.52 50.61 -14.39
C GLY B 227 -2.76 49.34 -14.11
N GLU B 228 -3.19 48.30 -14.81
CA GLU B 228 -2.83 46.92 -14.55
C GLU B 228 -1.36 46.60 -14.83
N ILE B 229 -0.74 45.97 -13.84
CA ILE B 229 0.62 45.44 -13.87
C ILE B 229 0.63 44.04 -14.53
N PHE B 230 1.74 43.34 -14.45
CA PHE B 230 2.00 42.07 -15.14
C PHE B 230 0.92 41.01 -14.91
N SER B 231 0.81 40.05 -15.83
CA SER B 231 -0.13 38.94 -15.70
C SER B 231 0.25 37.98 -14.57
N ASN B 232 -0.74 37.23 -14.10
CA ASN B 232 -0.58 36.13 -13.18
C ASN B 232 0.37 35.04 -13.71
N LEU B 233 0.26 34.68 -15.00
CA LEU B 233 1.19 33.74 -15.59
C LEU B 233 2.60 34.31 -15.60
N HIS B 234 2.72 35.62 -15.84
CA HIS B 234 3.99 36.32 -15.94
C HIS B 234 4.71 36.40 -14.59
N LEU B 235 4.01 36.67 -13.49
CA LEU B 235 4.60 36.59 -12.16
C LEU B 235 5.06 35.17 -11.83
N THR B 236 4.29 34.17 -12.23
CA THR B 236 4.60 32.76 -11.96
C THR B 236 5.86 32.33 -12.71
N GLN B 237 5.95 32.65 -14.01
CA GLN B 237 7.09 32.36 -14.85
C GLN B 237 8.34 33.15 -14.47
N ALA B 238 8.17 34.35 -13.92
CA ALA B 238 9.28 35.12 -13.41
C ALA B 238 9.82 34.51 -12.11
N LEU B 239 8.92 34.08 -11.22
CA LEU B 239 9.30 33.49 -9.95
C LEU B 239 9.97 32.13 -10.14
N TYR B 240 9.50 31.33 -11.11
CA TYR B 240 10.09 30.04 -11.44
C TYR B 240 11.50 30.20 -11.97
N ASP B 241 11.73 31.20 -12.80
CA ASP B 241 13.03 31.54 -13.37
C ASP B 241 14.00 32.02 -12.29
N GLN B 242 13.52 32.81 -11.33
CA GLN B 242 14.37 33.34 -10.27
C GLN B 242 14.93 32.24 -9.37
N MET B 243 14.17 31.18 -9.14
CA MET B 243 14.65 29.95 -8.53
C MET B 243 15.25 28.90 -9.48
N GLY B 244 15.13 29.03 -10.79
CA GLY B 244 15.56 27.97 -11.71
C GLY B 244 14.75 26.68 -11.55
N GLY B 245 13.58 26.72 -10.94
CA GLY B 245 12.82 25.52 -10.57
C GLY B 245 13.28 24.76 -9.32
N GLU B 246 14.18 25.29 -8.50
CA GLU B 246 14.59 24.64 -7.23
C GLU B 246 13.53 24.85 -6.12
N LEU B 247 12.26 24.60 -6.43
CA LEU B 247 11.09 25.08 -5.70
C LEU B 247 10.89 24.54 -4.27
N ASN B 248 11.61 23.50 -3.86
CA ASN B 248 11.54 22.91 -2.51
C ASN B 248 12.20 23.79 -1.44
N LYS B 249 11.75 25.04 -1.30
CA LYS B 249 12.29 26.03 -0.36
C LYS B 249 11.23 26.38 0.68
N PRO B 250 11.59 26.70 1.93
CA PRO B 250 10.58 27.00 2.94
C PRO B 250 9.78 28.23 2.58
N ILE B 251 8.56 28.33 3.10
CA ILE B 251 7.60 29.33 2.59
C ILE B 251 8.04 30.77 2.81
N SER B 252 8.81 31.05 3.85
CA SER B 252 9.37 32.38 4.12
C SER B 252 10.40 32.79 3.07
N GLU B 253 11.26 31.88 2.64
CA GLU B 253 12.30 32.12 1.64
C GLU B 253 11.64 32.36 0.28
N LEU B 254 10.55 31.64 0.04
CA LEU B 254 9.70 31.75 -1.13
C LEU B 254 8.90 33.06 -1.17
N CYS B 255 8.29 33.50 -0.05
CA CYS B 255 7.65 34.81 0.04
C CYS B 255 8.65 35.97 -0.07
N GLU B 256 9.84 35.84 0.50
CA GLU B 256 10.85 36.89 0.39
C GLU B 256 11.41 36.99 -1.03
N THR B 257 11.47 35.87 -1.75
CA THR B 257 11.87 35.88 -3.17
C THR B 257 10.79 36.48 -4.04
N ALA B 258 9.52 36.17 -3.79
CA ALA B 258 8.40 36.74 -4.53
C ALA B 258 8.32 38.26 -4.41
N ALA B 259 8.66 38.83 -3.24
CA ALA B 259 8.70 40.27 -3.07
C ALA B 259 9.75 40.91 -3.99
N THR B 260 10.91 40.26 -4.16
CA THR B 260 11.98 40.79 -5.01
C THR B 260 11.75 40.61 -6.51
N VAL B 261 11.14 39.51 -6.96
CA VAL B 261 10.79 39.37 -8.37
C VAL B 261 9.67 40.33 -8.75
N ALA B 262 8.71 40.55 -7.85
CA ALA B 262 7.63 41.51 -8.08
C ALA B 262 8.16 42.93 -8.26
N GLN B 263 9.13 43.38 -7.46
CA GLN B 263 9.74 44.69 -7.65
C GLN B 263 10.55 44.80 -8.92
N ASP B 264 11.24 43.75 -9.34
CA ASP B 264 11.94 43.74 -10.63
C ASP B 264 10.94 43.95 -11.78
N LEU B 265 9.83 43.23 -11.79
CA LEU B 265 8.82 43.34 -12.84
C LEU B 265 8.13 44.71 -12.87
N LEU B 266 7.80 45.29 -11.71
CA LEU B 266 7.14 46.59 -11.64
C LEU B 266 7.94 47.70 -12.31
N ASN B 267 9.28 47.59 -12.32
CA ASN B 267 10.15 48.57 -12.96
C ASN B 267 10.21 48.46 -14.50
N LYS B 268 9.49 47.51 -15.10
CA LYS B 268 9.38 47.30 -16.55
C LYS B 268 7.95 47.53 -17.06
N GLU B 269 7.06 48.04 -16.22
CA GLU B 269 5.66 48.33 -16.53
C GLU B 269 5.42 49.82 -16.79
N PRO B 270 4.76 50.22 -17.89
CA PRO B 270 4.40 51.61 -18.20
C PRO B 270 3.24 52.12 -17.34
N VAL B 271 3.51 52.27 -16.04
CA VAL B 271 2.55 52.66 -15.01
C VAL B 271 3.23 53.53 -13.94
N ARG B 272 2.70 54.73 -13.71
CA ARG B 272 3.08 55.56 -12.57
C ARG B 272 2.68 54.82 -11.31
N LYS B 273 3.63 54.67 -10.37
CA LYS B 273 3.41 53.90 -9.17
C LYS B 273 3.46 54.82 -8.00
N SER B 274 2.32 55.18 -7.46
CA SER B 274 2.26 56.11 -6.38
C SER B 274 2.78 55.63 -5.07
N GLU B 275 2.60 54.36 -4.74
CA GLU B 275 2.97 53.86 -3.43
C GLU B 275 3.21 52.40 -3.61
N LEU B 276 4.24 51.86 -2.97
CA LEU B 276 4.59 50.47 -3.11
C LEU B 276 4.80 49.97 -1.71
N ILE B 277 3.79 49.32 -1.14
CA ILE B 277 3.84 48.82 0.23
C ILE B 277 4.44 47.42 0.17
N PHE B 278 5.67 47.20 0.62
CA PHE B 278 6.37 45.91 0.71
C PHE B 278 7.07 45.77 2.07
N GLY B 279 7.48 44.56 2.46
CA GLY B 279 8.37 44.30 3.60
C GLY B 279 7.92 44.89 4.94
N ALA B 280 8.75 45.70 5.58
CA ALA B 280 8.48 46.24 6.92
C ALA B 280 7.28 47.20 6.95
N HIS B 281 6.99 47.88 5.84
CA HIS B 281 5.81 48.73 5.67
C HIS B 281 4.54 47.90 5.45
N LEU B 282 4.67 46.76 4.79
CA LEU B 282 3.55 45.84 4.65
C LEU B 282 3.21 45.08 5.93
N ASP B 283 4.19 44.56 6.67
CA ASP B 283 3.90 43.84 7.92
C ASP B 283 3.58 44.77 9.10
N THR B 284 3.74 46.08 8.94
CA THR B 284 3.04 47.10 9.73
C THR B 284 1.63 47.33 9.24
N LEU B 285 1.39 47.56 7.95
CA LEU B 285 0.02 47.73 7.42
C LEU B 285 -0.88 46.52 7.71
N LEU B 286 -0.42 45.29 7.51
CA LEU B 286 -1.17 44.09 7.86
C LEU B 286 -1.54 44.03 9.35
N GLN B 287 -0.66 44.52 10.22
CA GLN B 287 -0.92 44.58 11.65
C GLN B 287 -1.98 45.62 11.97
N GLU B 288 -1.92 46.81 11.36
CA GLU B 288 -2.94 47.84 11.50
C GLU B 288 -4.31 47.44 10.96
N VAL B 289 -4.36 46.52 9.99
CA VAL B 289 -5.60 45.93 9.47
C VAL B 289 -6.10 44.81 10.36
N ASN B 290 -5.23 43.96 10.92
CA ASN B 290 -5.61 43.02 11.97
C ASN B 290 -6.23 43.74 13.18
N ASP B 291 -5.70 44.91 13.57
CA ASP B 291 -6.28 45.72 14.64
C ASP B 291 -7.70 46.25 14.36
N ILE B 292 -8.08 46.45 13.10
CA ILE B 292 -9.47 46.78 12.70
C ILE B 292 -10.34 45.53 12.85
N TYR B 293 -9.97 44.46 12.19
CA TYR B 293 -10.75 43.23 12.12
C TYR B 293 -10.84 42.42 13.43
N GLN B 294 -10.14 42.83 14.49
CA GLN B 294 -10.30 42.29 15.85
C GLN B 294 -11.06 43.23 16.80
N ASN B 295 -11.54 44.39 16.34
CA ASN B 295 -12.23 45.38 17.17
C ASN B 295 -13.65 45.68 16.64
N ASP B 296 -14.69 45.37 17.41
CA ASP B 296 -16.09 45.53 16.96
C ASP B 296 -16.44 46.99 16.67
N ALA B 297 -15.94 47.96 17.43
CA ALA B 297 -16.31 49.35 17.28
C ALA B 297 -15.70 49.93 16.01
N GLU B 298 -14.40 49.70 15.82
CA GLU B 298 -13.70 50.14 14.62
C GLU B 298 -14.33 49.49 13.38
N LEU B 299 -14.60 48.18 13.41
CA LEU B 299 -15.09 47.46 12.24
C LEU B 299 -16.52 47.83 11.85
N THR B 300 -17.42 47.99 12.83
CA THR B 300 -18.80 48.43 12.59
C THR B 300 -18.86 49.85 12.07
N LYS B 301 -18.00 50.74 12.57
CA LYS B 301 -17.88 52.11 12.07
C LYS B 301 -17.39 52.11 10.64
N LEU B 302 -16.35 51.34 10.34
CA LEU B 302 -15.66 51.39 9.05
C LEU B 302 -16.51 50.79 7.93
N LEU B 303 -17.11 49.62 8.14
CA LEU B 303 -17.96 49.02 7.12
C LEU B 303 -19.36 49.64 7.09
N GLY B 304 -19.78 50.30 8.15
CA GLY B 304 -21.03 51.03 8.10
C GLY B 304 -20.82 52.20 7.17
N SER B 305 -19.63 52.78 7.20
CA SER B 305 -19.34 53.92 6.36
C SER B 305 -19.30 53.54 4.93
N LEU B 306 -18.82 52.34 4.65
CA LEU B 306 -18.79 51.84 3.29
C LEU B 306 -20.15 51.62 2.81
N TYR B 307 -21.03 51.23 3.70
CA TYR B 307 -22.38 50.95 3.30
C TYR B 307 -22.99 52.20 2.79
N GLN B 308 -22.72 53.31 3.45
CA GLN B 308 -23.29 54.56 3.03
C GLN B 308 -22.72 54.97 1.72
N GLN B 309 -21.43 54.78 1.53
CA GLN B 309 -20.78 55.15 0.29
C GLN B 309 -21.34 54.37 -0.87
N THR B 310 -21.61 53.09 -0.64
CA THR B 310 -22.09 52.23 -1.71
C THR B 310 -23.54 52.45 -1.96
N GLN B 311 -24.28 52.93 -0.97
CA GLN B 311 -25.69 53.24 -1.13
C GLN B 311 -25.84 54.57 -1.76
N ASP B 312 -24.90 55.45 -1.52
CA ASP B 312 -24.91 56.75 -2.13
C ASP B 312 -24.66 56.54 -3.56
N TYR B 313 -23.70 55.70 -3.89
CA TYR B 313 -23.35 55.43 -5.27
C TYR B 313 -24.52 54.86 -5.98
N ALA B 314 -25.26 53.95 -5.36
CA ALA B 314 -26.42 53.32 -5.95
C ALA B 314 -27.50 54.33 -6.36
N THR B 315 -27.87 55.26 -5.48
CA THR B 315 -28.86 56.29 -5.79
C THR B 315 -28.40 57.42 -6.70
N GLU B 316 -27.11 57.70 -6.79
CA GLU B 316 -26.60 58.79 -7.63
C GLU B 316 -26.25 58.31 -9.03
N PHE B 317 -25.67 57.13 -9.20
CA PHE B 317 -25.21 56.64 -10.50
C PHE B 317 -25.70 55.23 -10.83
N GLY B 318 -25.94 54.38 -9.84
CA GLY B 318 -26.28 52.98 -10.08
C GLY B 318 -27.78 52.72 -10.25
N ALA B 319 -28.23 51.56 -9.76
CA ALA B 319 -29.58 51.04 -9.98
C ALA B 319 -30.75 51.81 -9.31
N LEU B 320 -30.55 52.95 -8.65
CA LEU B 320 -31.60 53.69 -7.91
C LEU B 320 -31.66 55.19 -8.29
N MET C 1 -21.25 27.11 33.96
CA MET C 1 -20.46 27.56 32.79
C MET C 1 -21.35 27.67 31.55
N LEU C 2 -21.99 26.59 31.11
CA LEU C 2 -22.84 26.56 29.90
C LEU C 2 -24.02 27.54 29.93
N ASP C 3 -24.49 27.89 31.13
CA ASP C 3 -25.54 28.87 31.38
C ASP C 3 -25.16 30.27 30.88
N SER C 4 -23.87 30.59 30.78
CA SER C 4 -23.39 31.82 30.15
C SER C 4 -23.36 31.71 28.62
N LEU C 5 -22.91 30.56 28.10
CA LEU C 5 -22.73 30.42 26.66
C LEU C 5 -24.01 30.41 25.81
N LYS C 6 -25.17 30.05 26.35
CA LYS C 6 -26.43 30.09 25.58
C LYS C 6 -26.69 31.45 24.92
N SER C 7 -26.16 32.54 25.47
CA SER C 7 -26.30 33.88 24.92
C SER C 7 -25.61 34.08 23.57
N GLN C 8 -24.55 33.30 23.28
CA GLN C 8 -23.75 33.46 22.05
C GLN C 8 -24.25 32.71 20.82
N PHE C 9 -25.08 31.70 20.99
CA PHE C 9 -25.61 30.88 19.91
C PHE C 9 -26.83 31.48 19.24
N GLN C 10 -27.18 30.99 18.06
CA GLN C 10 -28.36 31.45 17.40
C GLN C 10 -29.54 30.80 18.12
N PRO C 11 -30.73 31.43 18.14
CA PRO C 11 -31.90 30.85 18.77
C PRO C 11 -32.56 29.75 17.92
N SER C 12 -32.34 29.76 16.60
CA SER C 12 -32.72 28.69 15.66
C SER C 12 -31.82 28.78 14.42
N PHE C 13 -31.71 27.72 13.64
CA PHE C 13 -30.83 27.70 12.47
C PHE C 13 -31.25 28.78 11.45
N PRO C 14 -30.23 29.56 10.95
CA PRO C 14 -30.57 30.61 10.01
C PRO C 14 -30.55 30.21 8.55
N ARG C 15 -31.28 30.92 7.70
CA ARG C 15 -31.34 30.52 6.29
C ARG C 15 -29.93 30.49 5.69
N LEU C 16 -29.13 31.54 5.88
CA LEU C 16 -27.73 31.59 5.43
C LEU C 16 -26.94 31.94 6.64
N ALA C 17 -25.69 31.52 6.70
CA ALA C 17 -24.84 31.75 7.88
C ALA C 17 -24.38 33.17 8.08
N SER C 18 -24.48 33.72 9.29
CA SER C 18 -24.08 35.08 9.57
C SER C 18 -22.83 35.24 10.35
N GLY C 19 -21.90 34.32 10.27
CA GLY C 19 -20.61 34.48 10.91
C GLY C 19 -20.49 34.24 12.36
N HIS C 20 -21.09 33.18 12.84
CA HIS C 20 -21.07 32.85 14.24
C HIS C 20 -20.39 31.49 14.28
N TYR C 21 -19.07 31.47 14.15
CA TYR C 21 -18.30 30.23 14.19
C TYR C 21 -17.93 29.87 15.61
N VAL C 22 -18.15 28.63 15.99
CA VAL C 22 -17.47 28.01 17.14
C VAL C 22 -16.42 27.05 16.64
N HIS C 23 -15.18 27.18 17.13
CA HIS C 23 -14.06 26.33 16.76
C HIS C 23 -13.66 25.44 17.92
N PHE C 24 -13.44 24.16 17.64
CA PHE C 24 -12.93 23.21 18.60
C PHE C 24 -11.48 22.88 18.26
N LEU C 25 -10.56 23.31 19.09
CA LEU C 25 -9.13 23.10 18.91
C LEU C 25 -8.76 21.89 19.75
N MET C 26 -8.28 20.80 19.15
CA MET C 26 -8.00 19.57 19.86
C MET C 26 -6.81 18.78 19.34
N LEU C 27 -6.23 17.98 20.23
CA LEU C 27 -5.17 17.04 19.95
C LEU C 27 -5.76 15.64 19.95
N ARG C 28 -5.63 14.93 18.83
CA ARG C 28 -6.08 13.56 18.68
C ARG C 28 -4.87 12.66 18.94
N HIS C 29 -4.72 12.08 20.12
CA HIS C 29 -3.60 11.18 20.45
C HIS C 29 -3.96 9.75 20.10
N SER C 30 -3.13 9.04 19.36
CA SER C 30 -3.27 7.61 19.13
C SER C 30 -3.12 6.84 20.43
N GLN C 31 -3.98 5.86 20.65
CA GLN C 31 -3.89 4.95 21.79
C GLN C 31 -3.45 3.56 21.37
N SER C 32 -3.88 3.12 20.20
CA SER C 32 -3.58 1.77 19.77
C SER C 32 -3.76 1.69 18.27
N PHE C 33 -2.62 1.79 17.60
CA PHE C 33 -2.35 1.34 16.25
C PHE C 33 -3.35 1.67 15.13
N PRO C 34 -3.79 2.93 14.94
CA PRO C 34 -4.71 3.27 13.87
C PRO C 34 -4.10 3.06 12.49
N VAL C 35 -4.95 2.82 11.49
CA VAL C 35 -4.57 2.68 10.09
C VAL C 35 -5.28 3.74 9.24
N PHE C 36 -4.59 4.82 8.91
CA PHE C 36 -5.13 5.90 8.08
C PHE C 36 -4.64 5.71 6.65
N GLN C 37 -5.47 5.14 5.79
CA GLN C 37 -5.03 4.71 4.48
C GLN C 37 -6.02 5.01 3.37
N THR C 38 -5.47 5.12 2.17
CA THR C 38 -6.12 5.06 0.87
C THR C 38 -5.08 4.40 -0.01
N ASP C 39 -5.48 3.71 -1.06
CA ASP C 39 -4.53 3.13 -2.02
C ASP C 39 -3.50 2.15 -1.40
N GLY C 40 -3.80 1.63 -0.22
CA GLY C 40 -3.16 0.47 0.35
C GLY C 40 -1.87 0.72 1.13
N VAL C 41 -1.54 1.99 1.41
CA VAL C 41 -0.40 2.44 2.21
C VAL C 41 -0.84 3.55 3.16
N LEU C 42 -0.12 3.80 4.26
CA LEU C 42 -0.40 4.95 5.13
C LEU C 42 -0.24 6.24 4.36
N ASN C 43 -1.25 7.09 4.37
CA ASN C 43 -1.18 8.40 3.73
C ASN C 43 -0.15 9.25 4.45
N THR C 44 0.81 9.79 3.71
CA THR C 44 1.91 10.61 4.23
C THR C 44 2.30 11.64 3.20
N THR C 45 2.74 12.82 3.62
CA THR C 45 3.01 13.95 2.74
C THR C 45 4.17 14.76 3.27
N ARG C 46 4.92 15.41 2.37
CA ARG C 46 6.05 16.26 2.73
C ARG C 46 5.56 17.66 3.05
N THR C 47 6.14 18.23 4.09
CA THR C 47 5.78 19.50 4.70
C THR C 47 7.03 20.17 5.26
N GLN C 48 6.99 21.47 5.47
CA GLN C 48 8.04 22.12 6.24
C GLN C 48 7.91 21.64 7.70
N ALA C 49 9.02 21.43 8.40
CA ALA C 49 8.99 20.89 9.76
C ALA C 49 8.21 21.80 10.71
N GLY C 50 8.51 23.09 10.73
CA GLY C 50 7.82 24.12 11.50
C GLY C 50 7.89 25.49 10.82
N LEU C 51 7.14 26.47 11.31
CA LEU C 51 6.87 27.72 10.59
C LEU C 51 8.11 28.58 10.30
N LEU C 52 8.97 28.84 11.29
CA LEU C 52 10.04 29.84 11.18
C LEU C 52 11.45 29.34 11.49
N GLU C 53 11.67 28.53 12.52
CA GLU C 53 13.04 28.12 12.91
C GLU C 53 13.49 26.78 12.29
N LYS C 54 12.69 25.72 12.46
CA LYS C 54 12.91 24.38 11.89
C LYS C 54 12.32 24.35 10.48
N THR C 55 13.12 24.73 9.49
CA THR C 55 12.71 24.90 8.09
C THR C 55 13.09 23.75 7.16
N ASP C 56 13.45 22.58 7.68
CA ASP C 56 13.74 21.40 6.87
C ASP C 56 12.46 20.71 6.42
N GLN C 57 12.51 19.99 5.30
CA GLN C 57 11.36 19.24 4.82
C GLN C 57 11.22 17.97 5.68
N LEU C 58 9.99 17.51 5.86
CA LEU C 58 9.62 16.47 6.80
C LEU C 58 8.35 15.77 6.30
N SER C 59 8.45 14.46 6.05
CA SER C 59 7.30 13.62 5.73
C SER C 59 6.48 13.37 7.00
N ARG C 60 5.18 13.66 7.00
CA ARG C 60 4.32 13.41 8.18
C ARG C 60 3.09 12.64 7.72
N LEU C 61 2.48 11.84 8.58
CA LEU C 61 1.25 11.14 8.29
C LEU C 61 0.10 12.11 8.10
N VAL C 62 -0.89 11.74 7.31
CA VAL C 62 -2.09 12.56 7.10
C VAL C 62 -3.30 11.73 7.44
N MET C 63 -4.03 12.16 8.45
CA MET C 63 -5.38 11.70 8.72
C MET C 63 -6.27 12.41 7.70
N PHE C 64 -6.44 11.80 6.53
CA PHE C 64 -7.13 12.41 5.42
C PHE C 64 -8.59 12.75 5.73
N LYS C 65 -9.17 13.60 4.92
CA LYS C 65 -10.25 14.49 5.33
C LYS C 65 -11.48 13.92 6.02
N ARG C 66 -12.12 12.89 5.46
CA ARG C 66 -13.33 12.32 6.03
C ARG C 66 -13.06 11.43 7.23
N LYS C 67 -11.87 10.83 7.33
CA LYS C 67 -11.53 9.87 8.38
C LYS C 67 -11.62 10.44 9.80
N GLN C 68 -11.82 11.73 9.97
CA GLN C 68 -12.07 12.38 11.26
C GLN C 68 -13.38 13.18 11.34
N THR C 69 -14.28 13.04 10.38
CA THR C 69 -15.70 13.45 10.49
C THR C 69 -16.61 12.25 10.54
N THR C 70 -16.26 11.16 9.88
CA THR C 70 -17.15 10.03 9.75
C THR C 70 -17.39 9.34 11.10
N PRO C 71 -16.36 9.03 11.90
CA PRO C 71 -16.56 8.61 13.28
C PRO C 71 -17.39 9.55 14.14
N GLU C 72 -17.33 10.87 13.89
CA GLU C 72 -18.13 11.88 14.62
C GLU C 72 -19.63 11.66 14.28
N ARG C 73 -19.98 11.62 12.98
CA ARG C 73 -21.36 11.44 12.50
C ARG C 73 -21.96 10.15 12.98
N LEU C 74 -21.24 9.05 12.79
CA LEU C 74 -21.75 7.73 13.05
C LEU C 74 -21.95 7.50 14.57
N ALA C 75 -21.15 8.14 15.43
CA ALA C 75 -21.42 8.12 16.86
C ALA C 75 -22.62 8.98 17.25
N GLY C 76 -22.87 10.08 16.53
CA GLY C 76 -24.01 10.95 16.77
C GLY C 76 -25.31 10.30 16.36
N ARG C 77 -25.34 9.71 15.18
CA ARG C 77 -26.51 9.01 14.62
C ARG C 77 -26.95 7.87 15.51
N GLU C 78 -25.99 7.20 16.13
CA GLU C 78 -26.32 6.11 16.99
C GLU C 78 -26.99 6.61 18.22
N LEU C 79 -26.64 7.78 18.69
CA LEU C 79 -27.30 8.37 19.84
C LEU C 79 -28.70 8.85 19.48
N LEU C 80 -28.91 9.42 18.30
CA LEU C 80 -30.25 9.77 17.84
C LEU C 80 -31.13 8.51 17.79
N ARG C 81 -30.53 7.37 17.53
CA ARG C 81 -31.25 6.12 17.56
C ARG C 81 -31.45 5.55 18.95
N ASN C 82 -30.54 5.75 19.89
CA ASN C 82 -30.77 5.29 21.26
C ASN C 82 -31.87 6.08 21.84
N LEU C 83 -31.87 7.37 21.59
CA LEU C 83 -32.88 8.26 22.18
C LEU C 83 -34.22 8.13 21.43
N GLY C 84 -34.27 7.38 20.33
CA GLY C 84 -35.48 7.05 19.60
C GLY C 84 -35.96 8.17 18.68
N LEU C 85 -35.12 9.18 18.46
CA LEU C 85 -35.45 10.35 17.66
C LEU C 85 -35.46 10.01 16.17
N THR C 86 -34.52 9.17 15.75
CA THR C 86 -34.41 8.56 14.42
C THR C 86 -34.61 7.05 14.56
N SER C 87 -34.70 6.28 13.47
CA SER C 87 -34.87 4.83 13.52
C SER C 87 -34.23 4.11 12.33
N ALA C 88 -33.91 2.82 12.49
CA ALA C 88 -33.25 2.00 11.46
C ALA C 88 -34.20 1.14 10.61
N ASP C 89 -35.44 0.92 11.06
CA ASP C 89 -36.40 0.02 10.42
C ASP C 89 -36.98 0.59 9.14
N LYS C 90 -36.97 -0.19 8.04
CA LYS C 90 -37.37 0.32 6.72
C LYS C 90 -38.86 0.68 6.59
N SER C 91 -39.71 0.32 7.56
CA SER C 91 -41.11 0.75 7.62
C SER C 91 -41.33 2.08 8.35
N ALA C 92 -40.37 2.59 9.12
CA ALA C 92 -40.69 3.60 10.12
C ALA C 92 -40.79 5.03 9.55
N LYS C 93 -41.62 5.88 10.15
CA LYS C 93 -41.83 7.28 9.72
C LYS C 93 -40.62 8.20 9.92
N ASN C 94 -39.62 7.77 10.70
CA ASN C 94 -38.44 8.54 11.11
C ASN C 94 -37.11 7.86 10.73
N LEU C 95 -37.17 7.05 9.68
CA LEU C 95 -36.07 6.39 9.01
C LEU C 95 -35.02 7.37 8.49
N CYS C 96 -33.75 7.03 8.68
CA CYS C 96 -32.63 7.68 8.02
C CYS C 96 -31.60 6.72 7.46
N GLU C 97 -31.63 6.45 6.15
CA GLU C 97 -30.50 5.77 5.53
C GLU C 97 -29.30 6.73 5.45
N TYR C 98 -28.15 6.29 5.95
CA TYR C 98 -26.93 7.01 5.73
C TYR C 98 -26.47 6.91 4.28
N ASN C 99 -25.86 7.98 3.79
CA ASN C 99 -25.02 8.02 2.60
C ASN C 99 -25.68 7.36 1.37
N GLY C 100 -27.00 7.52 1.24
CA GLY C 100 -27.87 6.84 0.30
C GLY C 100 -29.09 7.68 -0.11
N GLU C 101 -29.84 7.25 -1.11
CA GLU C 101 -31.01 7.97 -1.63
C GLU C 101 -32.06 8.18 -0.54
N GLY C 102 -32.34 7.13 0.23
CA GLY C 102 -33.35 7.09 1.30
C GLY C 102 -32.96 7.83 2.57
N SER C 103 -31.98 8.72 2.49
CA SER C 103 -31.58 9.59 3.59
C SER C 103 -32.72 10.43 4.10
N CYS C 104 -32.72 10.64 5.41
CA CYS C 104 -33.56 11.64 6.04
C CYS C 104 -33.10 13.00 5.54
N LYS C 105 -33.98 13.98 5.66
CA LYS C 105 -33.77 15.33 5.15
C LYS C 105 -34.01 16.37 6.25
N GLN C 106 -34.20 15.91 7.48
CA GLN C 106 -34.66 16.73 8.61
C GLN C 106 -34.11 16.38 10.00
N CYS C 107 -33.27 15.36 10.15
CA CYS C 107 -32.69 15.01 11.44
C CYS C 107 -31.39 15.78 11.72
N PRO C 108 -30.89 15.77 12.96
CA PRO C 108 -29.71 16.54 13.33
C PRO C 108 -28.44 16.24 12.55
N ASP C 109 -28.13 14.99 12.27
CA ASP C 109 -27.02 14.65 11.37
C ASP C 109 -27.19 15.30 10.00
N CYS C 110 -28.35 15.18 9.37
CA CYS C 110 -28.58 15.69 8.02
C CYS C 110 -28.37 17.20 7.92
N ILE C 111 -28.79 17.98 8.92
CA ILE C 111 -28.66 19.44 8.89
C ILE C 111 -27.27 19.88 9.33
N LEU C 112 -26.65 19.21 10.31
CA LEU C 112 -25.35 19.60 10.84
C LEU C 112 -24.18 19.06 10.03
N TYR C 113 -24.22 17.83 9.52
CA TYR C 113 -23.14 17.26 8.72
C TYR C 113 -23.47 17.08 7.23
N GLY C 114 -24.72 17.29 6.80
CA GLY C 114 -25.09 17.46 5.39
C GLY C 114 -25.45 16.17 4.63
N PHE C 115 -25.97 16.32 3.41
CA PHE C 115 -26.39 15.23 2.52
C PHE C 115 -26.49 15.72 1.07
N ALA C 116 -26.54 14.83 0.07
CA ALA C 116 -26.59 15.30 -1.34
C ALA C 116 -27.52 14.59 -2.33
N ILE C 117 -27.68 13.28 -2.24
CA ILE C 117 -28.45 12.51 -3.24
C ILE C 117 -29.97 12.62 -3.13
N GLY C 118 -30.64 12.64 -4.27
CA GLY C 118 -32.10 12.57 -4.46
C GLY C 118 -32.81 13.89 -4.74
N ASP C 119 -34.11 13.81 -5.05
CA ASP C 119 -34.87 14.91 -5.66
C ASP C 119 -35.02 16.11 -4.73
N SER C 120 -35.06 15.87 -3.41
CA SER C 120 -35.31 16.92 -2.41
C SER C 120 -34.16 17.90 -2.25
N GLY C 121 -33.02 17.66 -2.91
CA GLY C 121 -31.91 18.57 -2.99
C GLY C 121 -30.74 18.13 -2.14
N SER C 122 -29.95 19.09 -1.68
CA SER C 122 -28.77 18.88 -0.85
C SER C 122 -28.71 19.89 0.29
N GLU C 123 -27.88 19.67 1.29
CA GLU C 123 -27.58 20.65 2.32
C GLU C 123 -26.10 20.53 2.67
N ARG C 124 -25.37 21.65 2.62
CA ARG C 124 -23.97 21.71 3.07
C ARG C 124 -23.87 21.61 4.58
N SER C 125 -22.83 20.92 5.03
CA SER C 125 -22.54 20.71 6.44
C SER C 125 -22.31 22.02 7.19
N LYS C 126 -22.86 22.12 8.39
CA LYS C 126 -22.61 23.24 9.28
C LYS C 126 -21.30 22.94 10.03
N VAL C 127 -20.94 21.69 10.23
CA VAL C 127 -19.63 21.24 10.69
C VAL C 127 -18.62 21.32 9.57
N TYR C 128 -17.56 22.08 9.75
CA TYR C 128 -16.43 22.25 8.84
C TYR C 128 -15.21 21.56 9.44
N SER C 129 -14.42 20.88 8.62
CA SER C 129 -13.35 19.99 9.05
C SER C 129 -12.19 20.00 8.09
N ASP C 130 -11.05 19.48 8.52
CA ASP C 130 -9.86 19.44 7.70
C ASP C 130 -9.02 18.18 7.88
N SER C 131 -8.19 17.83 6.89
CA SER C 131 -7.15 16.81 7.07
C SER C 131 -6.22 17.19 8.19
N ALA C 132 -5.78 16.25 9.01
CA ALA C 132 -4.87 16.51 10.13
C ALA C 132 -3.56 15.78 9.94
N PHE C 133 -2.48 16.32 10.45
CA PHE C 133 -1.13 15.87 10.18
C PHE C 133 -0.43 15.39 11.45
N SER C 134 0.41 14.36 11.37
CA SER C 134 1.09 13.88 12.58
C SER C 134 2.08 14.91 13.01
N LEU C 135 2.13 15.18 14.30
CA LEU C 135 3.04 16.17 14.84
C LEU C 135 4.49 15.80 14.57
N GLY C 136 4.83 14.52 14.72
CA GLY C 136 6.14 13.98 14.41
C GLY C 136 6.30 13.50 12.98
N ALA C 137 7.54 13.14 12.64
CA ALA C 137 7.86 12.66 11.31
C ALA C 137 7.42 11.22 11.12
N TYR C 138 7.07 10.86 9.89
CA TYR C 138 6.58 9.54 9.56
C TYR C 138 7.57 8.46 9.96
N GLU C 139 8.88 8.62 9.80
CA GLU C 139 9.79 7.52 10.11
C GLU C 139 9.84 7.09 11.58
N GLN C 140 9.57 7.98 12.53
CA GLN C 140 9.54 7.64 13.96
C GLN C 140 8.14 7.31 14.51
N SER C 141 7.11 7.35 13.68
CA SER C 141 5.71 7.31 14.09
C SER C 141 4.90 6.17 13.48
N HIS C 142 5.51 5.25 12.74
CA HIS C 142 4.81 4.08 12.18
C HIS C 142 5.61 2.81 12.29
N ARG C 143 4.95 1.65 12.17
CA ARG C 143 5.62 0.35 12.15
C ARG C 143 4.83 -0.58 11.25
N SER C 144 5.49 -1.50 10.58
CA SER C 144 4.85 -2.50 9.74
C SER C 144 4.74 -3.82 10.46
N PHE C 145 3.55 -4.39 10.48
CA PHE C 145 3.23 -5.65 11.12
C PHE C 145 2.80 -6.66 10.06
N THR C 146 3.42 -7.83 10.02
CA THR C 146 2.94 -8.92 9.19
C THR C 146 1.73 -9.58 9.84
N PHE C 147 0.84 -10.15 9.04
CA PHE C 147 -0.31 -10.89 9.52
C PHE C 147 -0.55 -12.10 8.65
N ASN C 148 -1.08 -13.15 9.25
CA ASN C 148 -1.40 -14.38 8.56
C ASN C 148 -2.80 -14.83 8.99
N ALA C 149 -3.38 -15.78 8.26
CA ALA C 149 -4.69 -16.30 8.59
C ALA C 149 -4.78 -17.81 8.38
N PRO C 150 -4.27 -18.64 9.30
CA PRO C 150 -4.30 -20.08 9.21
C PRO C 150 -5.71 -20.67 9.12
N PHE C 151 -5.78 -21.90 8.62
CA PHE C 151 -6.99 -22.69 8.76
C PHE C 151 -7.22 -23.02 10.24
N GLU C 152 -8.46 -23.28 10.66
CA GLU C 152 -8.78 -23.50 12.07
C GLU C 152 -8.08 -24.73 12.68
N GLY C 153 -7.59 -25.65 11.84
CA GLY C 153 -6.64 -26.72 12.20
C GLY C 153 -5.33 -26.23 12.84
N GLY C 154 -5.08 -24.93 12.87
CA GLY C 154 -3.92 -24.28 13.48
C GLY C 154 -2.69 -24.38 12.60
N THR C 155 -2.89 -24.37 11.28
CA THR C 155 -1.82 -24.53 10.31
C THR C 155 -1.99 -23.57 9.16
N MET C 156 -0.96 -23.41 8.35
CA MET C 156 -1.11 -22.72 7.07
C MET C 156 -1.31 -23.70 5.91
N SER C 157 -1.44 -25.00 6.15
CA SER C 157 -1.59 -25.99 5.07
C SER C 157 -2.54 -27.14 5.39
N GLU C 158 -3.74 -26.86 5.89
CA GLU C 158 -4.73 -27.91 6.19
C GLU C 158 -5.16 -28.67 4.94
N ALA C 159 -5.28 -27.98 3.80
CA ALA C 159 -5.67 -28.61 2.55
C ALA C 159 -4.56 -29.51 1.94
N GLY C 160 -3.44 -29.70 2.65
CA GLY C 160 -2.19 -30.27 2.14
C GLY C 160 -1.31 -29.26 1.36
N VAL C 161 -1.79 -28.03 1.15
CA VAL C 161 -1.14 -26.97 0.35
C VAL C 161 -1.24 -25.65 1.10
N MET C 162 -0.26 -24.75 0.96
CA MET C 162 -0.23 -23.50 1.72
C MET C 162 -1.38 -22.56 1.34
N ARG C 163 -1.87 -21.79 2.32
CA ARG C 163 -3.10 -21.00 2.21
C ARG C 163 -3.01 -19.76 1.32
N SER C 164 -1.82 -19.18 1.19
CA SER C 164 -1.59 -17.82 0.65
C SER C 164 -2.22 -16.71 1.51
N ALA C 165 -2.45 -17.02 2.78
CA ALA C 165 -2.92 -16.14 3.84
C ALA C 165 -1.79 -15.48 4.66
N ILE C 166 -0.98 -14.63 4.05
CA ILE C 166 0.15 -13.94 4.66
C ILE C 166 0.44 -12.68 3.87
N ASN C 167 0.47 -11.53 4.54
CA ASN C 167 0.88 -10.25 3.94
C ASN C 167 1.19 -9.31 5.08
N GLU C 168 1.58 -8.08 4.82
CA GLU C 168 1.91 -7.10 5.85
C GLU C 168 1.18 -5.78 5.66
N LEU C 169 1.05 -5.03 6.74
CA LEU C 169 0.36 -3.75 6.79
C LEU C 169 1.08 -2.78 7.72
N ASP C 170 1.01 -1.50 7.41
CA ASP C 170 1.61 -0.42 8.16
C ASP C 170 0.58 0.27 9.06
N HIS C 171 0.93 0.44 10.34
CA HIS C 171 0.08 0.95 11.40
C HIS C 171 0.81 2.11 12.11
N ILE C 172 0.08 3.13 12.52
CA ILE C 172 0.62 4.31 13.20
C ILE C 172 0.88 3.94 14.65
N LEU C 173 2.00 4.30 15.25
CA LEU C 173 2.29 3.93 16.63
C LEU C 173 1.41 4.64 17.66
N PRO C 174 1.30 4.15 18.90
CA PRO C 174 0.75 4.86 20.04
C PRO C 174 1.53 6.14 20.36
N GLU C 175 0.90 7.04 21.11
CA GLU C 175 1.40 8.36 21.51
C GLU C 175 1.68 9.32 20.34
N VAL C 176 1.34 8.98 19.10
CA VAL C 176 1.37 9.89 17.96
C VAL C 176 0.22 10.87 18.02
N THR C 177 0.48 12.16 17.82
CA THR C 177 -0.52 13.22 18.00
C THR C 177 -0.86 13.85 16.68
N PHE C 178 -2.14 13.99 16.36
CA PHE C 178 -2.63 14.76 15.23
C PHE C 178 -3.38 16.00 15.73
N PRO C 179 -2.79 17.20 15.68
CA PRO C 179 -3.50 18.44 15.96
C PRO C 179 -4.60 18.71 14.93
N THR C 180 -5.78 19.12 15.38
CA THR C 180 -6.90 19.45 14.51
C THR C 180 -7.79 20.56 15.04
N VAL C 181 -8.37 21.34 14.14
CA VAL C 181 -9.35 22.37 14.44
C VAL C 181 -10.61 22.09 13.64
N GLU C 182 -11.58 21.46 14.28
CA GLU C 182 -12.94 21.42 13.77
C GLU C 182 -13.66 22.76 13.97
N SER C 183 -14.67 23.02 13.16
CA SER C 183 -15.42 24.27 13.17
C SER C 183 -16.90 23.98 13.04
N LEU C 184 -17.76 24.83 13.61
CA LEU C 184 -19.21 24.74 13.53
C LEU C 184 -19.74 26.12 13.21
N ARG C 185 -20.44 26.23 12.08
CA ARG C 185 -20.90 27.50 11.51
C ARG C 185 -22.39 27.68 11.74
N ASP C 186 -22.78 28.68 12.51
CA ASP C 186 -24.17 28.97 12.72
C ASP C 186 -25.03 27.87 13.31
N ALA C 187 -24.61 27.32 14.44
CA ALA C 187 -25.44 26.39 15.20
C ALA C 187 -26.24 27.03 16.33
N THR C 188 -27.22 26.27 16.83
CA THR C 188 -27.92 26.55 18.08
C THR C 188 -27.12 26.04 19.28
N TYR C 189 -27.52 26.40 20.49
CA TYR C 189 -26.88 25.85 21.69
C TYR C 189 -26.99 24.32 21.76
N GLU C 190 -28.13 23.77 21.37
CA GLU C 190 -28.33 22.33 21.38
C GLU C 190 -27.49 21.63 20.31
N GLY C 191 -27.28 22.27 19.17
CA GLY C 191 -26.37 21.80 18.12
C GLY C 191 -24.92 21.79 18.56
N PHE C 192 -24.50 22.80 19.32
CA PHE C 192 -23.19 22.85 19.93
C PHE C 192 -22.96 21.69 20.89
N ILE C 193 -23.90 21.38 21.78
CA ILE C 193 -23.78 20.22 22.67
C ILE C 193 -23.79 18.89 21.91
N TYR C 194 -24.47 18.77 20.77
CA TYR C 194 -24.45 17.57 19.94
C TYR C 194 -23.09 17.36 19.28
N VAL C 195 -22.54 18.40 18.66
CA VAL C 195 -21.24 18.33 17.96
C VAL C 195 -20.08 18.19 18.95
N LEU C 196 -20.08 18.96 20.04
CA LEU C 196 -19.14 18.76 21.16
C LEU C 196 -19.29 17.39 21.80
N GLY C 197 -20.51 16.86 21.85
CA GLY C 197 -20.79 15.50 22.27
C GLY C 197 -20.00 14.49 21.47
N ASN C 198 -20.11 14.50 20.14
CA ASN C 198 -19.39 13.61 19.25
C ASN C 198 -17.89 13.67 19.47
N LEU C 199 -17.31 14.87 19.53
CA LEU C 199 -15.88 15.08 19.67
C LEU C 199 -15.33 14.48 20.97
N LEU C 200 -16.13 14.47 22.02
CA LEU C 200 -15.78 13.98 23.34
C LEU C 200 -16.14 12.50 23.54
N ARG C 201 -17.15 11.99 22.82
CA ARG C 201 -17.76 10.65 22.95
C ARG C 201 -17.31 9.62 21.93
N THR C 202 -16.92 10.00 20.73
CA THR C 202 -16.37 9.05 19.73
C THR C 202 -14.91 8.70 19.99
N LYS C 203 -14.49 7.46 19.73
CA LYS C 203 -13.18 6.90 20.15
C LYS C 203 -12.40 6.18 19.08
N ARG C 204 -13.02 5.75 17.98
CA ARG C 204 -12.44 4.85 16.98
C ARG C 204 -12.25 5.56 15.65
N TYR C 205 -11.13 5.36 14.99
CA TYR C 205 -10.79 6.04 13.75
C TYR C 205 -10.04 5.15 12.77
N GLY C 206 -10.20 5.40 11.47
CA GLY C 206 -9.47 4.72 10.43
C GLY C 206 -9.99 3.32 10.08
N ALA C 207 -9.19 2.56 9.37
CA ALA C 207 -9.50 1.20 9.00
C ALA C 207 -9.52 0.31 10.23
N GLN C 208 -10.26 -0.78 10.17
CA GLN C 208 -10.28 -1.85 11.15
C GLN C 208 -10.74 -1.40 12.53
N GLU C 209 -11.86 -0.68 12.59
CA GLU C 209 -12.37 -0.10 13.84
C GLU C 209 -12.65 -1.16 14.89
N SER C 210 -13.02 -2.35 14.45
CA SER C 210 -13.39 -3.49 15.27
C SER C 210 -12.22 -4.17 15.94
N ARG C 211 -11.00 -3.84 15.51
CA ARG C 211 -9.76 -4.40 16.03
C ARG C 211 -8.81 -3.34 16.56
N THR C 212 -8.90 -2.09 16.09
CA THR C 212 -7.83 -1.10 16.24
C THR C 212 -8.31 0.34 16.17
N GLY C 213 -7.41 1.25 16.50
CA GLY C 213 -7.50 2.64 16.12
C GLY C 213 -8.30 3.43 17.13
N THR C 214 -8.17 3.07 18.39
CA THR C 214 -8.71 3.88 19.46
C THR C 214 -7.85 5.12 19.57
N MET C 215 -8.46 6.25 19.88
CA MET C 215 -7.78 7.54 20.04
C MET C 215 -8.36 8.29 21.23
N LYS C 216 -7.56 9.23 21.75
CA LYS C 216 -7.84 10.03 22.92
C LYS C 216 -7.85 11.47 22.49
N ASN C 217 -9.04 12.01 22.33
CA ASN C 217 -9.24 13.38 21.90
C ASN C 217 -9.21 14.31 23.12
N HIS C 218 -8.16 15.12 23.23
CA HIS C 218 -8.01 16.17 24.23
C HIS C 218 -8.38 17.48 23.59
N LEU C 219 -9.55 17.99 23.93
CA LEU C 219 -9.96 19.32 23.53
C LEU C 219 -9.14 20.34 24.34
N VAL C 220 -8.41 21.22 23.66
CA VAL C 220 -7.52 22.20 24.30
C VAL C 220 -8.07 23.61 24.27
N GLY C 221 -9.09 23.89 23.46
CA GLY C 221 -9.79 25.16 23.51
C GLY C 221 -11.08 25.14 22.71
N ILE C 222 -11.96 26.12 22.97
CA ILE C 222 -13.16 26.34 22.17
C ILE C 222 -13.03 27.84 21.95
N VAL C 223 -13.24 28.37 20.74
CA VAL C 223 -13.09 29.81 20.46
C VAL C 223 -14.27 30.32 19.67
N PHE C 224 -15.03 31.26 20.21
CA PHE C 224 -16.23 31.77 19.56
C PHE C 224 -15.66 32.86 18.71
N ALA C 225 -16.05 32.97 17.45
CA ALA C 225 -15.37 33.86 16.53
C ALA C 225 -16.19 34.30 15.30
N ASP C 226 -15.84 35.46 14.77
CA ASP C 226 -16.33 36.10 13.54
C ASP C 226 -15.80 35.49 12.22
N GLY C 227 -15.12 34.36 12.27
CA GLY C 227 -14.54 33.77 11.08
C GLY C 227 -13.64 32.60 11.36
N GLU C 228 -13.10 32.05 10.29
CA GLU C 228 -12.19 30.92 10.35
C GLU C 228 -10.76 31.25 10.77
N ILE C 229 -10.26 30.49 11.73
CA ILE C 229 -8.92 30.59 12.28
C ILE C 229 -7.95 29.70 11.49
N PHE C 230 -6.74 29.49 11.97
CA PHE C 230 -5.65 28.80 11.28
C PHE C 230 -6.01 27.40 10.79
N SER C 231 -5.30 26.95 9.74
CA SER C 231 -5.35 25.58 9.23
C SER C 231 -4.71 24.57 10.20
N ASN C 232 -5.09 23.30 10.09
CA ASN C 232 -4.44 22.24 10.85
C ASN C 232 -2.93 22.18 10.63
N LEU C 233 -2.47 22.36 9.40
CA LEU C 233 -1.04 22.28 9.10
C LEU C 233 -0.29 23.41 9.77
N HIS C 234 -0.89 24.59 9.85
CA HIS C 234 -0.29 25.75 10.50
C HIS C 234 -0.20 25.59 12.01
N LEU C 235 -1.21 25.00 12.64
CA LEU C 235 -1.16 24.65 14.05
C LEU C 235 -0.14 23.56 14.34
N THR C 236 -0.06 22.57 13.47
CA THR C 236 0.92 21.48 13.57
C THR C 236 2.32 22.01 13.48
N GLN C 237 2.59 22.87 12.51
CA GLN C 237 3.90 23.48 12.32
C GLN C 237 4.23 24.46 13.43
N ALA C 238 3.27 25.24 13.93
CA ALA C 238 3.51 26.15 15.03
C ALA C 238 3.84 25.39 16.30
N LEU C 239 3.17 24.28 16.56
CA LEU C 239 3.40 23.45 17.72
C LEU C 239 4.72 22.70 17.64
N TYR C 240 5.15 22.26 16.46
CA TYR C 240 6.47 21.66 16.27
C TYR C 240 7.59 22.66 16.55
N ASP C 241 7.45 23.88 16.06
CA ASP C 241 8.40 24.97 16.30
C ASP C 241 8.42 25.36 17.79
N GLN C 242 7.26 25.45 18.43
CA GLN C 242 7.13 25.69 19.86
C GLN C 242 7.77 24.59 20.71
N MET C 243 7.72 23.35 20.26
CA MET C 243 8.34 22.21 20.94
C MET C 243 9.82 22.07 20.56
N GLY C 244 10.33 22.89 19.65
CA GLY C 244 11.70 22.83 19.15
C GLY C 244 12.02 21.50 18.45
N GLY C 245 11.01 20.75 18.05
CA GLY C 245 11.16 19.43 17.43
C GLY C 245 11.49 18.29 18.38
N GLU C 246 11.72 18.53 19.67
CA GLU C 246 11.95 17.48 20.68
C GLU C 246 10.63 16.93 21.21
N LEU C 247 9.89 16.20 20.37
CA LEU C 247 8.51 15.81 20.63
C LEU C 247 8.32 14.69 21.66
N ASN C 248 9.39 14.05 22.17
CA ASN C 248 9.34 13.00 23.19
C ASN C 248 9.03 13.55 24.60
N LYS C 249 7.84 14.11 24.78
CA LYS C 249 7.37 14.79 25.99
C LYS C 249 6.00 14.23 26.42
N PRO C 250 5.66 14.24 27.71
CA PRO C 250 4.37 13.79 28.22
C PRO C 250 3.15 14.42 27.52
N ILE C 251 2.05 13.69 27.40
CA ILE C 251 0.83 14.17 26.72
C ILE C 251 0.25 15.43 27.35
N SER C 252 0.33 15.55 28.67
CA SER C 252 -0.24 16.68 29.41
C SER C 252 0.55 17.95 29.15
N GLU C 253 1.87 17.85 29.00
CA GLU C 253 2.72 18.97 28.61
C GLU C 253 2.52 19.37 27.16
N LEU C 254 2.23 18.40 26.30
CA LEU C 254 1.91 18.68 24.91
C LEU C 254 0.58 19.42 24.80
N CYS C 255 -0.40 19.09 25.64
CA CYS C 255 -1.69 19.80 25.68
C CYS C 255 -1.61 21.23 26.24
N GLU C 256 -0.81 21.53 27.26
CA GLU C 256 -0.61 22.94 27.69
C GLU C 256 0.24 23.75 26.69
N THR C 257 1.16 23.10 25.99
CA THR C 257 1.90 23.75 24.91
C THR C 257 0.97 24.03 23.77
N ALA C 258 0.09 23.11 23.42
CA ALA C 258 -0.94 23.32 22.43
C ALA C 258 -1.86 24.47 22.80
N ALA C 259 -2.32 24.59 24.04
CA ALA C 259 -3.13 25.72 24.46
C ALA C 259 -2.40 27.05 24.33
N THR C 260 -1.12 27.09 24.72
CA THR C 260 -0.35 28.33 24.78
C THR C 260 0.26 28.76 23.45
N VAL C 261 0.41 27.87 22.48
CA VAL C 261 0.59 28.26 21.07
C VAL C 261 -0.73 28.70 20.45
N ALA C 262 -1.83 27.99 20.67
CA ALA C 262 -3.10 28.32 20.05
C ALA C 262 -3.58 29.74 20.37
N GLN C 263 -3.45 30.19 21.62
CA GLN C 263 -3.75 31.58 21.98
C GLN C 263 -2.88 32.59 21.26
N ASP C 264 -1.59 32.30 21.02
CA ASP C 264 -0.71 33.20 20.30
C ASP C 264 -1.02 33.25 18.81
N LEU C 265 -1.45 32.14 18.23
CA LEU C 265 -1.93 32.11 16.85
C LEU C 265 -3.23 32.88 16.71
N LEU C 266 -4.16 32.76 17.66
CA LEU C 266 -5.43 33.49 17.64
C LEU C 266 -5.21 35.00 17.68
N ASN C 267 -4.15 35.47 18.34
CA ASN C 267 -3.81 36.89 18.37
C ASN C 267 -3.38 37.47 17.02
N LYS C 268 -3.16 36.66 15.98
CA LYS C 268 -2.67 37.05 14.65
C LYS C 268 -3.69 36.88 13.51
N GLU C 269 -4.93 36.58 13.86
CA GLU C 269 -6.05 36.31 12.97
C GLU C 269 -6.94 37.56 12.85
N PRO C 270 -7.35 37.99 11.64
CA PRO C 270 -8.25 39.12 11.46
C PRO C 270 -9.70 38.71 11.79
N VAL C 271 -9.92 38.17 12.98
CA VAL C 271 -11.20 37.69 13.46
C VAL C 271 -11.50 38.20 14.86
N ARG C 272 -12.68 38.78 15.07
CA ARG C 272 -13.21 39.12 16.40
C ARG C 272 -13.52 37.86 17.18
N LYS C 273 -13.06 37.76 18.43
CA LYS C 273 -13.23 36.56 19.21
C LYS C 273 -14.02 36.89 20.43
N SER C 274 -15.15 36.23 20.63
CA SER C 274 -16.04 36.53 21.70
C SER C 274 -15.90 35.72 22.96
N GLU C 275 -15.34 34.53 22.88
CA GLU C 275 -15.20 33.67 24.04
C GLU C 275 -14.12 32.64 23.83
N LEU C 276 -12.90 32.93 24.25
CA LEU C 276 -11.81 31.99 24.14
C LEU C 276 -11.80 31.12 25.39
N ILE C 277 -12.36 29.90 25.32
CA ILE C 277 -12.47 29.03 26.48
C ILE C 277 -11.27 28.12 26.53
N PHE C 278 -10.33 28.33 27.44
CA PHE C 278 -9.10 27.57 27.59
C PHE C 278 -8.83 27.26 29.05
N GLY C 279 -8.02 26.25 29.34
CA GLY C 279 -7.54 25.95 30.69
C GLY C 279 -8.64 25.64 31.68
N ALA C 280 -8.63 26.28 32.85
CA ALA C 280 -9.58 26.04 33.92
C ALA C 280 -11.04 26.30 33.56
N HIS C 281 -11.32 27.22 32.63
CA HIS C 281 -12.66 27.43 32.10
C HIS C 281 -13.11 26.32 31.14
N LEU C 282 -12.17 25.64 30.51
CA LEU C 282 -12.49 24.51 29.65
C LEU C 282 -12.70 23.26 30.47
N ASP C 283 -11.94 23.07 31.54
CA ASP C 283 -12.12 21.96 32.45
C ASP C 283 -13.52 21.98 33.06
N THR C 284 -14.02 23.14 33.49
CA THR C 284 -15.36 23.25 34.05
C THR C 284 -16.44 23.23 32.99
N LEU C 285 -16.15 23.64 31.74
CA LEU C 285 -17.07 23.44 30.64
C LEU C 285 -17.21 21.96 30.32
N LEU C 286 -16.12 21.24 30.14
CA LEU C 286 -16.17 19.82 29.77
C LEU C 286 -16.76 18.98 30.89
N GLN C 287 -16.48 19.29 32.15
CA GLN C 287 -17.15 18.64 33.28
C GLN C 287 -18.65 18.93 33.32
N GLU C 288 -19.11 20.08 32.85
CA GLU C 288 -20.53 20.35 32.69
C GLU C 288 -21.16 19.67 31.47
N VAL C 289 -20.47 19.55 30.34
CA VAL C 289 -20.94 18.79 29.17
C VAL C 289 -20.99 17.29 29.49
N ASN C 290 -20.03 16.75 30.23
CA ASN C 290 -20.09 15.37 30.72
C ASN C 290 -21.37 15.12 31.50
N ASP C 291 -21.77 15.99 32.43
CA ASP C 291 -22.97 15.76 33.24
C ASP C 291 -24.29 16.03 32.51
N ILE C 292 -24.25 16.43 31.24
CA ILE C 292 -25.37 16.28 30.30
C ILE C 292 -25.37 14.85 29.78
N TYR C 293 -24.28 14.42 29.16
CA TYR C 293 -24.18 13.12 28.54
C TYR C 293 -24.25 11.94 29.50
N GLN C 294 -24.00 12.14 30.79
CA GLN C 294 -24.17 11.14 31.84
C GLN C 294 -25.58 11.05 32.42
N ASN C 295 -26.51 11.92 32.04
CA ASN C 295 -27.82 12.04 32.67
C ASN C 295 -28.95 11.81 31.64
N ASP C 296 -29.86 10.89 31.89
CA ASP C 296 -30.83 10.41 30.89
C ASP C 296 -31.89 11.48 30.57
N ALA C 297 -32.44 12.09 31.61
CA ALA C 297 -33.43 13.15 31.50
C ALA C 297 -32.91 14.42 30.84
N GLU C 298 -31.65 14.76 31.08
CA GLU C 298 -31.04 15.98 30.53
C GLU C 298 -30.69 15.77 29.06
N LEU C 299 -30.04 14.67 28.70
CA LEU C 299 -29.69 14.40 27.31
C LEU C 299 -30.90 14.29 26.40
N THR C 300 -31.94 13.57 26.83
CA THR C 300 -33.16 13.39 26.04
C THR C 300 -34.00 14.66 25.89
N LYS C 301 -33.87 15.61 26.82
CA LYS C 301 -34.51 16.92 26.73
C LYS C 301 -33.82 17.76 25.68
N LEU C 302 -32.49 17.80 25.76
CA LEU C 302 -31.63 18.62 24.93
C LEU C 302 -31.60 18.17 23.47
N LEU C 303 -31.41 16.90 23.17
CA LEU C 303 -31.31 16.45 21.79
C LEU C 303 -32.64 16.35 21.11
N GLY C 304 -33.71 16.26 21.86
CA GLY C 304 -35.03 16.29 21.30
C GLY C 304 -35.31 17.65 20.80
N SER C 305 -34.81 18.66 21.51
CA SER C 305 -34.96 20.02 21.07
C SER C 305 -34.20 20.27 19.84
N LEU C 306 -33.05 19.62 19.68
CA LEU C 306 -32.30 19.76 18.47
C LEU C 306 -33.08 19.20 17.36
N TYR C 307 -33.81 18.11 17.59
CA TYR C 307 -34.54 17.46 16.53
C TYR C 307 -35.55 18.39 15.99
N GLN C 308 -36.21 19.14 16.84
CA GLN C 308 -37.26 20.00 16.40
C GLN C 308 -36.70 21.17 15.71
N GLN C 309 -35.55 21.62 16.13
CA GLN C 309 -34.94 22.77 15.54
C GLN C 309 -34.51 22.41 14.17
N THR C 310 -34.02 21.20 14.00
CA THR C 310 -33.53 20.76 12.73
C THR C 310 -34.66 20.40 11.83
N GLN C 311 -35.78 19.98 12.39
CA GLN C 311 -36.95 19.69 11.60
C GLN C 311 -37.51 20.95 11.12
N ASP C 312 -37.48 21.97 11.95
CA ASP C 312 -38.03 23.24 11.59
C ASP C 312 -37.21 23.84 10.50
N TYR C 313 -35.91 23.67 10.54
CA TYR C 313 -35.06 24.20 9.52
C TYR C 313 -35.42 23.53 8.28
N ALA C 314 -35.62 22.24 8.27
CA ALA C 314 -35.88 21.47 7.06
C ALA C 314 -37.18 21.89 6.37
N THR C 315 -38.23 22.13 7.13
CA THR C 315 -39.56 22.52 6.66
C THR C 315 -39.76 24.02 6.46
N GLU C 316 -38.82 24.86 6.84
CA GLU C 316 -38.89 26.31 6.61
C GLU C 316 -37.89 26.82 5.55
N PHE C 317 -36.67 26.27 5.53
CA PHE C 317 -35.57 26.70 4.66
C PHE C 317 -34.92 25.55 3.87
N GLY C 318 -34.95 24.34 4.39
CA GLY C 318 -34.22 23.20 3.83
C GLY C 318 -34.99 22.43 2.75
N ALA C 319 -34.81 21.12 2.76
CA ALA C 319 -35.34 20.18 1.79
C ALA C 319 -36.88 20.05 1.73
N LEU C 320 -37.61 20.70 2.64
CA LEU C 320 -39.04 20.50 2.91
C LEU C 320 -39.34 19.02 3.12
N MET D 1 -29.19 -12.65 39.21
CA MET D 1 -28.55 -11.53 38.48
C MET D 1 -28.97 -11.50 37.02
N LEU D 2 -28.66 -12.51 36.21
CA LEU D 2 -28.95 -12.55 34.77
C LEU D 2 -30.43 -12.39 34.43
N ASP D 3 -31.31 -12.85 35.30
CA ASP D 3 -32.74 -12.65 35.21
C ASP D 3 -33.13 -11.15 35.14
N SER D 4 -32.36 -10.27 35.77
CA SER D 4 -32.57 -8.81 35.63
C SER D 4 -31.99 -8.30 34.32
N LEU D 5 -30.78 -8.77 33.95
CA LEU D 5 -30.10 -8.27 32.76
C LEU D 5 -30.76 -8.63 31.45
N LYS D 6 -31.55 -9.69 31.36
CA LYS D 6 -32.31 -9.96 30.12
C LYS D 6 -33.03 -8.74 29.57
N SER D 7 -33.44 -7.82 30.43
CA SER D 7 -34.11 -6.57 30.03
C SER D 7 -33.19 -5.59 29.29
N GLN D 8 -31.88 -5.64 29.50
CA GLN D 8 -30.98 -4.66 28.91
C GLN D 8 -30.71 -4.91 27.45
N PHE D 9 -30.86 -6.13 26.98
CA PHE D 9 -30.47 -6.52 25.63
C PHE D 9 -31.60 -6.41 24.60
N GLN D 10 -31.24 -6.51 23.34
CA GLN D 10 -32.22 -6.44 22.31
C GLN D 10 -32.94 -7.79 22.19
N PRO D 11 -34.16 -7.87 21.62
CA PRO D 11 -34.87 -9.12 21.41
C PRO D 11 -34.39 -9.87 20.17
N SER D 12 -33.79 -9.21 19.19
CA SER D 12 -33.11 -9.82 18.03
C SER D 12 -32.07 -8.84 17.49
N PHE D 13 -31.09 -9.29 16.71
CA PHE D 13 -30.01 -8.41 16.26
C PHE D 13 -30.56 -7.31 15.34
N PRO D 14 -30.15 -6.04 15.59
CA PRO D 14 -30.74 -5.01 14.77
C PRO D 14 -30.02 -4.68 13.50
N ARG D 15 -30.67 -4.00 12.58
CA ARG D 15 -30.06 -3.71 11.27
C ARG D 15 -28.79 -2.88 11.38
N LEU D 16 -28.88 -1.83 12.21
CA LEU D 16 -27.76 -0.94 12.46
C LEU D 16 -27.84 -0.90 13.94
N ALA D 17 -26.78 -0.53 14.64
CA ALA D 17 -26.77 -0.58 16.10
C ALA D 17 -27.47 0.58 16.72
N SER D 18 -27.63 0.57 18.05
CA SER D 18 -28.35 1.59 18.74
C SER D 18 -27.78 2.02 20.03
N GLY D 19 -26.50 1.88 20.23
CA GLY D 19 -25.90 2.38 21.41
C GLY D 19 -26.17 1.57 22.59
N HIS D 20 -26.11 0.27 22.45
CA HIS D 20 -26.36 -0.61 23.54
C HIS D 20 -25.09 -1.36 23.65
N TYR D 21 -24.03 -0.66 24.05
CA TYR D 21 -22.75 -1.31 24.28
C TYR D 21 -22.79 -2.04 25.60
N VAL D 22 -22.17 -3.21 25.64
CA VAL D 22 -21.71 -3.78 26.90
C VAL D 22 -20.22 -4.00 26.84
N HIS D 23 -19.51 -3.56 27.87
CA HIS D 23 -18.05 -3.60 27.97
C HIS D 23 -17.67 -4.61 29.02
N PHE D 24 -16.74 -5.49 28.69
CA PHE D 24 -16.12 -6.42 29.61
C PHE D 24 -14.73 -5.86 29.90
N LEU D 25 -14.46 -5.56 31.16
CA LEU D 25 -13.22 -4.94 31.61
C LEU D 25 -12.46 -6.01 32.36
N MET D 26 -11.29 -6.45 31.90
CA MET D 26 -10.55 -7.56 32.51
C MET D 26 -9.05 -7.38 32.57
N LEU D 27 -8.44 -8.01 33.56
CA LEU D 27 -6.99 -8.20 33.61
C LEU D 27 -6.68 -9.59 33.09
N ARG D 28 -5.75 -9.67 32.14
CA ARG D 28 -5.25 -10.92 31.58
C ARG D 28 -3.88 -11.20 32.15
N HIS D 29 -3.80 -12.04 33.17
CA HIS D 29 -2.54 -12.41 33.78
C HIS D 29 -1.90 -13.56 33.00
N SER D 30 -0.61 -13.43 32.74
CA SER D 30 0.20 -14.42 32.10
C SER D 30 0.47 -15.57 33.05
N GLN D 31 0.31 -16.80 32.58
CA GLN D 31 0.96 -17.98 33.14
C GLN D 31 1.82 -18.62 32.04
N SER D 32 2.59 -19.67 32.32
CA SER D 32 3.20 -20.52 31.27
C SER D 32 3.80 -19.82 30.02
N PHE D 33 4.50 -18.71 30.24
CA PHE D 33 5.41 -18.06 29.29
C PHE D 33 4.88 -17.73 27.88
N PRO D 34 3.95 -16.78 27.68
CA PRO D 34 3.40 -16.47 26.37
C PRO D 34 4.41 -15.93 25.37
N VAL D 35 4.11 -16.07 24.08
CA VAL D 35 4.80 -15.41 22.97
C VAL D 35 3.82 -14.61 22.15
N PHE D 36 4.00 -13.28 22.12
CA PHE D 36 3.26 -12.38 21.25
C PHE D 36 4.26 -11.72 20.32
N GLN D 37 4.34 -12.22 19.09
CA GLN D 37 5.36 -11.81 18.13
C GLN D 37 4.73 -11.58 16.77
N THR D 38 5.41 -10.81 15.92
CA THR D 38 4.97 -10.59 14.54
C THR D 38 6.11 -10.75 13.54
N ASP D 39 7.23 -10.07 13.74
CA ASP D 39 8.42 -10.13 12.87
C ASP D 39 9.59 -10.86 13.53
N GLY D 40 9.29 -11.88 14.34
CA GLY D 40 10.30 -12.73 15.00
C GLY D 40 10.92 -12.19 16.30
N VAL D 41 10.44 -11.06 16.79
CA VAL D 41 10.78 -10.45 18.08
C VAL D 41 9.47 -10.20 18.85
N LEU D 42 9.49 -10.18 20.19
CA LEU D 42 8.29 -9.82 20.95
C LEU D 42 7.87 -8.39 20.62
N ASN D 43 6.57 -8.16 20.42
CA ASN D 43 6.06 -6.83 20.15
C ASN D 43 6.06 -5.94 21.39
N THR D 44 6.72 -4.78 21.29
CA THR D 44 6.81 -3.75 22.33
C THR D 44 6.65 -2.37 21.72
N THR D 45 6.19 -1.42 22.51
CA THR D 45 6.05 -0.02 22.10
C THR D 45 6.40 0.93 23.24
N ARG D 46 7.03 2.06 22.90
CA ARG D 46 7.33 3.11 23.85
C ARG D 46 6.02 3.84 24.21
N THR D 47 5.82 4.10 25.50
CA THR D 47 4.61 4.72 26.06
C THR D 47 4.97 5.55 27.28
N GLN D 48 4.10 6.46 27.66
CA GLN D 48 4.18 7.16 28.92
C GLN D 48 3.77 6.21 30.05
N ALA D 49 4.53 6.16 31.15
CA ALA D 49 4.30 5.17 32.19
C ALA D 49 2.94 5.31 32.90
N GLY D 50 2.51 6.53 33.23
CA GLY D 50 1.25 6.83 33.92
C GLY D 50 0.51 8.02 33.30
N LEU D 51 -0.45 8.61 34.01
CA LEU D 51 -1.22 9.75 33.54
C LEU D 51 -0.75 11.06 34.17
N LEU D 52 -0.93 11.24 35.49
CA LEU D 52 -0.69 12.53 36.13
C LEU D 52 0.70 12.61 36.76
N GLU D 53 0.99 11.78 37.75
CA GLU D 53 2.36 11.46 38.15
C GLU D 53 2.99 10.47 37.14
N LYS D 54 4.25 10.06 37.33
CA LYS D 54 4.93 9.01 36.54
C LYS D 54 4.83 9.24 35.03
N THR D 55 5.23 10.42 34.60
CA THR D 55 5.20 10.86 33.19
C THR D 55 6.35 10.32 32.35
N ASP D 56 7.29 9.60 32.93
CA ASP D 56 8.52 9.10 32.29
C ASP D 56 8.22 7.97 31.30
N GLN D 57 9.06 7.82 30.28
CA GLN D 57 8.85 6.83 29.22
C GLN D 57 9.11 5.41 29.71
N LEU D 58 8.30 4.48 29.22
CA LEU D 58 8.39 3.08 29.52
C LEU D 58 8.02 2.30 28.26
N SER D 59 8.89 1.40 27.83
CA SER D 59 8.58 0.43 26.79
C SER D 59 7.82 -0.74 27.38
N ARG D 60 6.66 -1.08 26.84
CA ARG D 60 5.83 -2.17 27.35
C ARG D 60 5.42 -3.09 26.20
N LEU D 61 5.25 -4.37 26.51
CA LEU D 61 4.84 -5.39 25.58
C LEU D 61 3.43 -5.13 25.10
N VAL D 62 3.14 -5.45 23.84
CA VAL D 62 1.81 -5.33 23.29
C VAL D 62 1.29 -6.65 22.74
N MET D 63 0.13 -7.05 23.22
CA MET D 63 -0.69 -8.12 22.70
C MET D 63 -1.49 -7.55 21.52
N PHE D 64 -0.83 -7.54 20.37
CA PHE D 64 -1.24 -6.87 19.15
C PHE D 64 -2.60 -7.34 18.61
N LYS D 65 -3.28 -6.46 17.89
CA LYS D 65 -4.74 -6.40 17.79
C LYS D 65 -5.50 -7.72 17.77
N ARG D 66 -5.25 -8.58 16.80
CA ARG D 66 -5.98 -9.81 16.60
C ARG D 66 -5.70 -10.91 17.61
N LYS D 67 -4.53 -10.92 18.25
CA LYS D 67 -4.04 -12.04 19.08
C LYS D 67 -4.85 -12.27 20.34
N GLN D 68 -5.73 -11.35 20.69
CA GLN D 68 -6.71 -11.47 21.76
C GLN D 68 -8.17 -11.68 21.30
N THR D 69 -8.58 -11.39 20.06
CA THR D 69 -9.92 -11.77 19.56
C THR D 69 -9.95 -13.18 19.01
N THR D 70 -8.94 -13.63 18.27
CA THR D 70 -9.06 -14.91 17.55
C THR D 70 -8.91 -16.16 18.41
N PRO D 71 -8.15 -16.20 19.51
CA PRO D 71 -8.28 -17.27 20.51
C PRO D 71 -9.68 -17.41 21.14
N GLU D 72 -10.35 -16.28 21.46
CA GLU D 72 -11.73 -16.25 21.96
C GLU D 72 -12.68 -16.83 20.93
N ARG D 73 -12.58 -16.32 19.71
CA ARG D 73 -13.43 -16.63 18.56
C ARG D 73 -13.44 -18.11 18.19
N LEU D 74 -12.25 -18.72 18.06
CA LEU D 74 -12.10 -20.13 17.73
C LEU D 74 -12.60 -21.06 18.84
N ALA D 75 -12.47 -20.68 20.11
CA ALA D 75 -13.05 -21.47 21.21
C ALA D 75 -14.58 -21.45 21.17
N GLY D 76 -15.18 -20.40 20.62
CA GLY D 76 -16.62 -20.33 20.38
C GLY D 76 -17.07 -21.26 19.28
N ARG D 77 -16.38 -21.25 18.13
CA ARG D 77 -16.69 -22.12 16.99
C ARG D 77 -16.64 -23.59 17.35
N GLU D 78 -15.72 -23.96 18.25
CA GLU D 78 -15.57 -25.35 18.69
C GLU D 78 -16.77 -25.78 19.51
N LEU D 79 -17.26 -24.93 20.39
CA LEU D 79 -18.47 -25.23 21.14
C LEU D 79 -19.71 -25.34 20.27
N LEU D 80 -19.82 -24.49 19.26
CA LEU D 80 -20.90 -24.58 18.27
C LEU D 80 -20.86 -25.91 17.52
N ARG D 81 -19.65 -26.44 17.34
CA ARG D 81 -19.50 -27.74 16.73
C ARG D 81 -19.70 -28.89 17.71
N ASN D 82 -19.44 -28.73 19.00
CA ASN D 82 -19.70 -29.78 20.01
C ASN D 82 -21.19 -29.95 20.13
N LEU D 83 -21.93 -28.85 20.23
CA LEU D 83 -23.39 -28.87 20.31
C LEU D 83 -24.06 -29.25 18.98
N GLY D 84 -23.31 -29.36 17.90
CA GLY D 84 -23.80 -29.78 16.59
C GLY D 84 -24.54 -28.68 15.83
N LEU D 85 -24.42 -27.43 16.27
CA LEU D 85 -25.10 -26.29 15.68
C LEU D 85 -24.38 -25.82 14.41
N THR D 86 -23.09 -26.12 14.26
CA THR D 86 -22.32 -25.92 13.02
C THR D 86 -21.45 -27.15 12.78
N SER D 87 -20.90 -27.36 11.59
CA SER D 87 -20.15 -28.58 11.27
C SER D 87 -18.84 -28.37 10.51
N ALA D 88 -17.93 -29.35 10.61
CA ALA D 88 -16.64 -29.36 9.92
C ALA D 88 -16.60 -30.22 8.64
N ASP D 89 -17.52 -31.15 8.45
CA ASP D 89 -17.58 -32.03 7.26
C ASP D 89 -18.07 -31.31 6.01
N LYS D 90 -17.36 -31.45 4.87
CA LYS D 90 -17.76 -30.80 3.60
C LYS D 90 -19.05 -31.30 2.96
N SER D 91 -19.61 -32.43 3.40
CA SER D 91 -20.92 -32.90 2.94
C SER D 91 -22.10 -32.30 3.72
N ALA D 92 -21.88 -31.60 4.84
CA ALA D 92 -22.95 -31.14 5.70
C ALA D 92 -23.52 -29.79 5.23
N LYS D 93 -24.82 -29.56 5.43
CA LYS D 93 -25.49 -28.32 4.99
C LYS D 93 -25.12 -27.09 5.83
N ASN D 94 -24.71 -27.29 7.08
CA ASN D 94 -24.26 -26.26 8.02
C ASN D 94 -22.73 -26.20 8.15
N LEU D 95 -21.99 -26.52 7.08
CA LEU D 95 -20.54 -26.35 7.05
C LEU D 95 -20.15 -24.89 7.29
N CYS D 96 -18.99 -24.67 7.91
CA CYS D 96 -18.48 -23.31 8.06
C CYS D 96 -16.97 -23.27 7.88
N GLU D 97 -16.48 -22.96 6.67
CA GLU D 97 -15.06 -22.66 6.54
C GLU D 97 -14.74 -21.43 7.39
N TYR D 98 -13.63 -21.44 8.11
CA TYR D 98 -13.30 -20.34 9.00
C TYR D 98 -12.95 -19.07 8.22
N ASN D 99 -12.02 -19.23 7.29
CA ASN D 99 -11.32 -18.18 6.61
C ASN D 99 -11.30 -18.61 5.15
N GLY D 100 -12.19 -18.02 4.37
CA GLY D 100 -12.37 -18.40 2.99
C GLY D 100 -13.65 -17.93 2.33
N GLU D 101 -13.73 -18.18 1.03
CA GLU D 101 -14.97 -18.13 0.25
C GLU D 101 -16.05 -19.04 0.86
N GLY D 102 -15.63 -20.16 1.46
CA GLY D 102 -16.46 -21.27 1.92
C GLY D 102 -17.26 -21.02 3.20
N SER D 103 -17.22 -19.80 3.75
CA SER D 103 -17.80 -19.49 5.05
C SER D 103 -19.31 -19.65 5.10
N CYS D 104 -19.79 -20.07 6.28
CA CYS D 104 -21.18 -19.87 6.64
C CYS D 104 -21.48 -18.37 6.65
N LYS D 105 -22.76 -18.02 6.56
CA LYS D 105 -23.25 -16.65 6.65
C LYS D 105 -24.16 -16.42 7.86
N GLN D 106 -24.30 -17.40 8.75
CA GLN D 106 -25.47 -17.50 9.62
C GLN D 106 -25.21 -18.01 11.05
N CYS D 107 -24.02 -18.49 11.35
CA CYS D 107 -23.69 -18.98 12.68
C CYS D 107 -23.30 -17.83 13.61
N PRO D 108 -23.32 -18.04 14.94
CA PRO D 108 -22.99 -17.01 15.90
C PRO D 108 -21.63 -16.35 15.69
N ASP D 109 -20.60 -17.11 15.34
CA ASP D 109 -19.29 -16.58 14.94
C ASP D 109 -19.37 -15.54 13.82
N CYS D 110 -20.01 -15.88 12.70
CA CYS D 110 -20.06 -15.01 11.54
C CYS D 110 -20.79 -13.69 11.82
N ILE D 111 -21.82 -13.68 12.65
CA ILE D 111 -22.62 -12.47 12.89
C ILE D 111 -22.08 -11.64 14.05
N LEU D 112 -21.46 -12.26 15.05
CA LEU D 112 -20.82 -11.56 16.14
C LEU D 112 -19.40 -11.13 15.80
N TYR D 113 -18.53 -12.05 15.39
CA TYR D 113 -17.14 -11.72 15.11
C TYR D 113 -16.88 -11.34 13.63
N GLY D 114 -17.83 -11.51 12.71
CA GLY D 114 -17.80 -10.93 11.36
C GLY D 114 -17.12 -11.76 10.27
N PHE D 115 -17.33 -11.43 8.99
CA PHE D 115 -16.80 -12.12 7.81
C PHE D 115 -16.66 -11.21 6.59
N ALA D 116 -15.89 -11.59 5.55
CA ALA D 116 -15.37 -10.57 4.64
C ALA D 116 -15.19 -10.89 3.14
N ILE D 117 -14.97 -12.15 2.82
CA ILE D 117 -14.71 -12.50 1.46
C ILE D 117 -15.79 -13.40 1.06
N GLY D 118 -16.16 -13.28 -0.19
CA GLY D 118 -17.24 -14.08 -0.67
C GLY D 118 -18.02 -13.25 -1.63
N ASP D 119 -19.10 -13.79 -2.12
CA ASP D 119 -19.93 -13.05 -3.02
C ASP D 119 -21.06 -12.48 -2.23
N SER D 120 -21.36 -13.09 -1.12
CA SER D 120 -22.44 -12.65 -0.31
C SER D 120 -22.04 -11.52 0.56
N GLY D 121 -21.23 -10.62 0.06
CA GLY D 121 -20.88 -9.45 0.85
C GLY D 121 -20.06 -9.79 2.08
N SER D 122 -20.27 -9.07 3.17
CA SER D 122 -19.40 -9.03 4.34
C SER D 122 -20.21 -8.57 5.54
N GLU D 123 -19.70 -8.72 6.75
CA GLU D 123 -20.35 -8.33 7.99
C GLU D 123 -19.29 -7.91 9.00
N ARG D 124 -19.33 -6.66 9.44
CA ARG D 124 -18.49 -6.10 10.49
C ARG D 124 -18.74 -6.74 11.84
N SER D 125 -17.69 -6.99 12.59
CA SER D 125 -17.81 -7.51 13.94
C SER D 125 -18.68 -6.63 14.83
N LYS D 126 -19.46 -7.27 15.69
CA LYS D 126 -20.17 -6.68 16.82
C LYS D 126 -19.36 -6.76 18.10
N VAL D 127 -18.32 -7.59 18.17
CA VAL D 127 -17.37 -7.59 19.28
C VAL D 127 -16.07 -6.91 18.88
N TYR D 128 -15.74 -5.87 19.63
CA TYR D 128 -14.71 -4.85 19.43
C TYR D 128 -13.62 -4.98 20.48
N SER D 129 -12.38 -5.14 20.03
CA SER D 129 -11.17 -5.13 20.86
C SER D 129 -10.28 -3.93 20.55
N ASP D 130 -9.17 -3.80 21.24
CA ASP D 130 -7.98 -3.13 20.75
C ASP D 130 -6.75 -3.79 21.36
N SER D 131 -5.56 -3.46 20.88
CA SER D 131 -4.29 -3.97 21.35
C SER D 131 -4.11 -3.68 22.84
N ALA D 132 -3.64 -4.65 23.62
CA ALA D 132 -3.51 -4.54 25.07
C ALA D 132 -2.06 -4.57 25.50
N PHE D 133 -1.73 -3.83 26.55
CA PHE D 133 -0.36 -3.49 26.91
C PHE D 133 0.03 -4.04 28.27
N SER D 134 1.27 -4.50 28.42
CA SER D 134 1.78 -4.93 29.72
C SER D 134 1.76 -3.77 30.69
N LEU D 135 1.29 -4.01 31.91
CA LEU D 135 1.28 -3.00 32.96
C LEU D 135 2.70 -2.63 33.37
N GLY D 136 3.63 -3.58 33.28
CA GLY D 136 5.05 -3.41 33.55
C GLY D 136 5.88 -3.10 32.33
N ALA D 137 7.13 -2.70 32.58
CA ALA D 137 8.11 -2.43 31.56
C ALA D 137 8.61 -3.74 30.95
N TYR D 138 8.96 -3.71 29.68
CA TYR D 138 9.44 -4.86 28.93
C TYR D 138 10.69 -5.48 29.54
N GLU D 139 11.63 -4.69 30.03
CA GLU D 139 12.86 -5.21 30.64
C GLU D 139 12.66 -6.16 31.80
N GLN D 140 11.52 -6.04 32.48
CA GLN D 140 11.20 -6.73 33.72
C GLN D 140 10.04 -7.73 33.53
N SER D 141 9.64 -7.98 32.28
CA SER D 141 8.54 -8.85 31.88
C SER D 141 8.88 -9.88 30.80
N HIS D 142 10.14 -10.02 30.37
CA HIS D 142 10.53 -11.01 29.36
C HIS D 142 11.83 -11.75 29.72
N ARG D 143 12.06 -12.91 29.08
CA ARG D 143 13.34 -13.62 29.07
C ARG D 143 13.49 -14.43 27.79
N SER D 144 14.71 -14.51 27.26
CA SER D 144 15.00 -15.28 26.05
C SER D 144 15.58 -16.63 26.44
N PHE D 145 15.02 -17.68 25.87
CA PHE D 145 15.40 -19.06 26.15
C PHE D 145 16.01 -19.69 24.89
N THR D 146 17.15 -20.36 25.01
CA THR D 146 17.65 -21.20 23.93
C THR D 146 16.75 -22.42 23.76
N PHE D 147 16.53 -22.84 22.52
CA PHE D 147 15.98 -24.12 22.14
C PHE D 147 16.89 -24.86 21.15
N ASN D 148 16.96 -26.17 21.26
CA ASN D 148 17.59 -27.03 20.28
C ASN D 148 16.68 -28.17 19.80
N ALA D 149 16.99 -28.76 18.64
CA ALA D 149 16.21 -29.86 18.07
C ALA D 149 17.13 -30.97 17.52
N PRO D 150 17.76 -31.77 18.39
CA PRO D 150 18.70 -32.81 18.00
C PRO D 150 18.07 -33.98 17.25
N PHE D 151 18.92 -34.92 16.86
CA PHE D 151 18.52 -36.22 16.33
C PHE D 151 18.07 -37.14 17.46
N GLU D 152 17.21 -38.13 17.19
CA GLU D 152 16.73 -39.08 18.21
C GLU D 152 17.84 -39.88 18.91
N GLY D 153 19.03 -39.96 18.30
CA GLY D 153 20.25 -40.50 18.90
C GLY D 153 20.76 -39.73 20.12
N GLY D 154 20.09 -38.65 20.53
CA GLY D 154 20.46 -37.82 21.67
C GLY D 154 21.68 -36.99 21.43
N THR D 155 21.83 -36.46 20.22
CA THR D 155 23.03 -35.76 19.76
C THR D 155 22.68 -34.82 18.63
N MET D 156 23.55 -33.84 18.38
CA MET D 156 23.40 -32.95 17.22
C MET D 156 24.15 -33.43 15.99
N SER D 157 24.61 -34.68 15.94
CA SER D 157 25.20 -35.28 14.75
C SER D 157 24.61 -36.64 14.36
N GLU D 158 24.39 -36.87 13.07
CA GLU D 158 23.81 -38.10 12.53
C GLU D 158 24.73 -38.82 11.52
N ALA D 159 25.59 -38.08 10.84
CA ALA D 159 26.64 -38.56 9.95
C ALA D 159 28.02 -38.02 10.39
N GLY D 160 28.09 -37.53 11.63
CA GLY D 160 29.22 -36.79 12.20
C GLY D 160 29.25 -35.31 11.84
N VAL D 161 28.36 -34.83 10.97
CA VAL D 161 28.15 -33.40 10.72
C VAL D 161 27.16 -32.85 11.74
N MET D 162 27.20 -31.55 12.00
CA MET D 162 26.29 -30.92 12.96
C MET D 162 24.94 -30.57 12.33
N ARG D 163 23.85 -30.71 13.08
CA ARG D 163 22.49 -30.59 12.51
C ARG D 163 22.02 -29.14 12.36
N SER D 164 22.61 -28.20 13.11
CA SER D 164 22.34 -26.75 13.05
C SER D 164 20.91 -26.31 13.40
N ALA D 165 20.16 -27.14 14.13
CA ALA D 165 18.89 -26.77 14.75
C ALA D 165 19.07 -26.19 16.17
N ILE D 166 19.60 -24.97 16.26
CA ILE D 166 19.74 -24.18 17.50
C ILE D 166 19.18 -22.80 17.21
N ASN D 167 18.39 -22.25 18.11
CA ASN D 167 18.13 -20.82 18.14
C ASN D 167 17.68 -20.39 19.54
N GLU D 168 17.49 -19.10 19.78
CA GLU D 168 16.83 -18.60 20.99
C GLU D 168 15.59 -17.77 20.65
N LEU D 169 14.61 -17.78 21.55
CA LEU D 169 13.31 -17.15 21.37
C LEU D 169 12.92 -16.36 22.61
N ASP D 170 12.37 -15.17 22.39
CA ASP D 170 11.95 -14.23 23.43
C ASP D 170 10.54 -14.58 23.95
N HIS D 171 10.42 -14.85 25.25
CA HIS D 171 9.18 -15.23 25.94
C HIS D 171 8.79 -14.20 27.00
N ILE D 172 7.50 -13.92 27.11
CA ILE D 172 6.94 -13.11 28.19
C ILE D 172 6.92 -13.98 29.45
N LEU D 173 7.21 -13.40 30.61
CA LEU D 173 7.22 -14.11 31.89
C LEU D 173 5.81 -14.34 32.46
N PRO D 174 5.62 -15.29 33.39
CA PRO D 174 4.40 -15.40 34.17
C PRO D 174 4.22 -14.23 35.14
N GLU D 175 2.98 -14.04 35.58
CA GLU D 175 2.51 -12.93 36.44
C GLU D 175 2.69 -11.53 35.83
N VAL D 176 2.96 -11.45 34.53
CA VAL D 176 2.83 -10.23 33.72
C VAL D 176 1.35 -10.01 33.41
N THR D 177 0.85 -8.80 33.58
CA THR D 177 -0.58 -8.47 33.43
C THR D 177 -0.83 -7.52 32.29
N PHE D 178 -1.73 -7.89 31.39
CA PHE D 178 -2.26 -7.01 30.35
C PHE D 178 -3.70 -6.59 30.68
N PRO D 179 -3.97 -5.33 31.10
CA PRO D 179 -5.32 -4.83 31.27
C PRO D 179 -6.00 -4.62 29.92
N THR D 180 -7.25 -5.06 29.80
CA THR D 180 -7.97 -5.13 28.53
C THR D 180 -9.43 -4.72 28.69
N VAL D 181 -10.01 -4.09 27.68
CA VAL D 181 -11.45 -3.99 27.46
C VAL D 181 -11.83 -4.59 26.12
N GLU D 182 -12.69 -5.61 26.10
CA GLU D 182 -13.54 -5.93 24.95
C GLU D 182 -14.95 -5.46 25.14
N SER D 183 -15.53 -4.99 24.05
CA SER D 183 -16.82 -4.33 24.02
C SER D 183 -17.69 -5.00 22.97
N LEU D 184 -18.99 -5.06 23.19
CA LEU D 184 -19.96 -5.74 22.34
C LEU D 184 -21.10 -4.79 21.99
N ARG D 185 -21.44 -4.67 20.71
CA ARG D 185 -22.47 -3.74 20.18
C ARG D 185 -23.78 -4.44 19.86
N ASP D 186 -24.90 -3.97 20.41
CA ASP D 186 -26.20 -4.49 20.05
C ASP D 186 -26.39 -5.96 19.90
N ALA D 187 -25.96 -6.70 20.90
CA ALA D 187 -26.20 -8.12 20.96
C ALA D 187 -27.52 -8.43 21.68
N THR D 188 -27.97 -9.67 21.55
CA THR D 188 -29.03 -10.26 22.35
C THR D 188 -28.46 -10.82 23.65
N TYR D 189 -29.32 -11.17 24.60
CA TYR D 189 -28.88 -11.80 25.83
C TYR D 189 -28.10 -13.10 25.61
N GLU D 190 -28.50 -13.92 24.65
CA GLU D 190 -27.80 -15.17 24.37
C GLU D 190 -26.44 -14.90 23.73
N GLY D 191 -26.32 -13.88 22.89
CA GLY D 191 -25.05 -13.45 22.31
C GLY D 191 -24.06 -12.93 23.36
N PHE D 192 -24.56 -12.24 24.38
CA PHE D 192 -23.77 -11.86 25.55
C PHE D 192 -23.24 -13.08 26.26
N ILE D 193 -24.07 -14.09 26.54
CA ILE D 193 -23.58 -15.34 27.13
C ILE D 193 -22.61 -16.09 26.21
N TYR D 194 -22.68 -15.96 24.89
CA TYR D 194 -21.71 -16.58 24.00
C TYR D 194 -20.34 -15.92 24.11
N VAL D 195 -20.25 -14.59 23.93
CA VAL D 195 -18.94 -13.93 23.99
C VAL D 195 -18.37 -13.89 25.40
N LEU D 196 -19.18 -13.67 26.44
CA LEU D 196 -18.70 -13.77 27.82
C LEU D 196 -18.21 -15.18 28.13
N GLY D 197 -18.95 -16.18 27.66
CA GLY D 197 -18.51 -17.55 27.72
C GLY D 197 -17.13 -17.74 27.13
N ASN D 198 -16.87 -17.22 25.94
CA ASN D 198 -15.55 -17.28 25.33
C ASN D 198 -14.45 -16.61 26.18
N LEU D 199 -14.65 -15.40 26.69
CA LEU D 199 -13.69 -14.73 27.60
C LEU D 199 -13.30 -15.59 28.79
N LEU D 200 -14.26 -16.28 29.39
CA LEU D 200 -14.05 -17.13 30.56
C LEU D 200 -13.48 -18.52 30.22
N ARG D 201 -13.87 -19.12 29.09
CA ARG D 201 -13.62 -20.53 28.82
C ARG D 201 -12.37 -20.79 27.98
N THR D 202 -11.95 -19.83 27.18
CA THR D 202 -10.68 -19.88 26.42
C THR D 202 -9.50 -19.55 27.30
N LYS D 203 -8.42 -20.33 27.29
CA LYS D 203 -7.27 -20.11 28.18
C LYS D 203 -5.97 -19.81 27.47
N ARG D 204 -5.73 -20.27 26.23
CA ARG D 204 -4.42 -20.20 25.55
C ARG D 204 -4.34 -19.11 24.49
N TYR D 205 -3.31 -18.31 24.51
CA TYR D 205 -3.12 -17.12 23.68
C TYR D 205 -1.77 -17.07 23.00
N GLY D 206 -1.71 -16.36 21.87
CA GLY D 206 -0.46 -16.15 21.15
C GLY D 206 0.12 -17.39 20.46
N ALA D 207 1.41 -17.33 20.13
CA ALA D 207 2.10 -18.39 19.45
C ALA D 207 2.25 -19.64 20.30
N GLN D 208 2.47 -20.76 19.64
CA GLN D 208 2.84 -22.05 20.17
C GLN D 208 1.92 -22.57 21.28
N GLU D 209 0.63 -22.53 20.97
CA GLU D 209 -0.47 -22.85 21.87
C GLU D 209 -0.31 -24.20 22.56
N SER D 210 0.15 -25.19 21.81
CA SER D 210 0.38 -26.58 22.21
C SER D 210 1.43 -26.76 23.31
N ARG D 211 2.18 -25.70 23.63
CA ARG D 211 3.27 -25.70 24.62
C ARG D 211 3.33 -24.51 25.57
N THR D 212 2.73 -23.37 25.24
CA THR D 212 2.78 -22.16 26.09
C THR D 212 1.59 -21.24 25.86
N GLY D 213 1.43 -20.26 26.75
CA GLY D 213 0.50 -19.14 26.57
C GLY D 213 -0.82 -19.29 27.30
N THR D 214 -0.91 -20.18 28.29
CA THR D 214 -2.06 -20.23 29.18
C THR D 214 -2.16 -18.97 30.00
N MET D 215 -3.33 -18.35 30.05
CA MET D 215 -3.62 -17.09 30.73
C MET D 215 -4.86 -17.17 31.60
N LYS D 216 -4.79 -16.45 32.72
CA LYS D 216 -5.86 -16.23 33.69
C LYS D 216 -6.51 -14.89 33.41
N ASN D 217 -7.58 -14.91 32.63
CA ASN D 217 -8.47 -13.77 32.49
C ASN D 217 -9.31 -13.60 33.77
N HIS D 218 -8.99 -12.59 34.57
CA HIS D 218 -9.85 -12.12 35.65
C HIS D 218 -10.72 -10.99 35.13
N LEU D 219 -12.01 -11.26 34.95
CA LEU D 219 -12.97 -10.22 34.65
C LEU D 219 -13.14 -9.33 35.88
N VAL D 220 -12.96 -8.03 35.69
CA VAL D 220 -12.94 -6.99 36.74
C VAL D 220 -14.25 -6.23 36.81
N GLY D 221 -14.91 -6.04 35.68
CA GLY D 221 -16.20 -5.38 35.61
C GLY D 221 -16.93 -5.70 34.34
N ILE D 222 -18.25 -5.42 34.28
CA ILE D 222 -19.03 -5.54 33.05
C ILE D 222 -19.82 -4.24 33.13
N VAL D 223 -19.72 -3.33 32.17
CA VAL D 223 -20.40 -2.03 32.22
C VAL D 223 -21.30 -1.82 31.02
N PHE D 224 -22.59 -1.65 31.20
CA PHE D 224 -23.54 -1.41 30.11
C PHE D 224 -23.58 0.09 29.86
N ALA D 225 -23.42 0.58 28.63
CA ALA D 225 -23.28 2.00 28.36
C ALA D 225 -23.76 2.43 26.98
N ASP D 226 -24.01 3.73 26.90
CA ASP D 226 -24.44 4.49 25.73
C ASP D 226 -23.32 4.74 24.69
N GLY D 227 -22.08 4.43 25.03
CA GLY D 227 -20.95 4.54 24.12
C GLY D 227 -19.74 3.81 24.66
N GLU D 228 -18.63 3.91 23.96
CA GLU D 228 -17.39 3.29 24.37
C GLU D 228 -16.59 4.07 25.40
N ILE D 229 -16.08 3.35 26.38
CA ILE D 229 -15.31 3.86 27.50
C ILE D 229 -13.83 4.00 27.10
N PHE D 230 -12.93 4.07 28.07
CA PHE D 230 -11.48 4.28 27.89
C PHE D 230 -10.80 3.20 27.06
N SER D 231 -9.67 3.56 26.45
CA SER D 231 -8.80 2.63 25.74
C SER D 231 -8.06 1.69 26.70
N ASN D 232 -7.52 0.60 26.16
CA ASN D 232 -6.62 -0.28 26.90
C ASN D 232 -5.39 0.46 27.42
N LEU D 233 -4.80 1.35 26.63
CA LEU D 233 -3.59 2.06 27.04
C LEU D 233 -3.93 3.01 28.17
N HIS D 234 -5.09 3.66 28.13
CA HIS D 234 -5.51 4.60 29.16
C HIS D 234 -5.77 3.89 30.48
N LEU D 235 -6.32 2.68 30.44
CA LEU D 235 -6.51 1.85 31.63
C LEU D 235 -5.19 1.34 32.20
N THR D 236 -4.24 0.92 31.35
CA THR D 236 -2.90 0.53 31.81
C THR D 236 -2.18 1.70 32.44
N GLN D 237 -2.24 2.89 31.84
CA GLN D 237 -1.55 4.08 32.37
C GLN D 237 -2.21 4.48 33.70
N ALA D 238 -3.54 4.50 33.78
CA ALA D 238 -4.23 4.81 35.01
C ALA D 238 -3.94 3.80 36.12
N LEU D 239 -3.84 2.52 35.80
CA LEU D 239 -3.60 1.47 36.76
C LEU D 239 -2.15 1.44 37.25
N TYR D 240 -1.17 1.77 36.41
CA TYR D 240 0.22 1.95 36.83
C TYR D 240 0.39 3.18 37.70
N ASP D 241 -0.36 4.24 37.38
CA ASP D 241 -0.41 5.45 38.16
C ASP D 241 -0.92 5.16 39.58
N GLN D 242 -2.09 4.52 39.70
CA GLN D 242 -2.69 4.18 40.98
C GLN D 242 -1.86 3.15 41.75
N MET D 243 -1.26 2.18 41.08
CA MET D 243 -0.34 1.21 41.69
C MET D 243 1.02 1.82 42.04
N GLY D 244 1.21 3.13 41.85
CA GLY D 244 2.37 3.85 42.35
C GLY D 244 3.71 3.51 41.70
N GLY D 245 3.71 2.86 40.53
CA GLY D 245 4.91 2.41 39.84
C GLY D 245 5.62 1.24 40.53
N GLU D 246 4.92 0.55 41.42
CA GLU D 246 5.42 -0.61 42.16
C GLU D 246 4.48 -1.79 41.91
N LEU D 247 4.42 -2.20 40.64
CA LEU D 247 3.49 -3.23 40.15
C LEU D 247 3.70 -4.63 40.76
N ASN D 248 4.85 -4.85 41.40
CA ASN D 248 5.26 -6.13 41.97
C ASN D 248 4.52 -6.43 43.28
N LYS D 249 3.20 -6.66 43.16
CA LYS D 249 2.20 -6.84 44.22
C LYS D 249 1.15 -7.90 43.84
N PRO D 250 0.47 -8.53 44.83
CA PRO D 250 -0.34 -9.73 44.62
C PRO D 250 -1.42 -9.60 43.55
N ILE D 251 -1.81 -10.72 42.94
CA ILE D 251 -2.77 -10.76 41.83
C ILE D 251 -4.18 -10.32 42.25
N SER D 252 -4.65 -10.71 43.43
CA SER D 252 -5.92 -10.24 43.98
C SER D 252 -5.94 -8.74 44.28
N GLU D 253 -4.83 -8.18 44.77
CA GLU D 253 -4.67 -6.75 45.06
C GLU D 253 -4.71 -5.93 43.77
N LEU D 254 -4.07 -6.45 42.72
CA LEU D 254 -4.06 -5.86 41.40
C LEU D 254 -5.46 -5.88 40.77
N CYS D 255 -6.22 -6.95 40.94
CA CYS D 255 -7.64 -7.02 40.56
C CYS D 255 -8.52 -6.03 41.34
N GLU D 256 -8.40 -5.92 42.67
CA GLU D 256 -9.17 -4.92 43.44
C GLU D 256 -8.75 -3.48 43.10
N THR D 257 -7.48 -3.23 42.79
CA THR D 257 -7.06 -1.91 42.33
C THR D 257 -7.66 -1.63 40.97
N ALA D 258 -7.72 -2.60 40.07
CA ALA D 258 -8.36 -2.43 38.78
C ALA D 258 -9.86 -2.17 38.91
N ALA D 259 -10.58 -2.82 39.82
CA ALA D 259 -11.99 -2.50 40.06
C ALA D 259 -12.18 -1.06 40.51
N THR D 260 -11.27 -0.58 41.37
CA THR D 260 -11.28 0.78 41.92
C THR D 260 -10.89 1.84 40.90
N VAL D 261 -9.92 1.58 40.03
CA VAL D 261 -9.53 2.46 38.93
C VAL D 261 -10.61 2.50 37.86
N ALA D 262 -11.19 1.36 37.50
CA ALA D 262 -12.22 1.30 36.46
C ALA D 262 -13.41 2.18 36.84
N GLN D 263 -13.88 2.10 38.08
CA GLN D 263 -14.97 2.93 38.55
C GLN D 263 -14.57 4.40 38.64
N ASP D 264 -13.34 4.72 39.02
CA ASP D 264 -12.85 6.09 39.03
C ASP D 264 -12.83 6.70 37.61
N LEU D 265 -12.42 5.95 36.60
CA LEU D 265 -12.36 6.40 35.21
C LEU D 265 -13.75 6.52 34.60
N LEU D 266 -14.66 5.59 34.87
CA LEU D 266 -16.01 5.58 34.30
C LEU D 266 -16.77 6.87 34.61
N ASN D 267 -16.53 7.47 35.77
CA ASN D 267 -17.17 8.70 36.21
C ASN D 267 -16.76 9.93 35.38
N LYS D 268 -15.74 9.83 34.52
CA LYS D 268 -15.20 10.89 33.67
C LYS D 268 -15.52 10.74 32.19
N GLU D 269 -16.31 9.75 31.81
CA GLU D 269 -16.69 9.45 30.43
C GLU D 269 -18.07 10.04 30.10
N PRO D 270 -18.24 10.73 28.97
CA PRO D 270 -19.51 11.28 28.54
C PRO D 270 -20.44 10.22 27.95
N VAL D 271 -20.74 9.18 28.72
CA VAL D 271 -21.68 8.13 28.37
C VAL D 271 -22.61 7.84 29.53
N ARG D 272 -23.91 7.68 29.26
CA ARG D 272 -24.84 7.08 30.23
C ARG D 272 -24.37 5.67 30.50
N LYS D 273 -24.58 5.21 31.73
CA LYS D 273 -24.10 3.94 32.14
C LYS D 273 -25.24 3.34 32.88
N SER D 274 -25.96 2.45 32.25
CA SER D 274 -27.11 1.87 32.87
C SER D 274 -26.81 0.95 33.98
N GLU D 275 -25.90 0.00 33.77
CA GLU D 275 -25.59 -0.99 34.78
C GLU D 275 -24.12 -1.15 34.88
N LEU D 276 -23.59 -1.26 36.09
CA LEU D 276 -22.18 -1.36 36.31
C LEU D 276 -22.08 -2.55 37.21
N ILE D 277 -21.49 -3.65 36.75
CA ILE D 277 -21.43 -4.89 37.51
C ILE D 277 -20.01 -5.03 38.05
N PHE D 278 -19.76 -4.76 39.33
CA PHE D 278 -18.46 -4.85 39.99
C PHE D 278 -18.62 -5.52 41.35
N GLY D 279 -17.54 -6.01 41.95
CA GLY D 279 -17.57 -6.59 43.29
C GLY D 279 -18.42 -7.86 43.37
N ALA D 280 -19.21 -7.95 44.44
CA ALA D 280 -20.09 -9.08 44.73
C ALA D 280 -21.14 -9.35 43.65
N HIS D 281 -21.60 -8.31 42.95
CA HIS D 281 -22.50 -8.51 41.82
C HIS D 281 -21.82 -9.20 40.65
N LEU D 282 -20.54 -8.94 40.43
CA LEU D 282 -19.81 -9.63 39.37
C LEU D 282 -19.47 -11.06 39.78
N ASP D 283 -19.11 -11.30 41.05
CA ASP D 283 -18.76 -12.64 41.51
C ASP D 283 -19.98 -13.59 41.48
N THR D 284 -21.18 -13.04 41.76
CA THR D 284 -22.45 -13.76 41.63
C THR D 284 -22.87 -13.91 40.18
N LEU D 285 -22.71 -12.90 39.32
CA LEU D 285 -23.04 -13.03 37.91
C LEU D 285 -22.18 -14.08 37.24
N LEU D 286 -20.88 -14.03 37.48
CA LEU D 286 -19.96 -15.00 36.94
C LEU D 286 -20.35 -16.40 37.37
N GLN D 287 -20.74 -16.61 38.63
CA GLN D 287 -21.07 -17.94 39.10
C GLN D 287 -22.31 -18.52 38.39
N GLU D 288 -23.37 -17.75 38.17
CA GLU D 288 -24.50 -18.23 37.37
C GLU D 288 -24.29 -18.34 35.85
N VAL D 289 -23.31 -17.63 35.27
CA VAL D 289 -22.89 -17.86 33.88
C VAL D 289 -22.02 -19.12 33.79
N ASN D 290 -21.17 -19.33 34.78
CA ASN D 290 -20.39 -20.54 34.98
C ASN D 290 -21.30 -21.76 35.17
N ASP D 291 -22.43 -21.61 35.86
CA ASP D 291 -23.52 -22.60 35.90
C ASP D 291 -24.18 -22.89 34.53
N ILE D 292 -24.48 -21.88 33.71
CA ILE D 292 -25.00 -22.10 32.34
C ILE D 292 -24.04 -22.97 31.55
N TYR D 293 -22.77 -22.60 31.51
CA TYR D 293 -21.76 -23.35 30.76
C TYR D 293 -21.43 -24.73 31.33
N GLN D 294 -21.82 -25.06 32.56
CA GLN D 294 -21.69 -26.41 33.13
C GLN D 294 -22.91 -27.32 32.97
N ASN D 295 -24.10 -26.79 32.64
CA ASN D 295 -25.31 -27.59 32.43
C ASN D 295 -25.62 -27.75 30.95
N ASP D 296 -25.57 -28.99 30.46
CA ASP D 296 -25.65 -29.34 29.05
C ASP D 296 -26.99 -28.91 28.43
N ALA D 297 -28.10 -29.07 29.16
CA ALA D 297 -29.44 -28.66 28.73
C ALA D 297 -29.60 -27.14 28.59
N GLU D 298 -29.11 -26.36 29.55
CA GLU D 298 -29.21 -24.89 29.45
C GLU D 298 -28.33 -24.35 28.34
N LEU D 299 -27.09 -24.82 28.24
CA LEU D 299 -26.17 -24.34 27.22
C LEU D 299 -26.66 -24.70 25.81
N THR D 300 -27.20 -25.90 25.62
CA THR D 300 -27.78 -26.29 24.34
C THR D 300 -29.04 -25.50 24.00
N LYS D 301 -29.91 -25.21 24.97
CA LYS D 301 -31.05 -24.31 24.75
C LYS D 301 -30.60 -22.90 24.38
N LEU D 302 -29.71 -22.27 25.16
CA LEU D 302 -29.28 -20.88 24.95
C LEU D 302 -28.54 -20.69 23.64
N LEU D 303 -27.59 -21.57 23.32
CA LEU D 303 -26.87 -21.46 22.06
C LEU D 303 -27.68 -21.94 20.86
N GLY D 304 -28.70 -22.76 21.07
CA GLY D 304 -29.54 -23.11 19.96
C GLY D 304 -30.30 -21.88 19.58
N SER D 305 -30.71 -21.11 20.58
CA SER D 305 -31.47 -19.92 20.33
C SER D 305 -30.69 -18.88 19.63
N LEU D 306 -29.41 -18.74 19.97
CA LEU D 306 -28.56 -17.77 19.32
C LEU D 306 -28.40 -18.11 17.89
N TYR D 307 -28.42 -19.38 17.56
CA TYR D 307 -28.31 -19.79 16.19
C TYR D 307 -29.46 -19.27 15.42
N GLN D 308 -30.65 -19.36 15.97
CA GLN D 308 -31.80 -18.96 15.24
C GLN D 308 -31.82 -17.50 15.15
N GLN D 309 -31.32 -16.84 16.16
CA GLN D 309 -31.35 -15.41 16.17
C GLN D 309 -30.47 -14.93 15.09
N THR D 310 -29.38 -15.63 14.85
CA THR D 310 -28.47 -15.26 13.81
C THR D 310 -28.83 -15.75 12.45
N GLN D 311 -29.65 -16.77 12.33
CA GLN D 311 -30.14 -17.19 11.02
C GLN D 311 -31.20 -16.24 10.62
N ASP D 312 -31.88 -15.66 11.58
CA ASP D 312 -32.91 -14.70 11.31
C ASP D 312 -32.30 -13.41 10.89
N TYR D 313 -31.20 -13.04 11.49
CA TYR D 313 -30.51 -11.85 11.12
C TYR D 313 -30.03 -12.03 9.75
N ALA D 314 -29.45 -13.16 9.42
CA ALA D 314 -28.87 -13.41 8.12
C ALA D 314 -29.91 -13.35 7.00
N THR D 315 -31.07 -13.96 7.23
CA THR D 315 -32.17 -14.02 6.27
C THR D 315 -33.01 -12.75 6.19
N GLU D 316 -32.97 -11.87 7.20
CA GLU D 316 -33.74 -10.62 7.21
C GLU D 316 -32.90 -9.39 6.83
N PHE D 317 -31.63 -9.35 7.23
CA PHE D 317 -30.76 -8.20 7.08
C PHE D 317 -29.38 -8.52 6.50
N GLY D 318 -28.87 -9.72 6.69
CA GLY D 318 -27.52 -10.14 6.31
C GLY D 318 -27.41 -10.61 4.86
N ALA D 319 -26.55 -11.61 4.63
CA ALA D 319 -26.26 -12.15 3.31
C ALA D 319 -27.37 -13.00 2.66
N LEU D 320 -28.58 -13.04 3.25
CA LEU D 320 -29.70 -13.89 2.87
C LEU D 320 -29.27 -15.36 2.78
N MET E 1 -13.48 -50.72 33.36
CA MET E 1 -13.54 -49.24 33.34
C MET E 1 -13.29 -48.71 31.92
N LEU E 2 -12.20 -49.09 31.23
CA LEU E 2 -11.89 -48.64 29.85
C LEU E 2 -12.99 -48.93 28.83
N ASP E 3 -13.72 -50.01 29.03
CA ASP E 3 -14.86 -50.43 28.21
C ASP E 3 -16.03 -49.44 28.24
N SER E 4 -16.11 -48.64 29.32
CA SER E 4 -17.10 -47.58 29.39
C SER E 4 -16.56 -46.37 28.67
N LEU E 5 -15.27 -46.13 28.74
CA LEU E 5 -14.67 -44.93 28.16
C LEU E 5 -14.64 -44.87 26.63
N LYS E 6 -14.66 -46.00 25.90
CA LYS E 6 -14.75 -46.02 24.43
C LYS E 6 -15.91 -45.19 23.87
N SER E 7 -16.94 -44.91 24.65
CA SER E 7 -18.02 -44.05 24.18
C SER E 7 -17.63 -42.59 24.05
N GLN E 8 -16.78 -42.11 24.92
CA GLN E 8 -16.45 -40.69 24.95
C GLN E 8 -15.67 -40.22 23.73
N PHE E 9 -14.83 -41.05 23.15
CA PHE E 9 -13.93 -40.71 22.06
C PHE E 9 -14.59 -40.72 20.68
N GLN E 10 -13.88 -40.19 19.69
CA GLN E 10 -14.39 -40.17 18.34
C GLN E 10 -14.06 -41.54 17.72
N PRO E 11 -14.75 -41.95 16.63
CA PRO E 11 -14.44 -43.20 15.94
C PRO E 11 -13.30 -43.07 14.93
N SER E 12 -12.95 -41.85 14.50
CA SER E 12 -11.75 -41.53 13.72
C SER E 12 -11.44 -40.03 13.84
N PHE E 13 -10.19 -39.63 13.59
CA PHE E 13 -9.73 -38.25 13.80
C PHE E 13 -10.46 -37.23 12.90
N PRO E 14 -11.03 -36.15 13.50
CA PRO E 14 -11.74 -35.19 12.68
C PRO E 14 -10.96 -34.04 12.07
N ARG E 15 -11.56 -33.39 11.08
CA ARG E 15 -10.91 -32.26 10.39
C ARG E 15 -10.53 -31.12 11.34
N LEU E 16 -11.46 -30.69 12.19
CA LEU E 16 -11.22 -29.65 13.16
C LEU E 16 -11.75 -30.27 14.43
N ALA E 17 -11.29 -29.81 15.59
CA ALA E 17 -11.68 -30.40 16.86
C ALA E 17 -13.08 -30.05 17.24
N SER E 18 -13.71 -30.86 18.08
CA SER E 18 -15.08 -30.64 18.47
C SER E 18 -15.22 -30.63 19.94
N GLY E 19 -14.25 -30.09 20.65
CA GLY E 19 -14.38 -29.93 22.06
C GLY E 19 -14.10 -31.08 22.94
N HIS E 20 -13.93 -32.27 22.40
CA HIS E 20 -13.79 -33.43 23.22
C HIS E 20 -12.37 -33.48 23.71
N TYR E 21 -12.10 -32.84 24.86
CA TYR E 21 -10.77 -32.84 25.47
C TYR E 21 -10.68 -33.80 26.66
N VAL E 22 -9.65 -34.63 26.68
CA VAL E 22 -9.26 -35.41 27.86
C VAL E 22 -8.02 -34.78 28.49
N HIS E 23 -7.96 -34.67 29.81
CA HIS E 23 -6.88 -34.03 30.56
C HIS E 23 -6.29 -34.98 31.58
N PHE E 24 -4.99 -34.92 31.75
CA PHE E 24 -4.27 -35.79 32.66
C PHE E 24 -3.67 -34.89 33.74
N LEU E 25 -4.17 -35.01 34.96
CA LEU E 25 -3.71 -34.25 36.10
C LEU E 25 -2.64 -35.09 36.77
N MET E 26 -1.42 -34.59 36.83
CA MET E 26 -0.27 -35.30 37.37
C MET E 26 0.48 -34.48 38.39
N LEU E 27 1.07 -35.17 39.35
CA LEU E 27 2.25 -34.69 40.04
C LEU E 27 3.47 -35.42 39.47
N ARG E 28 4.45 -34.67 38.96
CA ARG E 28 5.75 -35.24 38.59
C ARG E 28 6.71 -35.05 39.77
N HIS E 29 7.11 -36.14 40.40
CA HIS E 29 8.02 -36.16 41.54
C HIS E 29 9.42 -36.52 41.08
N SER E 30 10.41 -35.69 41.40
CA SER E 30 11.80 -35.98 41.07
C SER E 30 12.28 -37.17 41.89
N GLN E 31 12.89 -38.14 41.21
CA GLN E 31 13.43 -39.33 41.85
C GLN E 31 14.95 -39.33 41.91
N SER E 32 15.64 -38.68 40.98
CA SER E 32 17.10 -38.55 41.02
C SER E 32 17.58 -37.32 40.24
N PHE E 33 18.34 -36.50 40.95
CA PHE E 33 18.73 -35.12 40.71
C PHE E 33 18.66 -34.58 39.28
N PRO E 34 17.47 -34.12 38.83
CA PRO E 34 17.26 -33.56 37.51
C PRO E 34 18.03 -32.28 37.23
N VAL E 35 18.33 -32.03 35.96
CA VAL E 35 18.69 -30.72 35.43
C VAL E 35 17.67 -30.22 34.41
N PHE E 36 17.03 -29.09 34.68
CA PHE E 36 16.12 -28.41 33.74
C PHE E 36 16.66 -27.04 33.40
N GLN E 37 17.40 -26.96 32.29
CA GLN E 37 18.14 -25.77 31.91
C GLN E 37 17.92 -25.47 30.44
N THR E 38 18.14 -24.22 30.06
CA THR E 38 18.18 -23.77 28.66
C THR E 38 19.43 -22.93 28.38
N ASP E 39 20.03 -22.35 29.41
CA ASP E 39 21.11 -21.36 29.26
C ASP E 39 22.14 -21.49 30.40
N GLY E 40 22.49 -22.71 30.79
CA GLY E 40 23.55 -22.99 31.77
C GLY E 40 23.23 -22.73 33.25
N VAL E 41 22.00 -22.36 33.58
CA VAL E 41 21.46 -22.20 34.93
C VAL E 41 20.06 -22.80 35.00
N LEU E 42 19.61 -23.30 36.16
CA LEU E 42 18.26 -23.84 36.30
C LEU E 42 17.23 -22.76 36.00
N ASN E 43 16.18 -23.11 35.25
CA ASN E 43 15.11 -22.19 34.98
C ASN E 43 14.32 -21.96 36.27
N THR E 44 14.11 -20.70 36.63
CA THR E 44 13.35 -20.27 37.81
C THR E 44 12.52 -19.03 37.51
N THR E 45 11.44 -18.78 38.23
CA THR E 45 10.74 -17.50 38.17
C THR E 45 10.07 -17.13 39.48
N ARG E 46 9.97 -15.84 39.78
CA ARG E 46 9.20 -15.35 40.92
C ARG E 46 7.72 -15.37 40.57
N THR E 47 6.96 -15.83 41.54
CA THR E 47 5.54 -16.08 41.47
C THR E 47 4.88 -15.68 42.78
N GLN E 48 3.58 -15.46 42.74
CA GLN E 48 2.79 -15.46 43.95
C GLN E 48 2.82 -16.86 44.58
N ALA E 49 3.09 -16.90 45.89
CA ALA E 49 3.25 -18.14 46.63
C ALA E 49 2.04 -19.08 46.58
N GLY E 50 0.83 -18.57 46.85
CA GLY E 50 -0.44 -19.27 46.66
C GLY E 50 -1.60 -18.29 46.45
N LEU E 51 -2.78 -18.82 46.07
CA LEU E 51 -4.00 -18.01 45.88
C LEU E 51 -4.50 -17.30 47.16
N LEU E 52 -4.13 -17.82 48.32
CA LEU E 52 -3.97 -17.10 49.59
C LEU E 52 -2.74 -17.69 50.31
N GLU E 53 -2.31 -17.10 51.43
CA GLU E 53 -0.89 -17.16 51.84
C GLU E 53 -0.03 -16.44 50.77
N LYS E 54 -0.58 -15.33 50.28
CA LYS E 54 -0.11 -14.57 49.13
C LYS E 54 1.23 -13.87 49.33
N THR E 55 1.93 -13.71 48.22
CA THR E 55 3.09 -12.83 48.02
C THR E 55 3.07 -12.36 46.55
N ASP E 56 4.14 -11.70 46.11
CA ASP E 56 4.52 -11.65 44.68
C ASP E 56 5.99 -12.06 44.48
N GLN E 57 6.50 -12.99 45.31
CA GLN E 57 7.94 -13.10 45.60
C GLN E 57 8.53 -14.52 45.68
N LEU E 58 7.73 -15.59 45.68
CA LEU E 58 8.27 -16.96 45.80
C LEU E 58 8.87 -17.39 44.47
N SER E 59 10.20 -17.54 44.41
CA SER E 59 10.93 -18.04 43.26
C SER E 59 10.86 -19.55 43.18
N ARG E 60 10.27 -20.12 42.13
CA ARG E 60 10.10 -21.58 41.97
C ARG E 60 10.73 -22.06 40.68
N LEU E 61 11.25 -23.29 40.70
CA LEU E 61 11.88 -23.91 39.54
C LEU E 61 10.85 -24.13 38.41
N VAL E 62 11.31 -24.06 37.17
CA VAL E 62 10.49 -24.27 35.98
C VAL E 62 10.95 -25.50 35.19
N MET E 63 10.08 -26.48 35.04
CA MET E 63 10.24 -27.54 34.04
C MET E 63 9.69 -26.97 32.74
N PHE E 64 10.56 -26.32 31.97
CA PHE E 64 10.18 -25.48 30.84
C PHE E 64 9.51 -26.26 29.70
N LYS E 65 8.87 -25.56 28.76
CA LYS E 65 7.73 -26.08 27.99
C LYS E 65 7.92 -27.44 27.32
N ARG E 66 9.04 -27.62 26.61
CA ARG E 66 9.40 -28.86 25.96
C ARG E 66 9.97 -29.92 26.88
N LYS E 67 10.60 -29.55 28.00
CA LYS E 67 11.22 -30.48 28.96
C LYS E 67 10.27 -31.55 29.46
N GLN E 68 8.96 -31.34 29.41
CA GLN E 68 7.99 -32.40 29.69
C GLN E 68 7.34 -33.07 28.48
N THR E 69 7.06 -32.37 27.38
CA THR E 69 6.38 -33.01 26.23
C THR E 69 7.29 -33.90 25.39
N THR E 70 8.55 -33.53 25.17
CA THR E 70 9.46 -34.28 24.30
C THR E 70 9.94 -35.63 24.85
N PRO E 71 10.32 -35.78 26.13
CA PRO E 71 10.46 -37.08 26.76
C PRO E 71 9.23 -38.00 26.63
N GLU E 72 8.01 -37.45 26.66
CA GLU E 72 6.80 -38.27 26.49
C GLU E 72 6.80 -38.77 25.04
N ARG E 73 6.91 -37.81 24.11
CA ARG E 73 6.80 -37.96 22.67
C ARG E 73 7.70 -39.05 22.12
N LEU E 74 8.98 -38.97 22.42
CA LEU E 74 10.00 -39.92 21.95
C LEU E 74 9.86 -41.33 22.54
N ALA E 75 9.29 -41.51 23.73
CA ALA E 75 9.03 -42.85 24.22
C ALA E 75 7.97 -43.57 23.36
N GLY E 76 7.07 -42.81 22.75
CA GLY E 76 6.08 -43.31 21.81
C GLY E 76 6.73 -43.82 20.54
N ARG E 77 7.60 -43.02 19.92
CA ARG E 77 8.32 -43.41 18.69
C ARG E 77 9.15 -44.65 18.86
N GLU E 78 9.66 -44.88 20.06
CA GLU E 78 10.45 -46.08 20.33
C GLU E 78 9.56 -47.29 20.38
N LEU E 79 8.40 -47.17 20.99
CA LEU E 79 7.44 -48.27 21.00
C LEU E 79 6.87 -48.58 19.61
N LEU E 80 6.62 -47.56 18.78
CA LEU E 80 6.20 -47.78 17.39
C LEU E 80 7.27 -48.52 16.59
N ARG E 81 8.53 -48.33 16.92
CA ARG E 81 9.58 -49.09 16.28
C ARG E 81 9.77 -50.47 16.87
N ASN E 82 9.49 -50.68 18.15
CA ASN E 82 9.56 -52.03 18.73
C ASN E 82 8.46 -52.85 18.12
N LEU E 83 7.27 -52.30 18.00
CA LEU E 83 6.13 -53.05 17.48
C LEU E 83 6.19 -53.23 15.95
N GLY E 84 7.20 -52.68 15.28
CA GLY E 84 7.42 -52.82 13.86
C GLY E 84 6.45 -52.03 12.98
N LEU E 85 5.81 -51.01 13.56
CA LEU E 85 4.88 -50.12 12.87
C LEU E 85 5.63 -49.10 12.01
N THR E 86 6.78 -48.65 12.47
CA THR E 86 7.66 -47.65 11.85
C THR E 86 9.11 -48.17 11.82
N SER E 87 10.01 -47.56 11.05
CA SER E 87 11.42 -47.97 11.06
C SER E 87 12.39 -46.78 11.06
N ALA E 88 13.62 -47.06 11.48
CA ALA E 88 14.70 -46.08 11.67
C ALA E 88 15.66 -45.95 10.48
N ASP E 89 15.66 -46.88 9.54
CA ASP E 89 16.68 -47.01 8.50
C ASP E 89 16.23 -46.49 7.13
N LYS E 90 17.10 -45.75 6.44
CA LYS E 90 16.86 -45.26 5.07
C LYS E 90 16.69 -46.44 4.10
N SER E 91 15.88 -46.26 3.05
CA SER E 91 15.40 -47.35 2.18
C SER E 91 14.47 -48.34 2.89
N ALA E 92 13.40 -47.81 3.48
CA ALA E 92 12.27 -48.57 4.00
C ALA E 92 10.97 -47.79 3.78
N LYS E 93 9.83 -48.47 3.57
CA LYS E 93 8.56 -47.83 3.20
C LYS E 93 7.93 -47.00 4.32
N ASN E 94 8.26 -47.31 5.58
CA ASN E 94 7.71 -46.72 6.80
C ASN E 94 8.81 -46.06 7.64
N LEU E 95 9.84 -45.53 6.97
CA LEU E 95 10.82 -44.66 7.62
C LEU E 95 10.11 -43.41 8.15
N CYS E 96 10.34 -43.11 9.42
CA CYS E 96 10.01 -41.83 10.04
C CYS E 96 11.23 -41.21 10.69
N GLU E 97 11.59 -40.00 10.29
CA GLU E 97 12.71 -39.25 10.85
C GLU E 97 12.24 -38.07 11.69
N TYR E 98 12.88 -37.87 12.84
CA TYR E 98 12.48 -36.91 13.85
C TYR E 98 13.23 -35.59 13.71
N ASN E 99 12.51 -34.47 13.75
CA ASN E 99 13.01 -33.12 13.47
C ASN E 99 13.63 -32.93 12.08
N GLY E 100 13.43 -33.87 11.16
CA GLY E 100 14.12 -33.86 9.88
C GLY E 100 13.48 -32.90 8.88
N GLU E 101 14.26 -32.52 7.86
CA GLU E 101 13.78 -31.82 6.67
C GLU E 101 12.68 -32.59 5.91
N GLY E 102 12.59 -33.90 6.15
CA GLY E 102 11.40 -34.69 5.91
C GLY E 102 11.26 -35.75 7.00
N SER E 103 10.08 -36.36 7.01
CA SER E 103 9.50 -37.27 8.01
C SER E 103 8.41 -38.05 7.31
N CYS E 104 7.90 -39.15 7.89
CA CYS E 104 6.58 -39.59 7.45
C CYS E 104 5.54 -38.59 7.98
N LYS E 105 4.34 -38.60 7.42
CA LYS E 105 3.26 -37.67 7.80
C LYS E 105 2.02 -38.48 8.21
N GLN E 106 2.25 -39.69 8.72
CA GLN E 106 1.29 -40.79 8.80
C GLN E 106 1.25 -41.46 10.18
N CYS E 107 2.38 -41.54 10.87
CA CYS E 107 2.48 -42.29 12.12
C CYS E 107 1.84 -41.56 13.30
N PRO E 108 1.51 -42.26 14.40
CA PRO E 108 0.85 -41.67 15.56
C PRO E 108 1.51 -40.43 16.15
N ASP E 109 2.85 -40.40 16.20
CA ASP E 109 3.61 -39.23 16.63
C ASP E 109 3.33 -37.98 15.79
N CYS E 110 3.44 -38.08 14.47
CA CYS E 110 3.23 -36.98 13.55
C CYS E 110 1.82 -36.40 13.68
N ILE E 111 0.81 -37.25 13.83
CA ILE E 111 -0.58 -36.78 13.86
C ILE E 111 -1.07 -36.34 15.25
N LEU E 112 -0.49 -36.84 16.35
CA LEU E 112 -0.85 -36.47 17.72
C LEU E 112 0.02 -35.36 18.32
N TYR E 113 1.35 -35.40 18.13
CA TYR E 113 2.29 -34.43 18.71
C TYR E 113 2.77 -33.38 17.68
N GLY E 114 2.55 -33.59 16.39
CA GLY E 114 2.70 -32.59 15.32
C GLY E 114 4.03 -32.59 14.54
N PHE E 115 4.09 -31.84 13.43
CA PHE E 115 5.31 -31.65 12.62
C PHE E 115 5.21 -30.40 11.73
N ALA E 116 6.35 -29.90 11.19
CA ALA E 116 6.33 -28.67 10.39
C ALA E 116 7.29 -28.57 9.20
N ILE E 117 8.52 -29.10 9.21
CA ILE E 117 9.40 -28.98 8.02
C ILE E 117 8.85 -29.82 6.86
N GLY E 118 8.80 -29.25 5.66
CA GLY E 118 8.59 -29.99 4.41
C GLY E 118 7.64 -29.31 3.44
N ASP E 119 7.58 -29.81 2.21
CA ASP E 119 6.64 -29.33 1.18
C ASP E 119 5.29 -30.07 1.23
N SER E 120 5.17 -31.07 2.10
CA SER E 120 3.95 -31.87 2.26
C SER E 120 2.89 -31.21 3.16
N GLY E 121 3.24 -30.14 3.89
CA GLY E 121 2.37 -29.58 4.92
C GLY E 121 3.01 -29.53 6.30
N SER E 122 2.17 -29.20 7.29
CA SER E 122 2.40 -29.16 8.73
C SER E 122 1.12 -29.54 9.47
N GLU E 123 1.18 -30.00 10.70
CA GLU E 123 0.02 -30.37 11.52
C GLU E 123 0.31 -30.00 12.98
N ARG E 124 -0.62 -29.31 13.65
CA ARG E 124 -0.47 -28.85 15.03
C ARG E 124 -0.71 -30.02 15.97
N SER E 125 -0.01 -30.04 17.10
CA SER E 125 -0.16 -31.05 18.14
C SER E 125 -1.59 -31.09 18.66
N LYS E 126 -2.11 -32.31 18.79
CA LYS E 126 -3.34 -32.60 19.53
C LYS E 126 -3.10 -32.68 21.03
N VAL E 127 -1.85 -32.86 21.45
CA VAL E 127 -1.43 -32.93 22.85
C VAL E 127 -0.89 -31.58 23.28
N TYR E 128 -1.44 -31.03 24.36
CA TYR E 128 -1.21 -29.69 24.89
C TYR E 128 -0.56 -29.74 26.28
N SER E 129 0.47 -28.92 26.44
CA SER E 129 1.26 -28.76 27.67
C SER E 129 1.47 -27.29 28.05
N ASP E 130 1.76 -27.02 29.32
CA ASP E 130 2.30 -25.76 29.81
C ASP E 130 3.80 -25.97 30.11
N SER E 131 4.49 -24.96 30.64
CA SER E 131 5.65 -25.21 31.50
C SER E 131 5.14 -25.62 32.89
N ALA E 132 5.75 -26.60 33.55
CA ALA E 132 5.39 -26.95 34.91
C ALA E 132 6.28 -26.23 35.93
N PHE E 133 5.77 -26.02 37.14
CA PHE E 133 6.41 -25.23 38.17
C PHE E 133 6.59 -26.03 39.45
N SER E 134 7.69 -25.82 40.16
CA SER E 134 7.92 -26.50 41.43
C SER E 134 6.98 -25.98 42.49
N LEU E 135 6.40 -26.90 43.24
CA LEU E 135 5.51 -26.58 44.35
C LEU E 135 6.24 -25.85 45.47
N GLY E 136 7.48 -26.26 45.76
CA GLY E 136 8.33 -25.55 46.71
C GLY E 136 9.25 -24.55 46.04
N ALA E 137 9.82 -23.67 46.84
CA ALA E 137 10.71 -22.63 46.38
C ALA E 137 12.09 -23.16 45.98
N TYR E 138 12.77 -22.43 45.12
CA TYR E 138 14.07 -22.74 44.56
C TYR E 138 15.13 -23.00 45.64
N GLU E 139 15.26 -22.13 46.65
CA GLU E 139 16.28 -22.25 47.69
C GLU E 139 16.17 -23.54 48.50
N GLN E 140 14.97 -24.11 48.59
CA GLN E 140 14.71 -25.36 49.32
C GLN E 140 14.75 -26.61 48.43
N SER E 141 14.97 -26.48 47.12
CA SER E 141 14.76 -27.54 46.13
C SER E 141 15.92 -27.79 45.16
N HIS E 142 17.08 -27.14 45.34
CA HIS E 142 18.27 -27.37 44.52
C HIS E 142 19.58 -27.44 45.33
N ARG E 143 20.62 -28.03 44.75
CA ARG E 143 22.02 -27.80 45.14
C ARG E 143 22.90 -27.72 43.91
N SER E 144 24.05 -27.03 43.99
CA SER E 144 25.06 -27.08 42.94
C SER E 144 26.22 -27.97 43.36
N PHE E 145 26.63 -28.83 42.45
CA PHE E 145 27.53 -29.95 42.69
C PHE E 145 28.78 -29.76 41.82
N THR E 146 29.97 -29.85 42.40
CA THR E 146 31.20 -29.87 41.61
C THR E 146 31.30 -31.17 40.81
N PHE E 147 31.84 -31.08 39.58
CA PHE E 147 32.11 -32.24 38.73
C PHE E 147 33.53 -32.03 38.14
N ASN E 148 34.35 -33.07 38.03
CA ASN E 148 35.71 -32.96 37.51
C ASN E 148 35.99 -34.13 36.55
N ALA E 149 36.93 -33.95 35.64
CA ALA E 149 37.17 -34.89 34.56
C ALA E 149 38.65 -35.25 34.42
N PRO E 150 39.27 -36.09 35.27
CA PRO E 150 40.70 -36.30 35.24
C PRO E 150 41.17 -37.05 33.99
N PHE E 151 42.48 -37.06 33.76
CA PHE E 151 43.11 -37.92 32.76
C PHE E 151 43.06 -39.35 33.32
N GLU E 152 42.76 -40.37 32.52
CA GLU E 152 42.38 -41.67 33.09
C GLU E 152 43.52 -42.38 33.83
N GLY E 153 44.76 -41.84 33.82
CA GLY E 153 45.78 -42.22 34.79
C GLY E 153 45.42 -41.92 36.25
N GLY E 154 44.24 -41.34 36.50
CA GLY E 154 43.67 -41.13 37.83
C GLY E 154 43.96 -39.79 38.50
N THR E 155 44.54 -38.81 37.80
CA THR E 155 44.86 -37.48 38.36
C THR E 155 44.61 -36.37 37.35
N MET E 156 44.51 -35.13 37.81
CA MET E 156 44.38 -33.97 36.92
C MET E 156 45.65 -33.60 36.13
N SER E 157 46.79 -34.24 36.35
CA SER E 157 48.01 -34.09 35.53
C SER E 157 47.94 -34.86 34.22
N GLU E 158 47.99 -34.20 33.06
CA GLU E 158 47.67 -34.91 31.81
C GLU E 158 48.90 -35.62 31.24
N ALA E 159 50.05 -34.93 31.22
CA ALA E 159 51.38 -35.49 31.03
C ALA E 159 52.48 -34.58 31.63
N GLY E 160 52.15 -33.91 32.74
CA GLY E 160 53.05 -33.03 33.47
C GLY E 160 52.46 -31.67 33.85
N VAL E 161 51.29 -31.37 33.24
CA VAL E 161 50.64 -30.09 33.41
C VAL E 161 49.17 -30.33 33.41
N MET E 162 48.44 -29.65 34.28
CA MET E 162 47.01 -29.92 34.42
C MET E 162 46.09 -29.51 33.27
N ARG E 163 45.19 -30.41 32.85
CA ARG E 163 44.18 -30.12 31.80
C ARG E 163 43.10 -29.75 32.73
N SER E 164 42.47 -28.60 32.52
CA SER E 164 41.41 -28.11 33.37
C SER E 164 40.04 -28.58 32.95
N ALA E 165 39.34 -29.27 33.84
CA ALA E 165 38.03 -29.77 33.52
C ALA E 165 37.19 -29.94 34.77
N ILE E 166 37.14 -28.90 35.58
CA ILE E 166 36.30 -28.93 36.76
C ILE E 166 35.37 -27.76 36.76
N ASN E 167 34.08 -28.00 36.93
CA ASN E 167 33.14 -26.91 37.08
C ASN E 167 32.00 -27.40 37.94
N GLU E 168 31.10 -26.53 38.36
CA GLU E 168 29.90 -26.93 39.10
C GLU E 168 28.62 -26.71 38.30
N LEU E 169 27.65 -27.58 38.51
CA LEU E 169 26.35 -27.56 37.84
C LEU E 169 25.22 -27.72 38.87
N ASP E 170 24.10 -27.06 38.63
CA ASP E 170 22.99 -26.96 39.57
C ASP E 170 21.91 -27.95 39.19
N HIS E 171 21.51 -28.75 40.17
CA HIS E 171 20.67 -29.92 40.02
C HIS E 171 19.56 -29.85 41.07
N ILE E 172 18.36 -30.21 40.67
CA ILE E 172 17.16 -30.21 41.52
C ILE E 172 17.25 -31.43 42.45
N LEU E 173 16.76 -31.35 43.68
CA LEU E 173 16.72 -32.48 44.62
C LEU E 173 15.60 -33.48 44.30
N PRO E 174 15.67 -34.73 44.79
CA PRO E 174 14.53 -35.62 44.87
C PRO E 174 13.47 -35.11 45.83
N GLU E 175 12.28 -35.71 45.78
CA GLU E 175 11.07 -35.31 46.51
C GLU E 175 10.56 -33.88 46.16
N VAL E 176 10.97 -33.32 45.02
CA VAL E 176 10.49 -32.03 44.49
C VAL E 176 9.39 -32.29 43.47
N THR E 177 8.25 -31.63 43.66
CA THR E 177 7.03 -31.91 42.88
C THR E 177 6.71 -30.80 41.90
N PHE E 178 6.49 -31.17 40.65
CA PHE E 178 5.96 -30.34 39.60
C PHE E 178 4.53 -30.79 39.25
N PRO E 179 3.49 -30.22 39.87
CA PRO E 179 2.12 -30.37 39.43
C PRO E 179 1.96 -29.96 37.97
N THR E 180 1.31 -30.79 37.17
CA THR E 180 1.05 -30.54 35.75
C THR E 180 -0.30 -31.04 35.26
N VAL E 181 -0.89 -30.35 34.28
CA VAL E 181 -2.05 -30.83 33.53
C VAL E 181 -1.75 -30.85 32.03
N GLU E 182 -1.54 -32.05 31.51
CA GLU E 182 -1.53 -32.31 30.06
C GLU E 182 -2.97 -32.36 29.54
N SER E 183 -3.17 -32.20 28.25
CA SER E 183 -4.46 -32.37 27.62
C SER E 183 -4.32 -32.95 26.22
N LEU E 184 -5.32 -33.67 25.76
CA LEU E 184 -5.42 -34.26 24.42
C LEU E 184 -6.78 -33.92 23.84
N ARG E 185 -6.83 -33.46 22.59
CA ARG E 185 -8.08 -33.07 21.92
C ARG E 185 -8.44 -33.92 20.69
N ASP E 186 -9.74 -34.01 20.38
CA ASP E 186 -10.24 -34.78 19.25
C ASP E 186 -9.57 -36.10 18.98
N ALA E 187 -9.37 -36.90 20.01
CA ALA E 187 -8.77 -38.20 19.94
C ALA E 187 -9.75 -39.35 19.68
N THR E 188 -9.17 -40.47 19.26
CA THR E 188 -9.76 -41.78 19.35
C THR E 188 -9.37 -42.45 20.66
N TYR E 189 -10.10 -43.49 21.03
CA TYR E 189 -9.79 -44.27 22.21
C TYR E 189 -8.38 -44.86 22.15
N GLU E 190 -7.95 -45.38 21.01
CA GLU E 190 -6.58 -45.91 20.90
C GLU E 190 -5.54 -44.80 20.93
N GLY E 191 -5.89 -43.57 20.53
CA GLY E 191 -5.03 -42.39 20.67
C GLY E 191 -4.82 -42.00 22.13
N PHE E 192 -5.88 -42.01 22.93
CA PHE E 192 -5.80 -41.89 24.37
C PHE E 192 -4.96 -43.01 24.98
N ILE E 193 -5.14 -44.26 24.58
CA ILE E 193 -4.31 -45.35 25.11
C ILE E 193 -2.83 -45.13 24.77
N TYR E 194 -2.49 -44.59 23.61
CA TYR E 194 -1.12 -44.17 23.30
C TYR E 194 -0.61 -43.04 24.18
N VAL E 195 -1.34 -41.94 24.27
CA VAL E 195 -0.93 -40.74 25.02
C VAL E 195 -0.86 -40.99 26.53
N LEU E 196 -1.89 -41.57 27.15
CA LEU E 196 -1.80 -41.98 28.57
C LEU E 196 -0.67 -42.98 28.77
N GLY E 197 -0.46 -43.85 27.79
CA GLY E 197 0.65 -44.79 27.80
C GLY E 197 1.99 -44.09 27.89
N ASN E 198 2.24 -43.09 27.04
CA ASN E 198 3.51 -42.38 27.04
C ASN E 198 3.75 -41.65 28.36
N LEU E 199 2.71 -41.02 28.91
CA LEU E 199 2.76 -40.38 30.24
C LEU E 199 3.13 -41.37 31.35
N LEU E 200 2.58 -42.59 31.33
CA LEU E 200 2.82 -43.64 32.33
C LEU E 200 4.16 -44.34 32.15
N ARG E 201 4.63 -44.47 30.92
CA ARG E 201 5.74 -45.35 30.57
C ARG E 201 7.08 -44.64 30.59
N THR E 202 7.16 -43.40 30.12
CA THR E 202 8.41 -42.63 30.11
C THR E 202 8.82 -42.14 31.50
N LYS E 203 10.12 -42.07 31.79
CA LYS E 203 10.62 -41.65 33.11
C LYS E 203 11.80 -40.70 33.10
N ARG E 204 12.62 -40.65 32.04
CA ARG E 204 13.85 -39.83 31.93
C ARG E 204 13.60 -38.46 31.32
N TYR E 205 13.51 -37.41 32.11
CA TYR E 205 13.05 -36.09 31.65
C TYR E 205 14.13 -35.12 31.22
N GLY E 206 15.07 -34.78 32.10
CA GLY E 206 15.85 -33.56 31.98
C GLY E 206 17.02 -33.64 31.01
N ALA E 207 17.99 -32.76 31.21
CA ALA E 207 19.33 -32.92 30.67
C ALA E 207 20.02 -34.11 31.34
N GLN E 208 21.02 -34.67 30.69
CA GLN E 208 21.83 -35.77 31.15
C GLN E 208 20.99 -36.99 31.46
N GLU E 209 20.14 -37.38 30.50
CA GLU E 209 19.27 -38.55 30.62
C GLU E 209 20.06 -39.77 31.01
N SER E 210 21.25 -39.93 30.47
CA SER E 210 22.09 -41.11 30.64
C SER E 210 22.57 -41.29 32.07
N ARG E 211 22.37 -40.29 32.95
CA ARG E 211 22.83 -40.28 34.32
C ARG E 211 21.79 -39.84 35.34
N THR E 212 20.81 -39.02 34.94
CA THR E 212 19.86 -38.38 35.84
C THR E 212 18.53 -38.00 35.22
N GLY E 213 17.61 -37.60 36.10
CA GLY E 213 16.33 -37.02 35.74
C GLY E 213 15.29 -38.09 35.56
N THR E 214 15.42 -39.21 36.27
CA THR E 214 14.30 -40.10 36.44
C THR E 214 13.28 -39.43 37.35
N MET E 215 12.01 -39.57 36.99
CA MET E 215 10.87 -39.04 37.70
C MET E 215 9.75 -40.06 37.73
N LYS E 216 8.83 -39.91 38.69
CA LYS E 216 7.57 -40.63 38.65
C LYS E 216 6.40 -39.68 38.54
N ASN E 217 5.67 -39.84 37.46
CA ASN E 217 4.39 -39.20 37.22
C ASN E 217 3.30 -39.99 37.96
N HIS E 218 2.72 -39.39 38.98
CA HIS E 218 1.50 -39.87 39.60
C HIS E 218 0.32 -39.20 38.95
N LEU E 219 -0.54 -39.95 38.26
CA LEU E 219 -1.82 -39.43 37.78
C LEU E 219 -2.72 -39.31 39.01
N VAL E 220 -3.21 -38.10 39.28
CA VAL E 220 -4.16 -37.83 40.37
C VAL E 220 -5.59 -37.67 39.85
N GLY E 221 -5.79 -37.39 38.56
CA GLY E 221 -7.13 -37.38 37.96
C GLY E 221 -7.11 -37.41 36.44
N ILE E 222 -8.10 -37.99 35.76
CA ILE E 222 -8.22 -37.92 34.28
C ILE E 222 -9.58 -37.29 34.04
N VAL E 223 -9.66 -36.08 33.50
CA VAL E 223 -10.92 -35.34 33.31
C VAL E 223 -11.36 -35.22 31.88
N PHE E 224 -12.59 -35.55 31.54
CA PHE E 224 -13.10 -35.48 30.18
C PHE E 224 -13.99 -34.25 30.20
N ALA E 225 -13.81 -33.27 29.31
CA ALA E 225 -14.52 -32.00 29.37
C ALA E 225 -14.64 -31.31 28.01
N ASP E 226 -15.61 -30.40 27.90
CA ASP E 226 -15.88 -29.62 26.67
C ASP E 226 -14.98 -28.37 26.56
N GLY E 227 -13.89 -28.28 27.32
CA GLY E 227 -12.87 -27.27 27.12
C GLY E 227 -11.65 -27.47 28.00
N GLU E 228 -10.63 -26.67 27.78
CA GLU E 228 -9.46 -26.59 28.64
C GLU E 228 -9.77 -26.05 30.04
N ILE E 229 -8.78 -26.16 30.92
CA ILE E 229 -8.89 -25.96 32.36
C ILE E 229 -7.61 -25.26 32.87
N PHE E 230 -7.49 -25.07 34.17
CA PHE E 230 -6.48 -24.27 34.87
C PHE E 230 -5.03 -24.58 34.49
N SER E 231 -4.18 -23.55 34.53
CA SER E 231 -2.74 -23.69 34.25
C SER E 231 -2.04 -24.59 35.27
N ASN E 232 -0.89 -25.15 34.87
CA ASN E 232 0.06 -25.75 35.81
C ASN E 232 0.33 -24.82 37.00
N LEU E 233 0.52 -23.52 36.75
CA LEU E 233 0.81 -22.56 37.82
C LEU E 233 -0.37 -22.35 38.74
N HIS E 234 -1.58 -22.30 38.19
CA HIS E 234 -2.79 -22.11 38.96
C HIS E 234 -3.10 -23.31 39.85
N LEU E 235 -2.84 -24.52 39.36
CA LEU E 235 -2.91 -25.73 40.17
C LEU E 235 -1.85 -25.70 41.26
N THR E 236 -0.63 -25.30 40.94
CA THR E 236 0.49 -25.17 41.88
C THR E 236 0.19 -24.18 42.99
N GLN E 237 -0.34 -23.01 42.65
CA GLN E 237 -0.73 -21.98 43.61
C GLN E 237 -1.92 -22.39 44.47
N ALA E 238 -2.82 -23.22 43.97
CA ALA E 238 -3.91 -23.77 44.76
C ALA E 238 -3.44 -24.91 45.67
N LEU E 239 -2.50 -25.73 45.22
CA LEU E 239 -1.91 -26.80 46.02
C LEU E 239 -1.03 -26.28 47.16
N TYR E 240 -0.22 -25.25 46.90
CA TYR E 240 0.49 -24.54 47.96
C TYR E 240 -0.45 -23.85 48.94
N ASP E 241 -1.55 -23.25 48.48
CA ASP E 241 -2.59 -22.69 49.35
C ASP E 241 -3.19 -23.79 50.24
N GLN E 242 -3.56 -24.95 49.69
CA GLN E 242 -4.20 -26.01 50.47
C GLN E 242 -3.31 -26.57 51.58
N MET E 243 -2.00 -26.68 51.38
CA MET E 243 -1.09 -27.04 52.48
C MET E 243 -0.62 -25.87 53.36
N GLY E 244 -0.51 -24.67 52.80
CA GLY E 244 -0.05 -23.47 53.51
C GLY E 244 1.39 -23.59 54.00
N GLY E 245 2.32 -23.67 53.06
CA GLY E 245 3.69 -24.11 53.32
C GLY E 245 3.73 -25.60 53.67
N GLU E 246 4.54 -26.00 54.66
CA GLU E 246 4.52 -27.34 55.28
C GLU E 246 4.73 -28.50 54.29
N LEU E 247 5.49 -28.26 53.22
CA LEU E 247 5.61 -29.14 52.05
C LEU E 247 6.35 -30.46 52.30
N ASN E 248 7.03 -30.66 53.42
CA ASN E 248 7.81 -31.88 53.70
C ASN E 248 6.95 -33.13 54.05
N LYS E 249 5.62 -33.08 53.88
CA LYS E 249 4.71 -34.22 54.06
C LYS E 249 4.90 -35.33 53.01
N PRO E 250 4.47 -36.59 53.28
CA PRO E 250 4.65 -37.74 52.40
C PRO E 250 4.06 -37.60 51.00
N ILE E 251 4.55 -38.41 50.06
CA ILE E 251 4.11 -38.42 48.65
C ILE E 251 2.62 -38.73 48.47
N SER E 252 2.06 -39.64 49.26
CA SER E 252 0.62 -39.93 49.23
C SER E 252 -0.23 -38.75 49.73
N GLU E 253 0.29 -37.98 50.68
CA GLU E 253 -0.38 -36.81 51.24
C GLU E 253 -0.39 -35.66 50.23
N LEU E 254 0.62 -35.62 49.38
CA LEU E 254 0.72 -34.69 48.25
C LEU E 254 -0.27 -35.10 47.16
N CYS E 255 -0.34 -36.38 46.79
CA CYS E 255 -1.29 -36.87 45.80
C CYS E 255 -2.76 -36.80 46.26
N GLU E 256 -3.08 -37.05 47.53
CA GLU E 256 -4.48 -36.97 48.00
C GLU E 256 -4.99 -35.53 48.14
N THR E 257 -4.12 -34.60 48.57
CA THR E 257 -4.50 -33.18 48.56
C THR E 257 -4.53 -32.61 47.16
N ALA E 258 -3.65 -33.04 46.25
CA ALA E 258 -3.73 -32.64 44.85
C ALA E 258 -5.04 -33.06 44.18
N ALA E 259 -5.53 -34.28 44.44
CA ALA E 259 -6.84 -34.69 43.96
C ALA E 259 -7.99 -33.86 44.58
N THR E 260 -7.87 -33.47 45.84
CA THR E 260 -8.87 -32.64 46.54
C THR E 260 -8.93 -31.22 45.99
N VAL E 261 -7.77 -30.62 45.72
CA VAL E 261 -7.63 -29.31 45.08
C VAL E 261 -8.14 -29.34 43.65
N ALA E 262 -7.80 -30.36 42.86
CA ALA E 262 -8.19 -30.45 41.47
C ALA E 262 -9.70 -30.48 41.29
N GLN E 263 -10.44 -31.22 42.12
CA GLN E 263 -11.89 -31.25 42.07
C GLN E 263 -12.53 -29.92 42.49
N ASP E 264 -12.00 -29.23 43.50
CA ASP E 264 -12.49 -27.89 43.83
C ASP E 264 -12.27 -26.92 42.65
N LEU E 265 -11.13 -26.98 42.00
CA LEU E 265 -10.85 -26.10 40.87
C LEU E 265 -11.76 -26.43 39.67
N LEU E 266 -11.97 -27.71 39.36
CA LEU E 266 -12.83 -28.15 38.26
C LEU E 266 -14.29 -27.72 38.39
N ASN E 267 -14.76 -27.50 39.62
CA ASN E 267 -16.09 -27.00 39.91
C ASN E 267 -16.22 -25.49 39.69
N LYS E 268 -15.12 -24.78 39.47
CA LYS E 268 -15.07 -23.34 39.25
C LYS E 268 -14.78 -22.97 37.79
N GLU E 269 -14.51 -23.93 36.91
CA GLU E 269 -14.24 -23.66 35.50
C GLU E 269 -15.47 -23.91 34.61
N PRO E 270 -15.80 -23.00 33.67
CA PRO E 270 -17.02 -23.04 32.86
C PRO E 270 -16.92 -24.01 31.69
N VAL E 271 -16.73 -25.28 31.99
CA VAL E 271 -16.77 -26.39 31.05
C VAL E 271 -17.67 -27.49 31.55
N ARG E 272 -18.43 -28.08 30.65
CA ARG E 272 -19.16 -29.34 30.87
C ARG E 272 -18.12 -30.42 31.11
N LYS E 273 -18.25 -31.21 32.17
CA LYS E 273 -17.26 -32.23 32.53
C LYS E 273 -17.91 -33.58 32.40
N SER E 274 -17.77 -34.21 31.27
CA SER E 274 -18.42 -35.48 31.02
C SER E 274 -18.04 -36.58 31.97
N GLU E 275 -16.77 -36.69 32.34
CA GLU E 275 -16.30 -37.75 33.22
C GLU E 275 -15.22 -37.19 34.05
N LEU E 276 -15.01 -37.74 35.23
CA LEU E 276 -14.01 -37.25 36.15
C LEU E 276 -13.49 -38.50 36.81
N ILE E 277 -12.41 -39.07 36.30
CA ILE E 277 -11.84 -40.31 36.82
C ILE E 277 -10.84 -39.98 37.93
N PHE E 278 -11.20 -40.17 39.19
CA PHE E 278 -10.37 -39.91 40.36
C PHE E 278 -10.44 -41.09 41.32
N GLY E 279 -9.50 -41.19 42.25
CA GLY E 279 -9.53 -42.16 43.34
C GLY E 279 -9.54 -43.62 42.87
N ALA E 280 -10.47 -44.43 43.37
CA ALA E 280 -10.56 -45.84 43.01
C ALA E 280 -10.94 -46.09 41.54
N HIS E 281 -11.64 -45.16 40.88
CA HIS E 281 -11.90 -45.29 39.44
C HIS E 281 -10.61 -45.11 38.66
N LEU E 282 -9.73 -44.23 39.14
CA LEU E 282 -8.43 -44.01 38.52
C LEU E 282 -7.46 -45.17 38.76
N ASP E 283 -7.34 -45.70 39.98
CA ASP E 283 -6.46 -46.85 40.25
C ASP E 283 -7.03 -48.21 39.79
N THR E 284 -8.21 -48.22 39.18
CA THR E 284 -8.72 -49.32 38.35
C THR E 284 -8.45 -49.05 36.88
N LEU E 285 -8.68 -47.84 36.38
CA LEU E 285 -8.29 -47.45 35.03
C LEU E 285 -6.77 -47.63 34.79
N LEU E 286 -5.91 -47.16 35.69
CA LEU E 286 -4.46 -47.36 35.57
C LEU E 286 -4.08 -48.83 35.68
N GLN E 287 -4.78 -49.60 36.51
CA GLN E 287 -4.45 -51.01 36.70
C GLN E 287 -4.77 -51.83 35.47
N GLU E 288 -5.83 -51.51 34.73
CA GLU E 288 -6.04 -52.11 33.43
C GLU E 288 -5.29 -51.48 32.26
N VAL E 289 -5.00 -50.18 32.20
CA VAL E 289 -4.20 -49.67 31.05
C VAL E 289 -2.73 -50.06 31.17
N ASN E 290 -2.19 -50.29 32.37
CA ASN E 290 -0.94 -51.04 32.47
C ASN E 290 -1.04 -52.47 31.94
N ASP E 291 -2.07 -53.26 32.29
CA ASP E 291 -2.15 -54.63 31.76
C ASP E 291 -2.52 -54.70 30.27
N ILE E 292 -2.95 -53.58 29.67
CA ILE E 292 -2.97 -53.37 28.21
C ILE E 292 -1.54 -53.29 27.70
N TYR E 293 -0.68 -52.42 28.25
CA TYR E 293 0.71 -52.30 27.81
C TYR E 293 1.58 -53.51 28.15
N GLN E 294 1.31 -54.27 29.20
CA GLN E 294 2.08 -55.45 29.56
C GLN E 294 1.81 -56.68 28.65
N ASN E 295 0.76 -56.69 27.83
CA ASN E 295 0.39 -57.83 26.99
C ASN E 295 0.74 -57.56 25.51
N ASP E 296 1.61 -58.38 24.94
CA ASP E 296 2.20 -58.17 23.62
C ASP E 296 1.20 -58.17 22.46
N ALA E 297 0.22 -59.06 22.46
CA ALA E 297 -0.78 -59.15 21.41
C ALA E 297 -1.79 -58.01 21.51
N GLU E 298 -2.29 -57.76 22.72
CA GLU E 298 -3.24 -56.69 23.01
C GLU E 298 -2.70 -55.30 22.66
N LEU E 299 -1.46 -54.98 23.05
CA LEU E 299 -0.78 -53.75 22.68
C LEU E 299 -0.51 -53.65 21.18
N THR E 300 -0.13 -54.74 20.54
CA THR E 300 0.13 -54.77 19.09
C THR E 300 -1.14 -54.51 18.30
N LYS E 301 -2.26 -55.07 18.73
CA LYS E 301 -3.56 -54.83 18.09
C LYS E 301 -3.95 -53.37 18.28
N LEU E 302 -3.88 -52.83 19.51
CA LEU E 302 -4.32 -51.47 19.83
C LEU E 302 -3.48 -50.41 19.08
N LEU E 303 -2.15 -50.44 19.20
CA LEU E 303 -1.33 -49.42 18.52
C LEU E 303 -1.22 -49.63 17.01
N GLY E 304 -1.59 -50.80 16.51
CA GLY E 304 -1.67 -50.97 15.08
C GLY E 304 -2.89 -50.29 14.58
N SER E 305 -3.96 -50.35 15.36
CA SER E 305 -5.21 -49.69 14.98
C SER E 305 -4.95 -48.25 14.89
N LEU E 306 -4.21 -47.71 15.84
CA LEU E 306 -3.93 -46.31 15.84
C LEU E 306 -3.20 -45.91 14.62
N TYR E 307 -2.31 -46.77 14.15
CA TYR E 307 -1.52 -46.45 13.00
C TYR E 307 -2.42 -46.22 11.83
N GLN E 308 -3.42 -47.06 11.68
CA GLN E 308 -4.29 -46.96 10.53
C GLN E 308 -5.16 -45.76 10.63
N GLN E 309 -5.54 -45.40 11.82
CA GLN E 309 -6.42 -44.27 12.03
C GLN E 309 -5.69 -43.04 11.64
N THR E 310 -4.41 -42.97 11.96
CA THR E 310 -3.61 -41.79 11.69
C THR E 310 -3.16 -41.77 10.27
N GLN E 311 -3.15 -42.90 9.61
CA GLN E 311 -2.81 -42.95 8.19
C GLN E 311 -4.04 -42.60 7.43
N ASP E 312 -5.20 -42.91 7.93
CA ASP E 312 -6.45 -42.55 7.29
C ASP E 312 -6.57 -41.08 7.40
N TYR E 313 -6.25 -40.52 8.54
CA TYR E 313 -6.28 -39.08 8.69
C TYR E 313 -5.33 -38.50 7.69
N ALA E 314 -4.15 -39.01 7.52
CA ALA E 314 -3.14 -38.52 6.58
C ALA E 314 -3.64 -38.44 5.14
N THR E 315 -4.34 -39.48 4.69
CA THR E 315 -4.90 -39.61 3.34
C THR E 315 -6.23 -38.90 3.13
N GLU E 316 -6.97 -38.52 4.17
CA GLU E 316 -8.27 -37.82 4.07
C GLU E 316 -8.18 -36.31 4.33
N PHE E 317 -7.40 -35.90 5.32
CA PHE E 317 -7.26 -34.53 5.80
C PHE E 317 -5.81 -34.03 5.83
N GLY E 318 -4.85 -34.93 5.98
CA GLY E 318 -3.43 -34.63 6.15
C GLY E 318 -2.68 -34.45 4.83
N ALA E 319 -1.38 -34.73 4.88
CA ALA E 319 -0.51 -34.74 3.72
C ALA E 319 -0.79 -35.97 2.83
N LEU E 320 -1.77 -35.81 1.93
CA LEU E 320 -2.22 -36.77 0.93
C LEU E 320 -1.07 -37.49 0.20
N MET F 1 22.01 -71.78 29.00
CA MET F 1 21.63 -70.46 29.56
C MET F 1 21.96 -69.31 28.60
N LEU F 2 23.23 -68.95 28.40
CA LEU F 2 23.61 -67.83 27.52
C LEU F 2 23.14 -68.01 26.08
N ASP F 3 23.16 -69.24 25.58
CA ASP F 3 22.72 -69.61 24.24
C ASP F 3 21.23 -69.32 23.98
N SER F 4 20.37 -69.33 25.00
CA SER F 4 18.97 -68.90 24.86
C SER F 4 18.87 -67.40 24.59
N LEU F 5 19.66 -66.61 25.32
CA LEU F 5 19.59 -65.16 25.25
C LEU F 5 20.07 -64.55 23.95
N LYS F 6 20.90 -65.24 23.17
CA LYS F 6 21.39 -64.68 21.90
C LYS F 6 20.27 -64.20 20.96
N SER F 7 19.06 -64.76 21.10
CA SER F 7 17.84 -64.33 20.41
C SER F 7 17.29 -62.97 20.82
N GLN F 8 17.56 -62.49 22.02
CA GLN F 8 16.95 -61.26 22.55
C GLN F 8 17.68 -60.01 22.12
N PHE F 9 18.78 -60.11 21.41
CA PHE F 9 19.64 -58.98 21.06
C PHE F 9 19.66 -58.72 19.56
N GLN F 10 20.10 -57.50 19.24
CA GLN F 10 20.20 -57.08 17.87
C GLN F 10 21.40 -57.79 17.24
N PRO F 11 21.43 -57.94 15.91
CA PRO F 11 22.59 -58.55 15.27
C PRO F 11 23.73 -57.56 15.06
N SER F 12 23.44 -56.27 14.95
CA SER F 12 24.41 -55.18 15.00
C SER F 12 23.75 -53.91 15.54
N PHE F 13 24.52 -52.97 16.09
CA PHE F 13 23.96 -51.81 16.78
C PHE F 13 23.07 -51.00 15.84
N PRO F 14 21.86 -50.60 16.34
CA PRO F 14 20.99 -49.85 15.48
C PRO F 14 21.18 -48.39 15.42
N ARG F 15 20.64 -47.80 14.37
CA ARG F 15 20.73 -46.34 14.23
C ARG F 15 20.08 -45.58 15.38
N LEU F 16 18.85 -45.96 15.73
CA LEU F 16 18.14 -45.35 16.84
C LEU F 16 17.68 -46.57 17.60
N ALA F 17 17.44 -46.42 18.89
CA ALA F 17 17.07 -47.55 19.71
C ALA F 17 15.70 -48.06 19.36
N SER F 18 15.47 -49.35 19.51
CA SER F 18 14.20 -49.96 19.16
C SER F 18 13.50 -50.52 20.33
N GLY F 19 13.70 -49.97 21.50
CA GLY F 19 12.98 -50.39 22.66
C GLY F 19 13.38 -51.71 23.18
N HIS F 20 14.66 -52.04 23.13
CA HIS F 20 15.16 -53.29 23.65
C HIS F 20 16.06 -52.93 24.81
N TYR F 21 15.47 -52.80 25.99
CA TYR F 21 16.22 -52.46 27.20
C TYR F 21 16.58 -53.72 27.98
N VAL F 22 17.77 -53.77 28.57
CA VAL F 22 18.16 -54.77 29.57
C VAL F 22 18.51 -54.06 30.87
N HIS F 23 17.92 -54.45 32.00
CA HIS F 23 18.13 -53.80 33.29
C HIS F 23 18.82 -54.74 34.26
N PHE F 24 19.79 -54.25 35.01
CA PHE F 24 20.52 -55.03 36.00
C PHE F 24 20.18 -54.47 37.37
N LEU F 25 19.50 -55.25 38.20
CA LEU F 25 19.05 -54.86 39.52
C LEU F 25 20.08 -55.37 40.52
N MET F 26 20.93 -54.48 40.99
CA MET F 26 22.02 -54.75 41.93
C MET F 26 21.71 -54.25 43.33
N LEU F 27 22.37 -54.86 44.30
CA LEU F 27 22.65 -54.25 45.58
C LEU F 27 24.16 -54.00 45.63
N ARG F 28 24.57 -52.74 45.77
CA ARG F 28 25.98 -52.40 45.93
C ARG F 28 26.24 -52.33 47.45
N HIS F 29 26.95 -53.28 48.03
CA HIS F 29 27.25 -53.27 49.47
C HIS F 29 28.63 -52.66 49.71
N SER F 30 28.73 -51.71 50.64
CA SER F 30 30.02 -51.11 50.99
C SER F 30 30.89 -52.13 51.70
N GLN F 31 32.17 -52.12 51.36
CA GLN F 31 33.25 -52.80 52.08
C GLN F 31 34.44 -51.83 52.15
N SER F 32 35.23 -51.82 53.21
CA SER F 32 36.39 -50.90 53.34
C SER F 32 36.06 -49.42 53.09
N PHE F 33 35.12 -48.88 53.86
CA PHE F 33 34.97 -47.45 54.10
C PHE F 33 34.99 -46.49 52.90
N PRO F 34 34.07 -46.59 51.92
CA PRO F 34 34.09 -45.70 50.77
C PRO F 34 33.82 -44.25 51.13
N VAL F 35 34.31 -43.33 50.31
CA VAL F 35 33.97 -41.91 50.36
C VAL F 35 33.40 -41.44 49.02
N PHE F 36 32.28 -40.71 49.06
CA PHE F 36 31.61 -40.11 47.91
C PHE F 36 31.32 -38.65 48.20
N GLN F 37 31.84 -37.73 47.39
CA GLN F 37 31.73 -36.30 47.67
C GLN F 37 31.77 -35.41 46.42
N THR F 38 31.21 -34.21 46.53
CA THR F 38 31.23 -33.14 45.52
C THR F 38 31.51 -31.76 46.15
N ASP F 39 31.99 -31.77 47.40
CA ASP F 39 32.35 -30.66 48.27
C ASP F 39 33.16 -31.23 49.46
N GLY F 40 33.45 -30.47 50.51
CA GLY F 40 34.18 -30.94 51.70
C GLY F 40 33.42 -31.92 52.61
N VAL F 41 32.35 -32.56 52.14
CA VAL F 41 31.42 -33.39 52.91
C VAL F 41 30.87 -34.54 52.08
N LEU F 42 30.40 -35.61 52.73
CA LEU F 42 29.68 -36.70 52.07
C LEU F 42 28.38 -36.20 51.46
N ASN F 43 28.05 -36.68 50.26
CA ASN F 43 26.75 -36.43 49.63
C ASN F 43 25.64 -37.12 50.42
N THR F 44 24.61 -36.39 50.81
CA THR F 44 23.47 -36.87 51.60
C THR F 44 22.23 -36.08 51.22
N THR F 45 21.02 -36.63 51.29
CA THR F 45 19.80 -35.90 50.93
C THR F 45 18.59 -36.43 51.68
N ARG F 46 17.60 -35.56 51.91
CA ARG F 46 16.36 -35.91 52.60
C ARG F 46 15.49 -36.70 51.64
N THR F 47 14.88 -37.76 52.13
CA THR F 47 13.97 -38.63 51.38
C THR F 47 12.87 -39.14 52.29
N GLN F 48 11.75 -39.57 51.75
CA GLN F 48 10.79 -40.32 52.53
C GLN F 48 11.35 -41.70 52.84
N ALA F 49 11.13 -42.21 54.05
CA ALA F 49 11.67 -43.50 54.48
C ALA F 49 11.23 -44.67 53.60
N GLY F 50 9.94 -44.83 53.37
CA GLY F 50 9.33 -45.94 52.64
C GLY F 50 8.02 -45.54 51.96
N LEU F 51 7.42 -46.46 51.20
CA LEU F 51 6.25 -46.13 50.36
C LEU F 51 4.91 -45.98 51.09
N LEU F 52 4.53 -46.93 51.95
CA LEU F 52 3.21 -47.00 52.56
C LEU F 52 3.23 -46.94 54.10
N GLU F 53 3.99 -47.80 54.74
CA GLU F 53 3.94 -47.96 56.20
C GLU F 53 4.81 -46.87 56.85
N LYS F 54 6.11 -46.90 56.57
CA LYS F 54 7.10 -45.94 57.07
C LYS F 54 7.11 -44.68 56.22
N THR F 55 6.81 -43.51 56.79
CA THR F 55 6.50 -42.29 56.02
C THR F 55 7.35 -41.07 56.39
N ASP F 56 8.07 -41.10 57.51
CA ASP F 56 8.86 -39.96 57.99
C ASP F 56 10.09 -39.66 57.12
N GLN F 57 10.63 -38.45 57.22
CA GLN F 57 11.84 -38.05 56.50
C GLN F 57 13.09 -38.76 57.03
N LEU F 58 14.00 -39.10 56.13
CA LEU F 58 15.18 -39.92 56.39
C LEU F 58 16.33 -39.43 55.52
N SER F 59 17.35 -38.86 56.16
CA SER F 59 18.58 -38.47 55.50
C SER F 59 19.29 -39.72 55.00
N ARG F 60 19.56 -39.81 53.70
CA ARG F 60 20.22 -40.94 53.04
C ARG F 60 21.49 -40.50 52.35
N LEU F 61 22.52 -41.34 52.33
CA LEU F 61 23.73 -41.08 51.55
C LEU F 61 23.42 -41.21 50.07
N VAL F 62 24.06 -40.41 49.24
CA VAL F 62 23.87 -40.40 47.79
C VAL F 62 25.13 -40.82 47.06
N MET F 63 25.08 -41.90 46.31
CA MET F 63 26.10 -42.28 45.35
C MET F 63 25.85 -41.54 44.04
N PHE F 64 26.36 -40.32 43.95
CA PHE F 64 26.05 -39.36 42.89
C PHE F 64 26.46 -39.78 41.49
N LYS F 65 25.84 -39.13 40.51
CA LYS F 65 25.57 -39.59 39.15
C LYS F 65 26.68 -40.19 38.30
N ARG F 66 27.96 -39.91 38.53
CA ARG F 66 29.08 -40.66 37.91
C ARG F 66 29.88 -41.55 38.85
N LYS F 67 29.84 -41.36 40.15
CA LYS F 67 30.61 -42.20 41.10
C LYS F 67 30.14 -43.65 41.00
N GLN F 68 28.89 -43.78 40.58
CA GLN F 68 28.09 -44.91 40.16
C GLN F 68 28.52 -45.66 38.88
N THR F 69 29.24 -45.06 37.92
CA THR F 69 29.44 -45.65 36.59
C THR F 69 30.80 -45.43 35.93
N THR F 70 31.60 -44.46 36.36
CA THR F 70 32.94 -44.29 35.82
C THR F 70 33.95 -45.32 36.32
N PRO F 71 33.84 -45.91 37.52
CA PRO F 71 34.56 -47.15 37.84
C PRO F 71 34.18 -48.35 36.95
N GLU F 72 32.92 -48.49 36.53
CA GLU F 72 32.49 -49.51 35.58
C GLU F 72 33.14 -49.23 34.23
N ARG F 73 33.07 -47.99 33.79
CA ARG F 73 33.52 -47.50 32.49
C ARG F 73 35.01 -47.72 32.29
N LEU F 74 35.83 -47.24 33.22
CA LEU F 74 37.27 -47.32 33.10
C LEU F 74 37.76 -48.77 33.23
N ALA F 75 37.03 -49.66 33.92
CA ALA F 75 37.41 -51.07 33.94
C ALA F 75 37.23 -51.70 32.56
N GLY F 76 36.32 -51.21 31.74
CA GLY F 76 36.14 -51.73 30.40
C GLY F 76 37.32 -51.37 29.50
N ARG F 77 37.74 -50.11 29.55
CA ARG F 77 38.92 -49.62 28.80
C ARG F 77 40.20 -50.32 29.22
N GLU F 78 40.32 -50.72 30.46
CA GLU F 78 41.50 -51.45 30.90
C GLU F 78 41.54 -52.81 30.25
N LEU F 79 40.40 -53.45 30.12
CA LEU F 79 40.35 -54.75 29.48
C LEU F 79 40.59 -54.64 27.98
N LEU F 80 40.03 -53.63 27.33
CA LEU F 80 40.18 -53.42 25.90
C LEU F 80 41.66 -53.23 25.53
N ARG F 81 42.43 -52.67 26.44
CA ARG F 81 43.86 -52.54 26.21
C ARG F 81 44.65 -53.75 26.64
N ASN F 82 44.18 -54.57 27.57
CA ASN F 82 44.89 -55.83 27.92
C ASN F 82 44.81 -56.72 26.73
N LEU F 83 43.69 -56.70 26.06
CA LEU F 83 43.46 -57.54 24.89
C LEU F 83 44.06 -56.96 23.61
N GLY F 84 44.65 -55.78 23.66
CA GLY F 84 45.28 -55.11 22.52
C GLY F 84 44.29 -54.54 21.50
N LEU F 85 43.00 -54.47 21.85
CA LEU F 85 41.95 -53.99 20.96
C LEU F 85 41.95 -52.47 20.85
N THR F 86 42.46 -51.80 21.88
CA THR F 86 42.85 -50.40 21.91
C THR F 86 44.26 -50.32 22.50
N SER F 87 44.89 -49.16 22.43
CA SER F 87 46.25 -48.94 22.95
C SER F 87 46.43 -47.53 23.48
N ALA F 88 47.42 -47.34 24.36
CA ALA F 88 47.70 -46.07 25.00
C ALA F 88 48.87 -45.25 24.40
N ASP F 89 49.71 -45.85 23.56
CA ASP F 89 50.82 -45.16 22.88
C ASP F 89 50.31 -44.18 21.82
N LYS F 90 50.59 -42.88 21.96
CA LYS F 90 50.05 -41.83 21.07
C LYS F 90 50.52 -41.98 19.61
N SER F 91 51.48 -42.85 19.31
CA SER F 91 51.93 -43.12 17.95
C SER F 91 51.12 -44.23 17.25
N ALA F 92 50.30 -45.01 17.95
CA ALA F 92 49.54 -46.12 17.36
C ALA F 92 48.23 -45.68 16.67
N LYS F 93 47.75 -46.48 15.70
CA LYS F 93 46.42 -46.32 15.09
C LYS F 93 45.27 -46.77 15.99
N ASN F 94 45.51 -47.74 16.88
CA ASN F 94 44.56 -48.19 17.90
C ASN F 94 44.48 -47.29 19.15
N LEU F 95 44.96 -46.04 19.05
CA LEU F 95 44.90 -45.06 20.12
C LEU F 95 43.46 -44.73 20.51
N CYS F 96 43.22 -44.67 21.81
CA CYS F 96 42.00 -44.09 22.37
C CYS F 96 42.33 -43.33 23.66
N GLU F 97 42.21 -42.01 23.60
CA GLU F 97 42.26 -41.15 24.78
C GLU F 97 40.94 -41.22 25.55
N TYR F 98 40.88 -40.59 26.72
CA TYR F 98 39.68 -40.48 27.54
C TYR F 98 39.49 -39.05 28.03
N ASN F 99 38.26 -38.56 28.03
CA ASN F 99 37.89 -37.26 28.57
C ASN F 99 38.69 -36.08 27.95
N GLY F 100 38.81 -36.11 26.62
CA GLY F 100 39.51 -35.11 25.80
C GLY F 100 39.29 -35.38 24.31
N GLU F 101 39.54 -34.39 23.46
CA GLU F 101 39.28 -34.44 22.01
C GLU F 101 40.07 -35.49 21.21
N GLY F 102 41.17 -36.05 21.75
CA GLY F 102 41.88 -37.18 21.13
C GLY F 102 41.17 -38.53 21.29
N SER F 103 40.12 -38.60 22.12
CA SER F 103 39.36 -39.82 22.43
C SER F 103 38.69 -40.37 21.18
N CYS F 104 38.86 -41.65 20.89
CA CYS F 104 38.49 -42.19 19.57
C CYS F 104 36.96 -42.20 19.36
N LYS F 105 36.51 -42.67 18.19
CA LYS F 105 35.09 -42.78 17.88
C LYS F 105 34.62 -44.22 17.65
N GLN F 106 35.54 -45.20 17.67
CA GLN F 106 35.35 -46.58 17.21
C GLN F 106 35.21 -47.65 18.29
N CYS F 107 35.67 -47.43 19.52
CA CYS F 107 35.84 -48.52 20.47
C CYS F 107 34.58 -48.77 21.32
N PRO F 108 34.40 -49.98 21.89
CA PRO F 108 33.25 -50.33 22.70
C PRO F 108 32.99 -49.41 23.89
N ASP F 109 34.02 -48.87 24.53
CA ASP F 109 33.83 -47.81 25.52
C ASP F 109 33.12 -46.58 24.94
N CYS F 110 33.68 -46.00 23.88
CA CYS F 110 33.14 -44.82 23.24
C CYS F 110 31.69 -44.98 22.81
N ILE F 111 31.29 -46.17 22.34
CA ILE F 111 29.95 -46.36 21.81
C ILE F 111 28.95 -46.82 22.86
N LEU F 112 29.31 -47.65 23.83
CA LEU F 112 28.36 -48.08 24.85
C LEU F 112 28.20 -47.07 25.99
N TYR F 113 29.23 -46.29 26.35
CA TYR F 113 29.18 -45.33 27.45
C TYR F 113 29.23 -43.87 26.96
N GLY F 114 29.71 -43.59 25.76
CA GLY F 114 29.52 -42.32 25.05
C GLY F 114 30.74 -41.41 24.96
N PHE F 115 30.69 -40.41 24.08
CA PHE F 115 31.74 -39.42 23.87
C PHE F 115 31.15 -38.13 23.31
N ALA F 116 31.79 -36.97 23.48
CA ALA F 116 31.14 -35.73 23.08
C ALA F 116 31.99 -34.58 22.55
N ILE F 117 33.32 -34.60 22.63
CA ILE F 117 34.13 -33.39 22.39
C ILE F 117 34.92 -33.61 21.11
N GLY F 118 34.91 -32.61 20.23
CA GLY F 118 35.71 -32.59 19.01
C GLY F 118 34.90 -32.74 17.73
N ASP F 119 35.56 -32.47 16.61
CA ASP F 119 35.04 -32.71 15.27
C ASP F 119 34.67 -34.18 15.04
N SER F 120 33.71 -34.43 14.16
CA SER F 120 32.82 -35.60 14.12
C SER F 120 31.87 -35.75 15.32
N GLY F 121 31.77 -34.74 16.20
CA GLY F 121 30.62 -34.63 17.07
C GLY F 121 30.62 -35.64 18.21
N SER F 122 29.49 -36.32 18.43
CA SER F 122 29.16 -36.88 19.73
C SER F 122 28.17 -38.03 19.63
N GLU F 123 28.17 -38.90 20.63
CA GLU F 123 27.33 -40.08 20.79
C GLU F 123 26.88 -40.17 22.24
N ARG F 124 25.61 -40.52 22.46
CA ARG F 124 24.97 -40.70 23.76
C ARG F 124 25.20 -42.12 24.28
N SER F 125 25.31 -42.27 25.59
CA SER F 125 25.46 -43.58 26.22
C SER F 125 24.33 -44.53 25.85
N LYS F 126 24.68 -45.80 25.66
CA LYS F 126 23.73 -46.90 25.65
C LYS F 126 23.50 -47.45 27.05
N VAL F 127 24.40 -47.18 27.98
CA VAL F 127 24.27 -47.46 29.41
C VAL F 127 23.69 -46.26 30.17
N TYR F 128 22.44 -46.35 30.61
CA TYR F 128 21.68 -45.43 31.48
C TYR F 128 21.73 -45.85 32.97
N SER F 129 22.43 -45.11 33.82
CA SER F 129 22.36 -45.20 35.30
C SER F 129 21.49 -44.13 35.97
N ASP F 130 21.41 -44.13 37.30
CA ASP F 130 20.76 -43.12 38.15
C ASP F 130 21.68 -42.91 39.36
N SER F 131 21.52 -41.81 40.11
CA SER F 131 22.13 -41.72 41.44
C SER F 131 21.47 -42.74 42.37
N ALA F 132 22.25 -43.40 43.21
CA ALA F 132 21.74 -44.40 44.13
C ALA F 132 21.79 -43.89 45.56
N PHE F 133 20.89 -44.39 46.39
CA PHE F 133 20.65 -43.90 47.74
C PHE F 133 20.91 -45.00 48.77
N SER F 134 21.48 -44.66 49.92
CA SER F 134 21.68 -45.65 50.98
C SER F 134 20.34 -46.15 51.49
N LEU F 135 20.21 -47.45 51.66
CA LEU F 135 19.02 -48.08 52.21
C LEU F 135 18.72 -47.61 53.64
N GLY F 136 19.75 -47.41 54.45
CA GLY F 136 19.63 -46.88 55.80
C GLY F 136 19.99 -45.40 55.97
N ALA F 137 19.81 -44.90 57.18
CA ALA F 137 20.04 -43.51 57.55
C ALA F 137 21.53 -43.11 57.53
N TYR F 138 21.82 -41.91 57.04
CA TYR F 138 23.16 -41.31 57.09
C TYR F 138 23.75 -41.32 58.50
N GLU F 139 22.97 -40.97 59.51
CA GLU F 139 23.42 -40.94 60.90
C GLU F 139 23.75 -42.32 61.50
N GLN F 140 23.41 -43.41 60.82
CA GLN F 140 23.73 -44.79 61.23
C GLN F 140 24.74 -45.49 60.30
N SER F 141 25.33 -44.75 59.36
CA SER F 141 26.08 -45.29 58.20
C SER F 141 27.40 -44.59 57.90
N HIS F 142 27.91 -43.76 58.80
CA HIS F 142 29.09 -42.91 58.59
C HIS F 142 29.94 -42.59 59.84
N ARG F 143 31.23 -42.24 59.65
CA ARG F 143 32.16 -41.70 60.67
C ARG F 143 33.07 -40.60 60.12
N SER F 144 33.54 -39.70 60.97
CA SER F 144 34.57 -38.74 60.60
C SER F 144 35.91 -39.15 61.23
N PHE F 145 36.93 -39.37 60.40
CA PHE F 145 38.27 -39.82 60.82
C PHE F 145 39.34 -38.74 60.55
N THR F 146 40.20 -38.45 61.54
CA THR F 146 41.46 -37.70 61.39
C THR F 146 42.52 -38.45 60.59
N PHE F 147 43.25 -37.76 59.70
CA PHE F 147 44.35 -38.35 58.91
C PHE F 147 45.76 -37.80 59.23
N ASN F 148 46.68 -38.69 59.59
CA ASN F 148 48.03 -38.42 60.13
C ASN F 148 49.00 -37.71 59.17
N ALA F 149 49.91 -36.88 59.69
CA ALA F 149 50.84 -36.07 58.90
C ALA F 149 52.28 -36.07 59.49
N PRO F 150 53.04 -37.16 59.36
CA PRO F 150 54.41 -37.31 59.87
C PRO F 150 55.50 -36.63 59.02
N PHE F 151 56.76 -36.92 59.36
CA PHE F 151 57.94 -36.73 58.48
C PHE F 151 58.77 -38.02 58.37
N GLU F 152 59.66 -38.05 57.37
CA GLU F 152 60.62 -39.12 57.14
C GLU F 152 61.65 -39.28 58.28
N GLY F 153 61.68 -38.35 59.24
CA GLY F 153 62.40 -38.48 60.51
C GLY F 153 61.88 -39.60 61.43
N GLY F 154 60.71 -40.18 61.13
CA GLY F 154 60.15 -41.30 61.90
C GLY F 154 59.42 -40.87 63.17
N THR F 155 59.14 -39.58 63.33
CA THR F 155 58.31 -39.01 64.41
C THR F 155 57.53 -37.81 63.92
N MET F 156 56.39 -37.51 64.55
CA MET F 156 55.30 -36.76 63.88
C MET F 156 55.48 -35.24 63.88
N SER F 157 56.69 -34.71 64.07
CA SER F 157 56.89 -33.30 64.45
C SER F 157 58.08 -32.61 63.78
N GLU F 158 58.00 -31.29 63.61
CA GLU F 158 59.17 -30.43 63.31
C GLU F 158 60.03 -30.28 64.59
N ALA F 159 59.42 -29.79 65.67
CA ALA F 159 59.84 -29.95 67.07
C ALA F 159 58.65 -29.60 67.99
N GLY F 160 58.56 -30.20 69.17
CA GLY F 160 57.61 -29.82 70.23
C GLY F 160 56.12 -30.19 70.02
N VAL F 161 55.56 -30.04 68.81
CA VAL F 161 54.15 -30.32 68.42
C VAL F 161 54.11 -30.93 67.01
N MET F 162 53.05 -31.65 66.63
CA MET F 162 53.00 -32.38 65.34
C MET F 162 52.67 -31.47 64.14
N ARG F 163 52.89 -31.95 62.90
CA ARG F 163 52.85 -31.09 61.69
C ARG F 163 51.47 -30.44 61.51
N SER F 164 51.47 -29.12 61.38
CA SER F 164 50.31 -28.25 61.65
C SER F 164 49.16 -28.43 60.67
N ALA F 165 47.93 -28.22 61.16
CA ALA F 165 46.66 -28.48 60.50
C ALA F 165 46.46 -29.97 60.12
N ILE F 166 46.39 -30.82 61.16
CA ILE F 166 45.81 -32.17 61.12
C ILE F 166 44.32 -32.05 60.75
N ASN F 167 43.90 -32.70 59.66
CA ASN F 167 42.54 -32.53 59.20
C ASN F 167 41.65 -33.73 59.34
N GLU F 168 40.35 -33.51 59.39
CA GLU F 168 39.33 -34.56 59.42
C GLU F 168 38.81 -34.87 58.00
N LEU F 169 38.29 -36.08 57.75
CA LEU F 169 37.48 -36.43 56.58
C LEU F 169 36.32 -37.36 56.98
N ASP F 170 35.24 -37.38 56.21
CA ASP F 170 34.04 -38.20 56.45
C ASP F 170 33.98 -39.41 55.53
N HIS F 171 33.70 -40.60 56.06
CA HIS F 171 33.74 -41.88 55.36
C HIS F 171 32.47 -42.69 55.65
N ILE F 172 32.11 -43.63 54.77
CA ILE F 172 30.86 -44.40 54.84
C ILE F 172 31.16 -45.78 55.43
N LEU F 173 30.40 -46.21 56.41
CA LEU F 173 30.63 -47.44 57.15
C LEU F 173 30.51 -48.69 56.24
N PRO F 174 31.30 -49.76 56.43
CA PRO F 174 31.08 -51.06 55.82
C PRO F 174 29.71 -51.68 56.10
N GLU F 175 29.25 -52.50 55.16
CA GLU F 175 27.98 -53.23 55.18
C GLU F 175 26.71 -52.36 55.13
N VAL F 176 26.79 -51.19 54.49
CA VAL F 176 25.63 -50.39 54.09
C VAL F 176 25.36 -50.56 52.60
N THR F 177 24.09 -50.60 52.22
CA THR F 177 23.68 -51.05 50.88
C THR F 177 23.06 -49.94 50.08
N PHE F 178 23.51 -49.79 48.84
CA PHE F 178 22.98 -48.90 47.82
C PHE F 178 22.29 -49.71 46.70
N PRO F 179 20.98 -49.99 46.76
CA PRO F 179 20.27 -50.64 45.68
C PRO F 179 20.35 -49.82 44.40
N THR F 180 20.65 -50.45 43.27
CA THR F 180 20.89 -49.78 41.99
C THR F 180 20.30 -50.57 40.86
N VAL F 181 19.51 -49.92 40.00
CA VAL F 181 19.16 -50.43 38.68
C VAL F 181 20.00 -49.69 37.65
N GLU F 182 20.82 -50.39 36.87
CA GLU F 182 21.51 -49.85 35.70
C GLU F 182 20.96 -50.49 34.43
N SER F 183 20.95 -49.77 33.31
CA SER F 183 20.21 -50.20 32.13
C SER F 183 20.97 -50.00 30.82
N LEU F 184 20.89 -50.98 29.92
CA LEU F 184 21.54 -51.02 28.62
C LEU F 184 20.50 -51.01 27.51
N ARG F 185 20.66 -50.11 26.54
CA ARG F 185 19.76 -49.85 25.39
C ARG F 185 20.32 -50.41 24.09
N ASP F 186 19.47 -50.94 23.22
CA ASP F 186 19.85 -51.34 21.89
C ASP F 186 21.17 -52.04 21.63
N ALA F 187 21.56 -52.94 22.51
CA ALA F 187 22.84 -53.63 22.39
C ALA F 187 22.78 -54.99 21.69
N THR F 188 23.94 -55.42 21.23
CA THR F 188 24.21 -56.77 20.77
C THR F 188 24.52 -57.68 21.94
N TYR F 189 24.51 -59.00 21.73
CA TYR F 189 24.88 -59.96 22.77
C TYR F 189 26.28 -59.76 23.31
N GLU F 190 27.24 -59.49 22.43
CA GLU F 190 28.59 -59.24 22.84
C GLU F 190 28.69 -57.94 23.64
N GLY F 191 27.89 -56.93 23.31
CA GLY F 191 27.83 -55.68 24.07
C GLY F 191 27.24 -55.87 25.47
N PHE F 192 26.24 -56.72 25.62
CA PHE F 192 25.69 -57.13 26.91
C PHE F 192 26.76 -57.79 27.77
N ILE F 193 27.55 -58.69 27.22
CA ILE F 193 28.58 -59.40 27.98
C ILE F 193 29.70 -58.47 28.41
N TYR F 194 30.00 -57.41 27.66
CA TYR F 194 30.97 -56.39 28.06
C TYR F 194 30.49 -55.57 29.24
N VAL F 195 29.23 -55.12 29.22
CA VAL F 195 28.64 -54.30 30.28
C VAL F 195 28.40 -55.12 31.54
N LEU F 196 27.84 -56.31 31.43
CA LEU F 196 27.72 -57.23 32.56
C LEU F 196 29.09 -57.65 33.10
N GLY F 197 30.09 -57.68 32.23
CA GLY F 197 31.47 -57.78 32.61
C GLY F 197 31.83 -56.68 33.60
N ASN F 198 31.80 -55.43 33.16
CA ASN F 198 32.17 -54.29 33.97
C ASN F 198 31.50 -54.27 35.35
N LEU F 199 30.22 -54.58 35.44
CA LEU F 199 29.47 -54.60 36.70
C LEU F 199 30.04 -55.63 37.67
N LEU F 200 30.37 -56.81 37.16
CA LEU F 200 30.78 -57.96 37.98
C LEU F 200 32.27 -57.84 38.31
N ARG F 201 33.07 -57.33 37.36
CA ARG F 201 34.52 -57.26 37.36
C ARG F 201 35.04 -56.05 38.14
N THR F 202 34.33 -54.93 38.16
CA THR F 202 34.70 -53.77 39.01
C THR F 202 34.54 -54.04 40.51
N LYS F 203 35.46 -53.48 41.31
CA LYS F 203 35.30 -53.29 42.75
C LYS F 203 35.65 -51.91 43.30
N ARG F 204 36.48 -51.06 42.68
CA ARG F 204 36.96 -49.82 43.32
C ARG F 204 36.21 -48.53 42.98
N TYR F 205 35.31 -48.07 43.85
CA TYR F 205 34.36 -46.99 43.54
C TYR F 205 34.64 -45.57 44.03
N GLY F 206 35.06 -45.38 45.28
CA GLY F 206 35.13 -44.07 45.93
C GLY F 206 36.13 -43.07 45.36
N ALA F 207 36.29 -41.97 46.07
CA ALA F 207 37.55 -41.24 46.06
C ALA F 207 38.62 -42.12 46.72
N GLN F 208 39.90 -41.81 46.60
CA GLN F 208 40.97 -42.58 47.24
C GLN F 208 40.89 -44.03 46.76
N GLU F 209 41.01 -44.23 45.47
CA GLU F 209 40.93 -45.54 44.80
C GLU F 209 41.98 -46.56 45.27
N SER F 210 43.13 -46.06 45.75
CA SER F 210 44.22 -46.90 46.14
C SER F 210 44.33 -47.16 47.61
N ARG F 211 43.51 -46.56 48.42
CA ARG F 211 43.48 -46.84 49.84
C ARG F 211 42.14 -47.32 50.35
N THR F 212 41.06 -47.28 49.58
CA THR F 212 39.70 -47.54 50.05
C THR F 212 38.68 -47.72 48.92
N GLY F 213 37.48 -48.19 49.28
CA GLY F 213 36.26 -48.15 48.48
C GLY F 213 36.01 -49.39 47.63
N THR F 214 36.45 -50.55 48.06
CA THR F 214 36.07 -51.82 47.44
C THR F 214 34.62 -52.18 47.73
N MET F 215 33.84 -52.59 46.74
CA MET F 215 32.42 -52.95 46.94
C MET F 215 32.05 -54.33 46.41
N LYS F 216 30.94 -54.86 46.90
CA LYS F 216 30.33 -56.07 46.39
C LYS F 216 29.16 -55.65 45.54
N ASN F 217 29.26 -55.92 44.25
CA ASN F 217 28.20 -55.70 43.27
C ASN F 217 27.28 -56.91 43.22
N HIS F 218 26.37 -57.06 44.18
CA HIS F 218 25.56 -58.26 44.32
C HIS F 218 24.37 -58.20 43.36
N LEU F 219 24.52 -58.73 42.14
CA LEU F 219 23.48 -58.65 41.11
C LEU F 219 22.34 -59.60 41.48
N VAL F 220 21.13 -59.06 41.61
CA VAL F 220 19.92 -59.72 42.12
C VAL F 220 18.92 -60.03 41.02
N GLY F 221 18.91 -59.30 39.91
CA GLY F 221 18.10 -59.65 38.76
C GLY F 221 18.56 -59.02 37.46
N ILE F 222 18.17 -59.59 36.29
CA ILE F 222 18.41 -59.00 34.97
C ILE F 222 17.04 -59.06 34.31
N VAL F 223 16.41 -57.95 33.95
CA VAL F 223 15.07 -57.90 33.39
C VAL F 223 15.12 -57.39 31.96
N PHE F 224 14.72 -58.17 30.98
CA PHE F 224 14.71 -57.73 29.59
C PHE F 224 13.34 -57.05 29.45
N ALA F 225 13.18 -55.88 28.80
CA ALA F 225 11.93 -55.12 28.82
C ALA F 225 11.79 -54.11 27.67
N ASP F 226 10.57 -53.65 27.36
CA ASP F 226 10.36 -52.65 26.30
C ASP F 226 10.43 -51.19 26.79
N GLY F 227 10.90 -50.95 28.01
CA GLY F 227 11.11 -49.59 28.52
C GLY F 227 11.77 -49.54 29.88
N GLU F 228 12.01 -48.32 30.35
CA GLU F 228 12.59 -48.08 31.66
C GLU F 228 11.69 -48.51 32.83
N ILE F 229 12.16 -49.43 33.66
CA ILE F 229 11.56 -49.78 34.95
C ILE F 229 11.85 -48.69 36.01
N PHE F 230 11.54 -48.96 37.28
CA PHE F 230 11.59 -48.02 38.39
C PHE F 230 12.96 -47.36 38.60
N SER F 231 12.96 -46.17 39.22
CA SER F 231 14.16 -45.47 39.68
C SER F 231 14.86 -46.19 40.83
N ASN F 232 16.12 -45.84 41.06
CA ASN F 232 16.90 -46.38 42.17
C ASN F 232 16.27 -46.00 43.50
N LEU F 233 15.81 -44.75 43.66
CA LEU F 233 15.17 -44.30 44.88
C LEU F 233 13.87 -45.04 45.17
N HIS F 234 13.07 -45.35 44.16
CA HIS F 234 11.86 -46.14 44.37
C HIS F 234 12.22 -47.56 44.80
N LEU F 235 13.26 -48.18 44.24
CA LEU F 235 13.68 -49.49 44.72
C LEU F 235 14.14 -49.41 46.17
N THR F 236 14.87 -48.38 46.55
CA THR F 236 15.39 -48.17 47.90
C THR F 236 14.28 -47.96 48.90
N GLN F 237 13.29 -47.15 48.56
CA GLN F 237 12.13 -46.87 49.41
C GLN F 237 11.27 -48.11 49.59
N ALA F 238 11.06 -48.87 48.52
CA ALA F 238 10.32 -50.13 48.59
C ALA F 238 11.04 -51.17 49.44
N LEU F 239 12.34 -51.31 49.24
CA LEU F 239 13.16 -52.26 49.99
C LEU F 239 13.30 -51.90 51.46
N TYR F 240 13.23 -50.63 51.83
CA TYR F 240 13.12 -50.27 53.23
C TYR F 240 11.76 -50.61 53.79
N ASP F 241 10.71 -50.27 53.04
CA ASP F 241 9.36 -50.42 53.54
C ASP F 241 9.05 -51.90 53.84
N GLN F 242 9.54 -52.80 52.95
CA GLN F 242 9.45 -54.25 53.05
C GLN F 242 10.13 -54.86 54.27
N MET F 243 11.09 -54.20 54.92
CA MET F 243 11.75 -54.71 56.12
C MET F 243 11.25 -54.10 57.42
N GLY F 244 10.31 -53.15 57.39
CA GLY F 244 9.89 -52.49 58.63
C GLY F 244 11.02 -51.74 59.36
N GLY F 245 12.10 -51.43 58.65
CA GLY F 245 13.25 -50.65 59.13
C GLY F 245 14.26 -51.43 59.98
N GLU F 246 14.08 -52.73 60.24
CA GLU F 246 15.09 -53.56 60.92
C GLU F 246 16.22 -53.95 59.94
N LEU F 247 17.07 -52.99 59.56
CA LEU F 247 18.10 -53.19 58.54
C LEU F 247 19.24 -54.11 59.00
N ASN F 248 19.35 -54.40 60.30
CA ASN F 248 20.37 -55.20 60.95
C ASN F 248 20.14 -56.72 60.70
N LYS F 249 20.21 -57.13 59.42
CA LYS F 249 20.02 -58.50 58.95
C LYS F 249 21.09 -58.89 57.90
N PRO F 250 21.38 -60.20 57.73
CA PRO F 250 22.42 -60.68 56.83
C PRO F 250 22.31 -60.21 55.38
N ILE F 251 23.45 -60.13 54.73
CA ILE F 251 23.62 -59.65 53.35
C ILE F 251 22.81 -60.49 52.36
N SER F 252 22.83 -61.81 52.47
CA SER F 252 21.96 -62.71 51.70
C SER F 252 20.46 -62.54 51.98
N GLU F 253 20.04 -62.21 53.20
CA GLU F 253 18.63 -62.00 53.51
C GLU F 253 18.14 -60.73 52.82
N LEU F 254 19.00 -59.73 52.75
CA LEU F 254 18.73 -58.54 51.97
C LEU F 254 18.70 -58.83 50.47
N CYS F 255 19.53 -59.74 49.95
CA CYS F 255 19.49 -60.12 48.54
C CYS F 255 18.20 -60.86 48.15
N GLU F 256 17.71 -61.79 48.96
CA GLU F 256 16.39 -62.41 48.73
C GLU F 256 15.22 -61.45 48.93
N THR F 257 15.32 -60.51 49.86
CA THR F 257 14.28 -59.50 50.00
C THR F 257 14.26 -58.61 48.76
N ALA F 258 15.40 -58.17 48.25
CA ALA F 258 15.48 -57.36 47.04
C ALA F 258 14.95 -58.07 45.80
N ALA F 259 15.14 -59.40 45.68
CA ALA F 259 14.53 -60.19 44.64
C ALA F 259 13.00 -60.16 44.76
N THR F 260 12.50 -60.32 45.98
CA THR F 260 11.04 -60.40 46.21
C THR F 260 10.37 -59.03 46.03
N VAL F 261 11.04 -57.92 46.34
CA VAL F 261 10.55 -56.57 46.05
C VAL F 261 10.66 -56.27 44.57
N ALA F 262 11.74 -56.66 43.91
CA ALA F 262 11.91 -56.39 42.49
C ALA F 262 10.80 -57.01 41.64
N GLN F 263 10.45 -58.27 41.89
CA GLN F 263 9.37 -58.93 41.19
C GLN F 263 8.00 -58.32 41.54
N ASP F 264 7.78 -57.90 42.78
CA ASP F 264 6.55 -57.23 43.20
C ASP F 264 6.35 -55.89 42.48
N LEU F 265 7.42 -55.10 42.30
CA LEU F 265 7.37 -53.84 41.58
C LEU F 265 7.21 -54.09 40.09
N LEU F 266 7.94 -55.05 39.52
CA LEU F 266 7.92 -55.33 38.09
C LEU F 266 6.54 -55.74 37.56
N ASN F 267 5.71 -56.42 38.36
CA ASN F 267 4.39 -56.83 37.91
C ASN F 267 3.38 -55.67 37.80
N LYS F 268 3.68 -54.49 38.36
CA LYS F 268 2.77 -53.34 38.33
C LYS F 268 3.35 -52.13 37.61
N GLU F 269 4.37 -52.30 36.78
CA GLU F 269 4.96 -51.25 35.94
C GLU F 269 4.65 -51.46 34.44
N PRO F 270 4.26 -50.43 33.68
CA PRO F 270 3.53 -50.52 32.41
C PRO F 270 4.37 -50.89 31.18
N VAL F 271 5.22 -51.91 31.27
CA VAL F 271 6.20 -52.31 30.24
C VAL F 271 6.17 -53.82 29.97
N ARG F 272 6.31 -54.26 28.71
CA ARG F 272 6.45 -55.68 28.35
C ARG F 272 7.78 -56.21 28.89
N LYS F 273 7.83 -57.48 29.31
CA LYS F 273 9.00 -58.06 29.95
C LYS F 273 9.32 -59.38 29.32
N SER F 274 10.32 -59.43 28.47
CA SER F 274 10.65 -60.63 27.78
C SER F 274 11.12 -61.74 28.68
N GLU F 275 12.08 -61.46 29.53
CA GLU F 275 12.63 -62.44 30.44
C GLU F 275 12.80 -61.76 31.73
N LEU F 276 12.91 -62.51 32.80
CA LEU F 276 13.00 -61.96 34.10
C LEU F 276 13.92 -62.93 34.75
N ILE F 277 15.23 -62.70 34.65
CA ILE F 277 16.22 -63.62 35.18
C ILE F 277 16.39 -63.22 36.61
N PHE F 278 16.07 -64.07 37.55
CA PHE F 278 16.17 -63.82 38.98
C PHE F 278 16.62 -65.08 39.68
N GLY F 279 17.04 -64.97 40.94
CA GLY F 279 17.13 -66.11 41.82
C GLY F 279 17.95 -67.27 41.27
N ALA F 280 17.40 -68.48 41.36
CA ALA F 280 18.10 -69.71 41.02
C ALA F 280 18.56 -69.76 39.55
N HIS F 281 17.87 -69.11 38.62
CA HIS F 281 18.34 -68.98 37.24
C HIS F 281 19.55 -68.06 37.13
N LEU F 282 19.58 -66.95 37.87
CA LEU F 282 20.61 -65.93 37.72
C LEU F 282 21.96 -66.47 38.15
N ASP F 283 22.02 -67.28 39.21
CA ASP F 283 23.27 -67.88 39.62
C ASP F 283 23.84 -68.88 38.59
N THR F 284 23.01 -69.44 37.70
CA THR F 284 23.49 -70.18 36.52
C THR F 284 24.03 -69.25 35.45
N LEU F 285 23.34 -68.14 35.15
CA LEU F 285 23.77 -67.14 34.18
C LEU F 285 25.12 -66.52 34.56
N LEU F 286 25.28 -66.06 35.80
CA LEU F 286 26.48 -65.36 36.21
C LEU F 286 27.66 -66.33 36.26
N GLN F 287 27.44 -67.57 36.69
CA GLN F 287 28.49 -68.60 36.68
C GLN F 287 28.91 -68.99 35.26
N GLU F 288 28.04 -68.91 34.26
CA GLU F 288 28.45 -69.13 32.88
C GLU F 288 29.17 -67.92 32.27
N VAL F 289 28.82 -66.69 32.67
CA VAL F 289 29.57 -65.47 32.26
C VAL F 289 30.95 -65.44 32.91
N ASN F 290 31.08 -65.93 34.14
CA ASN F 290 32.37 -66.06 34.82
C ASN F 290 33.27 -67.13 34.16
N ASP F 291 32.81 -67.85 33.15
CA ASP F 291 33.59 -68.77 32.32
C ASP F 291 33.80 -68.23 30.89
N ILE F 292 33.25 -67.05 30.57
CA ILE F 292 33.53 -66.32 29.33
C ILE F 292 34.67 -65.34 29.62
N TYR F 293 34.63 -64.64 30.75
CA TYR F 293 35.83 -64.16 31.40
C TYR F 293 36.58 -65.39 31.99
N GLN F 294 37.74 -65.25 32.60
CA GLN F 294 38.56 -66.38 33.10
C GLN F 294 39.03 -67.41 32.04
N ASN F 295 38.92 -67.09 30.76
CA ASN F 295 39.36 -67.90 29.63
C ASN F 295 39.88 -66.95 28.57
N ASP F 296 41.06 -67.18 28.02
CA ASP F 296 41.58 -66.27 26.99
C ASP F 296 40.84 -66.42 25.68
N ALA F 297 40.57 -67.65 25.23
CA ALA F 297 40.15 -67.88 23.85
C ALA F 297 38.70 -67.42 23.60
N GLU F 298 37.78 -67.69 24.52
CA GLU F 298 36.41 -67.17 24.44
C GLU F 298 36.35 -65.66 24.54
N LEU F 299 37.10 -65.06 25.47
CA LEU F 299 37.10 -63.63 25.73
C LEU F 299 37.68 -62.83 24.56
N THR F 300 38.84 -63.23 24.05
CA THR F 300 39.50 -62.59 22.91
C THR F 300 38.66 -62.66 21.64
N LYS F 301 37.90 -63.74 21.44
CA LYS F 301 36.93 -63.90 20.35
C LYS F 301 35.75 -62.96 20.55
N LEU F 302 35.06 -63.04 21.68
CA LEU F 302 33.79 -62.36 21.91
C LEU F 302 33.94 -60.84 22.05
N LEU F 303 34.95 -60.36 22.77
CA LEU F 303 35.30 -58.94 22.85
C LEU F 303 35.86 -58.43 21.51
N GLY F 304 36.53 -59.29 20.78
CA GLY F 304 37.01 -58.90 19.49
C GLY F 304 35.84 -58.60 18.64
N SER F 305 34.82 -59.43 18.71
CA SER F 305 33.67 -59.26 17.87
C SER F 305 32.90 -58.03 18.21
N LEU F 306 32.91 -57.64 19.47
CA LEU F 306 32.24 -56.44 19.86
C LEU F 306 32.90 -55.33 19.17
N TYR F 307 34.22 -55.35 19.12
CA TYR F 307 34.94 -54.24 18.55
C TYR F 307 34.52 -54.11 17.16
N GLN F 308 34.33 -55.21 16.46
CA GLN F 308 34.03 -55.13 15.06
C GLN F 308 32.66 -54.58 14.84
N GLN F 309 31.72 -54.92 15.69
CA GLN F 309 30.37 -54.38 15.57
C GLN F 309 30.40 -52.94 15.83
N THR F 310 31.22 -52.54 16.78
CA THR F 310 31.31 -51.18 17.17
C THR F 310 32.01 -50.37 16.14
N GLN F 311 32.93 -50.97 15.43
CA GLN F 311 33.63 -50.29 14.37
C GLN F 311 32.72 -50.15 13.22
N ASP F 312 31.83 -51.11 13.04
CA ASP F 312 30.90 -51.08 11.93
C ASP F 312 29.92 -50.00 12.16
N TYR F 313 29.44 -49.89 13.38
CA TYR F 313 28.52 -48.84 13.71
C TYR F 313 29.21 -47.56 13.43
N ALA F 314 30.43 -47.40 13.84
CA ALA F 314 31.15 -46.14 13.70
C ALA F 314 31.24 -45.68 12.24
N THR F 315 31.44 -46.61 11.31
CA THR F 315 31.56 -46.35 9.87
C THR F 315 30.21 -46.09 9.19
N GLU F 316 29.13 -46.73 9.62
CA GLU F 316 27.82 -46.57 8.97
C GLU F 316 26.90 -45.51 9.60
N PHE F 317 26.93 -45.34 10.92
CA PHE F 317 26.02 -44.46 11.69
C PHE F 317 26.73 -43.54 12.71
N GLY F 318 28.01 -43.77 13.00
CA GLY F 318 28.86 -42.94 13.86
C GLY F 318 29.66 -41.89 13.09
N ALA F 319 30.87 -41.58 13.55
CA ALA F 319 31.74 -40.58 12.93
C ALA F 319 32.08 -40.86 11.46
N LEU F 320 31.82 -39.86 10.61
CA LEU F 320 31.98 -39.83 9.14
C LEU F 320 31.28 -40.96 8.38
N MET G 1 63.56 -70.90 37.96
CA MET G 1 62.19 -70.50 38.37
C MET G 1 61.95 -68.97 38.34
N LEU G 2 62.55 -68.13 39.20
CA LEU G 2 62.16 -66.70 39.30
C LEU G 2 62.29 -65.87 38.01
N ASP G 3 63.23 -66.18 37.12
CA ASP G 3 63.37 -65.50 35.80
C ASP G 3 62.37 -65.99 34.73
N SER G 4 61.62 -67.08 34.95
CA SER G 4 60.44 -67.40 34.12
C SER G 4 59.32 -66.38 34.38
N LEU G 5 59.09 -66.05 35.68
CA LEU G 5 58.06 -65.05 36.11
C LEU G 5 58.37 -63.66 35.57
N LYS G 6 59.63 -63.36 35.31
CA LYS G 6 60.05 -62.08 34.73
C LYS G 6 59.31 -61.74 33.41
N SER G 7 58.83 -62.76 32.69
CA SER G 7 58.01 -62.58 31.48
C SER G 7 56.62 -62.00 31.76
N GLN G 8 56.04 -62.25 32.96
CA GLN G 8 54.67 -61.81 33.34
C GLN G 8 54.65 -60.35 33.77
N PHE G 9 55.52 -59.51 33.25
CA PHE G 9 55.67 -58.09 33.57
C PHE G 9 56.07 -57.32 32.33
N GLN G 10 55.80 -56.03 32.31
CA GLN G 10 56.18 -55.18 31.19
C GLN G 10 57.65 -54.72 31.27
N PRO G 11 58.30 -54.44 30.13
CA PRO G 11 59.68 -53.94 30.10
C PRO G 11 59.82 -52.47 30.52
N SER G 12 58.72 -51.75 30.66
CA SER G 12 58.62 -50.36 31.13
C SER G 12 57.31 -50.17 31.86
N PHE G 13 57.22 -49.19 32.75
CA PHE G 13 55.93 -48.67 33.18
C PHE G 13 55.17 -48.06 31.97
N PRO G 14 53.88 -48.35 31.76
CA PRO G 14 53.10 -47.82 30.67
C PRO G 14 52.43 -46.49 31.01
N ARG G 15 51.95 -45.75 29.99
CA ARG G 15 51.25 -44.46 30.13
C ARG G 15 49.99 -44.56 30.96
N LEU G 16 49.30 -45.69 30.85
CA LEU G 16 48.06 -46.04 31.50
C LEU G 16 48.06 -47.55 31.75
N ALA G 17 47.27 -48.03 32.69
CA ALA G 17 47.19 -49.43 33.03
C ALA G 17 46.79 -50.28 31.81
N SER G 18 47.71 -51.10 31.33
CA SER G 18 47.45 -52.16 30.36
C SER G 18 46.84 -53.42 31.01
N GLY G 19 46.28 -53.31 32.21
CA GLY G 19 45.39 -54.31 32.78
C GLY G 19 46.05 -55.55 33.38
N HIS G 20 47.34 -55.50 33.67
CA HIS G 20 48.06 -56.50 34.48
C HIS G 20 48.17 -56.05 35.94
N TYR G 21 47.78 -56.90 36.87
CA TYR G 21 47.89 -56.73 38.30
C TYR G 21 48.66 -57.90 38.87
N VAL G 22 49.35 -57.69 39.99
CA VAL G 22 49.66 -58.79 40.91
C VAL G 22 49.14 -58.44 42.28
N HIS G 23 48.53 -59.39 42.96
CA HIS G 23 47.92 -59.26 44.27
C HIS G 23 48.67 -60.11 45.27
N PHE G 24 48.86 -59.60 46.48
CA PHE G 24 49.56 -60.25 47.57
C PHE G 24 48.56 -60.53 48.67
N LEU G 25 48.42 -61.78 49.08
CA LEU G 25 47.52 -62.19 50.15
C LEU G 25 48.37 -62.45 51.39
N MET G 26 48.06 -61.82 52.52
CA MET G 26 48.85 -61.95 53.74
C MET G 26 48.01 -61.88 55.00
N LEU G 27 48.23 -62.82 55.91
CA LEU G 27 47.70 -62.77 57.25
C LEU G 27 48.71 -62.01 58.12
N ARG G 28 48.44 -60.74 58.40
CA ARG G 28 49.24 -59.96 59.33
C ARG G 28 48.92 -60.42 60.75
N HIS G 29 49.81 -61.21 61.35
CA HIS G 29 49.69 -61.61 62.76
C HIS G 29 50.23 -60.55 63.71
N SER G 30 49.52 -60.32 64.81
CA SER G 30 49.86 -59.35 65.84
C SER G 30 50.49 -60.02 67.06
N GLN G 31 51.51 -59.36 67.61
CA GLN G 31 52.06 -59.51 68.96
C GLN G 31 52.46 -58.11 69.46
N SER G 32 52.98 -57.94 70.67
CA SER G 32 53.45 -56.63 71.20
C SER G 32 52.39 -55.54 71.32
N PHE G 33 51.14 -55.94 71.59
CA PHE G 33 50.05 -55.05 71.99
C PHE G 33 49.78 -53.81 71.06
N PRO G 34 49.64 -53.94 69.73
CA PRO G 34 49.64 -52.78 68.83
C PRO G 34 48.51 -51.76 68.99
N VAL G 35 48.74 -50.55 68.49
CA VAL G 35 47.78 -49.45 68.43
C VAL G 35 47.66 -48.95 66.98
N PHE G 36 46.44 -48.95 66.39
CA PHE G 36 46.17 -48.61 64.97
C PHE G 36 45.33 -47.32 64.80
N GLN G 37 45.48 -46.39 65.74
CA GLN G 37 44.70 -45.16 65.83
C GLN G 37 45.49 -44.04 66.52
N THR G 38 45.19 -42.79 66.17
CA THR G 38 45.75 -41.56 66.76
C THR G 38 44.65 -40.51 66.94
N ASP G 39 43.47 -40.96 67.42
CA ASP G 39 42.15 -40.34 67.22
C ASP G 39 41.22 -40.45 68.45
N GLY G 40 41.30 -41.54 69.22
CA GLY G 40 40.52 -41.71 70.43
C GLY G 40 40.62 -43.12 71.01
N VAL G 41 40.12 -44.11 70.28
CA VAL G 41 39.99 -45.52 70.71
C VAL G 41 40.29 -46.42 69.52
N LEU G 42 40.68 -47.67 69.78
CA LEU G 42 40.86 -48.69 68.74
C LEU G 42 39.64 -48.78 67.82
N ASN G 43 39.88 -48.69 66.50
CA ASN G 43 38.82 -48.66 65.51
C ASN G 43 38.10 -50.00 65.49
N THR G 44 36.78 -50.00 65.64
CA THR G 44 35.98 -51.22 65.62
C THR G 44 34.70 -51.05 64.82
N THR G 45 34.29 -52.08 64.09
CA THR G 45 33.10 -52.07 63.21
C THR G 45 32.31 -53.37 63.35
N ARG G 46 31.00 -53.26 63.54
CA ARG G 46 30.10 -54.42 63.53
C ARG G 46 29.95 -54.98 62.14
N THR G 47 30.04 -56.29 62.04
CA THR G 47 30.00 -57.06 60.79
C THR G 47 29.22 -58.36 61.00
N GLN G 48 28.72 -58.95 59.93
CA GLN G 48 28.37 -60.35 59.95
C GLN G 48 29.65 -61.16 60.13
N ALA G 49 29.58 -62.19 60.98
CA ALA G 49 30.74 -63.00 61.28
C ALA G 49 31.33 -63.71 60.05
N GLY G 50 30.51 -64.08 59.08
CA GLY G 50 30.91 -64.80 57.87
C GLY G 50 29.79 -64.85 56.86
N LEU G 51 29.97 -65.62 55.78
CA LEU G 51 29.01 -65.72 54.67
C LEU G 51 27.91 -66.78 54.89
N LEU G 52 28.13 -67.73 55.78
CA LEU G 52 27.20 -68.76 56.26
C LEU G 52 27.56 -69.12 57.70
N GLU G 53 26.60 -69.60 58.52
CA GLU G 53 26.77 -69.78 59.97
C GLU G 53 27.10 -68.43 60.65
N LYS G 54 26.23 -67.43 60.40
CA LYS G 54 26.53 -65.99 60.53
C LYS G 54 25.52 -65.21 61.39
N THR G 55 26.05 -64.23 62.13
CA THR G 55 25.33 -63.24 62.95
C THR G 55 26.09 -61.91 62.91
N ASP G 56 25.39 -60.79 63.04
CA ASP G 56 25.93 -59.45 62.80
C ASP G 56 26.10 -58.62 64.08
N GLN G 57 26.51 -59.28 65.17
CA GLN G 57 27.01 -58.66 66.41
C GLN G 57 28.55 -58.51 66.44
N LEU G 58 29.27 -58.99 65.41
CA LEU G 58 30.72 -59.12 65.44
C LEU G 58 31.41 -57.79 65.16
N SER G 59 31.64 -57.01 66.22
CA SER G 59 32.49 -55.81 66.20
C SER G 59 33.96 -56.23 66.18
N ARG G 60 34.57 -56.30 65.00
CA ARG G 60 35.98 -56.64 64.80
C ARG G 60 36.84 -55.38 64.72
N LEU G 61 38.13 -55.48 65.01
CA LEU G 61 39.08 -54.37 64.84
C LEU G 61 39.26 -54.09 63.36
N VAL G 62 39.39 -52.82 62.99
CA VAL G 62 39.82 -52.40 61.66
C VAL G 62 41.12 -51.64 61.71
N MET G 63 42.04 -51.98 60.83
CA MET G 63 43.23 -51.22 60.54
C MET G 63 42.94 -50.29 59.36
N PHE G 64 42.90 -48.99 59.59
CA PHE G 64 42.43 -48.01 58.62
C PHE G 64 43.41 -47.68 57.48
N LYS G 65 42.94 -46.92 56.50
CA LYS G 65 43.39 -46.93 55.11
C LYS G 65 44.84 -46.65 54.77
N ARG G 66 45.55 -45.94 55.66
CA ARG G 66 46.97 -45.71 55.48
C ARG G 66 47.83 -46.28 56.59
N LYS G 67 47.30 -46.93 57.62
CA LYS G 67 48.00 -47.63 58.72
C LYS G 67 48.69 -48.93 58.27
N GLN G 68 48.65 -49.23 56.96
CA GLN G 68 49.31 -50.35 56.29
C GLN G 68 49.80 -49.99 54.87
N THR G 69 49.90 -48.69 54.54
CA THR G 69 50.63 -48.21 53.35
C THR G 69 51.84 -47.42 53.77
N THR G 70 51.66 -46.42 54.63
CA THR G 70 52.74 -45.57 55.12
C THR G 70 53.86 -46.31 55.86
N PRO G 71 53.62 -47.34 56.69
CA PRO G 71 54.72 -48.15 57.22
C PRO G 71 55.59 -48.75 56.12
N GLU G 72 55.02 -49.51 55.18
CA GLU G 72 55.78 -50.23 54.16
C GLU G 72 56.53 -49.27 53.25
N ARG G 73 55.89 -48.10 53.03
CA ARG G 73 56.42 -47.07 52.18
C ARG G 73 57.59 -46.35 52.79
N LEU G 74 57.52 -45.98 54.06
CA LEU G 74 58.62 -45.34 54.78
C LEU G 74 59.75 -46.32 55.02
N ALA G 75 59.43 -47.57 55.35
CA ALA G 75 60.40 -48.63 55.54
C ALA G 75 61.11 -49.01 54.23
N GLY G 76 60.47 -48.76 53.10
CA GLY G 76 61.04 -48.88 51.77
C GLY G 76 61.90 -47.70 51.37
N ARG G 77 61.44 -46.47 51.61
CA ARG G 77 62.23 -45.28 51.29
C ARG G 77 63.54 -45.35 52.04
N GLU G 78 63.48 -45.67 53.33
CA GLU G 78 64.68 -45.87 54.15
C GLU G 78 65.66 -46.88 53.54
N LEU G 79 65.19 -47.91 52.83
CA LEU G 79 66.08 -48.83 52.12
C LEU G 79 66.75 -48.16 50.93
N LEU G 80 66.02 -47.54 50.02
CA LEU G 80 66.62 -46.95 48.83
C LEU G 80 67.40 -45.66 49.10
N ARG G 81 67.34 -45.12 50.33
CA ARG G 81 68.37 -44.24 50.89
C ARG G 81 69.58 -44.99 51.44
N ASN G 82 69.40 -46.01 52.26
CA ASN G 82 70.51 -46.83 52.78
C ASN G 82 71.34 -47.49 51.67
N LEU G 83 70.72 -47.89 50.56
CA LEU G 83 71.40 -48.47 49.41
C LEU G 83 71.88 -47.41 48.41
N GLY G 84 71.51 -46.15 48.63
CA GLY G 84 72.27 -45.01 48.12
C GLY G 84 71.82 -44.42 46.79
N LEU G 85 70.54 -44.50 46.43
CA LEU G 85 70.03 -43.89 45.19
C LEU G 85 69.16 -42.64 45.39
N THR G 86 68.87 -42.26 46.63
CA THR G 86 68.26 -40.98 47.01
C THR G 86 68.65 -40.61 48.43
N SER G 87 68.46 -39.36 48.86
CA SER G 87 68.91 -38.88 50.18
C SER G 87 67.89 -37.96 50.86
N ALA G 88 68.07 -37.79 52.17
CA ALA G 88 67.39 -36.78 52.98
C ALA G 88 68.31 -35.60 53.33
N ASP G 89 69.41 -35.41 52.60
CA ASP G 89 70.44 -34.41 52.88
C ASP G 89 70.13 -33.08 52.16
N LYS G 90 70.22 -31.96 52.89
CA LYS G 90 69.49 -30.68 52.68
C LYS G 90 69.46 -30.09 51.27
N SER G 91 70.45 -30.39 50.46
CA SER G 91 70.71 -29.73 49.18
C SER G 91 71.43 -30.68 48.20
N ALA G 92 71.26 -31.98 48.39
CA ALA G 92 71.83 -32.99 47.50
C ALA G 92 71.07 -33.05 46.15
N LYS G 93 71.75 -33.49 45.09
CA LYS G 93 71.19 -33.67 43.73
C LYS G 93 70.04 -34.69 43.66
N ASN G 94 70.05 -35.66 44.57
CA ASN G 94 69.14 -36.79 44.64
C ASN G 94 68.19 -36.70 45.85
N LEU G 95 67.90 -35.49 46.33
CA LEU G 95 67.05 -35.26 47.50
C LEU G 95 65.60 -35.67 47.25
N CYS G 96 64.97 -36.32 48.22
CA CYS G 96 63.53 -36.67 48.20
C CYS G 96 62.86 -36.46 49.57
N GLU G 97 62.43 -35.24 49.90
CA GLU G 97 61.62 -35.03 51.11
C GLU G 97 60.21 -35.63 50.95
N TYR G 98 59.60 -36.08 52.04
CA TYR G 98 58.35 -36.82 51.98
C TYR G 98 57.12 -35.96 51.64
N ASN G 99 57.13 -34.67 51.98
CA ASN G 99 56.06 -33.70 51.76
C ASN G 99 56.62 -32.37 51.23
N GLY G 100 55.83 -31.63 50.48
CA GLY G 100 56.09 -30.22 50.15
C GLY G 100 56.87 -30.01 48.87
N GLU G 101 57.18 -28.76 48.56
CA GLU G 101 57.58 -28.34 47.21
C GLU G 101 58.89 -28.95 46.71
N GLY G 102 59.82 -29.30 47.61
CA GLY G 102 61.05 -30.00 47.26
C GLY G 102 60.87 -31.51 47.07
N SER G 103 59.71 -32.05 47.41
CA SER G 103 59.40 -33.48 47.31
C SER G 103 59.48 -34.00 45.87
N CYS G 104 59.91 -35.25 45.73
CA CYS G 104 60.32 -35.84 44.48
C CYS G 104 59.15 -36.16 43.53
N LYS G 105 59.48 -36.34 42.25
CA LYS G 105 58.58 -36.75 41.17
C LYS G 105 59.11 -37.96 40.38
N GLN G 106 60.27 -38.51 40.77
CA GLN G 106 61.04 -39.47 39.96
C GLN G 106 61.72 -40.60 40.71
N CYS G 107 61.66 -40.67 42.03
CA CYS G 107 62.15 -41.83 42.75
C CYS G 107 61.09 -42.94 42.77
N PRO G 108 61.46 -44.22 42.90
CA PRO G 108 60.53 -45.33 42.95
C PRO G 108 59.37 -45.17 43.91
N ASP G 109 59.55 -44.64 45.12
CA ASP G 109 58.41 -44.43 46.05
C ASP G 109 57.33 -43.52 45.44
N CYS G 110 57.72 -42.37 44.90
CA CYS G 110 56.78 -41.42 44.33
C CYS G 110 56.00 -42.01 43.15
N ILE G 111 56.56 -42.92 42.36
CA ILE G 111 55.88 -43.53 41.22
C ILE G 111 55.09 -44.80 41.57
N LEU G 112 55.57 -45.62 42.49
CA LEU G 112 54.85 -46.81 42.91
C LEU G 112 53.76 -46.47 43.92
N TYR G 113 54.07 -45.70 44.98
CA TYR G 113 53.12 -45.34 46.04
C TYR G 113 52.46 -43.96 45.90
N GLY G 114 52.85 -43.12 44.94
CA GLY G 114 52.19 -41.84 44.65
C GLY G 114 52.69 -40.50 45.19
N PHE G 115 52.36 -39.38 44.54
CA PHE G 115 52.72 -38.06 45.01
C PHE G 115 51.64 -37.17 44.59
N ALA G 116 51.50 -36.03 45.21
CA ALA G 116 50.44 -35.11 44.87
C ALA G 116 50.71 -33.65 44.90
N ILE G 117 50.87 -33.04 46.07
CA ILE G 117 50.97 -31.59 46.18
C ILE G 117 51.71 -30.74 45.21
N GLY G 118 52.81 -31.21 44.63
CA GLY G 118 53.60 -30.35 43.82
C GLY G 118 52.93 -29.58 42.73
N ASP G 119 53.33 -28.34 42.50
CA ASP G 119 52.84 -27.62 41.35
C ASP G 119 53.49 -28.36 40.22
N SER G 120 52.79 -28.50 39.11
CA SER G 120 53.30 -29.22 37.95
C SER G 120 53.40 -30.71 38.14
N GLY G 121 52.67 -31.27 39.10
CA GLY G 121 52.66 -32.70 39.20
C GLY G 121 51.66 -33.31 40.09
N SER G 122 51.41 -34.59 39.94
CA SER G 122 50.58 -35.34 40.82
C SER G 122 50.60 -36.62 40.12
N GLU G 123 50.69 -37.77 40.84
CA GLU G 123 50.62 -39.13 40.28
C GLU G 123 49.88 -40.08 41.22
N ARG G 124 49.03 -40.94 40.69
CA ARG G 124 48.20 -41.83 41.50
C ARG G 124 49.01 -42.97 41.87
N SER G 125 48.60 -43.63 42.90
CA SER G 125 49.34 -44.74 43.36
C SER G 125 49.21 -45.96 42.48
N LYS G 126 50.30 -46.62 42.15
CA LYS G 126 50.28 -47.89 41.45
C LYS G 126 50.06 -49.05 42.42
N VAL G 127 50.22 -48.88 43.73
CA VAL G 127 49.99 -49.93 44.74
C VAL G 127 48.76 -49.64 45.59
N TYR G 128 47.85 -50.60 45.63
CA TYR G 128 46.49 -50.50 46.13
C TYR G 128 46.31 -51.38 47.35
N SER G 129 45.70 -50.86 48.39
CA SER G 129 45.26 -51.60 49.57
C SER G 129 43.96 -51.00 50.10
N ASP G 130 43.24 -51.74 50.93
CA ASP G 130 42.13 -51.18 51.69
C ASP G 130 42.35 -51.40 53.18
N SER G 131 41.53 -50.76 54.00
CA SER G 131 41.48 -51.03 55.44
C SER G 131 41.21 -52.51 55.70
N ALA G 132 42.08 -53.15 56.48
CA ALA G 132 42.00 -54.56 56.78
C ALA G 132 41.19 -54.79 58.05
N PHE G 133 40.50 -55.91 58.10
CA PHE G 133 39.59 -56.28 59.18
C PHE G 133 40.05 -57.56 59.85
N SER G 134 40.16 -57.52 61.17
CA SER G 134 40.63 -58.65 61.97
C SER G 134 39.72 -59.88 61.91
N LEU G 135 40.30 -61.05 62.14
CA LEU G 135 39.62 -62.35 62.06
C LEU G 135 38.84 -62.71 63.34
N GLY G 136 38.51 -61.77 64.21
CA GLY G 136 37.85 -62.11 65.47
C GLY G 136 37.27 -60.91 66.21
N ALA G 137 36.43 -61.16 67.19
CA ALA G 137 35.72 -60.11 67.92
C ALA G 137 36.68 -59.26 68.77
N TYR G 138 36.39 -57.97 68.93
CA TYR G 138 37.17 -57.07 69.78
C TYR G 138 37.26 -57.57 71.23
N GLU G 139 36.15 -57.99 71.84
CA GLU G 139 36.16 -58.58 73.19
C GLU G 139 36.94 -59.91 73.29
N GLN G 140 37.21 -60.60 72.16
CA GLN G 140 38.11 -61.75 72.06
C GLN G 140 39.51 -61.39 71.54
N SER G 141 39.82 -60.09 71.47
CA SER G 141 41.04 -59.50 70.89
C SER G 141 41.57 -58.29 71.70
N HIS G 142 41.11 -58.11 72.94
CA HIS G 142 41.30 -56.91 73.75
C HIS G 142 42.11 -57.17 75.03
N ARG G 143 42.97 -56.21 75.34
CA ARG G 143 43.62 -55.99 76.65
C ARG G 143 43.76 -54.47 76.86
N SER G 144 43.90 -54.01 78.10
CA SER G 144 44.20 -52.61 78.42
C SER G 144 45.36 -52.45 79.42
N PHE G 145 46.07 -51.33 79.28
CA PHE G 145 47.23 -50.89 80.05
C PHE G 145 47.06 -49.42 80.52
N THR G 146 48.11 -48.75 81.00
CA THR G 146 48.06 -47.35 81.47
C THR G 146 49.37 -46.58 81.24
N PHE G 147 49.31 -45.25 81.23
CA PHE G 147 50.41 -44.34 80.84
C PHE G 147 51.02 -43.65 82.07
N ASN G 148 52.35 -43.70 82.23
CA ASN G 148 53.11 -43.08 83.32
C ASN G 148 54.25 -42.20 82.77
N ALA G 149 54.61 -41.14 83.50
CA ALA G 149 55.34 -40.01 82.92
C ALA G 149 56.59 -39.58 83.73
N PRO G 150 57.62 -40.44 83.84
CA PRO G 150 58.90 -40.07 84.47
C PRO G 150 59.78 -39.21 83.52
N PHE G 151 59.39 -37.96 83.27
CA PHE G 151 60.11 -36.99 82.41
C PHE G 151 61.55 -36.72 82.87
N GLU G 152 61.72 -36.02 84.01
CA GLU G 152 63.02 -35.80 84.68
C GLU G 152 62.86 -35.99 86.20
N GLY G 153 63.77 -36.76 86.81
CA GLY G 153 63.62 -37.31 88.16
C GLY G 153 62.59 -38.45 88.21
N GLY G 154 61.32 -38.12 88.05
CA GLY G 154 60.22 -39.07 87.78
C GLY G 154 59.88 -40.02 88.93
N THR G 155 60.17 -39.64 90.18
CA THR G 155 59.96 -40.47 91.38
C THR G 155 59.19 -39.71 92.45
N MET G 156 58.09 -40.29 92.96
CA MET G 156 57.11 -39.64 93.84
C MET G 156 56.49 -40.61 94.88
N SER G 157 57.20 -41.69 95.21
CA SER G 157 56.70 -42.87 95.94
C SER G 157 56.34 -42.67 97.42
N GLU G 158 57.00 -41.75 98.15
CA GLU G 158 56.61 -41.38 99.52
C GLU G 158 55.44 -40.39 99.58
N ALA G 159 55.25 -39.58 98.53
CA ALA G 159 54.06 -38.75 98.35
C ALA G 159 52.82 -39.57 97.96
N GLY G 160 52.98 -40.58 97.10
CA GLY G 160 51.88 -41.42 96.61
C GLY G 160 51.02 -40.73 95.55
N VAL G 161 51.64 -40.30 94.45
CA VAL G 161 51.00 -39.53 93.36
C VAL G 161 51.66 -39.84 92.00
N MET G 162 50.95 -39.55 90.89
CA MET G 162 51.44 -39.56 89.50
C MET G 162 50.74 -38.45 88.69
N ARG G 163 51.35 -38.02 87.57
CA ARG G 163 50.92 -36.86 86.75
C ARG G 163 49.51 -37.00 86.13
N SER G 164 48.96 -35.89 85.67
CA SER G 164 47.58 -35.73 85.15
C SER G 164 47.24 -36.57 83.91
N ALA G 165 48.25 -36.94 83.13
CA ALA G 165 48.11 -37.72 81.90
C ALA G 165 47.62 -39.16 82.13
N ILE G 166 47.75 -39.73 83.33
CA ILE G 166 47.40 -41.13 83.62
C ILE G 166 45.94 -41.44 83.26
N ASN G 167 45.75 -42.47 82.45
CA ASN G 167 44.47 -42.98 81.96
C ASN G 167 44.59 -44.46 81.56
N GLU G 168 43.48 -45.19 81.45
CA GLU G 168 43.44 -46.55 80.91
C GLU G 168 43.35 -46.53 79.38
N LEU G 169 44.25 -47.27 78.73
CA LEU G 169 44.44 -47.31 77.28
C LEU G 169 44.26 -48.75 76.77
N ASP G 170 43.46 -48.91 75.73
CA ASP G 170 43.25 -50.21 75.07
C ASP G 170 44.37 -50.54 74.08
N HIS G 171 44.75 -51.80 73.97
CA HIS G 171 45.76 -52.34 73.07
C HIS G 171 45.30 -53.66 72.44
N ILE G 172 45.75 -53.95 71.22
CA ILE G 172 45.34 -55.16 70.49
C ILE G 172 46.10 -56.38 71.03
N LEU G 173 45.39 -57.35 71.61
CA LEU G 173 45.96 -58.59 72.16
C LEU G 173 46.82 -59.41 71.15
N PRO G 174 47.88 -60.13 71.56
CA PRO G 174 48.60 -61.08 70.72
C PRO G 174 47.75 -62.28 70.27
N GLU G 175 48.27 -63.04 69.28
CA GLU G 175 47.60 -64.10 68.51
C GLU G 175 46.48 -63.67 67.54
N VAL G 176 46.12 -62.37 67.52
CA VAL G 176 45.19 -61.76 66.57
C VAL G 176 45.77 -61.79 65.14
N THR G 177 44.93 -61.87 64.11
CA THR G 177 45.36 -61.75 62.71
C THR G 177 44.42 -60.88 61.88
N PHE G 178 45.00 -60.06 61.00
CA PHE G 178 44.36 -59.12 60.11
C PHE G 178 44.59 -59.56 58.67
N PRO G 179 43.75 -60.44 58.11
CA PRO G 179 43.86 -60.80 56.70
C PRO G 179 43.85 -59.53 55.86
N THR G 180 44.81 -59.42 54.95
CA THR G 180 44.98 -58.28 54.05
C THR G 180 45.18 -58.77 52.63
N VAL G 181 44.66 -58.05 51.64
CA VAL G 181 45.07 -58.15 50.24
C VAL G 181 45.59 -56.81 49.79
N GLU G 182 46.71 -56.81 49.12
CA GLU G 182 47.32 -55.64 48.50
C GLU G 182 47.61 -55.96 47.06
N SER G 183 47.77 -54.98 46.20
CA SER G 183 48.02 -55.23 44.78
C SER G 183 48.79 -54.10 44.13
N LEU G 184 49.48 -54.33 43.02
CA LEU G 184 49.99 -53.23 42.21
C LEU G 184 49.70 -53.37 40.72
N ARG G 185 49.43 -52.24 40.08
CA ARG G 185 49.16 -52.08 38.66
C ARG G 185 50.46 -51.95 37.88
N ASP G 186 50.54 -52.61 36.73
CA ASP G 186 51.44 -52.28 35.62
C ASP G 186 52.96 -52.16 35.92
N ALA G 187 53.43 -52.92 36.90
CA ALA G 187 54.83 -52.95 37.32
C ALA G 187 55.82 -53.46 36.27
N THR G 188 57.07 -53.00 36.40
CA THR G 188 58.25 -53.70 35.91
C THR G 188 58.66 -54.80 36.90
N TYR G 189 59.53 -55.74 36.52
CA TYR G 189 59.92 -56.85 37.42
C TYR G 189 60.68 -56.40 38.65
N GLU G 190 61.63 -55.46 38.46
CA GLU G 190 62.42 -54.92 39.59
C GLU G 190 61.53 -54.11 40.53
N GLY G 191 60.53 -53.38 40.04
CA GLY G 191 59.51 -52.72 40.85
C GLY G 191 58.65 -53.70 41.62
N PHE G 192 58.32 -54.85 41.03
CA PHE G 192 57.65 -55.92 41.72
C PHE G 192 58.51 -56.49 42.84
N ILE G 193 59.80 -56.72 42.60
CA ILE G 193 60.69 -57.18 43.67
C ILE G 193 60.86 -56.11 44.75
N TYR G 194 60.92 -54.83 44.39
CA TYR G 194 60.96 -53.73 45.35
C TYR G 194 59.76 -53.74 46.28
N VAL G 195 58.54 -53.75 45.75
CA VAL G 195 57.37 -53.76 46.62
C VAL G 195 57.26 -55.06 47.40
N LEU G 196 57.66 -56.19 46.81
CA LEU G 196 57.60 -57.47 47.51
C LEU G 196 58.60 -57.49 48.68
N GLY G 197 59.74 -56.81 48.53
CA GLY G 197 60.62 -56.48 49.63
C GLY G 197 59.92 -55.66 50.67
N ASN G 198 59.33 -54.53 50.32
CA ASN G 198 58.70 -53.66 51.30
C ASN G 198 57.60 -54.34 52.09
N LEU G 199 56.86 -55.25 51.46
CA LEU G 199 55.87 -56.07 52.13
C LEU G 199 56.51 -57.01 53.14
N LEU G 200 57.64 -57.61 52.79
CA LEU G 200 58.31 -58.66 53.55
C LEU G 200 59.21 -58.14 54.68
N ARG G 201 59.89 -57.01 54.46
CA ARG G 201 60.88 -56.40 55.36
C ARG G 201 60.26 -55.74 56.58
N THR G 202 59.23 -54.93 56.35
CA THR G 202 58.63 -54.05 57.36
C THR G 202 58.15 -54.83 58.59
N LYS G 203 58.43 -54.32 59.80
CA LYS G 203 58.00 -54.87 61.09
C LYS G 203 57.05 -53.96 61.87
N ARG G 204 57.32 -52.65 61.90
CA ARG G 204 56.61 -51.66 62.75
C ARG G 204 55.31 -51.16 62.15
N TYR G 205 54.30 -50.97 63.00
CA TYR G 205 52.96 -50.47 62.65
C TYR G 205 52.49 -49.42 63.67
N GLY G 206 51.67 -48.48 63.22
CA GLY G 206 51.35 -47.28 63.98
C GLY G 206 52.37 -46.15 63.78
N ALA G 207 52.29 -45.11 64.59
CA ALA G 207 52.99 -43.84 64.33
C ALA G 207 54.46 -43.78 64.76
N GLN G 208 54.99 -44.74 65.52
CA GLN G 208 56.31 -44.63 66.16
C GLN G 208 57.04 -45.98 66.37
N GLU G 209 58.36 -45.93 66.57
CA GLU G 209 59.28 -47.08 66.61
C GLU G 209 59.51 -47.69 68.00
N SER G 210 59.40 -46.89 69.07
CA SER G 210 59.53 -47.34 70.45
C SER G 210 58.34 -48.17 70.93
N ARG G 211 58.48 -48.83 72.09
CA ARG G 211 57.45 -49.59 72.83
C ARG G 211 56.59 -50.55 72.00
N THR G 212 55.27 -50.60 72.18
CA THR G 212 54.35 -51.51 71.48
C THR G 212 54.38 -51.38 69.94
N GLY G 213 53.90 -52.40 69.23
CA GLY G 213 53.51 -52.28 67.81
C GLY G 213 54.43 -52.88 66.74
N THR G 214 54.86 -54.13 66.89
CA THR G 214 55.60 -54.91 65.89
C THR G 214 54.87 -56.20 65.50
N MET G 215 54.90 -56.58 64.22
CA MET G 215 54.02 -57.62 63.64
C MET G 215 54.70 -58.50 62.59
N LYS G 216 54.13 -59.68 62.34
CA LYS G 216 54.63 -60.71 61.42
C LYS G 216 53.76 -60.76 60.15
N ASN G 217 54.32 -60.48 58.96
CA ASN G 217 53.59 -60.46 57.69
C ASN G 217 53.62 -61.84 56.99
N HIS G 218 52.75 -62.75 57.41
CA HIS G 218 52.71 -64.11 56.89
C HIS G 218 52.02 -64.18 55.51
N LEU G 219 52.80 -63.96 54.45
CA LEU G 219 52.38 -64.01 53.06
C LEU G 219 51.86 -65.41 52.68
N VAL G 220 50.57 -65.55 52.40
CA VAL G 220 49.88 -66.81 52.09
C VAL G 220 49.72 -67.07 50.59
N GLY G 221 49.89 -66.08 49.73
CA GLY G 221 49.88 -66.28 48.28
C GLY G 221 50.13 -65.03 47.48
N ILE G 222 50.58 -65.15 46.24
CA ILE G 222 50.59 -64.03 45.28
C ILE G 222 49.94 -64.46 43.98
N VAL G 223 49.07 -63.59 43.40
CA VAL G 223 48.28 -63.96 42.22
C VAL G 223 48.27 -62.97 41.11
N PHE G 224 48.71 -63.36 39.94
CA PHE G 224 48.82 -62.45 38.82
C PHE G 224 47.41 -62.48 38.25
N ALA G 225 46.79 -61.34 37.89
CA ALA G 225 45.40 -61.31 37.49
C ALA G 225 45.07 -60.11 36.59
N ASP G 226 43.94 -60.15 35.89
CA ASP G 226 43.50 -59.05 35.04
C ASP G 226 42.52 -58.06 35.71
N GLY G 227 42.51 -58.02 37.05
CA GLY G 227 41.67 -57.12 37.83
C GLY G 227 41.61 -57.45 39.31
N GLU G 228 40.85 -56.67 40.07
CA GLU G 228 40.59 -56.84 41.49
C GLU G 228 40.13 -58.26 41.86
N ILE G 229 40.84 -58.87 42.79
CA ILE G 229 40.44 -60.04 43.57
C ILE G 229 39.44 -59.60 44.67
N PHE G 230 39.02 -60.48 45.57
CA PHE G 230 38.16 -60.20 46.70
C PHE G 230 38.63 -59.02 47.57
N SER G 231 37.71 -58.44 48.31
CA SER G 231 38.02 -57.35 49.23
C SER G 231 38.74 -57.85 50.47
N ASN G 232 39.41 -56.92 51.13
CA ASN G 232 40.01 -57.09 52.44
C ASN G 232 39.03 -57.62 53.49
N LEU G 233 37.75 -57.22 53.45
CA LEU G 233 36.71 -57.73 54.37
C LEU G 233 36.17 -59.08 53.94
N HIS G 234 36.08 -59.34 52.65
CA HIS G 234 35.50 -60.58 52.14
C HIS G 234 36.34 -61.77 52.55
N LEU G 235 37.67 -61.65 52.48
CA LEU G 235 38.58 -62.74 52.87
C LEU G 235 38.41 -63.11 54.34
N THR G 236 38.30 -62.12 55.22
CA THR G 236 38.13 -62.38 56.66
C THR G 236 36.78 -63.02 56.96
N GLN G 237 35.69 -62.63 56.28
CA GLN G 237 34.39 -63.27 56.41
C GLN G 237 34.40 -64.71 55.89
N ALA G 238 35.07 -64.92 54.75
CA ALA G 238 35.14 -66.22 54.11
C ALA G 238 35.99 -67.20 54.92
N LEU G 239 37.08 -66.71 55.52
CA LEU G 239 37.96 -67.51 56.34
C LEU G 239 37.35 -67.79 57.72
N TYR G 240 36.59 -66.87 58.30
CA TYR G 240 35.90 -67.13 59.55
C TYR G 240 34.86 -68.24 59.41
N ASP G 241 34.10 -68.26 58.30
CA ASP G 241 33.15 -69.32 58.01
C ASP G 241 33.88 -70.67 57.89
N GLN G 242 34.94 -70.73 57.08
CA GLN G 242 35.69 -71.97 56.87
C GLN G 242 36.32 -72.48 58.16
N MET G 243 36.89 -71.60 58.97
CA MET G 243 37.45 -71.94 60.29
C MET G 243 36.41 -72.24 61.36
N GLY G 244 35.12 -72.00 61.10
CA GLY G 244 34.01 -72.30 62.01
C GLY G 244 34.06 -71.57 63.35
N GLY G 245 34.53 -70.32 63.35
CA GLY G 245 34.50 -69.40 64.50
C GLY G 245 35.43 -69.70 65.68
N GLU G 246 35.92 -70.91 65.88
CA GLU G 246 36.83 -71.29 66.98
C GLU G 246 38.30 -71.00 66.65
N LEU G 247 38.74 -69.76 66.89
CA LEU G 247 40.04 -69.20 66.49
C LEU G 247 41.27 -69.71 67.26
N ASN G 248 41.09 -70.39 68.39
CA ASN G 248 42.17 -70.64 69.35
C ASN G 248 43.21 -71.69 68.91
N LYS G 249 42.89 -72.47 67.88
CA LYS G 249 43.80 -73.43 67.22
C LYS G 249 45.10 -72.76 66.74
N PRO G 250 46.24 -73.48 66.68
CA PRO G 250 47.54 -72.91 66.35
C PRO G 250 47.60 -72.03 65.09
N ILE G 251 48.53 -71.09 65.10
CA ILE G 251 48.74 -70.11 64.01
C ILE G 251 49.04 -70.78 62.66
N SER G 252 49.69 -71.95 62.64
CA SER G 252 49.91 -72.75 61.43
C SER G 252 48.60 -73.20 60.75
N GLU G 253 47.57 -73.49 61.55
CA GLU G 253 46.22 -73.85 61.05
C GLU G 253 45.53 -72.65 60.38
N LEU G 254 45.76 -71.43 60.88
CA LEU G 254 45.31 -70.20 60.22
C LEU G 254 46.00 -70.03 58.87
N CYS G 255 47.29 -70.35 58.81
CA CYS G 255 48.13 -70.13 57.63
C CYS G 255 47.86 -71.13 56.49
N GLU G 256 47.56 -72.39 56.79
CA GLU G 256 47.21 -73.37 55.75
C GLU G 256 45.76 -73.18 55.24
N THR G 257 44.81 -72.89 56.13
CA THR G 257 43.40 -72.65 55.73
C THR G 257 43.25 -71.46 54.80
N ALA G 258 44.00 -70.38 54.98
CA ALA G 258 43.95 -69.22 54.08
C ALA G 258 44.34 -69.54 52.63
N ALA G 259 45.30 -70.45 52.37
CA ALA G 259 45.63 -70.86 50.99
C ALA G 259 44.49 -71.64 50.30
N THR G 260 43.78 -72.50 51.02
CA THR G 260 42.63 -73.25 50.49
C THR G 260 41.33 -72.44 50.42
N VAL G 261 41.13 -71.43 51.26
CA VAL G 261 40.07 -70.40 51.08
C VAL G 261 40.37 -69.48 49.92
N ALA G 262 41.62 -69.10 49.69
CA ALA G 262 41.99 -68.30 48.53
C ALA G 262 41.78 -69.09 47.24
N GLN G 263 42.16 -70.37 47.19
CA GLN G 263 41.95 -71.22 46.01
C GLN G 263 40.46 -71.36 45.62
N ASP G 264 39.55 -71.28 46.58
CA ASP G 264 38.11 -71.30 46.34
C ASP G 264 37.58 -69.96 45.86
N LEU G 265 37.89 -68.88 46.56
CA LEU G 265 37.44 -67.53 46.20
C LEU G 265 37.97 -67.12 44.82
N LEU G 266 39.22 -67.46 44.52
CA LEU G 266 39.86 -67.09 43.25
C LEU G 266 39.19 -67.71 42.03
N ASN G 267 38.53 -68.85 42.21
CA ASN G 267 37.82 -69.56 41.15
C ASN G 267 36.38 -69.05 40.91
N LYS G 268 35.85 -68.21 41.81
CA LYS G 268 34.52 -67.59 41.67
C LYS G 268 34.55 -66.23 40.98
N GLU G 269 35.64 -65.47 41.07
CA GLU G 269 35.75 -64.13 40.50
C GLU G 269 36.02 -64.13 38.99
N PRO G 270 35.49 -63.16 38.24
CA PRO G 270 35.51 -63.11 36.78
C PRO G 270 36.83 -62.58 36.26
N VAL G 271 37.93 -63.19 36.70
CA VAL G 271 39.28 -62.66 36.57
C VAL G 271 40.23 -63.73 36.09
N ARG G 272 40.90 -63.48 34.96
CA ARG G 272 41.93 -64.38 34.43
C ARG G 272 43.14 -64.35 35.33
N LYS G 273 43.88 -65.47 35.33
CA LYS G 273 45.01 -65.59 36.21
C LYS G 273 46.15 -66.14 35.43
N SER G 274 47.07 -65.27 35.03
CA SER G 274 48.27 -65.72 34.34
C SER G 274 49.06 -66.60 35.27
N GLU G 275 48.97 -66.35 36.58
CA GLU G 275 49.64 -67.18 37.56
C GLU G 275 49.00 -67.06 38.90
N LEU G 276 49.27 -68.02 39.76
CA LEU G 276 48.77 -68.00 41.09
C LEU G 276 49.80 -68.77 41.86
N ILE G 277 50.31 -68.22 42.96
CA ILE G 277 51.41 -68.82 43.69
C ILE G 277 50.97 -69.12 45.12
N PHE G 278 51.09 -70.36 45.56
CA PHE G 278 50.70 -70.84 46.89
C PHE G 278 51.53 -72.07 47.30
N GLY G 279 51.54 -72.39 48.60
CA GLY G 279 52.11 -73.61 49.14
C GLY G 279 53.60 -73.80 48.83
N ALA G 280 53.97 -74.98 48.35
CA ALA G 280 55.34 -75.36 48.06
C ALA G 280 56.00 -74.54 46.92
N HIS G 281 55.21 -73.87 46.08
CA HIS G 281 55.74 -72.95 45.07
C HIS G 281 55.85 -71.50 45.58
N LEU G 282 55.17 -71.15 46.67
CA LEU G 282 55.30 -69.83 47.30
C LEU G 282 56.54 -69.74 48.17
N ASP G 283 56.75 -70.69 49.08
CA ASP G 283 57.88 -70.62 50.01
C ASP G 283 59.23 -70.69 49.28
N THR G 284 59.30 -71.44 48.17
CA THR G 284 60.44 -71.48 47.25
C THR G 284 60.60 -70.20 46.42
N LEU G 285 59.56 -69.40 46.19
CA LEU G 285 59.73 -68.03 45.66
C LEU G 285 60.27 -67.09 46.74
N LEU G 286 59.69 -67.14 47.93
CA LEU G 286 59.93 -66.16 48.99
C LEU G 286 61.37 -66.23 49.51
N GLN G 287 61.91 -67.45 49.69
CA GLN G 287 63.31 -67.68 50.02
C GLN G 287 64.28 -67.16 48.96
N GLU G 288 63.86 -67.03 47.70
CA GLU G 288 64.68 -66.58 46.58
C GLU G 288 64.77 -65.06 46.52
N VAL G 289 63.64 -64.35 46.63
CA VAL G 289 63.63 -62.88 46.64
C VAL G 289 64.27 -62.33 47.91
N ASN G 290 64.10 -63.03 49.04
CA ASN G 290 64.80 -62.74 50.29
C ASN G 290 66.32 -62.95 50.17
N ASP G 291 66.81 -63.72 49.18
CA ASP G 291 68.24 -63.86 48.91
C ASP G 291 68.83 -62.60 48.28
N ILE G 292 68.09 -61.93 47.38
CA ILE G 292 68.44 -60.60 46.86
C ILE G 292 68.51 -59.59 47.99
N TYR G 293 67.51 -59.58 48.88
CA TYR G 293 67.42 -58.67 50.04
C TYR G 293 68.49 -58.85 51.13
N GLN G 294 69.36 -59.86 51.04
CA GLN G 294 70.51 -60.05 51.90
C GLN G 294 71.82 -60.28 51.09
N ASN G 295 71.86 -59.83 49.83
CA ASN G 295 73.00 -59.92 48.92
C ASN G 295 73.16 -58.62 48.13
N ASP G 296 73.57 -57.58 48.84
CA ASP G 296 73.48 -56.18 48.40
C ASP G 296 74.15 -55.90 47.04
N ALA G 297 75.12 -56.70 46.67
CA ALA G 297 75.84 -56.66 45.41
C ALA G 297 74.96 -56.92 44.17
N GLU G 298 73.87 -57.68 44.29
CA GLU G 298 72.85 -57.85 43.24
C GLU G 298 71.58 -57.02 43.51
N LEU G 299 71.25 -56.78 44.78
CA LEU G 299 70.17 -55.86 45.20
C LEU G 299 70.38 -54.45 44.62
N THR G 300 71.60 -53.96 44.62
CA THR G 300 71.87 -52.66 44.08
C THR G 300 71.60 -52.62 42.62
N LYS G 301 71.85 -53.72 41.93
CA LYS G 301 71.67 -53.73 40.48
C LYS G 301 70.21 -53.66 40.20
N LEU G 302 69.43 -54.43 40.94
CA LEU G 302 67.98 -54.44 40.76
C LEU G 302 67.38 -53.07 40.90
N LEU G 303 67.53 -52.43 42.06
CA LEU G 303 66.90 -51.14 42.29
C LEU G 303 67.56 -50.10 41.47
N GLY G 304 68.76 -50.38 41.00
CA GLY G 304 69.45 -49.46 40.15
C GLY G 304 68.65 -49.27 38.92
N SER G 305 68.21 -50.37 38.32
CA SER G 305 67.48 -50.27 37.09
C SER G 305 66.09 -49.78 37.36
N LEU G 306 65.57 -49.97 38.57
CA LEU G 306 64.26 -49.46 38.90
C LEU G 306 64.29 -47.99 38.82
N TYR G 307 65.33 -47.37 39.33
CA TYR G 307 65.40 -45.93 39.33
C TYR G 307 65.52 -45.49 37.92
N GLN G 308 66.29 -46.20 37.13
CA GLN G 308 66.46 -45.86 35.72
C GLN G 308 65.12 -45.88 35.04
N GLN G 309 64.32 -46.90 35.31
CA GLN G 309 62.97 -47.01 34.74
C GLN G 309 62.00 -46.06 35.35
N THR G 310 62.16 -45.73 36.62
CA THR G 310 61.23 -44.87 37.31
C THR G 310 61.39 -43.50 36.83
N GLN G 311 62.59 -43.13 36.47
CA GLN G 311 62.86 -41.79 35.95
C GLN G 311 62.68 -41.72 34.48
N ASP G 312 62.80 -42.83 33.79
CA ASP G 312 62.52 -42.81 32.38
C ASP G 312 61.04 -42.55 32.32
N TYR G 313 60.26 -43.19 33.18
CA TYR G 313 58.82 -43.00 33.27
C TYR G 313 58.44 -41.57 33.67
N ALA G 314 59.11 -41.03 34.68
CA ALA G 314 58.85 -39.68 35.17
C ALA G 314 59.01 -38.65 34.07
N THR G 315 60.01 -38.77 33.19
CA THR G 315 60.20 -37.77 32.12
C THR G 315 59.45 -38.08 30.83
N GLU G 316 59.09 -39.35 30.58
CA GLU G 316 58.28 -39.71 29.41
C GLU G 316 56.78 -39.39 29.60
N PHE G 317 56.22 -39.68 30.76
CA PHE G 317 54.80 -39.63 31.05
C PHE G 317 54.44 -38.95 32.38
N GLY G 318 55.29 -39.01 33.41
CA GLY G 318 54.90 -38.63 34.77
C GLY G 318 54.75 -37.14 35.01
N ALA G 319 55.85 -36.40 34.85
CA ALA G 319 56.01 -34.97 35.04
C ALA G 319 57.31 -34.52 34.32
N LEU G 320 57.21 -34.07 33.07
CA LEU G 320 58.30 -33.96 32.09
C LEU G 320 59.66 -33.54 32.66
N THR H 2 -7.16 52.93 -73.07
CA THR H 2 -6.08 52.14 -73.71
C THR H 2 -5.64 51.00 -72.81
N LYS H 3 -5.07 51.26 -71.61
CA LYS H 3 -4.60 50.20 -70.71
C LYS H 3 -5.76 49.59 -69.91
N ILE H 4 -5.71 48.28 -69.63
CA ILE H 4 -6.74 47.56 -68.86
C ILE H 4 -6.07 46.66 -67.82
N TYR H 5 -6.51 46.70 -66.56
CA TYR H 5 -5.99 45.90 -65.46
C TYR H 5 -7.03 44.97 -64.85
N ARG H 6 -6.77 43.67 -64.89
CA ARG H 6 -7.53 42.63 -64.18
C ARG H 6 -7.07 42.51 -62.74
N CYS H 7 -7.92 42.91 -61.81
CA CYS H 7 -7.66 42.90 -60.39
C CYS H 7 -8.45 41.79 -59.70
N LYS H 8 -7.76 40.90 -59.01
CA LYS H 8 -8.39 39.93 -58.12
C LYS H 8 -8.22 40.45 -56.71
N LEU H 9 -9.34 40.55 -56.03
CA LEU H 9 -9.48 41.04 -54.68
C LEU H 9 -9.70 39.83 -53.77
N THR H 10 -8.83 39.56 -52.79
CA THR H 10 -9.01 38.50 -51.79
C THR H 10 -9.20 39.11 -50.41
N LEU H 11 -10.23 38.71 -49.67
CA LEU H 11 -10.56 39.31 -48.39
C LEU H 11 -9.62 38.83 -47.29
N HIS H 12 -8.90 39.76 -46.63
CA HIS H 12 -7.99 39.45 -45.52
C HIS H 12 -8.54 39.73 -44.12
N ASP H 13 -9.68 40.40 -44.03
CA ASP H 13 -10.62 40.24 -42.92
C ASP H 13 -12.04 40.49 -43.45
N ASN H 14 -13.05 40.10 -42.67
CA ASN H 14 -14.43 40.07 -43.15
C ASN H 14 -14.90 41.47 -43.58
N VAL H 15 -15.59 41.59 -44.71
CA VAL H 15 -16.04 42.86 -45.29
C VAL H 15 -17.53 43.04 -45.03
N PHE H 16 -17.92 44.19 -44.46
CA PHE H 16 -19.30 44.53 -44.15
C PHE H 16 -19.70 45.84 -44.81
N PHE H 17 -20.83 45.86 -45.51
CA PHE H 17 -21.52 47.05 -45.99
C PHE H 17 -22.99 46.91 -45.62
N ALA H 18 -23.65 47.93 -45.10
CA ALA H 18 -25.06 47.80 -44.73
C ALA H 18 -26.01 47.92 -45.94
N SER H 19 -25.86 47.01 -46.91
CA SER H 19 -26.45 47.14 -48.24
C SER H 19 -27.97 47.03 -48.23
N ARG H 20 -28.55 46.14 -47.42
CA ARG H 20 -29.96 46.19 -47.07
C ARG H 20 -30.11 45.81 -45.60
N GLU H 21 -31.18 46.25 -44.98
CA GLU H 21 -31.38 46.19 -43.54
C GLU H 21 -32.77 45.64 -43.26
N MET H 22 -32.82 44.62 -42.41
CA MET H 22 -34.00 43.78 -42.17
C MET H 22 -34.04 43.41 -40.70
N GLY H 23 -34.81 44.18 -39.94
CA GLY H 23 -34.88 44.06 -38.50
C GLY H 23 -33.52 44.31 -37.86
N ILE H 24 -33.11 43.39 -36.97
CA ILE H 24 -31.83 43.43 -36.27
C ILE H 24 -30.65 43.10 -37.20
N LEU H 25 -30.86 42.51 -38.38
CA LEU H 25 -29.79 42.09 -39.29
C LEU H 25 -29.61 43.00 -40.51
N TYR H 26 -28.36 43.38 -40.72
CA TYR H 26 -27.85 44.22 -41.79
C TYR H 26 -26.99 43.35 -42.68
N GLU H 27 -27.08 43.45 -44.00
CA GLU H 27 -26.37 42.52 -44.87
C GLU H 27 -25.65 43.11 -46.05
N THR H 28 -24.62 42.39 -46.50
CA THR H 28 -23.67 42.84 -47.51
C THR H 28 -23.99 42.16 -48.81
N GLU H 29 -24.20 42.92 -49.86
CA GLU H 29 -24.47 42.37 -51.16
C GLU H 29 -23.24 41.67 -51.75
N LYS H 30 -23.43 40.65 -52.57
CA LYS H 30 -22.33 39.83 -53.09
C LYS H 30 -21.58 40.48 -54.25
N TYR H 31 -21.78 41.77 -54.52
CA TYR H 31 -21.05 42.51 -55.54
C TYR H 31 -20.49 43.77 -54.89
N PHE H 32 -19.20 44.05 -55.06
CA PHE H 32 -18.68 45.32 -54.60
C PHE H 32 -19.02 46.40 -55.62
N HIS H 33 -19.78 47.40 -55.20
CA HIS H 33 -20.15 48.53 -56.03
C HIS H 33 -18.95 49.34 -56.50
N ASN H 34 -19.06 49.79 -57.74
CA ASN H 34 -18.03 50.53 -58.39
C ASN H 34 -17.60 51.76 -57.67
N TRP H 35 -18.52 52.57 -57.15
CA TRP H 35 -18.13 53.84 -56.56
C TRP H 35 -17.38 53.59 -55.25
N ALA H 36 -17.75 52.56 -54.50
CA ALA H 36 -17.03 52.13 -53.32
C ALA H 36 -15.60 51.66 -53.63
N LEU H 37 -15.41 50.92 -54.71
CA LEU H 37 -14.09 50.48 -55.05
C LEU H 37 -13.27 51.66 -55.55
N SER H 38 -13.81 52.59 -56.33
CA SER H 38 -13.07 53.74 -56.84
C SER H 38 -12.49 54.61 -55.72
N TYR H 39 -13.21 54.78 -54.64
CA TYR H 39 -12.71 55.54 -53.51
C TYR H 39 -11.75 54.70 -52.70
N ALA H 40 -11.94 53.42 -52.62
CA ALA H 40 -10.98 52.52 -51.97
C ALA H 40 -9.61 52.45 -52.65
N PHE H 41 -9.57 52.49 -53.99
CA PHE H 41 -8.32 52.54 -54.74
C PHE H 41 -7.66 53.92 -54.76
N PHE H 42 -8.44 55.00 -54.95
CA PHE H 42 -7.90 56.31 -55.31
C PHE H 42 -8.14 57.44 -54.30
N LYS H 43 -8.82 57.22 -53.17
CA LYS H 43 -8.87 58.24 -52.11
C LYS H 43 -7.53 58.35 -51.39
N GLY H 44 -7.08 59.59 -51.19
CA GLY H 44 -5.72 59.97 -50.75
C GLY H 44 -4.69 60.07 -51.88
N THR H 45 -4.69 59.16 -52.85
CA THR H 45 -3.77 59.24 -54.00
C THR H 45 -4.24 60.22 -55.07
N ILE H 46 -5.54 60.29 -55.34
CA ILE H 46 -6.14 61.19 -56.35
C ILE H 46 -7.30 61.99 -55.76
N ILE H 47 -8.36 61.37 -55.27
CA ILE H 47 -9.50 62.09 -54.73
C ILE H 47 -9.06 62.56 -53.37
N PRO H 48 -9.41 63.77 -52.95
CA PRO H 48 -9.05 64.15 -51.58
C PRO H 48 -9.64 63.30 -50.42
N HIS H 49 -8.98 63.19 -49.24
CA HIS H 49 -9.45 62.38 -48.10
C HIS H 49 -9.53 63.25 -46.83
N PRO H 50 -10.56 64.09 -46.68
CA PRO H 50 -10.71 64.96 -45.52
C PRO H 50 -11.00 64.13 -44.27
N TYR H 51 -10.19 64.18 -43.22
CA TYR H 51 -10.53 63.41 -42.05
C TYR H 51 -11.89 63.78 -41.49
N GLY H 52 -12.23 65.06 -41.32
CA GLY H 52 -13.49 65.48 -40.70
C GLY H 52 -14.54 65.94 -41.69
N LEU H 53 -15.82 65.80 -41.35
CA LEU H 53 -16.96 66.42 -42.03
C LEU H 53 -17.94 67.03 -41.02
N VAL H 54 -18.58 68.14 -41.37
CA VAL H 54 -19.54 68.86 -40.51
C VAL H 54 -20.62 69.55 -41.34
N GLY H 55 -21.82 69.72 -40.79
CA GLY H 55 -22.97 70.27 -41.52
C GLY H 55 -23.58 69.22 -42.45
N GLN H 56 -24.27 69.65 -43.49
CA GLN H 56 -24.97 68.76 -44.41
C GLN H 56 -24.01 67.77 -45.11
N ASN H 57 -22.76 68.18 -45.31
CA ASN H 57 -21.69 67.38 -45.87
C ASN H 57 -21.30 66.15 -45.02
N ALA H 58 -21.77 66.06 -43.77
CA ALA H 58 -21.57 64.91 -42.92
C ALA H 58 -22.60 63.80 -43.20
N GLN H 59 -23.73 64.10 -43.84
CA GLN H 59 -24.83 63.17 -44.10
C GLN H 59 -25.17 63.00 -45.59
N THR H 60 -24.72 63.91 -46.44
CA THR H 60 -25.05 63.93 -47.87
C THR H 60 -23.84 63.46 -48.65
N PRO H 61 -23.94 62.45 -49.51
CA PRO H 61 -22.85 62.01 -50.38
C PRO H 61 -22.35 63.09 -51.33
N ALA H 62 -21.21 62.94 -51.98
CA ALA H 62 -20.73 63.91 -52.98
C ALA H 62 -20.21 63.23 -54.18
N TYR H 63 -20.86 62.19 -54.62
CA TYR H 63 -20.31 61.38 -55.67
C TYR H 63 -20.01 62.13 -56.91
N LEU H 64 -20.95 62.90 -57.40
CA LEU H 64 -20.78 63.56 -58.66
C LEU H 64 -21.09 65.04 -58.50
N ASP H 65 -20.53 65.69 -57.48
CA ASP H 65 -20.73 67.12 -57.23
C ASP H 65 -19.39 67.73 -57.47
N ARG H 66 -19.26 68.69 -58.40
CA ARG H 66 -17.94 69.20 -58.75
C ARG H 66 -17.49 70.26 -57.77
N ASP H 67 -18.37 70.75 -56.92
CA ASP H 67 -17.98 71.71 -55.90
C ASP H 67 -17.35 71.02 -54.71
N ARG H 68 -17.85 69.85 -54.36
CA ARG H 68 -17.36 69.17 -53.18
C ARG H 68 -16.07 68.53 -53.51
N GLU H 69 -15.25 68.25 -52.51
CA GLU H 69 -13.94 67.69 -52.74
C GLU H 69 -13.94 66.24 -53.06
N GLN H 70 -14.67 65.41 -52.34
CA GLN H 70 -14.66 64.00 -52.55
C GLN H 70 -15.57 63.68 -53.69
N ASN H 71 -15.08 63.74 -54.92
CA ASN H 71 -15.89 63.50 -56.08
C ASN H 71 -15.23 62.48 -56.83
N LEU H 72 -15.99 61.65 -57.53
CA LEU H 72 -15.41 60.62 -58.36
C LEU H 72 -15.11 61.21 -59.70
N LEU H 73 -15.48 62.46 -59.95
CA LEU H 73 -15.30 63.07 -61.23
C LEU H 73 -13.84 63.41 -61.40
N HIS H 74 -13.09 63.48 -60.31
CA HIS H 74 -11.68 63.68 -60.41
C HIS H 74 -11.10 62.56 -61.18
N LEU H 75 -11.63 61.37 -61.02
CA LEU H 75 -11.16 60.22 -61.77
C LEU H 75 -11.51 60.28 -63.23
N ASN H 76 -12.63 60.86 -63.59
CA ASN H 76 -12.94 61.04 -64.99
C ASN H 76 -11.80 61.79 -65.59
N ASP H 77 -11.31 62.79 -64.88
CA ASP H 77 -10.26 63.63 -65.39
C ASP H 77 -8.95 62.94 -65.51
N SER H 78 -8.60 62.11 -64.54
CA SER H 78 -7.36 61.37 -64.60
C SER H 78 -7.47 60.28 -65.61
N GLY H 79 -8.65 60.06 -66.14
CA GLY H 79 -8.89 59.08 -67.17
C GLY H 79 -8.75 57.70 -66.62
N ILE H 80 -9.47 57.39 -65.54
CA ILE H 80 -9.51 56.03 -64.98
C ILE H 80 -10.96 55.63 -64.75
N TYR H 81 -11.32 54.32 -64.82
CA TYR H 81 -12.67 53.82 -64.49
C TYR H 81 -12.60 52.41 -64.00
N VAL H 82 -13.07 52.12 -62.80
CA VAL H 82 -13.09 50.77 -62.24
C VAL H 82 -14.49 50.34 -62.57
N PHE H 83 -14.73 49.05 -62.78
CA PHE H 83 -16.05 48.54 -63.06
C PHE H 83 -16.44 47.98 -61.70
N PRO H 84 -17.67 47.44 -61.53
CA PRO H 84 -17.98 46.89 -60.22
C PRO H 84 -17.37 45.51 -60.10
N ALA H 85 -17.46 44.82 -58.97
CA ALA H 85 -16.76 43.53 -58.78
C ALA H 85 -17.60 42.25 -58.79
N GLN H 86 -17.27 41.30 -59.65
CA GLN H 86 -17.94 40.01 -59.78
C GLN H 86 -17.45 39.02 -58.71
N PRO H 87 -18.31 38.39 -57.92
CA PRO H 87 -17.89 37.42 -56.91
C PRO H 87 -17.49 36.07 -57.53
N ILE H 88 -16.23 35.66 -57.39
CA ILE H 88 -15.70 34.39 -57.92
C ILE H 88 -15.84 33.23 -56.92
N HIS H 89 -15.61 33.49 -55.65
CA HIS H 89 -15.77 32.58 -54.51
C HIS H 89 -16.18 33.46 -53.35
N TRP H 90 -17.24 33.10 -52.63
CA TRP H 90 -17.62 33.86 -51.46
C TRP H 90 -18.25 33.01 -50.40
N SER H 91 -18.22 33.52 -49.19
CA SER H 91 -18.89 32.98 -48.03
C SER H 91 -19.31 34.12 -47.14
N TYR H 92 -20.35 33.89 -46.34
CA TYR H 92 -20.88 34.86 -45.42
C TYR H 92 -20.74 34.40 -43.98
N GLN H 93 -20.37 35.29 -43.07
CA GLN H 93 -20.56 35.11 -41.64
C GLN H 93 -21.57 36.10 -41.11
N ILE H 94 -22.55 35.65 -40.33
CA ILE H 94 -23.40 36.56 -39.56
C ILE H 94 -22.81 36.67 -38.18
N ASN H 95 -22.26 37.83 -37.83
CA ASN H 95 -21.67 38.08 -36.51
C ASN H 95 -22.33 39.31 -35.87
N THR H 96 -22.81 39.20 -34.63
CA THR H 96 -23.33 40.35 -33.89
C THR H 96 -22.27 41.39 -33.51
N PHE H 97 -22.67 42.66 -33.44
CA PHE H 97 -21.91 43.76 -32.87
C PHE H 97 -22.77 44.66 -31.98
N LYS H 98 -22.18 45.31 -30.97
CA LYS H 98 -22.87 46.22 -30.03
C LYS H 98 -22.12 47.49 -29.63
N ALA H 99 -22.81 48.41 -28.94
CA ALA H 99 -22.19 49.51 -28.19
C ALA H 99 -21.79 49.11 -26.76
N ALA H 100 -20.62 49.54 -26.30
CA ALA H 100 -19.96 49.22 -25.04
C ALA H 100 -20.56 49.90 -23.81
N GLN H 101 -20.58 49.17 -22.69
CA GLN H 101 -20.81 49.75 -21.36
C GLN H 101 -19.46 50.15 -20.74
N SER H 102 -19.05 51.39 -21.01
CA SER H 102 -17.87 52.02 -20.42
C SER H 102 -18.05 52.37 -18.94
N ALA H 103 -19.23 52.84 -18.52
CA ALA H 103 -19.51 53.13 -17.13
C ALA H 103 -19.60 51.85 -16.28
N TYR H 104 -19.35 51.93 -14.98
CA TYR H 104 -19.48 50.76 -14.14
C TYR H 104 -20.93 50.24 -14.15
N TYR H 105 -21.94 51.07 -14.19
CA TYR H 105 -23.35 50.70 -14.28
C TYR H 105 -23.91 50.81 -15.71
N GLY H 106 -24.60 49.77 -16.18
CA GLY H 106 -25.34 49.74 -17.44
C GLY H 106 -26.80 49.32 -17.34
N ARG H 107 -27.71 50.04 -18.00
CA ARG H 107 -29.01 49.52 -18.47
C ARG H 107 -29.08 49.43 -20.00
N ASN H 123 -27.21 50.58 -29.45
CA ASN H 123 -27.90 49.32 -29.16
C ASN H 123 -27.06 48.13 -29.70
N TYR H 124 -27.65 47.16 -30.41
CA TYR H 124 -26.92 46.05 -31.04
C TYR H 124 -27.55 45.62 -32.37
N GLY H 125 -26.79 44.88 -33.19
CA GLY H 125 -27.16 44.48 -34.54
C GLY H 125 -26.42 43.22 -35.00
N ARG H 126 -26.88 42.57 -36.07
CA ARG H 126 -26.17 41.45 -36.71
C ARG H 126 -25.66 41.85 -38.09
N ALA H 127 -24.37 41.70 -38.35
CA ALA H 127 -23.78 41.97 -39.65
C ALA H 127 -23.61 40.65 -40.41
N LYS H 128 -24.20 40.51 -41.58
CA LYS H 128 -23.86 39.50 -42.59
C LYS H 128 -22.68 40.01 -43.40
N GLU H 129 -21.49 39.64 -42.97
CA GLU H 129 -20.22 40.05 -43.56
C GLU H 129 -19.83 39.07 -44.65
N LEU H 130 -19.18 39.50 -45.72
CA LEU H 130 -18.42 38.60 -46.58
C LEU H 130 -17.14 38.16 -45.87
N ALA H 131 -16.83 36.88 -45.89
CA ALA H 131 -15.80 36.31 -45.04
C ALA H 131 -14.41 36.22 -45.68
N VAL H 132 -13.38 35.98 -44.87
CA VAL H 132 -11.98 35.79 -45.28
C VAL H 132 -11.80 34.77 -46.39
N GLY H 133 -12.54 33.66 -46.36
CA GLY H 133 -12.59 32.71 -47.47
C GLY H 133 -13.29 33.22 -48.74
N SER H 134 -12.89 34.36 -49.32
CA SER H 134 -13.57 34.94 -50.49
C SER H 134 -12.66 35.71 -51.43
N GLU H 135 -13.03 35.72 -52.71
CA GLU H 135 -12.30 36.35 -53.80
C GLU H 135 -13.24 36.92 -54.88
N PHE H 136 -12.98 38.16 -55.33
CA PHE H 136 -13.81 38.92 -56.24
C PHE H 136 -12.95 39.45 -57.39
N LEU H 137 -13.55 39.72 -58.55
CA LEU H 137 -12.83 40.08 -59.75
C LEU H 137 -13.35 41.39 -60.33
N THR H 138 -12.48 42.37 -60.60
CA THR H 138 -12.89 43.65 -61.17
C THR H 138 -11.92 44.00 -62.23
N TYR H 139 -12.14 45.09 -62.95
CA TYR H 139 -11.29 45.49 -64.01
C TYR H 139 -11.20 46.99 -63.95
N ILE H 140 -10.03 47.56 -64.20
CA ILE H 140 -9.82 49.01 -64.19
C ILE H 140 -9.48 49.31 -65.63
N VAL H 141 -9.74 50.49 -66.13
CA VAL H 141 -9.43 50.88 -67.48
C VAL H 141 -8.80 52.24 -67.30
N SER H 142 -7.76 52.59 -68.05
CA SER H 142 -7.02 53.85 -67.92
C SER H 142 -6.47 54.33 -69.25
N GLN H 143 -6.22 55.63 -69.40
CA GLN H 143 -5.46 56.18 -70.52
C GLN H 143 -3.93 56.10 -70.32
N LYS H 144 -3.46 55.70 -69.13
CA LYS H 144 -2.05 55.77 -68.72
C LYS H 144 -1.66 54.69 -67.72
N GLU H 145 -0.37 54.36 -67.61
CA GLU H 145 0.14 53.40 -66.65
C GLU H 145 -0.15 53.87 -65.23
N LEU H 146 -0.64 52.95 -64.38
CA LEU H 146 -1.19 53.25 -63.08
C LEU H 146 -0.53 52.43 -61.95
N ASP H 147 -0.07 53.10 -60.90
CA ASP H 147 0.56 52.50 -59.71
C ASP H 147 -0.49 52.00 -58.68
N LEU H 148 -1.29 51.02 -59.07
CA LEU H 148 -2.39 50.52 -58.24
C LEU H 148 -1.86 49.89 -56.93
N PRO H 149 -2.45 50.20 -55.77
CA PRO H 149 -2.00 49.69 -54.48
C PRO H 149 -2.32 48.20 -54.27
N VAL H 150 -1.36 47.42 -53.77
CA VAL H 150 -1.50 45.97 -53.52
C VAL H 150 -2.32 45.64 -52.25
N TRP H 151 -2.72 46.66 -51.49
CA TRP H 151 -3.70 46.59 -50.42
C TRP H 151 -4.71 47.73 -50.50
N ILE H 152 -5.99 47.43 -50.29
CA ILE H 152 -7.07 48.41 -50.15
C ILE H 152 -7.91 48.07 -48.92
N ARG H 153 -8.74 49.01 -48.47
CA ARG H 153 -9.74 48.79 -47.42
C ARG H 153 -11.14 49.08 -47.93
N LEU H 154 -12.14 48.29 -47.52
CA LEU H 154 -13.55 48.49 -47.87
C LEU H 154 -14.46 48.49 -46.64
N GLY H 155 -15.59 49.19 -46.77
CA GLY H 155 -16.79 48.93 -45.98
C GLY H 155 -16.76 49.45 -44.54
N LYS H 156 -17.83 49.14 -43.81
CA LYS H 156 -18.19 49.57 -42.45
C LYS H 156 -17.09 49.42 -41.40
N TRP H 157 -16.09 48.58 -41.68
CA TRP H 157 -15.03 48.17 -40.78
C TRP H 157 -13.62 48.30 -41.37
N SER H 158 -13.51 49.00 -42.50
CA SER H 158 -12.24 49.38 -43.13
C SER H 158 -11.34 48.16 -43.33
N SER H 159 -11.92 47.20 -44.01
CA SER H 159 -11.51 45.80 -44.00
C SER H 159 -10.55 45.50 -45.14
N LYS H 160 -9.47 44.79 -44.87
CA LYS H 160 -8.34 44.62 -45.78
C LYS H 160 -8.66 43.69 -46.94
N ILE H 161 -8.27 44.12 -48.12
CA ILE H 161 -8.28 43.32 -49.32
C ILE H 161 -6.87 43.27 -49.90
N ARG H 162 -6.39 42.06 -50.18
CA ARG H 162 -5.24 41.84 -51.05
C ARG H 162 -5.67 42.04 -52.49
N VAL H 163 -5.06 42.98 -53.20
CA VAL H 163 -5.23 43.16 -54.64
C VAL H 163 -4.05 42.57 -55.36
N GLU H 164 -4.22 41.52 -56.14
CA GLU H 164 -3.18 41.09 -57.07
C GLU H 164 -3.66 41.44 -58.48
N VAL H 165 -2.83 42.15 -59.24
CA VAL H 165 -3.25 42.88 -60.44
C VAL H 165 -2.34 42.58 -61.61
N GLU H 166 -2.92 42.35 -62.78
CA GLU H 166 -2.19 42.13 -64.03
C GLU H 166 -2.71 43.05 -65.13
N ALA H 167 -1.80 43.67 -65.87
CA ALA H 167 -2.15 44.45 -67.07
C ALA H 167 -2.48 43.51 -68.24
N ILE H 168 -3.64 43.68 -68.87
CA ILE H 168 -3.98 42.95 -70.09
C ILE H 168 -3.23 43.54 -71.29
N ALA H 169 -2.31 42.77 -71.85
CA ALA H 169 -1.47 43.18 -72.96
C ALA H 169 -2.25 43.23 -74.30
N PRO H 170 -1.78 44.04 -75.26
CA PRO H 170 -2.44 44.15 -76.56
C PRO H 170 -2.46 42.85 -77.38
N ASP H 171 -1.65 41.83 -77.04
CA ASP H 171 -1.71 40.51 -77.68
C ASP H 171 -2.95 39.69 -77.30
N GLN H 172 -3.74 40.11 -76.30
CA GLN H 172 -4.95 39.40 -75.86
C GLN H 172 -6.24 40.26 -75.88
N ILE H 173 -6.17 41.59 -75.95
CA ILE H 173 -7.39 42.38 -76.22
C ILE H 173 -7.67 42.43 -77.72
N LYS H 174 -8.93 42.63 -78.09
CA LYS H 174 -9.33 43.12 -79.40
C LYS H 174 -10.51 44.06 -79.26
N THR H 175 -10.65 45.01 -80.18
CA THR H 175 -11.71 46.01 -80.21
C THR H 175 -12.72 45.66 -81.28
N ALA H 176 -14.01 45.74 -80.98
CA ALA H 176 -15.08 45.47 -81.93
C ALA H 176 -16.35 46.24 -81.55
N SER H 177 -17.39 46.14 -82.37
CA SER H 177 -18.66 46.81 -82.15
C SER H 177 -19.80 45.98 -82.71
N GLY H 178 -20.95 45.98 -82.05
CA GLY H 178 -22.09 45.16 -82.41
C GLY H 178 -23.00 44.93 -81.23
N VAL H 179 -23.62 43.76 -81.15
CA VAL H 179 -24.39 43.33 -79.98
C VAL H 179 -23.60 42.29 -79.20
N TYR H 180 -23.46 42.47 -77.88
CA TYR H 180 -22.71 41.59 -76.97
C TYR H 180 -23.38 41.44 -75.60
N VAL H 181 -23.32 40.24 -75.01
CA VAL H 181 -23.70 40.04 -73.60
C VAL H 181 -22.51 40.22 -72.68
N CYS H 182 -22.55 41.28 -71.87
CA CYS H 182 -21.60 41.52 -70.80
C CYS H 182 -21.88 40.60 -69.62
N ASN H 183 -21.05 39.58 -69.41
CA ASN H 183 -21.17 38.68 -68.27
C ASN H 183 -20.70 39.36 -66.95
N HIS H 184 -20.09 40.55 -67.00
CA HIS H 184 -19.58 41.27 -65.78
C HIS H 184 -20.61 42.17 -65.18
N PRO H 185 -20.38 42.65 -63.96
CA PRO H 185 -21.32 43.65 -63.50
C PRO H 185 -21.07 44.95 -64.20
N LEU H 186 -21.98 45.90 -64.10
CA LEU H 186 -21.85 47.16 -64.79
C LEU H 186 -22.72 48.11 -64.01
N ASN H 187 -22.45 49.41 -63.96
CA ASN H 187 -23.28 50.42 -63.29
C ASN H 187 -24.04 51.25 -64.32
N PRO H 188 -25.38 51.25 -64.33
CA PRO H 188 -26.14 51.90 -65.36
C PRO H 188 -25.99 53.41 -65.38
N LEU H 189 -25.60 54.03 -64.28
CA LEU H 189 -25.38 55.48 -64.22
C LEU H 189 -24.18 55.95 -65.04
N ASP H 190 -23.22 55.06 -65.30
CA ASP H 190 -21.96 55.33 -65.98
C ASP H 190 -22.01 55.02 -67.49
N CYS H 191 -23.17 54.60 -67.97
CA CYS H 191 -23.46 54.22 -69.35
C CYS H 191 -23.47 55.44 -70.26
N PRO H 192 -22.65 55.51 -71.32
CA PRO H 192 -22.60 56.66 -72.22
C PRO H 192 -23.65 56.57 -73.32
N ALA H 193 -23.84 57.64 -74.09
CA ALA H 193 -24.36 57.56 -75.46
C ALA H 193 -23.38 56.78 -76.35
N ASN H 194 -23.85 56.23 -77.47
CA ASN H 194 -23.09 55.25 -78.29
C ASN H 194 -22.86 53.89 -77.57
N GLN H 195 -23.50 53.68 -76.42
CA GLN H 195 -23.86 52.38 -75.87
C GLN H 195 -25.36 52.41 -75.59
N GLN H 196 -26.08 51.35 -75.87
CA GLN H 196 -27.46 51.20 -75.42
C GLN H 196 -27.70 49.83 -74.82
N ILE H 197 -28.53 49.79 -73.77
CA ILE H 197 -28.84 48.59 -73.01
C ILE H 197 -30.12 48.00 -73.59
N LEU H 198 -30.05 46.80 -74.13
CA LEU H 198 -31.21 46.15 -74.73
C LEU H 198 -31.97 45.32 -73.69
N LEU H 199 -31.27 44.44 -72.98
CA LEU H 199 -31.77 43.61 -71.89
C LEU H 199 -30.82 43.69 -70.70
N TYR H 200 -31.33 43.53 -69.48
CA TYR H 200 -30.51 43.54 -68.28
C TYR H 200 -31.11 42.71 -67.16
N ASN H 201 -30.24 42.24 -66.27
CA ASN H 201 -30.59 41.71 -64.96
C ASN H 201 -29.95 42.62 -63.93
N ARG H 202 -30.62 42.98 -62.83
CA ARG H 202 -30.12 43.93 -61.84
C ARG H 202 -29.94 43.35 -60.45
N VAL H 203 -29.02 43.93 -59.70
CA VAL H 203 -28.81 43.70 -58.28
C VAL H 203 -29.04 45.01 -57.55
N VAL H 204 -30.09 45.06 -56.75
CA VAL H 204 -30.60 46.26 -56.09
C VAL H 204 -29.77 46.67 -54.89
N MET H 205 -29.27 47.91 -54.87
CA MET H 205 -28.19 48.35 -53.99
C MET H 205 -28.20 49.86 -53.80
N PRO H 206 -27.98 50.40 -52.60
CA PRO H 206 -27.50 51.76 -52.47
C PRO H 206 -26.05 51.84 -52.99
N PRO H 207 -25.59 52.98 -53.52
CA PRO H 207 -26.35 54.18 -53.81
C PRO H 207 -27.20 54.05 -55.08
N SER H 208 -26.89 53.11 -55.96
CA SER H 208 -27.63 52.80 -57.17
C SER H 208 -27.50 51.33 -57.47
N SER H 209 -28.54 50.73 -58.01
CA SER H 209 -28.54 49.36 -58.49
C SER H 209 -27.56 49.19 -59.65
N LEU H 210 -26.91 48.04 -59.70
CA LEU H 210 -26.04 47.62 -60.79
C LEU H 210 -26.78 46.66 -61.72
N PHE H 211 -26.31 46.46 -62.93
CA PHE H 211 -26.61 45.25 -63.67
C PHE H 211 -25.60 44.16 -63.31
N SER H 212 -26.08 42.95 -63.10
CA SER H 212 -25.24 41.76 -62.87
C SER H 212 -24.90 41.07 -64.18
N GLN H 213 -25.75 41.23 -65.18
CA GLN H 213 -25.58 40.75 -66.54
C GLN H 213 -26.39 41.68 -67.44
N SER H 214 -25.93 41.94 -68.63
CA SER H 214 -26.64 42.77 -69.60
C SER H 214 -26.32 42.41 -71.03
N GLN H 215 -27.25 42.64 -71.95
CA GLN H 215 -27.01 42.66 -73.38
C GLN H 215 -26.98 44.11 -73.81
N LEU H 216 -25.90 44.51 -74.47
CA LEU H 216 -25.67 45.85 -74.95
C LEU H 216 -25.51 45.87 -76.47
N GLN H 217 -25.76 47.04 -77.07
CA GLN H 217 -25.32 47.38 -78.41
C GLN H 217 -24.37 48.56 -78.37
N GLY H 218 -23.17 48.41 -78.93
CA GLY H 218 -22.14 49.44 -78.92
C GLY H 218 -20.74 48.83 -79.07
N ASP H 219 -19.70 49.58 -78.70
CA ASP H 219 -18.31 49.14 -78.82
C ASP H 219 -17.83 48.39 -77.57
N TYR H 220 -16.94 47.43 -77.76
CA TYR H 220 -16.49 46.58 -76.67
C TYR H 220 -15.08 46.06 -76.89
N TRP H 221 -14.55 45.54 -75.77
CA TRP H 221 -13.26 44.97 -75.78
C TRP H 221 -13.39 43.49 -75.46
N GLN H 222 -13.06 42.59 -76.37
CA GLN H 222 -12.95 41.17 -76.08
C GLN H 222 -11.60 40.96 -75.39
N ILE H 223 -11.57 40.98 -74.06
CA ILE H 223 -10.29 40.86 -73.32
C ILE H 223 -9.90 39.40 -73.08
N ASP H 224 -10.85 38.49 -73.11
CA ASP H 224 -10.61 37.06 -73.35
C ASP H 224 -11.86 36.52 -74.08
N ARG H 225 -11.81 35.30 -74.63
CA ARG H 225 -12.91 34.80 -75.50
C ARG H 225 -14.27 34.66 -74.81
N ASN H 226 -14.36 34.93 -73.50
CA ASN H 226 -15.53 34.72 -72.65
C ASN H 226 -15.76 35.91 -71.69
N THR H 227 -15.20 37.09 -71.95
CA THR H 227 -15.73 38.32 -71.37
C THR H 227 -15.57 39.53 -72.27
N PHE H 228 -16.54 40.43 -72.18
CA PHE H 228 -16.74 41.62 -72.98
C PHE H 228 -16.88 42.82 -72.07
N LEU H 229 -16.11 43.90 -72.23
CA LEU H 229 -16.15 45.02 -71.33
C LEU H 229 -16.67 46.21 -72.07
N PRO H 230 -17.73 46.84 -71.59
CA PRO H 230 -18.21 47.94 -72.40
C PRO H 230 -17.22 49.08 -72.63
N GLN H 231 -17.00 49.55 -73.87
CA GLN H 231 -16.05 50.65 -74.07
C GLN H 231 -16.70 52.01 -73.78
N GLY H 232 -15.92 52.91 -73.19
CA GLY H 232 -16.31 54.31 -73.01
C GLY H 232 -17.14 54.64 -71.78
N PHE H 233 -17.17 53.76 -70.79
CA PHE H 233 -17.84 54.08 -69.55
C PHE H 233 -17.02 55.04 -68.70
N HIS H 234 -17.65 56.01 -68.04
CA HIS H 234 -17.01 56.95 -67.10
C HIS H 234 -17.98 57.43 -66.03
N TYR H 235 -17.49 57.89 -64.87
CA TYR H 235 -18.34 58.08 -63.70
C TYR H 235 -19.41 59.15 -63.93
N GLY H 236 -20.67 58.73 -63.81
CA GLY H 236 -21.84 59.58 -63.98
C GLY H 236 -22.19 59.95 -65.42
N ALA H 237 -21.72 59.23 -66.44
CA ALA H 237 -21.96 59.62 -67.82
C ALA H 237 -23.44 59.76 -68.23
N THR H 238 -24.39 59.07 -67.59
CA THR H 238 -25.83 59.27 -67.85
C THR H 238 -26.39 60.56 -67.25
N THR H 239 -25.71 61.10 -66.24
CA THR H 239 -26.28 62.07 -65.31
C THR H 239 -26.18 63.51 -65.79
N THR I 2 -42.03 2.70 -48.45
CA THR I 2 -41.49 3.75 -49.34
C THR I 2 -40.51 4.65 -48.61
N THR I 3 -39.65 5.37 -49.32
CA THR I 3 -38.93 6.54 -48.79
C THR I 3 -39.82 7.78 -48.74
N LEU I 4 -39.48 8.77 -47.93
CA LEU I 4 -40.26 10.01 -47.86
C LEU I 4 -40.39 10.69 -49.22
N LEU I 5 -39.32 10.69 -50.03
CA LEU I 5 -39.35 11.34 -51.32
C LEU I 5 -40.32 10.66 -52.29
N GLN I 6 -40.34 9.32 -52.33
CA GLN I 6 -41.39 8.60 -53.05
C GLN I 6 -42.77 9.00 -52.54
N THR I 7 -42.95 9.00 -51.23
CA THR I 7 -44.24 9.17 -50.57
C THR I 7 -44.85 10.52 -50.91
N LEU I 8 -44.03 11.56 -51.00
CA LEU I 8 -44.46 12.88 -51.40
C LEU I 8 -44.75 12.98 -52.92
N LEU I 9 -43.87 12.43 -53.76
CA LEU I 9 -44.01 12.53 -55.22
C LEU I 9 -45.20 11.75 -55.79
N ILE I 10 -45.42 10.51 -55.34
CA ILE I 10 -46.48 9.66 -55.89
C ILE I 10 -47.88 10.22 -55.65
N ARG I 11 -48.03 11.18 -54.73
CA ARG I 11 -49.28 11.90 -54.54
C ARG I 11 -49.55 12.92 -55.63
N THR I 12 -48.51 13.50 -56.24
CA THR I 12 -48.63 14.60 -57.22
C THR I 12 -49.07 14.13 -58.61
N LEU I 13 -48.94 12.83 -58.90
CA LEU I 13 -49.19 12.28 -60.23
C LEU I 13 -50.65 11.79 -60.37
N SER I 14 -51.12 11.64 -61.60
CA SER I 14 -52.50 11.28 -61.97
C SER I 14 -52.87 9.82 -61.65
N GLU I 15 -54.17 9.53 -61.50
CA GLU I 15 -54.73 8.19 -61.54
C GLU I 15 -54.42 7.40 -62.83
N GLN I 16 -54.23 8.09 -63.96
CA GLN I 16 -54.04 7.51 -65.31
C GLN I 16 -53.36 8.48 -66.30
N LYS I 17 -52.84 7.93 -67.40
CA LYS I 17 -51.99 8.51 -68.46
C LYS I 17 -50.77 9.32 -67.99
N ASP I 18 -50.14 8.85 -66.92
CA ASP I 18 -48.74 9.14 -66.56
C ASP I 18 -48.02 7.96 -65.87
N TYR I 19 -48.58 6.75 -65.99
CA TYR I 19 -48.20 5.57 -65.22
C TYR I 19 -46.73 5.16 -65.35
N ILE I 20 -46.09 5.45 -66.48
CA ILE I 20 -44.68 5.10 -66.69
C ILE I 20 -43.78 5.90 -65.73
N LEU I 21 -44.10 7.16 -65.49
CA LEU I 21 -43.45 8.00 -64.47
C LEU I 21 -43.79 7.52 -63.05
N LEU I 22 -44.95 6.90 -62.84
CA LEU I 22 -45.26 6.23 -61.58
C LEU I 22 -44.46 4.95 -61.41
N GLU I 23 -44.25 4.15 -62.44
CA GLU I 23 -43.28 3.03 -62.41
C GLU I 23 -41.86 3.48 -62.08
N TYR I 24 -41.42 4.67 -62.51
CA TYR I 24 -40.14 5.22 -62.06
C TYR I 24 -40.12 5.52 -60.55
N PHE I 25 -41.11 6.23 -60.01
CA PHE I 25 -41.16 6.46 -58.56
C PHE I 25 -41.40 5.18 -57.77
N GLN I 26 -42.10 4.21 -58.34
CA GLN I 26 -42.33 2.92 -57.74
C GLN I 26 -41.10 2.02 -57.70
N THR I 27 -40.07 2.22 -58.55
CA THR I 27 -39.02 1.19 -58.68
C THR I 27 -37.60 1.74 -58.84
N ILE I 28 -37.35 2.70 -59.74
CA ILE I 28 -36.02 3.28 -59.94
C ILE I 28 -35.65 4.26 -58.83
N LEU I 29 -36.56 5.12 -58.37
CA LEU I 29 -36.23 6.17 -57.41
C LEU I 29 -35.59 5.66 -56.10
N PRO I 30 -36.12 4.64 -55.42
CA PRO I 30 -35.55 4.19 -54.15
C PRO I 30 -34.16 3.55 -54.30
N ALA I 31 -33.84 2.97 -55.46
CA ALA I 31 -32.47 2.52 -55.78
C ALA I 31 -31.56 3.69 -56.19
N LEU I 32 -32.12 4.72 -56.82
CA LEU I 32 -31.38 5.88 -57.29
C LEU I 32 -30.73 6.65 -56.16
N GLU I 33 -31.51 6.98 -55.14
CA GLU I 33 -31.05 7.82 -54.04
C GLU I 33 -30.13 7.06 -53.06
N GLU I 34 -29.96 5.75 -53.23
CA GLU I 34 -28.84 5.02 -52.60
C GLU I 34 -27.53 5.28 -53.38
N HIS I 35 -27.56 5.13 -54.70
CA HIS I 35 -26.35 5.14 -55.50
C HIS I 35 -25.89 6.59 -55.79
N PHE I 36 -26.82 7.48 -56.12
CA PHE I 36 -26.55 8.86 -56.52
C PHE I 36 -26.80 9.90 -55.41
N GLY I 37 -27.40 9.49 -54.29
CA GLY I 37 -27.89 10.38 -53.21
C GLY I 37 -26.84 11.06 -52.34
N ASN I 38 -25.61 10.54 -52.31
CA ASN I 38 -24.62 10.71 -51.22
C ASN I 38 -23.28 11.22 -51.75
N ASP I 75 -23.57 23.70 -53.96
CA ASP I 75 -23.50 22.28 -54.35
C ASP I 75 -24.87 21.66 -54.70
N GLN I 76 -24.87 20.41 -55.18
CA GLN I 76 -26.03 19.67 -55.67
C GLN I 76 -25.79 18.16 -55.40
N THR I 77 -26.86 17.39 -55.32
CA THR I 77 -26.81 15.92 -55.23
C THR I 77 -27.31 15.30 -56.53
N LEU I 78 -26.64 14.24 -56.98
CA LEU I 78 -26.93 13.65 -58.29
C LEU I 78 -28.33 13.03 -58.31
N ALA I 79 -28.86 12.57 -57.18
CA ALA I 79 -30.22 12.04 -57.15
C ALA I 79 -31.26 13.12 -57.45
N ALA I 80 -31.10 14.33 -56.89
CA ALA I 80 -32.02 15.43 -57.13
C ALA I 80 -31.85 16.02 -58.53
N HIS I 81 -30.61 16.03 -59.06
CA HIS I 81 -30.37 16.44 -60.45
C HIS I 81 -31.15 15.50 -61.38
N ILE I 82 -30.98 14.19 -61.21
CA ILE I 82 -31.57 13.20 -62.09
C ILE I 82 -33.09 13.22 -61.96
N LEU I 83 -33.64 13.41 -60.76
CA LEU I 83 -35.09 13.52 -60.55
C LEU I 83 -35.67 14.73 -61.27
N ASN I 84 -35.05 15.89 -61.12
CA ASN I 84 -35.49 17.09 -61.83
C ASN I 84 -35.28 16.95 -63.34
N ALA I 85 -34.21 16.28 -63.77
CA ALA I 85 -33.97 16.03 -65.18
C ALA I 85 -35.09 15.18 -65.77
N LEU I 86 -35.43 14.05 -65.13
CA LEU I 86 -36.57 13.25 -65.56
C LEU I 86 -37.85 14.10 -65.64
N LEU I 87 -38.23 14.78 -64.57
CA LEU I 87 -39.48 15.53 -64.53
C LEU I 87 -39.53 16.65 -65.59
N THR I 88 -38.45 17.40 -65.78
CA THR I 88 -38.41 18.44 -66.82
C THR I 88 -38.53 17.84 -68.22
N THR I 89 -37.87 16.71 -68.51
CA THR I 89 -38.10 16.01 -69.79
C THR I 89 -39.54 15.53 -69.91
N TRP I 90 -40.14 15.03 -68.82
CA TRP I 90 -41.52 14.56 -68.83
C TRP I 90 -42.48 15.70 -69.11
N ASN I 91 -42.27 16.85 -68.48
CA ASN I 91 -43.15 17.98 -68.63
C ASN I 91 -43.07 18.65 -70.02
N VAL I 92 -41.92 18.64 -70.71
CA VAL I 92 -41.87 18.99 -72.14
C VAL I 92 -42.53 17.92 -73.02
N MET I 93 -42.30 16.63 -72.75
CA MET I 93 -42.92 15.52 -73.49
C MET I 93 -44.45 15.62 -73.47
N GLN I 94 -45.00 16.02 -72.33
CA GLN I 94 -46.43 16.28 -72.14
C GLN I 94 -46.95 17.45 -73.01
N GLU I 95 -46.12 18.43 -73.39
CA GLU I 95 -46.52 19.57 -74.27
C GLU I 95 -46.38 19.26 -75.77
N LEU I 96 -45.61 18.24 -76.13
CA LEU I 96 -45.29 17.90 -77.53
C LEU I 96 -46.57 17.62 -78.35
N GLU I 97 -46.69 18.15 -79.56
CA GLU I 97 -48.03 18.30 -80.19
C GLU I 97 -48.63 17.03 -80.82
N PHE I 98 -47.82 15.99 -81.01
CA PHE I 98 -48.20 14.58 -81.11
C PHE I 98 -47.46 13.76 -80.04
N PRO I 99 -48.09 12.77 -79.37
CA PRO I 99 -47.43 11.97 -78.34
C PRO I 99 -46.45 10.96 -78.95
N LEU I 100 -45.20 10.93 -78.48
CA LEU I 100 -44.31 9.79 -78.72
C LEU I 100 -44.81 8.46 -78.13
N ASN I 101 -44.56 7.37 -78.86
CA ASN I 101 -44.99 6.02 -78.52
C ASN I 101 -44.46 5.54 -77.16
N ASP I 102 -45.26 4.72 -76.48
CA ASP I 102 -45.02 4.26 -75.12
C ASP I 102 -43.73 3.44 -74.96
N ILE I 103 -43.21 2.85 -76.02
CA ILE I 103 -41.88 2.23 -75.97
C ILE I 103 -40.78 3.28 -75.81
N GLU I 104 -40.90 4.45 -76.46
CA GLU I 104 -39.88 5.47 -76.39
C GLU I 104 -39.83 6.16 -75.01
N ARG I 105 -40.99 6.35 -74.37
CA ARG I 105 -41.13 6.95 -73.04
C ARG I 105 -40.30 6.24 -71.98
N ARG I 106 -40.25 4.91 -72.07
CA ARG I 106 -39.49 4.07 -71.12
C ARG I 106 -37.98 4.21 -71.25
N LEU I 107 -37.50 4.28 -72.48
CA LEU I 107 -36.11 4.58 -72.82
C LEU I 107 -35.68 6.02 -72.52
N LEU I 108 -36.58 7.00 -72.68
CA LEU I 108 -36.33 8.38 -72.27
C LEU I 108 -36.04 8.40 -70.77
N CYS I 109 -36.89 7.75 -69.98
CA CYS I 109 -36.72 7.63 -68.54
C CYS I 109 -35.42 6.93 -68.10
N LEU I 110 -35.00 5.89 -68.81
CA LEU I 110 -33.79 5.16 -68.44
C LEU I 110 -32.55 5.93 -68.89
N GLY I 111 -32.53 6.45 -70.11
CA GLY I 111 -31.39 7.19 -70.62
C GLY I 111 -31.06 8.42 -69.77
N ILE I 112 -32.08 9.20 -69.37
CA ILE I 112 -31.89 10.36 -68.49
C ILE I 112 -31.44 9.95 -67.10
N THR I 113 -31.63 8.69 -66.71
CA THR I 113 -31.19 8.19 -65.41
C THR I 113 -29.73 7.75 -65.45
N LEU I 114 -29.25 7.22 -66.58
CA LEU I 114 -27.84 6.83 -66.74
C LEU I 114 -26.89 7.98 -67.10
N HIS I 115 -27.42 9.10 -67.61
CA HIS I 115 -26.64 10.02 -68.45
C HIS I 115 -25.40 10.69 -67.85
N ASP I 116 -25.21 10.71 -66.52
CA ASP I 116 -23.99 11.28 -65.93
C ASP I 116 -22.83 10.25 -65.80
N TYR I 117 -23.10 8.97 -66.00
CA TYR I 117 -22.13 7.87 -66.02
C TYR I 117 -22.13 7.23 -67.41
N ILE I 134 -18.24 2.93 -79.09
CA ILE I 134 -19.31 2.87 -78.07
C ILE I 134 -19.34 1.56 -77.28
N GLN I 135 -18.66 0.51 -77.73
CA GLN I 135 -18.61 -0.75 -76.98
C GLN I 135 -18.04 -0.56 -75.55
N GLU I 136 -17.18 0.45 -75.37
CA GLU I 136 -16.62 0.95 -74.11
C GLU I 136 -17.64 1.63 -73.16
N ILE I 137 -18.86 1.91 -73.64
CA ILE I 137 -20.02 2.36 -72.83
C ILE I 137 -21.19 1.36 -72.81
N ILE I 138 -21.36 0.49 -73.81
CA ILE I 138 -22.47 -0.48 -73.85
C ILE I 138 -22.39 -1.42 -72.63
N ASN I 139 -21.18 -1.75 -72.17
CA ASN I 139 -21.00 -2.51 -70.94
C ASN I 139 -21.30 -1.73 -69.64
N ILE I 140 -21.00 -0.42 -69.58
CA ILE I 140 -21.18 0.37 -68.35
C ILE I 140 -22.64 0.72 -68.05
N CYS I 141 -23.49 0.71 -69.07
CA CYS I 141 -24.94 0.73 -68.89
C CYS I 141 -25.47 -0.66 -68.48
N LEU I 142 -24.97 -1.77 -69.05
CA LEU I 142 -25.33 -3.12 -68.58
C LEU I 142 -25.00 -3.32 -67.09
N GLU I 143 -23.78 -2.98 -66.65
CA GLU I 143 -23.35 -3.17 -65.26
C GLU I 143 -24.18 -2.32 -64.28
N LEU I 144 -24.45 -1.06 -64.63
CA LEU I 144 -25.16 -0.13 -63.78
C LEU I 144 -26.69 -0.33 -63.79
N GLY I 145 -27.28 -0.74 -64.92
CA GLY I 145 -28.74 -0.83 -65.10
C GLY I 145 -29.39 -1.89 -64.22
N LYS I 146 -28.73 -3.05 -64.07
CA LYS I 146 -29.17 -4.11 -63.15
C LYS I 146 -28.97 -3.72 -61.67
N ARG I 147 -27.88 -3.03 -61.33
CA ARG I 147 -27.73 -2.38 -60.00
C ARG I 147 -28.73 -1.27 -59.67
N LEU I 148 -29.20 -0.52 -60.66
CA LEU I 148 -30.28 0.47 -60.49
C LEU I 148 -31.69 -0.15 -60.67
N ASN I 149 -31.82 -1.47 -60.73
CA ASN I 149 -33.14 -2.12 -60.80
C ASN I 149 -33.96 -1.79 -62.05
N PHE I 150 -33.31 -1.60 -63.20
CA PHE I 150 -34.05 -1.41 -64.46
C PHE I 150 -34.92 -2.61 -64.83
N ASP I 151 -34.51 -3.82 -64.42
CA ASP I 151 -35.25 -5.06 -64.59
C ASP I 151 -36.61 -5.06 -63.86
N GLU I 152 -36.79 -4.25 -62.81
CA GLU I 152 -38.09 -4.04 -62.17
C GLU I 152 -38.94 -2.99 -62.90
N PHE I 153 -38.33 -2.12 -63.72
CA PHE I 153 -39.08 -1.13 -64.50
C PHE I 153 -39.67 -1.78 -65.76
N TRP I 154 -38.82 -2.44 -66.55
CA TRP I 154 -39.20 -3.53 -67.46
C TRP I 154 -38.01 -4.45 -67.73
N ALA I 155 -38.18 -5.77 -67.63
CA ALA I 155 -37.12 -6.74 -67.91
C ALA I 155 -36.57 -6.61 -69.36
N ASP I 156 -37.40 -6.11 -70.28
CA ASP I 156 -37.03 -5.88 -71.66
C ASP I 156 -35.86 -4.87 -71.84
N TRP I 157 -35.52 -4.07 -70.83
CA TRP I 157 -34.59 -2.95 -70.99
C TRP I 157 -33.23 -3.32 -71.60
N ARG I 158 -32.66 -4.49 -71.29
CA ARG I 158 -31.37 -4.94 -71.82
C ARG I 158 -31.39 -5.24 -73.33
N ASP I 159 -32.56 -5.47 -73.89
CA ASP I 159 -32.77 -5.66 -75.33
C ASP I 159 -32.46 -4.38 -76.11
N TYR I 160 -32.90 -3.24 -75.59
CA TYR I 160 -32.77 -1.91 -76.16
C TYR I 160 -31.40 -1.29 -75.86
N ILE I 161 -30.40 -2.06 -75.42
CA ILE I 161 -29.12 -1.52 -74.91
C ILE I 161 -28.35 -0.67 -75.93
N ALA I 162 -28.53 -0.93 -77.23
CA ALA I 162 -27.96 -0.11 -78.28
C ALA I 162 -28.48 1.34 -78.23
N GLU I 163 -29.79 1.52 -78.15
CA GLU I 163 -30.41 2.83 -77.92
C GLU I 163 -30.13 3.38 -76.53
N ILE I 164 -30.26 2.56 -75.47
CA ILE I 164 -30.11 3.04 -74.08
C ILE I 164 -28.69 3.56 -73.86
N SER I 165 -27.67 3.00 -74.51
CA SER I 165 -26.30 3.48 -74.38
C SER I 165 -26.08 4.75 -75.20
N TYR I 166 -26.74 4.89 -76.35
CA TYR I 166 -26.67 6.09 -77.19
C TYR I 166 -27.37 7.32 -76.58
N LEU I 167 -28.49 7.14 -75.89
CA LEU I 167 -29.18 8.24 -75.23
C LEU I 167 -28.41 8.76 -74.00
N ALA I 168 -27.55 7.94 -73.39
CA ALA I 168 -26.88 8.27 -72.14
C ALA I 168 -25.52 8.96 -72.35
N GLN I 169 -24.93 8.89 -73.55
CA GLN I 169 -23.71 9.63 -73.88
C GLN I 169 -23.98 11.11 -74.20
N TRP I 184 -21.72 8.58 -84.35
CA TRP I 184 -22.61 7.42 -84.36
C TRP I 184 -21.89 6.13 -84.83
N SER I 185 -22.38 4.98 -84.39
CA SER I 185 -22.18 3.67 -85.05
C SER I 185 -23.37 2.73 -84.76
N ASN I 186 -23.61 1.72 -85.59
CA ASN I 186 -24.43 0.56 -85.19
C ASN I 186 -23.70 -0.40 -84.22
N ALA I 187 -22.37 -0.40 -84.22
CA ALA I 187 -21.48 -1.17 -83.35
C ALA I 187 -21.74 -2.68 -83.25
N GLY I 188 -22.50 -3.30 -84.17
CA GLY I 188 -22.89 -4.71 -84.09
C GLY I 188 -24.16 -4.98 -83.26
N TYR I 189 -24.89 -3.94 -82.88
CA TYR I 189 -26.07 -3.99 -82.02
C TYR I 189 -27.28 -3.30 -82.70
N PRO I 190 -28.04 -3.99 -83.57
CA PRO I 190 -29.05 -3.36 -84.42
C PRO I 190 -30.26 -2.84 -83.62
N PHE I 191 -30.76 -1.67 -84.00
CA PHE I 191 -31.69 -0.87 -83.19
C PHE I 191 -33.09 -1.47 -83.07
N THR I 192 -33.66 -1.39 -81.88
CA THR I 192 -34.98 -1.93 -81.49
C THR I 192 -36.14 -1.01 -81.90
N ILE I 193 -35.91 0.30 -81.94
CA ILE I 193 -36.90 1.35 -82.20
C ILE I 193 -37.54 1.19 -83.59
N LYS I 194 -38.86 1.41 -83.65
CA LYS I 194 -39.69 1.24 -84.87
C LYS I 194 -39.12 1.98 -86.09
N GLU I 195 -38.71 3.25 -85.94
CA GLU I 195 -37.95 4.03 -86.93
C GLU I 195 -37.25 5.20 -86.24
N ARG I 196 -36.17 5.78 -86.80
CA ARG I 196 -35.54 7.00 -86.24
C ARG I 196 -36.42 8.27 -86.30
N LYS I 197 -37.60 8.19 -86.91
CA LYS I 197 -38.68 9.18 -86.76
C LYS I 197 -39.16 9.33 -85.31
N LEU I 198 -38.87 8.37 -84.41
CA LEU I 198 -39.03 8.52 -82.96
C LEU I 198 -37.75 9.01 -82.26
N ASP I 199 -36.57 8.70 -82.81
CA ASP I 199 -35.26 9.19 -82.31
C ASP I 199 -35.06 10.72 -82.49
N HIS I 200 -35.73 11.34 -83.47
CA HIS I 200 -35.85 12.81 -83.56
C HIS I 200 -36.43 13.46 -82.28
N PRO I 201 -37.72 13.26 -81.91
CA PRO I 201 -38.28 13.91 -80.73
C PRO I 201 -37.60 13.46 -79.43
N LEU I 202 -37.26 12.18 -79.32
CA LEU I 202 -36.68 11.54 -78.13
C LEU I 202 -35.38 12.21 -77.66
N ARG I 203 -34.41 12.42 -78.56
CA ARG I 203 -33.14 13.06 -78.20
C ARG I 203 -33.30 14.53 -77.86
N HIS I 204 -34.22 15.22 -78.51
CA HIS I 204 -34.50 16.64 -78.27
C HIS I 204 -35.27 16.85 -76.96
N LEU I 205 -36.18 15.95 -76.58
CA LEU I 205 -36.72 15.86 -75.23
C LEU I 205 -35.59 15.62 -74.21
N LEU I 206 -34.75 14.61 -74.40
CA LEU I 206 -33.74 14.22 -73.39
C LEU I 206 -32.75 15.35 -73.11
N THR I 207 -32.33 16.05 -74.16
CA THR I 207 -31.44 17.21 -74.03
C THR I 207 -32.13 18.47 -73.50
N PHE I 208 -33.47 18.58 -73.48
CA PHE I 208 -34.18 19.73 -72.93
C PHE I 208 -34.06 19.73 -71.42
N GLY I 209 -34.32 18.60 -70.78
CA GLY I 209 -34.26 18.52 -69.32
C GLY I 209 -32.85 18.73 -68.80
N ASP I 210 -31.86 18.16 -69.49
CA ASP I 210 -30.46 18.23 -69.08
C ASP I 210 -29.88 19.64 -69.05
N VAL I 211 -30.24 20.49 -70.01
CA VAL I 211 -29.89 21.92 -69.97
C VAL I 211 -30.71 22.68 -68.92
N ALA I 212 -32.02 22.47 -68.90
CA ALA I 212 -32.95 23.21 -68.06
C ALA I 212 -32.63 23.12 -66.56
N VAL I 213 -32.24 21.95 -66.07
CA VAL I 213 -31.90 21.74 -64.65
C VAL I 213 -30.53 22.25 -64.20
N HIS I 214 -29.71 22.83 -65.09
CA HIS I 214 -28.50 23.57 -64.70
C HIS I 214 -28.65 25.09 -64.79
N LEU I 215 -29.83 25.59 -65.17
CA LEU I 215 -30.18 26.99 -64.88
C LEU I 215 -30.20 27.19 -63.37
N SER I 216 -29.88 28.39 -62.90
CA SER I 216 -29.78 28.76 -61.49
C SER I 216 -30.74 29.86 -61.07
N SER I 217 -31.22 30.66 -62.02
CA SER I 217 -32.14 31.78 -61.80
C SER I 217 -33.10 31.96 -62.99
N PRO I 218 -34.29 32.54 -62.82
CA PRO I 218 -35.20 32.79 -63.93
C PRO I 218 -34.60 33.61 -65.08
N HIS I 219 -33.61 34.46 -64.80
CA HIS I 219 -32.92 35.25 -65.81
C HIS I 219 -31.99 34.43 -66.68
N ASP I 220 -31.64 33.21 -66.29
CA ASP I 220 -30.67 32.41 -67.03
C ASP I 220 -31.18 31.96 -68.42
N LEU I 221 -32.42 32.32 -68.76
CA LEU I 221 -33.03 32.09 -70.06
C LEU I 221 -32.83 33.32 -70.96
N VAL I 222 -32.50 34.50 -70.41
CA VAL I 222 -32.38 35.76 -71.16
C VAL I 222 -30.96 35.93 -71.69
N SER I 223 -29.95 35.45 -70.96
CA SER I 223 -28.59 35.38 -71.48
C SER I 223 -28.46 34.35 -72.60
N SER I 224 -27.79 34.76 -73.68
CA SER I 224 -27.51 33.93 -74.85
C SER I 224 -26.66 32.69 -74.49
N THR I 225 -25.93 32.75 -73.37
CA THR I 225 -24.98 31.73 -72.89
C THR I 225 -25.57 30.32 -72.77
N MET I 226 -26.87 30.21 -72.43
CA MET I 226 -27.62 28.95 -72.38
C MET I 226 -28.98 29.06 -73.08
N GLY I 227 -29.47 30.29 -73.26
CA GLY I 227 -30.78 30.56 -73.83
C GLY I 227 -30.85 30.29 -75.33
N ASP I 228 -29.75 30.40 -76.07
CA ASP I 228 -29.76 30.12 -77.51
C ASP I 228 -30.14 28.65 -77.77
N ARG I 229 -29.50 27.71 -77.06
CA ARG I 229 -29.75 26.28 -77.25
C ARG I 229 -31.12 25.85 -76.75
N LEU I 230 -31.60 26.46 -75.67
CA LEU I 230 -32.91 26.15 -75.13
C LEU I 230 -34.06 26.62 -76.04
N ARG I 231 -33.88 27.75 -76.74
CA ARG I 231 -34.81 28.17 -77.80
C ARG I 231 -34.72 27.32 -79.04
N ASP I 232 -33.52 27.07 -79.59
CA ASP I 232 -33.45 26.37 -80.88
C ASP I 232 -33.76 24.86 -80.78
N LEU I 233 -33.53 24.23 -79.63
CA LEU I 233 -34.13 22.91 -79.35
C LEU I 233 -35.67 22.99 -79.32
N LEU I 234 -36.27 24.03 -78.72
CA LEU I 234 -37.74 24.15 -78.70
C LEU I 234 -38.23 24.33 -80.11
N ASN I 235 -37.50 25.10 -80.91
CA ASN I 235 -37.80 25.27 -82.32
C ASN I 235 -37.75 23.93 -83.07
N ARG I 236 -36.73 23.09 -82.80
CA ARG I 236 -36.58 21.75 -83.41
C ARG I 236 -37.66 20.77 -82.96
N LEU I 237 -38.20 20.93 -81.75
CA LEU I 237 -39.39 20.22 -81.27
C LEU I 237 -40.71 20.85 -81.73
N GLY I 238 -40.70 22.05 -82.29
CA GLY I 238 -41.90 22.63 -82.89
C GLY I 238 -42.99 23.04 -81.90
N ILE I 239 -42.60 23.38 -80.67
CA ILE I 239 -43.60 23.59 -79.61
C ILE I 239 -44.45 24.83 -79.81
N GLU I 240 -43.86 25.91 -80.27
CA GLU I 240 -44.59 27.18 -80.43
C GLU I 240 -45.14 27.67 -79.11
N LYS I 241 -44.25 27.93 -78.17
CA LYS I 241 -44.63 28.45 -76.87
C LYS I 241 -43.37 29.08 -76.31
N ARG I 242 -43.45 30.32 -75.84
CA ARG I 242 -42.25 31.05 -75.42
C ARG I 242 -41.90 31.03 -73.97
N PHE I 243 -40.61 31.13 -73.63
CA PHE I 243 -40.23 31.28 -72.23
C PHE I 243 -40.53 32.69 -71.72
N VAL I 244 -41.14 32.76 -70.53
CA VAL I 244 -41.46 34.00 -69.81
C VAL I 244 -41.16 33.81 -68.33
N TYR I 245 -40.91 34.87 -67.57
CA TYR I 245 -40.62 34.76 -66.14
C TYR I 245 -41.38 35.74 -65.26
N HIS I 246 -41.42 35.41 -63.97
CA HIS I 246 -41.54 36.38 -62.90
C HIS I 246 -40.38 36.16 -61.93
N HIS I 247 -39.83 37.22 -61.35
CA HIS I 247 -38.72 37.13 -60.39
C HIS I 247 -38.98 38.11 -59.24
N LEU I 248 -38.62 37.77 -58.00
CA LEU I 248 -38.79 38.60 -56.81
C LEU I 248 -37.50 38.60 -55.99
N ARG I 249 -36.74 39.69 -56.06
CA ARG I 249 -35.37 39.77 -55.52
C ARG I 249 -35.23 39.82 -53.99
N ASP I 250 -36.31 40.02 -53.23
CA ASP I 250 -36.32 39.94 -51.75
C ASP I 250 -37.32 38.88 -51.25
N THR I 251 -36.88 37.86 -50.52
CA THR I 251 -37.73 36.77 -50.02
C THR I 251 -37.89 36.80 -48.51
N THR I 252 -39.13 36.63 -48.06
CA THR I 252 -39.61 37.11 -46.78
C THR I 252 -40.78 36.28 -46.30
N GLY I 253 -40.47 35.12 -45.72
CA GLY I 253 -41.41 34.25 -45.01
C GLY I 253 -42.70 33.99 -45.77
N ILE I 254 -43.86 34.21 -45.15
CA ILE I 254 -45.15 34.02 -45.82
C ILE I 254 -45.36 35.02 -46.94
N LEU I 255 -44.95 36.27 -46.80
CA LEU I 255 -45.26 37.34 -47.75
C LEU I 255 -44.71 37.08 -49.16
N SER I 256 -43.47 36.62 -49.28
CA SER I 256 -42.90 36.23 -50.58
C SER I 256 -43.63 35.03 -51.17
N ASN I 257 -43.97 34.02 -50.37
CA ASN I 257 -44.77 32.91 -50.84
C ASN I 257 -46.17 33.36 -51.34
N ALA I 258 -46.82 34.29 -50.65
CA ALA I 258 -48.07 34.87 -51.11
C ALA I 258 -47.90 35.64 -52.42
N ILE I 259 -46.87 36.49 -52.51
CA ILE I 259 -46.59 37.26 -53.72
C ILE I 259 -46.39 36.31 -54.90
N HIS I 260 -45.53 35.30 -54.76
CA HIS I 260 -45.32 34.30 -55.79
C HIS I 260 -46.60 33.60 -56.22
N ASN I 261 -47.43 33.15 -55.28
CA ASN I 261 -48.61 32.38 -55.66
C ASN I 261 -49.74 33.26 -56.23
N VAL I 262 -49.78 34.55 -55.90
CA VAL I 262 -50.66 35.48 -56.61
C VAL I 262 -50.13 35.76 -58.00
N ILE I 263 -48.81 35.80 -58.24
CA ILE I 263 -48.35 35.91 -59.63
C ILE I 263 -48.75 34.64 -60.39
N LEU I 264 -48.57 33.46 -59.81
CA LEU I 264 -48.95 32.18 -60.41
C LEU I 264 -50.44 32.16 -60.77
N ARG I 265 -51.36 32.47 -59.85
CA ARG I 265 -52.79 32.45 -60.17
C ARG I 265 -53.21 33.53 -61.17
N THR I 266 -52.52 34.67 -61.18
CA THR I 266 -52.83 35.78 -62.10
C THR I 266 -52.36 35.47 -63.50
N VAL I 267 -51.15 34.95 -63.71
CA VAL I 267 -50.68 34.61 -65.06
C VAL I 267 -51.35 33.34 -65.59
N GLN I 268 -51.84 32.46 -64.73
CA GLN I 268 -52.50 31.22 -65.18
C GLN I 268 -53.78 31.48 -66.01
N LYS I 269 -54.45 32.61 -65.81
CA LYS I 269 -55.59 33.04 -66.63
C LYS I 269 -55.22 33.58 -68.01
N LEU I 270 -53.95 33.93 -68.24
CA LEU I 270 -53.36 34.13 -69.56
C LEU I 270 -52.87 32.85 -70.25
N ASP I 271 -53.21 31.67 -69.74
CA ASP I 271 -52.80 30.36 -70.25
C ASP I 271 -51.28 30.16 -70.27
N TRP I 272 -50.52 30.93 -69.49
CA TRP I 272 -49.14 30.61 -69.14
C TRP I 272 -49.16 29.39 -68.21
N LYS I 273 -48.20 28.46 -68.35
CA LYS I 273 -48.06 27.29 -67.47
C LYS I 273 -46.63 27.14 -66.97
N PRO I 274 -46.40 26.98 -65.65
CA PRO I 274 -45.05 27.02 -65.11
C PRO I 274 -44.26 25.75 -65.47
N LEU I 275 -43.00 25.94 -65.79
CA LEU I 275 -42.10 24.89 -66.28
C LEU I 275 -40.92 24.64 -65.35
N LEU I 276 -40.41 25.67 -64.70
CA LEU I 276 -39.35 25.59 -63.70
C LEU I 276 -39.67 26.51 -62.55
N PHE I 277 -39.37 26.09 -61.33
CA PHE I 277 -39.53 26.88 -60.12
C PHE I 277 -38.15 27.08 -59.50
N PHE I 278 -37.91 28.27 -58.97
CA PHE I 278 -36.64 28.71 -58.41
C PHE I 278 -36.91 29.38 -57.06
N ALA I 279 -35.90 29.57 -56.21
CA ALA I 279 -36.13 30.11 -54.87
C ALA I 279 -36.73 31.52 -54.90
N GLN I 280 -36.44 32.28 -55.96
CA GLN I 280 -36.84 33.67 -56.16
C GLN I 280 -37.78 33.89 -57.36
N GLY I 281 -38.35 32.87 -57.99
CA GLY I 281 -39.19 33.12 -59.17
C GLY I 281 -39.63 31.88 -59.94
N VAL I 282 -40.22 32.08 -61.11
CA VAL I 282 -40.74 31.01 -61.98
C VAL I 282 -40.43 31.31 -63.44
N ILE I 283 -40.17 30.27 -64.22
CA ILE I 283 -40.18 30.33 -65.69
C ILE I 283 -41.40 29.56 -66.19
N TYR I 284 -42.08 30.14 -67.16
CA TYR I 284 -43.32 29.67 -67.76
C TYR I 284 -43.16 29.36 -69.24
N PHE I 285 -43.94 28.41 -69.77
CA PHE I 285 -43.99 28.18 -71.21
C PHE I 285 -45.19 29.09 -71.36
N ALA I 286 -45.42 29.72 -72.50
CA ALA I 286 -46.51 30.70 -72.64
C ALA I 286 -46.90 30.81 -74.08
N PRO I 287 -48.06 31.41 -74.40
CA PRO I 287 -48.32 31.51 -75.84
C PRO I 287 -47.37 32.49 -76.49
N GLN I 288 -47.08 32.34 -77.78
CA GLN I 288 -46.18 33.26 -78.49
C GLN I 288 -46.89 34.57 -78.88
N ASP I 289 -48.23 34.64 -78.89
CA ASP I 289 -49.07 35.79 -79.22
C ASP I 289 -49.66 36.44 -77.96
N THR I 290 -48.94 36.40 -76.83
CA THR I 290 -49.53 36.76 -75.54
C THR I 290 -49.20 38.20 -75.17
N GLU I 291 -50.18 38.89 -74.60
CA GLU I 291 -49.93 40.13 -73.90
C GLU I 291 -49.23 39.80 -72.58
N ILE I 292 -48.16 40.54 -72.30
CA ILE I 292 -47.51 40.60 -70.99
C ILE I 292 -48.49 41.32 -70.04
N PRO I 293 -48.72 40.87 -68.79
CA PRO I 293 -49.61 41.56 -67.89
C PRO I 293 -48.99 42.90 -67.50
N GLU I 294 -49.78 43.96 -67.49
CA GLU I 294 -49.32 45.32 -67.22
C GLU I 294 -48.94 45.54 -65.76
N ARG I 295 -47.82 46.26 -65.52
CA ARG I 295 -47.22 46.48 -64.20
C ARG I 295 -48.26 47.00 -63.21
N ASN I 296 -49.03 48.00 -63.61
CA ASN I 296 -50.05 48.61 -62.77
C ASN I 296 -51.21 47.68 -62.40
N GLU I 297 -51.44 46.58 -63.11
CA GLU I 297 -52.49 45.62 -62.74
C GLU I 297 -51.97 44.60 -61.74
N ILE I 298 -50.81 43.98 -61.97
CA ILE I 298 -50.35 42.94 -61.05
C ILE I 298 -49.98 43.52 -59.69
N LYS I 299 -49.52 44.77 -59.62
CA LYS I 299 -49.22 45.45 -58.37
C LYS I 299 -50.45 45.60 -57.47
N GLN I 300 -51.56 46.12 -58.00
CA GLN I 300 -52.78 46.28 -57.22
C GLN I 300 -53.46 44.93 -56.96
N ILE I 301 -53.34 43.96 -57.87
CA ILE I 301 -53.84 42.60 -57.60
C ILE I 301 -53.10 41.98 -56.43
N VAL I 302 -51.78 42.02 -56.37
CA VAL I 302 -51.08 41.38 -55.25
C VAL I 302 -51.27 42.09 -53.92
N TRP I 303 -51.52 43.40 -53.93
CA TRP I 303 -52.03 44.10 -52.73
C TRP I 303 -53.42 43.63 -52.34
N GLN I 304 -54.36 43.52 -53.28
CA GLN I 304 -55.67 42.93 -53.02
C GLN I 304 -55.50 41.49 -52.51
N GLY I 305 -54.54 40.74 -53.01
CA GLY I 305 -54.24 39.36 -52.64
C GLY I 305 -53.87 39.22 -51.17
N ILE I 306 -52.87 39.97 -50.73
CA ILE I 306 -52.47 39.96 -49.32
C ILE I 306 -53.56 40.55 -48.43
N SER I 307 -54.29 41.54 -48.94
CA SER I 307 -55.34 42.19 -48.19
C SER I 307 -56.55 41.29 -48.00
N GLN I 308 -56.88 40.42 -48.94
CA GLN I 308 -57.99 39.49 -48.75
C GLN I 308 -57.62 38.37 -47.78
N GLU I 309 -56.40 37.83 -47.80
CA GLU I 309 -56.00 36.83 -46.80
C GLU I 309 -55.93 37.41 -45.37
N LEU I 310 -55.40 38.62 -45.15
CA LEU I 310 -55.44 39.26 -43.83
C LEU I 310 -56.87 39.72 -43.48
N GLY I 311 -57.63 40.14 -44.49
CA GLY I 311 -59.06 40.46 -44.44
C GLY I 311 -59.89 39.31 -43.87
N LYS I 312 -59.73 38.10 -44.41
CA LYS I 312 -60.41 36.91 -43.90
C LYS I 312 -59.98 36.58 -42.47
N LYS I 313 -58.74 36.86 -42.08
CA LYS I 313 -58.28 36.65 -40.71
C LYS I 313 -58.87 37.65 -39.72
N MET I 314 -58.92 38.93 -40.07
CA MET I 314 -59.62 39.95 -39.27
C MET I 314 -61.14 39.72 -39.19
N SER I 315 -61.76 39.24 -40.27
CA SER I 315 -63.21 38.91 -40.28
C SER I 315 -63.59 37.71 -39.41
N ALA I 316 -62.73 36.68 -39.34
CA ALA I 316 -62.93 35.45 -38.56
C ALA I 316 -61.70 35.11 -37.71
N PRO I 485 -50.81 53.35 -44.15
CA PRO I 485 -49.45 53.28 -44.68
C PRO I 485 -49.17 52.00 -45.46
N THR I 486 -49.81 50.88 -45.11
CA THR I 486 -49.30 49.56 -45.48
C THR I 486 -49.41 49.25 -46.97
N ARG I 487 -50.39 49.80 -47.70
CA ARG I 487 -50.44 49.78 -49.16
C ARG I 487 -49.31 50.62 -49.77
N GLN I 488 -49.03 51.80 -49.23
CA GLN I 488 -48.08 52.77 -49.79
C GLN I 488 -46.64 52.22 -49.75
N ILE I 489 -46.19 51.64 -48.63
CA ILE I 489 -44.86 51.01 -48.61
C ILE I 489 -44.80 49.73 -49.46
N PHE I 490 -45.90 48.99 -49.57
CA PHE I 490 -45.94 47.74 -50.30
C PHE I 490 -45.93 47.93 -51.83
N GLU I 491 -46.64 48.92 -52.36
CA GLU I 491 -46.66 49.19 -53.80
C GLU I 491 -45.27 49.55 -54.33
N ASP I 492 -44.46 50.23 -53.52
CA ASP I 492 -43.07 50.56 -53.81
C ASP I 492 -42.17 49.33 -53.64
N TYR I 493 -42.49 48.42 -52.73
CA TYR I 493 -41.75 47.17 -52.50
C TYR I 493 -41.82 46.23 -53.70
N LEU I 494 -42.97 46.04 -54.32
CA LEU I 494 -43.02 45.34 -55.61
C LEU I 494 -42.29 46.07 -56.73
N ASP I 495 -42.45 47.38 -56.91
CA ASP I 495 -41.75 48.11 -57.97
C ASP I 495 -40.22 48.12 -57.80
N ARG I 496 -39.74 47.91 -56.57
CA ARG I 496 -38.34 47.74 -56.20
C ARG I 496 -37.79 46.33 -56.44
N TYR I 497 -38.56 45.27 -56.10
CA TYR I 497 -38.10 43.88 -56.10
C TYR I 497 -38.80 42.88 -57.02
N LEU I 498 -39.96 43.16 -57.62
CA LEU I 498 -40.65 42.27 -58.58
C LEU I 498 -40.34 42.67 -60.02
N GLU I 499 -40.11 41.68 -60.88
CA GLU I 499 -40.14 41.90 -62.33
C GLU I 499 -40.81 40.73 -63.04
N ILE I 500 -41.75 41.03 -63.93
CA ILE I 500 -42.28 40.12 -64.94
C ILE I 500 -41.55 40.44 -66.23
N GLN I 501 -41.21 39.44 -67.04
CA GLN I 501 -40.43 39.66 -68.26
C GLN I 501 -41.08 40.72 -69.14
N GLY I 502 -40.29 41.72 -69.58
CA GLY I 502 -40.68 42.62 -70.66
C GLY I 502 -41.46 43.88 -70.24
N TRP I 503 -41.62 44.13 -68.95
CA TRP I 503 -42.11 45.40 -68.44
C TRP I 503 -41.17 46.53 -68.87
N GLU I 504 -41.70 47.62 -69.41
CA GLU I 504 -40.88 48.75 -69.84
C GLU I 504 -40.15 49.45 -68.67
N SER I 505 -38.89 49.79 -68.89
CA SER I 505 -38.03 50.59 -68.02
C SER I 505 -37.14 51.51 -68.86
N ASP I 506 -36.80 52.70 -68.34
CA ASP I 506 -35.65 53.49 -68.83
C ASP I 506 -34.61 53.62 -67.73
N HIS I 507 -33.33 53.79 -68.07
CA HIS I 507 -32.28 54.13 -67.10
C HIS I 507 -32.40 55.54 -66.50
N GLN I 508 -33.36 56.36 -66.97
CA GLN I 508 -33.82 57.56 -66.24
C GLN I 508 -34.55 57.24 -64.93
N ALA I 509 -34.74 55.96 -64.60
CA ALA I 509 -35.21 55.56 -63.29
C ALA I 509 -34.06 55.46 -62.29
N PHE I 510 -32.93 54.86 -62.65
CA PHE I 510 -31.80 54.78 -61.72
C PHE I 510 -31.24 56.15 -61.30
N ILE I 511 -31.46 57.21 -62.09
CA ILE I 511 -31.21 58.59 -61.65
C ILE I 511 -32.03 58.95 -60.40
N GLN I 512 -33.31 58.57 -60.36
CA GLN I 512 -34.18 58.79 -59.22
C GLN I 512 -33.79 57.92 -58.03
N GLU I 513 -33.27 56.72 -58.26
CA GLU I 513 -32.83 55.85 -57.17
C GLU I 513 -31.60 56.40 -56.45
N LEU I 514 -30.69 57.05 -57.18
CA LEU I 514 -29.59 57.80 -56.61
C LEU I 514 -30.07 59.09 -55.94
N GLU I 515 -30.95 59.85 -56.57
CA GLU I 515 -31.50 61.06 -55.97
C GLU I 515 -32.22 60.78 -54.65
N ASN I 516 -32.95 59.68 -54.54
CA ASN I 516 -33.58 59.24 -53.30
C ASN I 516 -32.56 58.83 -52.23
N TYR I 517 -31.41 58.27 -52.59
CA TYR I 517 -30.35 57.94 -51.64
C TYR I 517 -29.64 59.17 -51.06
N VAL I 518 -29.33 60.17 -51.88
CA VAL I 518 -28.67 61.41 -51.43
C VAL I 518 -29.49 62.14 -50.35
N SER I 570 -38.09 47.83 -41.43
CA SER I 570 -39.25 48.21 -42.24
C SER I 570 -40.55 47.66 -41.70
N LYS I 571 -41.65 48.39 -41.92
CA LYS I 571 -43.03 47.93 -41.66
C LYS I 571 -43.37 46.62 -42.38
N ILE I 572 -42.72 46.31 -43.50
CA ILE I 572 -42.91 45.08 -44.27
C ILE I 572 -42.67 43.84 -43.43
N TRP I 573 -41.52 43.72 -42.78
CA TRP I 573 -41.25 42.57 -41.92
C TRP I 573 -42.19 42.46 -40.70
N SER I 574 -42.81 43.57 -40.24
CA SER I 574 -43.86 43.54 -39.22
C SER I 574 -45.16 42.97 -39.77
N LEU I 575 -45.49 43.29 -41.03
CA LEU I 575 -46.62 42.69 -41.74
C LEU I 575 -46.35 41.20 -41.96
N GLU I 576 -45.12 40.82 -42.28
CA GLU I 576 -44.78 39.43 -42.54
C GLU I 576 -44.90 38.61 -41.24
N MET I 577 -44.42 39.16 -40.12
CA MET I 577 -44.62 38.59 -38.80
C MET I 577 -46.12 38.47 -38.45
N LEU I 578 -46.95 39.45 -38.85
CA LEU I 578 -48.39 39.41 -38.60
C LEU I 578 -49.02 38.26 -39.39
N LEU I 579 -48.55 38.00 -40.61
CA LEU I 579 -48.96 36.83 -41.35
C LEU I 579 -48.54 35.54 -40.63
N ARG I 580 -47.38 35.45 -39.98
CA ARG I 580 -46.99 34.24 -39.22
C ARG I 580 -47.90 34.04 -38.02
N GLN I 581 -48.22 35.09 -37.28
CA GLN I 581 -49.18 35.00 -36.18
C GLN I 581 -50.53 34.48 -36.69
N ALA I 582 -50.98 34.97 -37.84
CA ALA I 582 -52.27 34.59 -38.42
C ALA I 582 -52.31 33.16 -39.01
N PHE I 583 -51.31 32.76 -39.78
CA PHE I 583 -51.34 31.54 -40.60
C PHE I 583 -50.43 30.40 -40.14
N TRP I 584 -49.39 30.66 -39.33
CA TRP I 584 -48.63 29.63 -38.61
C TRP I 584 -49.12 29.42 -37.18
N SER I 585 -49.92 30.36 -36.65
CA SER I 585 -50.45 30.27 -35.29
C SER I 585 -49.35 30.28 -34.23
N VAL I 586 -48.33 31.10 -34.45
CA VAL I 586 -47.31 31.36 -33.44
C VAL I 586 -47.75 32.52 -32.52
N PRO I 587 -47.28 32.61 -31.27
CA PRO I 587 -47.72 33.63 -30.30
C PRO I 587 -47.41 35.09 -30.64
N SER I 588 -48.31 35.98 -30.19
CA SER I 588 -48.07 37.43 -30.10
C SER I 588 -47.25 37.79 -28.84
N GLY I 589 -46.25 38.67 -28.94
CA GLY I 589 -45.63 39.39 -27.80
C GLY I 589 -44.87 38.60 -26.71
N LYS I 590 -44.84 37.26 -26.78
CA LYS I 590 -44.33 36.33 -25.73
C LYS I 590 -43.42 35.21 -26.28
N PHE I 591 -43.02 35.36 -27.54
CA PHE I 591 -42.65 34.28 -28.44
C PHE I 591 -41.28 33.62 -28.18
N GLU I 592 -40.25 34.33 -27.72
CA GLU I 592 -38.93 33.74 -27.35
C GLU I 592 -39.07 32.65 -26.25
N ASP I 593 -40.03 32.83 -25.34
CA ASP I 593 -40.36 31.86 -24.28
C ASP I 593 -41.03 30.55 -24.76
N GLN I 594 -41.53 30.49 -26.00
CA GLN I 594 -41.85 29.22 -26.68
C GLN I 594 -40.63 28.56 -27.37
N GLN I 595 -39.42 29.11 -27.23
CA GLN I 595 -38.18 28.66 -27.91
C GLN I 595 -38.33 28.35 -29.43
N PRO I 596 -38.89 29.25 -30.26
CA PRO I 596 -39.19 28.98 -31.66
C PRO I 596 -37.90 28.86 -32.47
N ILE I 597 -37.68 27.69 -33.05
CA ILE I 597 -36.63 27.47 -34.03
C ILE I 597 -37.29 27.12 -35.36
N PHE I 598 -36.86 27.81 -36.40
CA PHE I 598 -37.32 27.71 -37.77
C PHE I 598 -36.26 27.00 -38.59
N ILE I 599 -36.65 25.98 -39.35
CA ILE I 599 -35.82 25.40 -40.40
C ILE I 599 -36.36 25.91 -41.74
N TYR I 600 -35.55 26.54 -42.58
CA TYR I 600 -35.93 27.02 -43.90
C TYR I 600 -35.30 26.12 -44.97
N LEU I 601 -36.15 25.49 -45.78
CA LEU I 601 -35.83 24.52 -46.82
C LEU I 601 -35.79 25.18 -48.20
N TYR I 602 -34.67 25.79 -48.55
CA TYR I 602 -34.40 26.26 -49.91
C TYR I 602 -34.25 25.10 -50.92
N PRO I 603 -34.57 25.32 -52.21
CA PRO I 603 -34.22 24.39 -53.29
C PRO I 603 -32.71 24.31 -53.53
N ALA I 604 -32.24 23.18 -54.07
CA ALA I 604 -30.83 22.98 -54.38
C ALA I 604 -30.32 23.88 -55.52
N TYR I 605 -31.06 23.90 -56.63
CA TYR I 605 -31.07 24.93 -57.68
C TYR I 605 -32.45 25.18 -58.28
N VAL I 606 -32.98 24.20 -59.01
CA VAL I 606 -34.27 24.27 -59.70
C VAL I 606 -35.14 23.14 -59.20
N TYR I 607 -36.41 23.44 -58.98
CA TYR I 607 -37.47 22.47 -58.86
C TYR I 607 -38.29 22.37 -60.14
N ALA I 608 -38.70 21.17 -60.52
CA ALA I 608 -39.75 20.88 -61.48
C ALA I 608 -41.15 21.11 -60.86
N PRO I 609 -42.21 21.32 -61.65
CA PRO I 609 -43.55 21.59 -61.13
C PRO I 609 -44.06 20.56 -60.14
N GLN I 610 -43.79 19.27 -60.36
CA GLN I 610 -44.17 18.22 -59.41
C GLN I 610 -43.44 18.28 -58.06
N VAL I 611 -42.17 18.68 -57.99
CA VAL I 611 -41.44 18.66 -56.71
C VAL I 611 -41.82 19.81 -55.78
N VAL I 612 -42.13 21.01 -56.26
CA VAL I 612 -42.65 22.06 -55.36
C VAL I 612 -43.99 21.66 -54.77
N GLU I 613 -44.80 20.95 -55.55
CA GLU I 613 -46.03 20.34 -55.06
C GLU I 613 -45.79 19.22 -54.04
N ALA I 614 -44.75 18.42 -54.21
CA ALA I 614 -44.31 17.46 -53.22
C ALA I 614 -43.85 18.16 -51.91
N ILE I 615 -43.15 19.30 -51.97
CA ILE I 615 -42.70 20.01 -50.78
C ILE I 615 -43.87 20.72 -50.08
N ARG I 616 -44.94 21.06 -50.80
CA ARG I 616 -46.22 21.46 -50.20
C ARG I 616 -46.75 20.36 -49.29
N GLU I 617 -46.82 19.11 -49.78
CA GLU I 617 -47.26 17.98 -48.96
C GLU I 617 -46.35 17.73 -47.74
N LEU I 618 -45.06 18.07 -47.81
CA LEU I 618 -44.17 18.05 -46.65
C LEU I 618 -44.55 19.12 -45.61
N VAL I 619 -44.46 20.41 -45.95
CA VAL I 619 -44.42 21.48 -44.96
C VAL I 619 -45.71 21.61 -44.15
N TYR I 620 -46.84 21.21 -44.74
CA TYR I 620 -48.15 21.13 -44.07
C TYR I 620 -48.45 19.77 -43.41
N GLY I 621 -47.66 18.73 -43.69
CA GLY I 621 -47.97 17.36 -43.30
C GLY I 621 -46.90 16.68 -42.46
N ILE I 622 -45.79 17.36 -42.16
CA ILE I 622 -44.69 16.81 -41.37
C ILE I 622 -45.10 16.48 -39.94
N ALA I 623 -44.69 15.31 -39.45
CA ALA I 623 -44.90 14.86 -38.08
C ALA I 623 -44.06 15.64 -37.08
N SER I 624 -44.59 15.93 -35.89
CA SER I 624 -43.78 16.42 -34.78
C SER I 624 -42.90 15.26 -34.29
N VAL I 625 -41.61 15.33 -34.61
CA VAL I 625 -40.65 14.22 -34.46
C VAL I 625 -40.41 13.82 -33.02
N ASN I 626 -40.36 12.52 -32.73
CA ASN I 626 -40.00 11.99 -31.42
C ASN I 626 -38.76 11.12 -31.54
N LEU I 627 -37.69 11.49 -30.84
CA LEU I 627 -36.38 10.86 -31.02
C LEU I 627 -36.34 9.46 -30.43
N TRP I 628 -37.26 9.13 -29.52
CA TRP I 628 -37.45 7.80 -28.97
C TRP I 628 -37.72 6.71 -30.00
N ASP I 629 -38.56 6.93 -31.02
CA ASP I 629 -38.70 5.88 -32.03
C ASP I 629 -37.63 5.99 -33.12
N VAL I 630 -37.06 7.17 -33.36
CA VAL I 630 -35.96 7.35 -34.31
C VAL I 630 -34.72 6.60 -33.83
N ARG I 631 -34.40 6.61 -32.53
CA ARG I 631 -33.39 5.69 -31.97
C ARG I 631 -33.74 4.24 -32.22
N LYS I 632 -34.96 3.83 -31.92
CA LYS I 632 -35.32 2.41 -31.90
C LYS I 632 -35.13 1.83 -33.31
N HIS I 633 -35.56 2.54 -34.34
CA HIS I 633 -35.42 2.15 -35.75
C HIS I 633 -34.02 2.34 -36.35
N TRP I 634 -33.03 2.72 -35.55
CA TRP I 634 -31.64 2.91 -35.99
C TRP I 634 -30.64 2.06 -35.20
N VAL I 635 -30.93 1.78 -33.93
CA VAL I 635 -30.22 0.73 -33.18
C VAL I 635 -30.65 -0.65 -33.67
N ASN I 636 -31.94 -0.86 -33.94
CA ASN I 636 -32.40 -1.89 -34.85
C ASN I 636 -32.00 -1.45 -36.29
N ASN I 637 -31.82 -2.35 -37.25
CA ASN I 637 -31.16 -2.01 -38.52
C ASN I 637 -29.68 -1.62 -38.40
N LYS I 638 -29.02 -1.97 -37.29
CA LYS I 638 -27.57 -2.19 -37.26
C LYS I 638 -26.76 -0.97 -37.75
N MET I 639 -27.18 0.20 -37.29
CA MET I 639 -26.62 1.54 -37.52
C MET I 639 -26.63 2.06 -38.97
N ASP I 640 -27.29 1.44 -39.95
CA ASP I 640 -27.37 2.05 -41.29
C ASP I 640 -28.38 3.21 -41.36
N LEU I 641 -27.93 4.47 -41.46
CA LEU I 641 -28.84 5.63 -41.53
C LEU I 641 -29.82 5.60 -42.70
N THR I 642 -29.58 4.82 -43.73
CA THR I 642 -30.58 4.59 -44.79
C THR I 642 -31.89 3.98 -44.27
N SER I 643 -31.89 3.29 -43.12
CA SER I 643 -33.11 2.91 -42.40
C SER I 643 -34.03 4.09 -42.08
N LEU I 644 -33.46 5.27 -41.77
CA LEU I 644 -34.22 6.47 -41.37
C LEU I 644 -35.17 6.92 -42.48
N LYS I 645 -34.87 6.61 -43.73
CA LYS I 645 -35.73 6.87 -44.89
C LYS I 645 -37.11 6.26 -44.80
N SER I 646 -37.27 5.17 -44.04
CA SER I 646 -38.47 4.33 -44.05
C SER I 646 -39.49 4.65 -42.95
N LEU I 647 -39.12 5.44 -41.94
CA LEU I 647 -40.00 5.82 -40.82
C LEU I 647 -41.18 6.72 -41.28
N PRO I 648 -42.31 6.69 -40.56
CA PRO I 648 -43.47 7.51 -40.89
C PRO I 648 -43.25 8.98 -40.50
N TRP I 649 -42.65 9.75 -41.40
CA TRP I 649 -42.33 11.18 -41.17
C TRP I 649 -43.52 12.13 -41.38
N LEU I 650 -44.63 11.68 -41.98
CA LEU I 650 -45.81 12.53 -42.24
C LEU I 650 -47.00 12.23 -41.32
N ASN I 651 -48.06 13.02 -41.39
CA ASN I 651 -49.35 12.87 -40.69
C ASN I 651 -50.51 12.57 -41.64
N GLN I 661 -53.38 12.11 -55.18
CA GLN I 661 -53.55 11.80 -53.75
C GLN I 661 -53.13 12.96 -52.83
N LEU I 662 -52.98 14.16 -53.39
CA LEU I 662 -52.67 15.38 -52.64
C LEU I 662 -53.85 15.77 -51.73
N LYS I 663 -53.56 16.24 -50.52
CA LYS I 663 -54.55 16.78 -49.57
C LYS I 663 -54.42 18.27 -49.25
N TYR I 664 -53.31 18.91 -49.61
CA TYR I 664 -53.06 20.34 -49.33
C TYR I 664 -53.16 21.27 -50.56
N THR I 665 -54.01 20.96 -51.53
CA THR I 665 -54.07 21.68 -52.81
C THR I 665 -54.50 23.16 -52.71
N LYS I 666 -55.23 23.56 -51.67
CA LYS I 666 -55.61 24.97 -51.41
C LYS I 666 -54.49 25.81 -50.76
N GLU I 667 -53.43 25.18 -50.27
CA GLU I 667 -52.31 25.87 -49.62
C GLU I 667 -51.32 26.39 -50.67
N ASP I 668 -50.62 27.47 -50.35
CA ASP I 668 -49.65 28.12 -51.24
C ASP I 668 -48.47 27.20 -51.57
N LEU I 669 -47.93 27.26 -52.80
CA LEU I 669 -46.75 26.48 -53.16
C LEU I 669 -45.55 27.04 -52.38
N PRO I 670 -44.73 26.21 -51.71
CA PRO I 670 -43.67 26.71 -50.84
C PRO I 670 -42.36 26.99 -51.58
N PHE I 671 -42.17 28.25 -51.97
CA PHE I 671 -40.92 28.77 -52.53
C PHE I 671 -39.84 28.91 -51.45
N LEU I 672 -40.25 29.36 -50.25
CA LEU I 672 -39.47 29.30 -49.03
C LEU I 672 -40.22 28.42 -48.03
N ALA I 673 -39.88 27.14 -48.03
CA ALA I 673 -40.51 26.10 -47.25
C ALA I 673 -39.99 26.12 -45.82
N THR I 674 -40.69 26.71 -44.86
CA THR I 674 -40.26 26.69 -43.46
C THR I 674 -41.08 25.79 -42.55
N VAL I 675 -40.36 25.02 -41.72
CA VAL I 675 -40.88 24.08 -40.75
C VAL I 675 -40.38 24.54 -39.37
N TYR I 676 -41.21 24.43 -38.34
CA TYR I 676 -40.90 25.02 -37.03
C TYR I 676 -41.30 24.14 -35.87
N THR I 677 -40.42 24.13 -34.86
CA THR I 677 -40.56 23.33 -33.63
C THR I 677 -41.14 24.10 -32.46
N THR I 678 -41.85 23.38 -31.58
CA THR I 678 -42.25 23.83 -30.24
C THR I 678 -41.92 22.73 -29.22
N THR I 679 -41.33 23.07 -28.06
CA THR I 679 -41.09 22.14 -26.92
C THR I 679 -41.62 22.71 -25.59
N ARG I 680 -41.88 21.87 -24.57
CA ARG I 680 -42.70 22.29 -23.41
C ARG I 680 -41.91 22.31 -22.08
N GLU I 681 -40.76 21.65 -21.97
CA GLU I 681 -39.69 22.11 -21.05
C GLU I 681 -38.97 23.33 -21.68
N LYS I 682 -38.33 24.15 -20.84
CA LYS I 682 -38.12 25.58 -21.14
C LYS I 682 -36.67 25.88 -21.57
N THR I 683 -35.83 24.84 -21.53
CA THR I 683 -34.39 25.00 -21.80
C THR I 683 -33.89 24.93 -23.25
N ASP I 684 -32.65 25.31 -23.50
CA ASP I 684 -32.14 25.39 -24.86
C ASP I 684 -31.74 24.10 -25.49
N THR I 685 -31.06 23.26 -24.76
CA THR I 685 -30.63 22.07 -25.39
C THR I 685 -31.87 21.31 -25.71
N ASP I 686 -32.87 21.38 -24.85
CA ASP I 686 -34.14 20.72 -25.20
C ASP I 686 -34.81 21.36 -26.43
N ALA I 687 -34.64 22.67 -26.62
CA ALA I 687 -35.17 23.35 -27.79
C ALA I 687 -34.44 22.90 -29.06
N TRP I 688 -33.11 22.79 -29.03
CA TRP I 688 -32.29 22.43 -30.20
C TRP I 688 -32.24 20.97 -30.62
N VAL I 689 -32.53 19.98 -29.78
CA VAL I 689 -32.31 18.58 -30.20
C VAL I 689 -33.16 18.15 -31.39
N LYS I 690 -34.42 18.57 -31.48
CA LYS I 690 -35.28 18.22 -32.62
C LYS I 690 -34.98 19.03 -33.88
N PRO I 691 -34.79 20.36 -33.85
CA PRO I 691 -34.33 21.13 -34.99
C PRO I 691 -32.99 20.71 -35.55
N ALA I 692 -32.01 20.38 -34.72
CA ALA I 692 -30.71 19.96 -35.22
C ALA I 692 -30.85 18.65 -35.98
N PHE I 693 -31.64 17.72 -35.45
CA PHE I 693 -31.92 16.47 -36.12
C PHE I 693 -32.67 16.68 -37.44
N LEU I 694 -33.74 17.48 -37.44
CA LEU I 694 -34.50 17.80 -38.65
C LEU I 694 -33.67 18.53 -39.70
N ALA I 695 -32.78 19.42 -39.29
CA ALA I 695 -31.98 20.20 -40.22
C ALA I 695 -30.90 19.35 -40.90
N LEU I 696 -30.39 18.29 -40.28
CA LEU I 696 -29.55 17.32 -40.97
C LEU I 696 -30.39 16.35 -41.81
N LEU I 697 -31.51 15.88 -41.25
CA LEU I 697 -32.36 14.86 -41.85
C LEU I 697 -32.99 15.28 -43.17
N LEU I 698 -33.66 16.44 -43.24
CA LEU I 698 -34.43 16.80 -44.42
C LEU I 698 -33.57 16.92 -45.70
N PRO I 699 -32.36 17.52 -45.67
CA PRO I 699 -31.41 17.43 -46.77
C PRO I 699 -30.99 16.00 -47.18
N TYR I 700 -30.91 15.06 -46.24
CA TYR I 700 -30.62 13.64 -46.52
C TYR I 700 -31.80 12.87 -47.12
N LEU I 701 -33.03 13.26 -46.80
CA LEU I 701 -34.23 12.66 -47.38
C LEU I 701 -34.58 13.28 -48.74
N LEU I 702 -34.50 14.60 -48.87
CA LEU I 702 -35.07 15.37 -49.97
C LEU I 702 -34.07 16.15 -50.84
N GLY I 703 -32.80 16.23 -50.47
CA GLY I 703 -31.79 16.97 -51.24
C GLY I 703 -31.88 18.50 -51.17
N VAL I 704 -32.87 19.03 -50.43
CA VAL I 704 -33.03 20.44 -50.03
C VAL I 704 -31.86 20.98 -49.22
N LYS I 705 -31.82 22.31 -49.05
CA LYS I 705 -30.81 23.04 -48.29
C LYS I 705 -31.43 23.73 -47.09
N ALA I 706 -30.90 23.52 -45.90
CA ALA I 706 -31.51 23.93 -44.65
C ALA I 706 -30.74 25.08 -43.99
N ILE I 707 -31.44 26.10 -43.49
CA ILE I 707 -30.91 26.90 -42.39
C ILE I 707 -31.81 26.78 -41.17
N ALA I 708 -31.26 26.34 -40.04
CA ALA I 708 -31.97 26.29 -38.79
C ALA I 708 -31.56 27.50 -37.96
N THR I 709 -32.54 28.29 -37.54
CA THR I 709 -32.28 29.54 -36.85
C THR I 709 -33.42 29.90 -35.91
N ARG I 710 -33.15 30.70 -34.90
CA ARG I 710 -34.20 31.39 -34.12
C ARG I 710 -34.79 32.60 -34.87
N SER I 711 -34.10 33.07 -35.92
CA SER I 711 -34.37 34.29 -36.67
C SER I 711 -35.56 34.21 -37.61
N MET I 712 -36.50 35.15 -37.52
CA MET I 712 -37.59 35.21 -38.48
C MET I 712 -37.12 35.63 -39.87
N VAL I 713 -36.15 36.53 -39.99
CA VAL I 713 -35.46 36.78 -41.26
C VAL I 713 -34.45 35.68 -41.57
N PRO I 714 -34.50 35.01 -42.72
CA PRO I 714 -33.51 34.04 -43.19
C PRO I 714 -32.27 34.65 -43.90
N LEU I 715 -31.20 33.86 -44.03
CA LEU I 715 -30.29 34.06 -45.17
C LEU I 715 -31.03 33.68 -46.48
N TYR I 716 -31.21 34.56 -47.47
CA TYR I 716 -31.75 34.14 -48.77
C TYR I 716 -30.70 33.44 -49.61
N ARG I 717 -31.02 32.21 -50.05
CA ARG I 717 -30.14 31.40 -50.89
C ARG I 717 -30.21 31.75 -52.38
N SER I 718 -29.10 31.51 -53.07
CA SER I 718 -28.79 31.81 -54.47
C SER I 718 -27.58 30.95 -54.88
N ASP I 719 -27.22 30.94 -56.16
CA ASP I 719 -26.55 29.88 -56.93
C ASP I 719 -25.20 29.36 -56.36
N GLN I 720 -24.56 30.15 -55.49
CA GLN I 720 -23.32 29.83 -54.79
C GLN I 720 -23.35 30.23 -53.30
N ASP I 721 -24.37 30.94 -52.81
CA ASP I 721 -24.76 30.82 -51.39
C ASP I 721 -25.06 29.35 -51.04
N PHE I 722 -25.55 28.61 -52.03
CA PHE I 722 -25.82 27.16 -52.04
C PHE I 722 -24.56 26.29 -51.78
N ARG I 723 -23.36 26.86 -51.66
CA ARG I 723 -22.09 26.15 -51.44
C ARG I 723 -21.99 25.39 -50.12
N GLU I 724 -22.97 25.55 -49.22
CA GLU I 724 -23.17 24.60 -48.14
C GLU I 724 -24.63 24.14 -48.14
N SER I 725 -24.87 22.92 -47.68
CA SER I 725 -26.19 22.32 -47.62
C SER I 725 -26.98 22.74 -46.39
N ILE I 726 -26.30 22.91 -45.26
CA ILE I 726 -26.90 23.21 -43.96
C ILE I 726 -26.14 24.37 -43.31
N HIS I 727 -26.86 25.29 -42.66
CA HIS I 727 -26.32 26.14 -41.60
C HIS I 727 -27.16 25.98 -40.34
N LEU I 728 -26.55 26.02 -39.17
CA LEU I 728 -27.23 26.02 -37.89
C LEU I 728 -26.78 27.25 -37.09
N ASP I 729 -27.62 28.27 -37.06
CA ASP I 729 -27.37 29.51 -36.37
C ASP I 729 -27.49 29.35 -34.85
N GLY I 730 -26.36 29.07 -34.20
CA GLY I 730 -26.26 29.26 -32.76
C GLY I 730 -26.82 28.12 -31.93
N VAL I 731 -26.55 26.88 -32.32
CA VAL I 731 -26.98 25.67 -31.59
C VAL I 731 -26.48 25.68 -30.15
N ALA I 732 -27.20 24.92 -29.33
CA ALA I 732 -26.80 24.75 -27.95
C ALA I 732 -25.41 24.18 -27.92
N GLY I 733 -24.75 24.35 -26.81
CA GLY I 733 -23.33 24.01 -26.80
C GLY I 733 -22.96 22.53 -26.90
N PHE I 734 -23.92 21.60 -26.81
CA PHE I 734 -23.69 20.20 -27.17
C PHE I 734 -23.13 20.04 -28.58
N TRP I 735 -23.53 20.89 -29.53
CA TRP I 735 -23.05 20.90 -30.91
C TRP I 735 -21.59 21.26 -31.04
N SER I 736 -21.19 22.36 -30.39
CA SER I 736 -19.81 22.83 -30.45
C SER I 736 -18.91 21.85 -29.70
N LEU I 737 -19.40 21.26 -28.61
CA LEU I 737 -18.70 20.23 -27.85
C LEU I 737 -18.44 18.97 -28.70
N LEU I 738 -19.42 18.49 -29.50
CA LEU I 738 -19.19 17.37 -30.43
C LEU I 738 -18.16 17.72 -31.51
N GLY I 739 -17.92 18.99 -31.78
CA GLY I 739 -16.98 19.44 -32.80
C GLY I 739 -17.52 19.24 -34.22
N ILE I 740 -18.80 18.94 -34.36
CA ILE I 740 -19.47 18.89 -35.67
C ILE I 740 -19.64 20.30 -36.21
N PRO I 741 -19.31 20.59 -37.49
CA PRO I 741 -19.39 21.95 -38.02
C PRO I 741 -20.79 22.55 -37.95
N THR I 742 -20.89 23.84 -37.71
CA THR I 742 -22.19 24.55 -37.75
C THR I 742 -22.66 24.81 -39.17
N ASP I 743 -21.80 24.54 -40.18
CA ASP I 743 -22.15 24.66 -41.59
C ASP I 743 -21.62 23.41 -42.29
N LEU I 744 -22.43 22.72 -43.10
CA LEU I 744 -22.07 21.42 -43.66
C LEU I 744 -22.25 21.40 -45.18
N ARG I 745 -21.28 20.90 -45.92
CA ARG I 745 -21.46 20.58 -47.35
C ARG I 745 -22.17 19.23 -47.49
N VAL I 746 -22.72 18.90 -48.66
CA VAL I 746 -23.65 17.76 -48.80
C VAL I 746 -23.03 16.38 -48.52
N GLU I 747 -21.72 16.24 -48.72
CA GLU I 747 -21.00 15.01 -48.41
C GLU I 747 -20.89 14.67 -46.91
N ASP I 748 -21.04 15.68 -46.04
CA ASP I 748 -20.80 15.59 -44.59
C ASP I 748 -22.07 15.23 -43.80
N ILE I 749 -23.25 15.32 -44.43
CA ILE I 749 -24.54 15.21 -43.74
C ILE I 749 -24.74 13.83 -43.12
N THR I 750 -24.30 12.75 -43.77
CA THR I 750 -24.40 11.41 -43.19
C THR I 750 -23.39 11.14 -42.05
N PRO I 751 -22.12 11.56 -42.11
CA PRO I 751 -21.28 11.66 -40.92
C PRO I 751 -21.93 12.42 -39.75
N ALA I 752 -22.59 13.54 -40.02
CA ALA I 752 -23.22 14.32 -38.97
C ALA I 752 -24.41 13.56 -38.36
N LEU I 753 -25.30 12.99 -39.19
CA LEU I 753 -26.45 12.23 -38.69
C LEU I 753 -25.97 11.04 -37.85
N ASN I 754 -24.91 10.37 -38.27
CA ASN I 754 -24.33 9.29 -37.50
C ASN I 754 -23.84 9.74 -36.14
N LYS I 755 -23.10 10.86 -36.04
CA LYS I 755 -22.58 11.30 -34.74
C LYS I 755 -23.70 11.79 -33.84
N LEU I 756 -24.72 12.42 -34.43
CA LEU I 756 -25.82 12.99 -33.67
C LEU I 756 -26.71 11.90 -33.13
N LEU I 757 -27.04 10.90 -33.94
CA LEU I 757 -27.82 9.78 -33.45
C LEU I 757 -27.00 8.89 -32.53
N ALA I 758 -25.71 8.73 -32.76
CA ALA I 758 -24.89 7.94 -31.85
C ALA I 758 -24.85 8.57 -30.46
N ILE I 759 -24.78 9.90 -30.34
CA ILE I 759 -24.84 10.54 -29.03
C ILE I 759 -26.25 10.61 -28.45
N TYR I 760 -27.30 10.77 -29.26
CA TYR I 760 -28.68 10.66 -28.74
C TYR I 760 -28.99 9.26 -28.23
N THR I 761 -28.62 8.21 -28.98
CA THR I 761 -28.89 6.83 -28.60
C THR I 761 -28.02 6.36 -27.44
N LEU I 762 -26.95 7.09 -27.12
CA LEU I 762 -26.09 6.87 -25.96
C LEU I 762 -26.52 7.68 -24.74
N HIS I 763 -26.97 8.91 -24.91
CA HIS I 763 -27.61 9.69 -23.85
C HIS I 763 -28.92 9.08 -23.35
N LEU I 764 -29.74 8.53 -24.25
CA LEU I 764 -31.01 7.94 -23.86
C LEU I 764 -30.86 6.57 -23.18
N ALA I 765 -29.67 5.98 -23.21
CA ALA I 765 -29.39 4.72 -22.53
C ALA I 765 -29.12 4.94 -21.05
N ALA I 766 -28.26 5.91 -20.74
CA ALA I 766 -27.93 6.31 -19.39
C ALA I 766 -27.92 7.84 -19.27
N ARG I 767 -28.44 8.37 -18.17
CA ARG I 767 -28.87 9.78 -18.00
C ARG I 767 -30.20 10.13 -18.69
N SER I 768 -31.08 9.16 -18.87
CA SER I 768 -32.47 9.36 -19.30
C SER I 768 -33.44 8.49 -18.49
N SER I 769 -34.74 8.78 -18.53
CA SER I 769 -35.82 7.90 -18.02
C SER I 769 -36.87 7.67 -19.11
N PRO I 770 -37.53 6.51 -19.19
CA PRO I 770 -38.35 6.16 -20.34
C PRO I 770 -39.40 7.18 -20.81
N PRO I 771 -40.09 7.95 -19.93
CA PRO I 771 -41.03 8.95 -20.41
C PRO I 771 -40.43 10.37 -20.52
N LYS I 772 -39.22 10.59 -19.99
CA LYS I 772 -38.57 11.91 -19.85
C LYS I 772 -37.09 11.86 -20.19
N ALA I 773 -36.75 12.30 -21.39
CA ALA I 773 -35.45 12.14 -22.04
C ALA I 773 -34.26 12.90 -21.41
N ARG I 774 -34.53 13.90 -20.56
CA ARG I 774 -33.54 14.67 -19.79
C ARG I 774 -32.38 15.20 -20.63
N TRP I 775 -32.71 15.80 -21.77
CA TRP I 775 -31.78 16.47 -22.69
C TRP I 775 -31.01 17.64 -22.07
N GLN I 776 -31.44 18.08 -20.89
CA GLN I 776 -30.68 19.01 -20.07
C GLN I 776 -29.30 18.47 -19.70
N ASP I 777 -29.06 17.16 -19.73
CA ASP I 777 -27.78 16.55 -19.39
C ASP I 777 -26.94 16.24 -20.64
N LEU I 778 -27.45 16.48 -21.86
CA LEU I 778 -26.76 16.10 -23.10
C LEU I 778 -25.35 16.69 -23.22
N PRO I 779 -25.07 17.95 -22.81
CA PRO I 779 -23.71 18.48 -22.83
C PRO I 779 -22.69 17.68 -22.02
N LYS I 780 -23.08 17.01 -20.93
CA LYS I 780 -22.14 16.17 -20.18
C LYS I 780 -21.90 14.82 -20.81
N THR I 781 -22.90 14.27 -21.49
CA THR I 781 -22.79 13.01 -22.21
C THR I 781 -21.86 13.22 -23.41
N VAL I 782 -22.01 14.33 -24.14
CA VAL I 782 -21.08 14.68 -25.22
C VAL I 782 -19.67 14.92 -24.69
N GLN I 783 -19.49 15.68 -23.60
CA GLN I 783 -18.13 16.05 -23.18
C GLN I 783 -17.31 14.83 -22.73
N GLU I 784 -17.93 13.85 -22.06
CA GLU I 784 -17.19 12.63 -21.71
C GLU I 784 -16.85 11.76 -22.93
N VAL I 785 -17.76 11.56 -23.88
CA VAL I 785 -17.49 10.78 -25.11
C VAL I 785 -16.38 11.39 -25.95
N MET I 786 -16.33 12.71 -26.05
CA MET I 786 -15.29 13.41 -26.82
C MET I 786 -13.94 13.41 -26.10
N THR I 787 -13.93 13.47 -24.77
CA THR I 787 -12.68 13.44 -24.00
C THR I 787 -11.87 12.17 -24.23
N ASP I 788 -12.50 11.00 -24.14
CA ASP I 788 -11.82 9.72 -24.33
C ASP I 788 -12.82 8.63 -24.71
N VAL I 789 -12.67 7.96 -25.86
CA VAL I 789 -13.72 7.11 -26.45
C VAL I 789 -14.17 5.95 -25.56
N LEU I 790 -13.34 5.46 -24.63
CA LEU I 790 -13.75 4.40 -23.72
C LEU I 790 -14.89 4.85 -22.78
N ASN I 791 -15.16 6.14 -22.66
CA ASN I 791 -16.31 6.66 -21.94
C ASN I 791 -17.65 6.19 -22.55
N VAL I 792 -17.67 5.73 -23.80
CA VAL I 792 -18.85 5.06 -24.38
C VAL I 792 -19.26 3.84 -23.57
N PHE I 793 -18.30 3.10 -23.02
CA PHE I 793 -18.54 1.95 -22.17
C PHE I 793 -18.82 2.38 -20.73
N ALA I 794 -18.26 3.48 -20.27
CA ALA I 794 -18.62 4.09 -18.99
C ALA I 794 -20.09 4.51 -18.93
N LEU I 795 -20.63 5.03 -20.04
CA LEU I 795 -22.05 5.35 -20.22
C LEU I 795 -22.91 4.09 -20.34
N ALA I 796 -22.38 3.07 -20.96
CA ALA I 796 -23.11 1.86 -21.02
C ALA I 796 -23.31 1.33 -19.66
N GLU I 797 -22.29 1.43 -18.83
CA GLU I 797 -22.38 0.86 -17.53
C GLU I 797 -23.23 1.65 -16.61
N GLN I 798 -23.41 2.92 -16.89
CA GLN I 798 -24.30 3.72 -16.11
C GLN I 798 -25.68 3.24 -16.43
N GLY I 799 -25.94 2.93 -17.68
CA GLY I 799 -27.25 2.44 -18.09
C GLY I 799 -27.62 1.18 -17.34
N LEU I 800 -26.67 0.27 -17.26
CA LEU I 800 -26.91 -0.96 -16.59
C LEU I 800 -27.29 -0.74 -15.14
N ARG I 801 -26.71 0.23 -14.48
CA ARG I 801 -26.98 0.41 -13.09
C ARG I 801 -28.32 1.06 -12.85
N ARG I 802 -28.76 1.90 -13.76
CA ARG I 802 -30.06 2.51 -13.65
C ARG I 802 -31.03 1.40 -13.83
N GLU I 803 -30.93 0.69 -14.92
CA GLU I 803 -31.77 -0.46 -15.26
C GLU I 803 -31.76 -1.58 -14.20
N LYS I 804 -30.98 -1.43 -13.12
CA LYS I 804 -30.68 -2.38 -12.03
C LYS I 804 -30.13 -3.72 -12.53
N ARG I 805 -29.48 -3.74 -13.69
CA ARG I 805 -28.95 -4.94 -14.34
C ARG I 805 -27.43 -5.04 -14.19
N ASP I 806 -26.94 -6.19 -13.78
CA ASP I 806 -25.53 -6.40 -13.46
C ASP I 806 -24.65 -6.67 -14.70
N ARG I 807 -25.26 -7.05 -15.83
CA ARG I 807 -24.55 -7.51 -17.03
C ARG I 807 -25.26 -7.05 -18.32
N PRO I 808 -24.56 -6.73 -19.42
CA PRO I 808 -25.17 -6.38 -20.69
C PRO I 808 -25.85 -7.56 -21.39
N TYR I 809 -26.90 -7.34 -22.19
CA TYR I 809 -27.34 -8.38 -23.14
C TYR I 809 -26.28 -8.62 -24.22
N GLU I 810 -26.35 -9.75 -24.91
CA GLU I 810 -25.39 -10.09 -25.97
C GLU I 810 -25.42 -9.09 -27.15
N SER I 811 -26.58 -8.52 -27.45
CA SER I 811 -26.76 -7.51 -28.48
C SER I 811 -26.07 -6.21 -28.09
N GLU I 812 -26.32 -5.70 -26.88
CA GLU I 812 -25.71 -4.45 -26.43
C GLU I 812 -24.18 -4.46 -26.40
N VAL I 813 -23.56 -5.63 -26.20
CA VAL I 813 -22.09 -5.79 -26.24
C VAL I 813 -21.53 -5.48 -27.62
N THR I 814 -22.28 -5.64 -28.72
CA THR I 814 -21.81 -5.20 -30.04
C THR I 814 -22.28 -3.81 -30.36
N GLU I 815 -23.46 -3.41 -29.91
CA GLU I 815 -24.03 -2.10 -30.19
C GLU I 815 -23.09 -1.02 -29.65
N TYR I 816 -22.77 -1.06 -28.36
CA TYR I 816 -21.87 -0.10 -27.73
C TYR I 816 -20.45 -0.17 -28.27
N TRP I 817 -20.05 -1.26 -28.92
CA TRP I 817 -18.74 -1.32 -29.55
C TRP I 817 -18.79 -0.59 -30.89
N GLN I 818 -19.86 -0.75 -31.65
CA GLN I 818 -20.06 -0.01 -32.90
C GLN I 818 -20.18 1.49 -32.65
N PHE I 819 -20.68 1.95 -31.51
CA PHE I 819 -20.59 3.36 -31.13
C PHE I 819 -19.15 3.81 -30.88
N ALA I 820 -18.34 3.05 -30.16
CA ALA I 820 -16.93 3.40 -29.97
C ALA I 820 -16.16 3.41 -31.30
N GLU I 821 -16.39 2.40 -32.12
CA GLU I 821 -15.81 2.27 -33.47
C GLU I 821 -16.27 3.40 -34.40
N LEU I 822 -17.45 3.97 -34.18
CA LEU I 822 -18.03 5.11 -34.89
C LEU I 822 -17.48 6.48 -34.47
N PHE I 823 -17.41 6.78 -33.18
CA PHE I 823 -16.83 8.03 -32.69
C PHE I 823 -15.32 8.15 -32.92
N SER I 824 -14.62 7.02 -33.01
CA SER I 824 -13.18 7.01 -33.28
C SER I 824 -12.79 7.26 -34.74
N GLN I 825 -13.71 7.23 -35.71
CA GLN I 825 -13.38 7.14 -37.15
C GLN I 825 -12.35 8.14 -37.69
N GLY I 826 -12.36 9.40 -37.23
CA GLY I 826 -11.44 10.42 -37.71
C GLY I 826 -10.19 10.61 -36.86
N ASN I 827 -10.11 9.99 -35.68
CA ASN I 827 -9.02 10.23 -34.74
C ASN I 827 -8.17 8.96 -34.59
N ILE I 828 -6.87 9.08 -34.86
CA ILE I 828 -5.94 7.97 -34.74
C ILE I 828 -5.69 7.57 -33.29
N VAL I 829 -5.56 8.52 -32.36
CA VAL I 829 -5.15 8.22 -30.98
C VAL I 829 -6.25 7.47 -30.24
N MET I 830 -7.52 7.76 -30.54
CA MET I 830 -8.68 7.00 -30.10
C MET I 830 -8.83 5.68 -30.84
N THR I 831 -8.64 5.65 -32.15
CA THR I 831 -8.72 4.39 -32.90
C THR I 831 -7.65 3.39 -32.43
N GLU I 832 -6.47 3.89 -32.13
CA GLU I 832 -5.37 3.11 -31.59
C GLU I 832 -5.69 2.58 -30.21
N LYS I 833 -6.33 3.39 -29.36
CA LYS I 833 -6.70 2.98 -28.01
C LYS I 833 -7.79 1.93 -28.04
N LEU I 834 -8.71 2.00 -28.98
CA LEU I 834 -9.77 1.02 -29.11
C LEU I 834 -9.23 -0.30 -29.65
N LYS I 835 -8.27 -0.23 -30.59
CA LYS I 835 -7.61 -1.44 -31.11
C LYS I 835 -6.73 -2.09 -30.06
N LEU I 836 -6.01 -1.29 -29.29
CA LEU I 836 -5.18 -1.74 -28.17
C LEU I 836 -6.04 -2.36 -27.09
N THR I 837 -7.16 -1.76 -26.73
CA THR I 837 -8.00 -2.32 -25.65
C THR I 837 -8.58 -3.66 -26.02
N LYS I 838 -8.87 -3.93 -27.30
CA LYS I 838 -9.31 -5.27 -27.69
C LYS I 838 -8.13 -6.22 -27.65
N ARG I 839 -6.99 -5.85 -28.26
CA ARG I 839 -5.79 -6.68 -28.28
C ARG I 839 -5.29 -7.05 -26.89
N LEU I 840 -5.30 -6.09 -25.98
CA LEU I 840 -4.85 -6.26 -24.60
C LEU I 840 -5.57 -7.41 -23.91
N VAL I 841 -6.89 -7.50 -24.08
CA VAL I 841 -7.65 -8.59 -23.50
C VAL I 841 -7.55 -9.84 -24.34
N GLU I 842 -7.50 -9.73 -25.66
CA GLU I 842 -7.34 -10.88 -26.55
C GLU I 842 -6.03 -11.65 -26.27
N GLU I 843 -5.00 -10.96 -25.76
CA GLU I 843 -3.78 -11.53 -25.23
C GLU I 843 -3.98 -12.20 -23.88
N TYR I 844 -4.61 -11.58 -22.87
CA TYR I 844 -4.75 -12.27 -21.57
C TYR I 844 -5.75 -13.41 -21.63
N ARG I 845 -6.72 -13.36 -22.55
CA ARG I 845 -7.65 -14.45 -22.85
C ARG I 845 -6.93 -15.68 -23.42
N ARG I 846 -5.64 -15.61 -23.75
CA ARG I 846 -4.81 -16.81 -24.01
C ARG I 846 -4.49 -17.59 -22.73
N PHE I 847 -4.48 -16.98 -21.55
CA PHE I 847 -4.08 -17.66 -20.31
C PHE I 847 -5.08 -17.58 -19.17
N TYR I 848 -6.14 -16.79 -19.28
CA TYR I 848 -7.16 -16.68 -18.26
C TYR I 848 -8.55 -16.46 -18.87
N GLN I 849 -9.52 -17.28 -18.49
CA GLN I 849 -10.90 -17.28 -19.00
C GLN I 849 -11.90 -17.67 -17.92
N VAL I 850 -12.51 -16.71 -17.23
CA VAL I 850 -13.74 -16.95 -16.46
C VAL I 850 -14.95 -17.12 -17.37
N GLU I 851 -15.72 -18.19 -17.21
CA GLU I 851 -16.88 -18.48 -18.04
C GLU I 851 -18.05 -17.57 -17.63
N LEU I 852 -18.53 -16.78 -18.60
CA LEU I 852 -19.56 -15.77 -18.36
C LEU I 852 -20.89 -16.38 -17.94
N SER I 853 -21.17 -17.62 -18.33
CA SER I 853 -22.34 -18.38 -17.91
C SER I 853 -22.46 -18.50 -16.39
N LYS I 854 -21.34 -18.58 -15.65
CA LYS I 854 -21.32 -18.63 -14.18
C LYS I 854 -21.57 -17.27 -13.50
N LYS I 855 -21.92 -16.25 -14.28
CA LYS I 855 -22.32 -14.90 -13.86
C LYS I 855 -21.22 -14.21 -13.00
N PRO I 856 -20.01 -13.97 -13.61
CA PRO I 856 -18.92 -13.48 -12.78
C PRO I 856 -18.78 -12.02 -12.54
N SER I 857 -17.88 -11.64 -11.66
CA SER I 857 -17.70 -10.26 -11.33
C SER I 857 -16.82 -9.56 -12.28
N THR I 858 -16.75 -8.27 -12.16
CA THR I 858 -15.88 -7.52 -12.99
C THR I 858 -14.52 -7.81 -12.49
N HIS I 859 -14.39 -8.05 -11.19
CA HIS I 859 -13.11 -8.33 -10.57
C HIS I 859 -12.53 -9.54 -11.16
N ALA I 860 -13.36 -10.47 -11.56
CA ALA I 860 -12.89 -11.69 -12.09
C ALA I 860 -12.51 -11.52 -13.51
N ILE I 861 -13.36 -10.92 -14.29
CA ILE I 861 -13.09 -10.77 -15.70
C ILE I 861 -11.79 -10.03 -15.89
N LEU I 862 -11.41 -9.14 -14.99
CA LEU I 862 -10.26 -8.29 -15.21
C LEU I 862 -9.04 -8.67 -14.37
N LEU I 863 -8.98 -9.84 -13.76
CA LEU I 863 -7.90 -10.19 -12.82
C LEU I 863 -6.48 -9.89 -13.32
N PRO I 864 -6.08 -10.22 -14.56
CA PRO I 864 -4.76 -9.87 -15.02
C PRO I 864 -4.61 -8.38 -15.34
N LEU I 865 -5.64 -7.69 -15.82
CA LEU I 865 -5.50 -6.26 -16.09
C LEU I 865 -5.47 -5.44 -14.81
N SER I 866 -6.24 -5.85 -13.82
CA SER I 866 -6.25 -5.20 -12.52
C SER I 866 -4.92 -5.38 -11.79
N LYS I 867 -4.27 -6.54 -11.90
CA LYS I 867 -2.92 -6.75 -11.38
C LYS I 867 -1.78 -6.18 -12.22
N ALA I 868 -1.97 -5.93 -13.50
CA ALA I 868 -0.99 -5.20 -14.29
C ALA I 868 -1.02 -3.72 -13.92
N LEU I 869 -2.19 -3.10 -13.93
CA LEU I 869 -2.34 -1.71 -13.55
C LEU I 869 -1.97 -1.46 -12.09
N GLU I 870 -2.41 -2.29 -11.14
CA GLU I 870 -2.13 -2.02 -9.71
C GLU I 870 -0.63 -2.08 -9.43
N GLN I 871 0.13 -2.90 -10.16
CA GLN I 871 1.58 -2.98 -10.02
C GLN I 871 2.29 -1.80 -10.69
N ILE I 872 1.91 -1.42 -11.91
CA ILE I 872 2.49 -0.24 -12.57
C ILE I 872 2.30 1.00 -11.73
N LEU I 873 1.11 1.17 -11.15
CA LEU I 873 0.80 2.39 -10.43
C LEU I 873 1.42 2.43 -9.03
N SER I 874 1.56 1.30 -8.35
CA SER I 874 2.04 1.25 -6.96
C SER I 874 3.56 1.31 -6.82
N VAL I 875 4.30 0.78 -7.79
CA VAL I 875 5.77 0.72 -7.80
C VAL I 875 6.39 2.12 -7.95
N PRO I 876 7.58 2.43 -7.36
CA PRO I 876 8.20 3.75 -7.46
C PRO I 876 8.43 4.21 -8.89
N ASP I 877 8.28 5.50 -9.09
CA ASP I 877 8.32 6.11 -10.42
C ASP I 877 9.70 6.10 -11.08
N ASP I 878 10.73 5.79 -10.33
CA ASP I 878 12.11 5.69 -10.79
C ASP I 878 12.40 4.45 -11.63
N TRP I 879 11.71 3.34 -11.39
CA TRP I 879 12.06 2.02 -11.91
C TRP I 879 11.72 1.91 -13.39
N ASP I 880 12.48 1.10 -14.13
CA ASP I 880 12.35 0.97 -15.58
C ASP I 880 11.20 0.08 -16.07
N GLU I 881 10.75 0.32 -17.29
CA GLU I 881 9.77 -0.54 -17.96
C GLU I 881 10.25 -1.99 -18.01
N GLU I 882 11.53 -2.22 -18.29
CA GLU I 882 12.07 -3.58 -18.49
C GLU I 882 12.24 -4.36 -17.17
N GLU I 883 12.17 -3.70 -16.01
CA GLU I 883 12.04 -4.36 -14.70
C GLU I 883 10.59 -4.51 -14.26
N LEU I 884 9.74 -3.51 -14.55
CA LEU I 884 8.31 -3.54 -14.27
C LEU I 884 7.64 -4.76 -14.93
N ILE I 885 8.00 -5.11 -16.16
CA ILE I 885 7.49 -6.30 -16.84
C ILE I 885 7.78 -7.59 -16.08
N LEU I 886 8.94 -7.73 -15.44
CA LEU I 886 9.29 -8.99 -14.78
C LEU I 886 8.57 -9.13 -13.45
N GLN I 887 8.55 -8.08 -12.66
CA GLN I 887 7.81 -8.09 -11.41
C GLN I 887 6.30 -8.20 -11.63
N GLY I 888 5.75 -7.56 -12.66
CA GLY I 888 4.34 -7.74 -12.97
C GLY I 888 4.01 -9.12 -13.53
N SER I 889 4.81 -9.70 -14.40
CA SER I 889 4.58 -11.08 -14.84
C SER I 889 4.72 -12.08 -13.70
N GLY I 890 5.60 -11.85 -12.73
CA GLY I 890 5.69 -12.63 -11.51
C GLY I 890 4.41 -12.56 -10.66
N GLN I 891 3.85 -11.38 -10.54
CA GLN I 891 2.65 -11.25 -9.78
C GLN I 891 1.50 -11.94 -10.50
N LEU I 892 1.38 -11.77 -11.81
CA LEU I 892 0.36 -12.47 -12.58
C LEU I 892 0.51 -13.98 -12.42
N GLN I 893 1.72 -14.53 -12.52
CA GLN I 893 2.00 -15.94 -12.27
C GLN I 893 1.62 -16.39 -10.86
N ALA I 894 1.96 -15.61 -9.84
CA ALA I 894 1.56 -15.87 -8.47
C ALA I 894 0.04 -15.81 -8.31
N ALA I 895 -0.67 -14.90 -8.99
CA ALA I 895 -2.12 -14.76 -8.88
C ALA I 895 -2.86 -15.91 -9.56
N LEU I 896 -2.44 -16.29 -10.76
CA LEU I 896 -2.99 -17.44 -11.49
C LEU I 896 -2.92 -18.72 -10.66
N ASP I 897 -1.82 -18.95 -9.94
CA ASP I 897 -1.65 -20.10 -9.03
C ASP I 897 -2.59 -20.08 -7.80
N ARG I 898 -3.33 -19.00 -7.57
CA ARG I 898 -4.31 -18.88 -6.49
C ARG I 898 -5.73 -19.11 -7.00
N GLN I 899 -5.99 -18.96 -8.30
CA GLN I 899 -7.28 -19.31 -8.88
C GLN I 899 -7.46 -20.83 -8.94
N GLU I 900 -8.68 -21.31 -9.20
CA GLU I 900 -8.96 -22.71 -9.50
C GLU I 900 -8.62 -23.04 -10.96
N VAL I 901 -8.17 -24.28 -11.20
CA VAL I 901 -7.43 -24.67 -12.41
C VAL I 901 -8.23 -24.46 -13.70
N TYR I 902 -9.56 -24.58 -13.65
CA TYR I 902 -10.38 -24.55 -14.86
C TYR I 902 -10.34 -23.20 -15.59
N THR I 903 -9.96 -22.13 -14.91
CA THR I 903 -9.86 -20.77 -15.50
C THR I 903 -8.61 -20.53 -16.33
N ARG I 904 -7.66 -21.47 -16.39
CA ARG I 904 -6.36 -21.31 -17.02
C ARG I 904 -6.18 -22.19 -18.28
N PRO I 905 -6.67 -21.76 -19.45
CA PRO I 905 -6.64 -22.51 -20.71
C PRO I 905 -5.36 -23.25 -21.08
N ILE I 906 -4.18 -22.74 -20.70
CA ILE I 906 -2.89 -23.35 -21.07
C ILE I 906 -2.51 -24.51 -20.13
N ILE I 907 -2.85 -24.42 -18.85
CA ILE I 907 -2.53 -25.49 -17.89
C ILE I 907 -3.61 -26.58 -17.91
N LYS I 908 -4.88 -26.22 -18.11
CA LYS I 908 -6.00 -27.15 -17.91
C LYS I 908 -6.03 -28.36 -18.84
N ASP I 909 -5.49 -28.26 -20.06
CA ASP I 909 -5.35 -29.40 -20.97
C ASP I 909 -4.13 -30.27 -20.61
N LYS I 910 -4.33 -31.27 -19.73
CA LYS I 910 -3.33 -32.30 -19.37
C LYS I 910 -2.83 -33.19 -20.52
N SER I 911 -3.31 -32.99 -21.73
CA SER I 911 -2.90 -33.69 -22.95
C SER I 911 -1.45 -33.43 -23.33
N VAL I 912 -0.82 -32.35 -22.84
CA VAL I 912 0.51 -31.91 -23.26
C VAL I 912 1.45 -31.79 -22.05
N ALA I 913 2.74 -32.03 -22.24
CA ALA I 913 3.71 -32.16 -21.15
C ALA I 913 3.85 -30.90 -20.26
N TYR I 914 4.05 -31.10 -18.96
CA TYR I 914 4.05 -30.03 -17.97
C TYR I 914 5.10 -28.94 -18.23
N GLU I 915 6.33 -29.31 -18.57
CA GLU I 915 7.39 -28.32 -18.82
C GLU I 915 7.07 -27.40 -20.01
N THR I 916 6.32 -27.90 -21.02
CA THR I 916 5.84 -27.05 -22.12
C THR I 916 4.56 -26.29 -21.78
N ARG I 917 3.69 -26.82 -20.91
CA ARG I 917 2.53 -26.04 -20.41
C ARG I 917 3.02 -24.83 -19.63
N GLN I 918 4.05 -25.01 -18.81
CA GLN I 918 4.73 -23.94 -18.10
C GLN I 918 5.36 -22.91 -19.06
N LEU I 919 6.00 -23.35 -20.13
CA LEU I 919 6.61 -22.46 -21.11
C LEU I 919 5.56 -21.62 -21.86
N GLN I 920 4.43 -22.22 -22.20
CA GLN I 920 3.36 -21.51 -22.88
C GLN I 920 2.68 -20.53 -21.92
N GLU I 921 2.50 -20.88 -20.64
CA GLU I 921 1.97 -19.95 -19.65
C GLU I 921 2.92 -18.77 -19.43
N LEU I 922 4.22 -19.02 -19.17
CA LEU I 922 5.18 -17.95 -18.98
C LEU I 922 5.28 -17.02 -20.19
N GLU I 923 5.24 -17.50 -21.44
CA GLU I 923 5.24 -16.59 -22.59
C GLU I 923 3.90 -15.90 -22.85
N ALA I 924 2.76 -16.51 -22.52
CA ALA I 924 1.48 -15.86 -22.65
C ALA I 924 1.34 -14.73 -21.62
N ILE I 925 1.78 -14.94 -20.38
CA ILE I 925 1.84 -13.89 -19.37
C ILE I 925 2.83 -12.81 -19.77
N GLN I 926 4.03 -13.17 -20.21
CA GLN I 926 5.06 -12.22 -20.55
C GLN I 926 4.65 -11.30 -21.70
N ILE I 927 4.02 -11.81 -22.75
CA ILE I 927 3.65 -10.97 -23.88
C ILE I 927 2.55 -9.97 -23.49
N PHE I 928 1.59 -10.39 -22.66
CA PHE I 928 0.60 -9.50 -22.08
C PHE I 928 1.23 -8.45 -21.19
N MET I 929 2.12 -8.84 -20.30
CA MET I 929 2.74 -7.86 -19.42
C MET I 929 3.58 -6.88 -20.24
N THR I 930 4.18 -7.35 -21.32
CA THR I 930 4.92 -6.50 -22.23
C THR I 930 3.99 -5.53 -22.96
N THR I 931 2.78 -5.94 -23.39
CA THR I 931 1.80 -5.01 -23.97
C THR I 931 1.28 -3.98 -23.00
N CYS I 932 0.98 -4.35 -21.76
CA CYS I 932 0.53 -3.40 -20.76
C CYS I 932 1.62 -2.36 -20.41
N VAL I 933 2.86 -2.78 -20.18
CA VAL I 933 3.91 -1.83 -19.77
C VAL I 933 4.43 -1.02 -20.96
N ARG I 934 4.57 -1.63 -22.15
CA ARG I 934 5.06 -0.96 -23.38
C ARG I 934 3.98 -0.10 -24.03
N ASP I 935 2.84 -0.68 -24.37
CA ASP I 935 1.83 -0.03 -25.21
C ASP I 935 0.77 0.71 -24.41
N LEU I 936 0.26 0.15 -23.31
CA LEU I 936 -0.70 0.87 -22.48
C LEU I 936 -0.04 1.99 -21.69
N PHE I 937 0.98 1.67 -20.91
CA PHE I 937 1.63 2.64 -20.06
C PHE I 937 2.63 3.47 -20.82
N GLY I 938 3.58 2.84 -21.50
CA GLY I 938 4.64 3.55 -22.20
C GLY I 938 4.11 4.39 -23.36
N GLU I 939 3.40 3.78 -24.31
CA GLU I 939 3.09 4.47 -25.56
C GLU I 939 1.84 5.33 -25.46
N MET I 940 0.67 4.74 -25.21
CA MET I 940 -0.58 5.50 -25.15
C MET I 940 -0.67 6.45 -23.95
N CYS I 941 -0.43 5.99 -22.71
CA CYS I 941 -0.39 6.86 -21.54
C CYS I 941 0.94 7.62 -21.34
N LYS I 942 1.79 7.70 -22.37
CA LYS I 942 3.01 8.53 -22.42
C LYS I 942 4.03 8.27 -21.29
N GLY I 943 3.91 7.14 -20.60
CA GLY I 943 4.72 6.82 -19.42
C GLY I 943 4.40 7.66 -18.18
N ASP I 944 3.20 8.24 -18.07
CA ASP I 944 2.83 9.13 -16.97
C ASP I 944 1.77 8.49 -16.08
N ARG I 945 2.06 8.34 -14.78
CA ARG I 945 1.14 7.66 -13.87
C ARG I 945 -0.14 8.41 -13.58
N ALA I 946 -0.15 9.73 -13.70
CA ALA I 946 -1.39 10.51 -13.62
C ALA I 946 -2.33 10.19 -14.78
N ILE I 947 -1.79 10.11 -16.00
CA ILE I 947 -2.57 9.84 -17.19
C ILE I 947 -3.08 8.39 -17.20
N LEU I 948 -2.34 7.43 -16.64
CA LEU I 948 -2.86 6.08 -16.45
C LEU I 948 -3.88 6.00 -15.31
N GLN I 949 -3.66 6.66 -14.17
CA GLN I 949 -4.59 6.72 -13.06
C GLN I 949 -5.94 7.36 -13.39
N GLU I 950 -6.02 8.43 -14.18
CA GLU I 950 -7.32 8.93 -14.66
C GLU I 950 -8.03 7.95 -15.61
N GLN I 951 -7.29 7.22 -16.43
CA GLN I 951 -7.89 6.27 -17.38
C GLN I 951 -8.21 4.92 -16.76
N ARG I 952 -7.68 4.61 -15.60
CA ARG I 952 -7.87 3.31 -14.99
C ARG I 952 -9.22 2.76 -15.02
N ASN I 953 -10.22 3.56 -14.81
CA ASN I 953 -11.53 2.98 -14.71
C ASN I 953 -12.23 2.93 -16.02
N ARG I 954 -11.80 3.73 -16.98
CA ARG I 954 -12.40 3.70 -18.28
C ARG I 954 -11.80 2.57 -19.04
N ILE I 955 -10.55 2.27 -18.81
CA ILE I 955 -9.87 1.13 -19.41
C ILE I 955 -10.55 -0.14 -18.91
N LYS I 956 -10.75 -0.26 -17.60
CA LYS I 956 -11.39 -1.42 -16.98
C LYS I 956 -12.79 -1.64 -17.52
N SER I 957 -13.65 -0.63 -17.63
CA SER I 957 -14.96 -0.78 -18.29
C SER I 957 -14.83 -1.20 -19.76
N GLY I 958 -13.94 -0.59 -20.52
CA GLY I 958 -13.74 -0.93 -21.94
C GLY I 958 -13.23 -2.34 -22.14
N ALA I 959 -12.39 -2.82 -21.25
CA ALA I 959 -11.86 -4.17 -21.26
C ALA I 959 -12.91 -5.21 -20.88
N GLU I 960 -13.84 -4.87 -20.01
CA GLU I 960 -14.95 -5.75 -19.68
C GLU I 960 -15.91 -5.93 -20.87
N PHE I 961 -16.23 -4.85 -21.58
CA PHE I 961 -16.96 -4.95 -22.84
C PHE I 961 -16.17 -5.66 -23.93
N ALA I 962 -14.86 -5.49 -23.98
CA ALA I 962 -14.00 -6.20 -24.94
C ALA I 962 -13.95 -7.70 -24.65
N TYR I 963 -13.88 -8.10 -23.39
CA TYR I 963 -13.91 -9.50 -22.98
C TYR I 963 -15.21 -10.16 -23.36
N ARG I 964 -16.35 -9.49 -23.12
CA ARG I 964 -17.64 -10.01 -23.55
C ARG I 964 -17.78 -10.10 -25.06
N LEU I 965 -17.20 -9.17 -25.81
CA LEU I 965 -17.22 -9.17 -27.26
C LEU I 965 -16.37 -10.29 -27.85
N LEU I 966 -15.17 -10.50 -27.31
CA LEU I 966 -14.33 -11.64 -27.65
C LEU I 966 -14.95 -12.99 -27.33
N ALA I 967 -15.63 -13.11 -26.20
CA ALA I 967 -16.29 -14.35 -25.82
C ALA I 967 -17.46 -14.66 -26.74
N LEU I 968 -18.29 -13.66 -27.05
CA LEU I 968 -19.38 -13.80 -28.02
C LEU I 968 -18.84 -14.15 -29.41
N GLU I 969 -17.72 -13.57 -29.80
CA GLU I 969 -17.10 -13.80 -31.10
C GLU I 969 -16.55 -15.21 -31.20
N ALA I 970 -15.88 -15.70 -30.15
CA ALA I 970 -15.41 -17.06 -30.07
C ALA I 970 -16.57 -18.06 -30.12
N GLN I 971 -17.59 -17.91 -29.27
CA GLN I 971 -18.69 -18.87 -29.22
C GLN I 971 -19.56 -18.90 -30.49
N GLN I 972 -19.58 -17.82 -31.29
CA GLN I 972 -20.10 -17.85 -32.67
C GLN I 972 -19.16 -18.50 -33.68
N ASN I 973 -17.94 -17.97 -33.86
CA ASN I 973 -17.04 -18.38 -34.92
C ASN I 973 -16.45 -19.79 -34.74
N GLN I 974 -16.58 -20.41 -33.57
CA GLN I 974 -16.18 -21.81 -33.38
C GLN I 974 -17.07 -22.82 -34.12
N ASN I 975 -18.29 -22.43 -34.55
CA ASN I 975 -19.21 -23.30 -35.33
C ASN I 975 -18.60 -23.70 -36.68
N MET J 1 25.43 7.78 -13.35
CA MET J 1 25.34 6.53 -14.16
C MET J 1 23.97 5.88 -13.99
N THR J 2 23.59 4.96 -14.89
CA THR J 2 22.23 4.40 -15.05
C THR J 2 21.65 3.56 -13.89
N GLU J 3 22.44 3.16 -12.89
CA GLU J 3 22.09 2.07 -11.94
C GLU J 3 20.93 2.36 -10.94
N LYS J 4 20.33 3.55 -11.04
CA LYS J 4 19.08 3.99 -10.37
C LYS J 4 17.80 3.27 -10.83
N LEU J 5 17.89 2.45 -11.86
CA LEU J 5 16.85 1.67 -12.51
C LEU J 5 17.45 0.39 -13.15
N LYS J 6 16.59 -0.49 -13.67
CA LYS J 6 16.93 -1.68 -14.48
C LYS J 6 17.79 -2.76 -13.80
N LEU J 7 17.72 -2.86 -12.48
CA LEU J 7 18.55 -3.78 -11.68
C LEU J 7 18.20 -5.27 -11.79
N THR J 8 16.93 -5.64 -11.89
CA THR J 8 16.48 -6.97 -11.43
C THR J 8 17.14 -8.20 -12.07
N LYS J 9 17.39 -8.25 -13.38
CA LYS J 9 18.06 -9.43 -13.95
C LYS J 9 19.49 -9.65 -13.43
N ARG J 10 20.30 -8.59 -13.29
CA ARG J 10 21.65 -8.75 -12.74
C ARG J 10 21.62 -9.19 -11.28
N LEU J 11 20.65 -8.73 -10.50
CA LEU J 11 20.51 -9.13 -9.10
C LEU J 11 20.33 -10.65 -8.98
N VAL J 12 19.49 -11.25 -9.83
CA VAL J 12 19.26 -12.70 -9.81
C VAL J 12 20.39 -13.49 -10.43
N GLU J 13 20.94 -13.08 -11.58
CA GLU J 13 22.07 -13.79 -12.18
C GLU J 13 23.30 -13.79 -11.27
N GLU J 14 23.51 -12.72 -10.50
CA GLU J 14 24.59 -12.66 -9.51
C GLU J 14 24.45 -13.65 -8.35
N TYR J 15 23.24 -14.12 -7.95
CA TYR J 15 23.16 -15.26 -7.02
C TYR J 15 23.04 -16.60 -7.73
N ARG J 16 22.52 -16.63 -8.94
CA ARG J 16 22.47 -17.84 -9.77
C ARG J 16 23.88 -18.36 -10.11
N ARG J 17 24.87 -17.46 -10.04
CA ARG J 17 26.29 -17.74 -10.11
C ARG J 17 26.84 -18.56 -8.93
N PHE J 18 26.09 -18.76 -7.84
CA PHE J 18 26.56 -19.53 -6.68
C PHE J 18 25.54 -20.42 -5.99
N TYR J 19 24.25 -20.22 -6.29
CA TYR J 19 23.14 -21.02 -5.77
C TYR J 19 22.10 -21.31 -6.85
N GLN J 20 21.63 -22.56 -6.97
CA GLN J 20 20.62 -22.97 -7.95
C GLN J 20 19.73 -24.11 -7.46
N VAL J 21 18.55 -24.20 -8.09
CA VAL J 21 17.63 -25.34 -8.08
C VAL J 21 16.99 -25.45 -9.47
N GLU J 22 16.85 -26.67 -9.98
CA GLU J 22 16.25 -26.91 -11.29
C GLU J 22 14.71 -26.88 -11.23
N LEU J 23 14.04 -26.30 -12.23
CA LEU J 23 12.58 -26.28 -12.25
C LEU J 23 11.98 -27.67 -12.53
N SER J 24 12.75 -28.61 -13.06
CA SER J 24 12.40 -30.04 -13.17
C SER J 24 12.22 -30.73 -11.81
N LYS J 25 12.77 -30.17 -10.73
CA LYS J 25 12.56 -30.66 -9.34
C LYS J 25 11.19 -30.21 -8.78
N LYS J 26 10.47 -29.38 -9.56
CA LYS J 26 9.24 -28.63 -9.24
C LYS J 26 9.33 -27.90 -7.88
N PRO J 27 10.28 -26.94 -7.74
CA PRO J 27 10.63 -26.29 -6.48
C PRO J 27 9.61 -25.24 -6.02
N SER J 28 9.64 -24.96 -4.72
CA SER J 28 8.91 -23.88 -4.06
C SER J 28 9.44 -22.51 -4.44
N THR J 29 8.58 -21.49 -4.39
CA THR J 29 9.05 -20.08 -4.47
C THR J 29 10.12 -19.79 -3.41
N HIS J 30 9.95 -20.33 -2.21
CA HIS J 30 10.91 -20.22 -1.12
C HIS J 30 12.28 -20.84 -1.43
N ALA J 31 12.35 -21.87 -2.28
CA ALA J 31 13.61 -22.47 -2.71
C ALA J 31 14.23 -21.76 -3.91
N ILE J 32 13.44 -21.08 -4.74
CA ILE J 32 13.94 -20.29 -5.87
C ILE J 32 14.61 -19.02 -5.40
N LEU J 33 13.92 -18.16 -4.66
CA LEU J 33 14.45 -16.86 -4.23
C LEU J 33 15.16 -16.85 -2.87
N LEU J 34 15.74 -17.99 -2.46
CA LEU J 34 16.38 -18.13 -1.17
C LEU J 34 17.48 -17.09 -0.89
N PRO J 35 18.47 -16.83 -1.76
CA PRO J 35 19.50 -15.84 -1.48
C PRO J 35 18.97 -14.43 -1.27
N LEU J 36 18.03 -13.99 -2.10
CA LEU J 36 17.46 -12.65 -1.97
C LEU J 36 16.61 -12.51 -0.71
N SER J 37 15.94 -13.58 -0.27
CA SER J 37 15.16 -13.55 0.97
C SER J 37 16.04 -13.36 2.21
N LYS J 38 17.23 -13.96 2.25
CA LYS J 38 18.20 -13.76 3.33
C LYS J 38 18.81 -12.36 3.30
N ALA J 39 19.09 -11.83 2.12
CA ALA J 39 19.65 -10.51 1.95
C ALA J 39 18.67 -9.40 2.36
N LEU J 40 17.43 -9.43 1.86
CA LEU J 40 16.39 -8.50 2.25
C LEU J 40 15.99 -8.63 3.72
N GLU J 41 15.96 -9.84 4.28
CA GLU J 41 15.67 -10.03 5.70
C GLU J 41 16.75 -9.34 6.54
N GLN J 42 18.03 -9.52 6.20
CA GLN J 42 19.12 -8.93 6.94
C GLN J 42 19.07 -7.40 6.89
N ILE J 43 18.86 -6.82 5.70
CA ILE J 43 18.77 -5.36 5.52
C ILE J 43 17.64 -4.77 6.38
N LEU J 44 16.45 -5.37 6.34
CA LEU J 44 15.28 -4.89 7.11
C LEU J 44 15.34 -5.20 8.61
N SER J 45 16.02 -6.27 9.04
CA SER J 45 15.97 -6.72 10.45
C SER J 45 16.96 -5.98 11.35
N VAL J 46 18.20 -5.75 10.89
CA VAL J 46 19.21 -5.13 11.75
C VAL J 46 18.92 -3.64 11.97
N PRO J 47 19.36 -3.03 13.10
CA PRO J 47 18.99 -1.67 13.45
C PRO J 47 19.23 -0.65 12.35
N ASP J 48 18.30 0.30 12.23
CA ASP J 48 18.23 1.22 11.11
C ASP J 48 19.29 2.31 11.15
N ASP J 49 19.98 2.47 12.29
CA ASP J 49 21.12 3.38 12.42
C ASP J 49 22.39 2.86 11.72
N TRP J 50 22.54 1.56 11.50
CA TRP J 50 23.67 1.03 10.72
C TRP J 50 23.48 1.43 9.23
N ASP J 51 24.56 1.90 8.61
CA ASP J 51 24.77 2.21 7.18
C ASP J 51 25.46 1.09 6.38
N GLU J 52 25.56 1.26 5.07
CA GLU J 52 25.79 0.22 4.06
C GLU J 52 26.92 -0.80 4.36
N GLU J 53 28.16 -0.39 4.60
CA GLU J 53 29.32 -1.29 4.53
C GLU J 53 29.39 -2.36 5.64
N GLU J 54 28.85 -2.14 6.83
CA GLU J 54 28.66 -3.18 7.85
C GLU J 54 27.58 -4.20 7.48
N LEU J 55 26.54 -3.81 6.73
CA LEU J 55 25.47 -4.73 6.32
C LEU J 55 26.01 -5.81 5.39
N ILE J 56 26.97 -5.49 4.53
CA ILE J 56 27.42 -6.39 3.47
C ILE J 56 28.12 -7.60 4.07
N LEU J 57 29.07 -7.40 4.99
CA LEU J 57 29.75 -8.51 5.66
C LEU J 57 28.78 -9.35 6.51
N GLN J 58 27.89 -8.73 7.28
CA GLN J 58 26.84 -9.47 7.99
C GLN J 58 25.91 -10.27 7.07
N GLY J 59 25.33 -9.65 6.04
CA GLY J 59 24.41 -10.28 5.11
C GLY J 59 25.03 -11.37 4.25
N SER J 60 26.27 -11.20 3.81
CA SER J 60 27.08 -12.24 3.18
C SER J 60 27.35 -13.39 4.13
N GLY J 61 27.71 -13.13 5.38
CA GLY J 61 27.91 -14.18 6.38
C GLY J 61 26.62 -14.92 6.74
N GLN J 62 25.48 -14.21 6.77
CA GLN J 62 24.15 -14.84 6.91
C GLN J 62 23.81 -15.74 5.72
N LEU J 63 24.42 -15.54 4.55
CA LEU J 63 24.09 -16.30 3.35
C LEU J 63 25.09 -17.42 3.11
N GLN J 64 26.36 -17.24 3.45
CA GLN J 64 27.33 -18.32 3.43
C GLN J 64 27.01 -19.36 4.52
N ALA J 65 26.64 -18.90 5.72
CA ALA J 65 26.24 -19.74 6.84
C ALA J 65 24.81 -20.30 6.72
N ALA J 66 24.21 -20.23 5.53
CA ALA J 66 22.84 -20.69 5.26
C ALA J 66 22.77 -21.53 3.99
N LEU J 67 23.59 -21.23 2.98
CA LEU J 67 23.85 -22.17 1.92
C LEU J 67 24.71 -23.37 2.40
N ASP J 68 25.56 -23.26 3.44
CA ASP J 68 26.23 -24.47 3.99
C ASP J 68 25.27 -25.29 4.88
N ARG J 69 24.05 -24.79 5.12
CA ARG J 69 22.88 -25.49 5.64
C ARG J 69 22.09 -26.22 4.56
N GLN J 70 22.65 -26.36 3.37
CA GLN J 70 22.02 -27.11 2.29
C GLN J 70 23.02 -27.90 1.45
N GLU J 71 22.42 -28.77 0.66
CA GLU J 71 22.98 -29.82 -0.18
C GLU J 71 23.87 -29.27 -1.30
N VAL J 72 25.02 -29.91 -1.56
CA VAL J 72 25.99 -29.41 -2.58
C VAL J 72 25.41 -29.42 -4.00
N TYR J 73 24.38 -30.22 -4.25
CA TYR J 73 23.51 -30.19 -5.43
C TYR J 73 23.04 -28.76 -5.78
N THR J 74 22.82 -27.91 -4.77
CA THR J 74 22.44 -26.50 -4.95
C THR J 74 23.59 -25.50 -5.11
N ARG J 75 24.86 -25.90 -5.03
CA ARG J 75 26.01 -24.97 -5.09
C ARG J 75 26.91 -25.20 -6.30
N PRO J 76 26.63 -24.59 -7.47
CA PRO J 76 27.45 -24.74 -8.68
C PRO J 76 28.81 -24.00 -8.65
N ILE J 77 29.47 -23.95 -7.50
CA ILE J 77 30.90 -23.62 -7.34
C ILE J 77 31.54 -24.66 -6.43
N ILE J 78 30.98 -24.92 -5.25
CA ILE J 78 31.47 -25.96 -4.33
C ILE J 78 31.31 -27.37 -4.92
N LYS J 79 30.38 -27.56 -5.87
CA LYS J 79 30.16 -28.82 -6.59
C LYS J 79 31.18 -29.06 -7.72
N ASP J 80 31.95 -28.06 -8.17
CA ASP J 80 32.96 -28.27 -9.22
C ASP J 80 34.20 -28.99 -8.66
N LYS J 81 34.20 -30.33 -8.76
CA LYS J 81 35.30 -31.22 -8.35
C LYS J 81 36.64 -30.96 -9.05
N SER J 82 36.63 -30.21 -10.16
CA SER J 82 37.83 -29.82 -10.93
C SER J 82 38.80 -28.91 -10.17
N VAL J 83 38.36 -28.31 -9.05
CA VAL J 83 39.10 -27.24 -8.33
C VAL J 83 39.34 -27.63 -6.87
N ALA J 84 40.49 -27.24 -6.30
CA ALA J 84 40.84 -27.49 -4.90
C ALA J 84 39.98 -26.67 -3.93
N TYR J 85 39.49 -27.29 -2.85
CA TYR J 85 38.38 -26.78 -2.04
C TYR J 85 38.61 -25.36 -1.49
N GLU J 86 39.84 -24.97 -1.14
CA GLU J 86 40.12 -23.61 -0.67
C GLU J 86 39.95 -22.57 -1.79
N THR J 87 40.21 -22.96 -3.04
CA THR J 87 39.94 -22.10 -4.19
C THR J 87 38.50 -22.16 -4.64
N ARG J 88 37.75 -23.24 -4.40
CA ARG J 88 36.28 -23.15 -4.47
C ARG J 88 35.75 -22.09 -3.51
N GLN J 89 36.24 -22.08 -2.26
CA GLN J 89 35.85 -21.12 -1.23
C GLN J 89 36.25 -19.66 -1.52
N LEU J 90 37.36 -19.46 -2.22
CA LEU J 90 37.79 -18.12 -2.65
C LEU J 90 36.84 -17.55 -3.71
N GLN J 91 36.35 -18.40 -4.61
CA GLN J 91 35.31 -18.09 -5.59
C GLN J 91 33.92 -17.89 -4.96
N GLU J 92 33.55 -18.76 -4.03
CA GLU J 92 32.29 -18.70 -3.29
C GLU J 92 32.13 -17.40 -2.51
N LEU J 93 33.15 -17.03 -1.73
CA LEU J 93 33.09 -15.85 -0.89
C LEU J 93 33.21 -14.56 -1.71
N GLU J 94 33.77 -14.60 -2.91
CA GLU J 94 33.75 -13.41 -3.77
C GLU J 94 32.45 -13.31 -4.58
N ALA J 95 31.77 -14.41 -4.88
CA ALA J 95 30.45 -14.37 -5.49
C ALA J 95 29.44 -13.79 -4.51
N ILE J 96 29.40 -14.30 -3.28
CA ILE J 96 28.49 -13.82 -2.24
C ILE J 96 28.74 -12.35 -1.94
N GLN J 97 29.99 -11.92 -1.76
CA GLN J 97 30.29 -10.52 -1.49
C GLN J 97 29.91 -9.60 -2.66
N ILE J 98 29.96 -10.09 -3.90
CA ILE J 98 29.59 -9.30 -5.08
C ILE J 98 28.08 -9.26 -5.26
N PHE J 99 27.36 -10.35 -5.03
CA PHE J 99 25.91 -10.31 -4.98
C PHE J 99 25.40 -9.41 -3.87
N MET J 100 25.91 -9.63 -2.67
CA MET J 100 25.34 -9.04 -1.46
C MET J 100 25.67 -7.53 -1.41
N THR J 101 26.80 -7.08 -1.98
CA THR J 101 27.00 -5.64 -2.21
C THR J 101 26.05 -5.05 -3.24
N THR J 102 25.65 -5.78 -4.28
CA THR J 102 24.59 -5.31 -5.16
C THR J 102 23.24 -5.29 -4.45
N CYS J 103 22.99 -6.16 -3.48
CA CYS J 103 21.77 -6.06 -2.68
C CYS J 103 21.81 -4.88 -1.68
N VAL J 104 22.96 -4.54 -1.09
CA VAL J 104 23.03 -3.41 -0.14
C VAL J 104 23.19 -2.04 -0.79
N ARG J 105 23.92 -1.89 -1.90
CA ARG J 105 24.01 -0.60 -2.60
C ARG J 105 22.95 -0.51 -3.69
N ASP J 106 22.98 -1.36 -4.69
CA ASP J 106 22.11 -1.20 -5.86
C ASP J 106 20.62 -1.39 -5.50
N LEU J 107 20.21 -2.49 -4.87
CA LEU J 107 18.82 -2.70 -4.46
C LEU J 107 18.36 -1.76 -3.35
N PHE J 108 18.93 -1.89 -2.16
CA PHE J 108 18.45 -1.12 -1.01
C PHE J 108 18.81 0.37 -1.12
N GLY J 109 20.07 0.68 -1.42
CA GLY J 109 20.59 2.04 -1.45
C GLY J 109 20.06 2.84 -2.63
N GLU J 110 20.21 2.37 -3.86
CA GLU J 110 19.77 3.09 -5.06
C GLU J 110 18.31 2.82 -5.43
N MET J 111 17.91 1.57 -5.66
CA MET J 111 16.57 1.30 -6.18
C MET J 111 15.46 1.59 -5.17
N CYS J 112 15.73 1.40 -3.88
CA CYS J 112 14.82 1.68 -2.78
C CYS J 112 15.20 2.95 -2.00
N LYS J 113 16.05 3.82 -2.56
CA LYS J 113 16.54 5.10 -1.99
C LYS J 113 17.12 5.01 -0.57
N GLY J 114 17.55 3.84 -0.10
CA GLY J 114 18.12 3.64 1.23
C GLY J 114 17.09 3.71 2.36
N ASP J 115 15.80 3.72 2.04
CA ASP J 115 14.70 3.85 3.00
C ASP J 115 14.02 2.52 3.29
N ARG J 116 14.05 2.07 4.54
CA ARG J 116 13.47 0.77 4.91
C ARG J 116 11.96 0.72 4.73
N ALA J 117 11.26 1.84 4.84
CA ALA J 117 9.83 1.91 4.57
C ALA J 117 9.49 1.71 3.08
N ILE J 118 10.29 2.29 2.17
CA ILE J 118 10.16 2.09 0.72
C ILE J 118 10.48 0.64 0.37
N LEU J 119 11.55 0.09 0.92
CA LEU J 119 11.91 -1.32 0.72
C LEU J 119 10.81 -2.24 1.24
N GLN J 120 10.24 -1.97 2.41
CA GLN J 120 9.26 -2.86 3.03
C GLN J 120 7.95 -2.96 2.24
N GLU J 121 7.43 -1.84 1.73
CA GLU J 121 6.17 -1.85 0.99
C GLU J 121 6.26 -2.59 -0.34
N GLN J 122 7.46 -2.61 -0.89
CA GLN J 122 7.65 -3.22 -2.17
C GLN J 122 8.60 -4.38 -2.08
N ARG J 123 8.45 -5.23 -1.08
CA ARG J 123 9.38 -6.33 -0.90
C ARG J 123 8.84 -7.48 -1.61
N ASN J 124 7.55 -7.62 -1.55
CA ASN J 124 6.96 -8.77 -2.16
C ASN J 124 7.00 -8.60 -3.66
N ARG J 125 6.93 -7.37 -4.13
CA ARG J 125 6.98 -7.12 -5.55
C ARG J 125 8.37 -7.33 -6.08
N ILE J 126 9.39 -7.02 -5.30
CA ILE J 126 10.75 -7.20 -5.72
C ILE J 126 11.01 -8.67 -5.79
N LYS J 127 10.49 -9.40 -4.83
CA LYS J 127 10.76 -10.81 -4.78
C LYS J 127 10.12 -11.50 -5.93
N SER J 128 8.93 -11.09 -6.29
CA SER J 128 8.21 -11.74 -7.36
C SER J 128 8.95 -11.63 -8.66
N GLY J 129 9.47 -10.46 -8.96
CA GLY J 129 10.24 -10.24 -10.17
C GLY J 129 11.52 -11.06 -10.23
N ALA J 130 12.12 -11.37 -9.08
CA ALA J 130 13.30 -12.21 -9.03
C ALA J 130 12.94 -13.69 -9.24
N GLU J 131 11.80 -14.16 -8.73
CA GLU J 131 11.32 -15.51 -9.04
C GLU J 131 11.10 -15.66 -10.55
N PHE J 132 10.41 -14.72 -11.21
CA PHE J 132 10.20 -14.81 -12.64
C PHE J 132 11.49 -14.68 -13.45
N ALA J 133 12.37 -13.76 -13.08
CA ALA J 133 13.66 -13.58 -13.72
C ALA J 133 14.54 -14.84 -13.58
N TYR J 134 14.48 -15.53 -12.44
CA TYR J 134 15.17 -16.81 -12.26
C TYR J 134 14.68 -17.85 -13.25
N ARG J 135 13.37 -18.02 -13.39
CA ARG J 135 12.77 -18.92 -14.40
C ARG J 135 13.14 -18.54 -15.83
N LEU J 136 13.10 -17.25 -16.16
CA LEU J 136 13.51 -16.72 -17.45
C LEU J 136 14.97 -17.05 -17.78
N LEU J 137 15.88 -16.93 -16.81
CA LEU J 137 17.29 -17.33 -16.95
C LEU J 137 17.48 -18.84 -17.03
N ALA J 138 16.74 -19.62 -16.25
CA ALA J 138 16.71 -21.07 -16.35
C ALA J 138 16.29 -21.53 -17.77
N LEU J 139 15.34 -20.84 -18.39
CA LEU J 139 14.89 -21.12 -19.76
C LEU J 139 15.89 -20.61 -20.83
N GLU J 140 16.89 -19.80 -20.47
CA GLU J 140 17.99 -19.43 -21.37
C GLU J 140 19.06 -20.54 -21.43
N ALA J 141 19.49 -21.07 -20.28
CA ALA J 141 20.53 -22.11 -20.22
C ALA J 141 20.21 -23.36 -21.06
N GLN J 142 18.98 -23.87 -21.00
CA GLN J 142 18.55 -25.00 -21.84
C GLN J 142 18.54 -24.68 -23.35
N GLN J 143 18.48 -23.39 -23.70
CA GLN J 143 18.55 -22.89 -25.07
C GLN J 143 20.01 -22.88 -25.53
N ASN J 144 20.92 -22.36 -24.70
CA ASN J 144 22.32 -22.22 -25.09
C ASN J 144 23.08 -23.56 -25.05
N GLN J 145 22.67 -24.50 -24.18
CA GLN J 145 23.17 -25.87 -24.12
C GLN J 145 22.63 -26.85 -25.19
N ASN J 146 21.71 -26.45 -26.08
CA ASN J 146 21.09 -27.35 -27.08
C ASN J 146 21.23 -26.84 -28.54
N MET K 1 33.57 6.80 6.28
CA MET K 1 33.48 5.35 6.60
C MET K 1 33.39 5.05 8.09
N THR K 2 34.14 5.77 8.93
CA THR K 2 34.50 5.33 10.29
C THR K 2 33.37 4.77 11.15
N GLU K 3 32.21 5.46 11.25
CA GLU K 3 31.35 5.31 12.44
C GLU K 3 30.81 3.89 12.68
N LYS K 4 30.74 3.04 11.63
CA LYS K 4 30.56 1.60 11.84
C LYS K 4 31.46 0.70 10.99
N LEU K 5 32.10 1.17 9.91
CA LEU K 5 33.04 0.31 9.17
C LEU K 5 34.30 0.00 9.96
N LYS K 6 34.92 1.00 10.57
CA LYS K 6 36.05 0.77 11.48
C LYS K 6 35.60 -0.04 12.71
N LEU K 7 34.39 0.18 13.24
CA LEU K 7 33.93 -0.62 14.39
C LEU K 7 33.80 -2.10 14.02
N THR K 8 33.14 -2.41 12.91
CA THR K 8 32.94 -3.78 12.42
C THR K 8 34.17 -4.51 11.85
N LYS K 9 35.19 -3.77 11.40
CA LYS K 9 36.54 -4.23 11.08
C LYS K 9 37.34 -4.51 12.36
N ARG K 10 37.60 -3.47 13.16
CA ARG K 10 38.46 -3.54 14.35
C ARG K 10 37.98 -4.62 15.34
N LEU K 11 36.68 -4.92 15.35
CA LEU K 11 36.02 -6.02 16.05
C LEU K 11 36.65 -7.40 15.80
N VAL K 12 37.36 -7.56 14.68
CA VAL K 12 38.05 -8.80 14.29
C VAL K 12 39.54 -8.55 14.08
N GLU K 13 39.99 -7.41 13.57
CA GLU K 13 41.44 -7.14 13.48
C GLU K 13 42.09 -7.06 14.88
N GLU K 14 41.33 -6.65 15.90
CA GLU K 14 41.83 -6.64 17.27
C GLU K 14 41.85 -8.03 17.91
N TYR K 15 41.12 -9.04 17.41
CA TYR K 15 41.37 -10.43 17.84
C TYR K 15 42.35 -11.18 16.92
N ARG K 16 42.45 -10.88 15.62
CA ARG K 16 43.53 -11.38 14.76
C ARG K 16 44.95 -11.04 15.21
N ARG K 17 45.15 -9.94 15.94
CA ARG K 17 46.45 -9.62 16.57
C ARG K 17 46.85 -10.53 17.72
N PHE K 18 45.93 -11.32 18.30
CA PHE K 18 46.24 -12.25 19.41
C PHE K 18 45.71 -13.68 19.24
N TYR K 19 44.77 -13.93 18.33
CA TYR K 19 44.15 -15.22 18.04
C TYR K 19 43.91 -15.47 16.56
N GLN K 20 44.45 -16.55 16.03
CA GLN K 20 44.35 -16.96 14.63
C GLN K 20 44.35 -18.49 14.49
N VAL K 21 43.21 -19.08 14.11
CA VAL K 21 43.26 -20.40 13.46
C VAL K 21 43.59 -20.18 11.99
N GLU K 22 44.64 -20.84 11.49
CA GLU K 22 44.97 -20.84 10.07
C GLU K 22 43.96 -21.67 9.27
N LEU K 23 43.32 -21.03 8.29
CA LEU K 23 42.10 -21.49 7.65
C LEU K 23 42.22 -22.79 6.87
N SER K 24 43.42 -23.22 6.47
CA SER K 24 43.57 -24.44 5.68
C SER K 24 43.18 -25.71 6.46
N LYS K 25 43.10 -25.65 7.79
CA LYS K 25 42.55 -26.70 8.67
C LYS K 25 41.03 -26.91 8.51
N LYS K 26 40.36 -26.09 7.69
CA LYS K 26 38.91 -25.93 7.55
C LYS K 26 38.16 -25.89 8.92
N PRO K 27 38.52 -24.94 9.80
CA PRO K 27 38.01 -24.91 11.17
C PRO K 27 36.53 -24.53 11.28
N SER K 28 35.92 -24.87 12.41
CA SER K 28 34.54 -24.57 12.79
C SER K 28 34.24 -23.07 12.98
N THR K 29 32.98 -22.66 12.82
CA THR K 29 32.52 -21.35 13.31
C THR K 29 32.85 -21.10 14.77
N HIS K 30 32.63 -22.09 15.63
CA HIS K 30 32.93 -22.04 17.06
C HIS K 30 34.43 -21.81 17.35
N ALA K 31 35.33 -22.33 16.51
CA ALA K 31 36.76 -22.13 16.70
C ALA K 31 37.23 -20.74 16.24
N ILE K 32 36.64 -20.15 15.19
CA ILE K 32 37.02 -18.83 14.70
C ILE K 32 36.59 -17.73 15.65
N LEU K 33 35.33 -17.79 16.09
CA LEU K 33 34.70 -16.77 16.92
C LEU K 33 35.05 -16.85 18.42
N LEU K 34 36.02 -17.69 18.83
CA LEU K 34 36.29 -17.97 20.24
C LEU K 34 36.46 -16.71 21.12
N PRO K 35 37.13 -15.64 20.69
CA PRO K 35 37.15 -14.40 21.45
C PRO K 35 35.80 -13.67 21.52
N LEU K 36 35.12 -13.48 20.40
CA LEU K 36 33.87 -12.69 20.39
C LEU K 36 32.72 -13.44 21.08
N SER K 37 32.58 -14.74 20.85
CA SER K 37 31.61 -15.60 21.54
C SER K 37 31.72 -15.50 23.06
N LYS K 38 32.92 -15.64 23.63
CA LYS K 38 33.14 -15.49 25.08
C LYS K 38 33.10 -14.05 25.58
N ALA K 39 33.29 -13.05 24.73
CA ALA K 39 33.08 -11.66 25.10
C ALA K 39 31.59 -11.30 25.16
N LEU K 40 30.83 -11.60 24.11
CA LEU K 40 29.39 -11.39 24.09
C LEU K 40 28.64 -12.28 25.10
N GLU K 41 29.12 -13.50 25.35
CA GLU K 41 28.56 -14.37 26.39
C GLU K 41 28.81 -13.75 27.77
N GLN K 42 30.02 -13.27 28.04
CA GLN K 42 30.35 -12.61 29.31
C GLN K 42 29.51 -11.32 29.51
N ILE K 43 29.18 -10.57 28.45
CA ILE K 43 28.38 -9.32 28.50
C ILE K 43 26.89 -9.61 28.75
N LEU K 44 26.33 -10.65 28.15
CA LEU K 44 24.94 -11.07 28.38
C LEU K 44 24.74 -11.83 29.70
N SER K 45 25.75 -12.53 30.19
CA SER K 45 25.62 -13.39 31.38
C SER K 45 25.64 -12.61 32.72
N VAL K 46 25.74 -11.27 32.68
CA VAL K 46 25.59 -10.39 33.86
C VAL K 46 24.74 -9.15 33.51
N PRO K 47 23.86 -8.68 34.43
CA PRO K 47 23.03 -7.51 34.17
C PRO K 47 23.84 -6.20 34.28
N ASP K 48 23.27 -5.07 33.83
CA ASP K 48 23.96 -3.77 33.97
C ASP K 48 23.80 -3.13 35.36
N ASP K 49 23.62 -3.92 36.43
CA ASP K 49 23.62 -3.39 37.79
C ASP K 49 25.04 -3.13 38.35
N TRP K 50 26.09 -3.45 37.57
CA TRP K 50 27.48 -3.02 37.79
C TRP K 50 28.23 -2.74 36.48
N ASP K 51 29.22 -1.86 36.57
CA ASP K 51 29.66 -1.02 35.45
C ASP K 51 30.51 -1.71 34.36
N GLU K 52 30.63 -1.06 33.21
CA GLU K 52 31.41 -1.48 32.06
C GLU K 52 32.91 -1.62 32.35
N GLU K 53 33.47 -0.81 33.26
CA GLU K 53 34.89 -0.92 33.64
C GLU K 53 35.16 -2.12 34.56
N GLU K 54 34.18 -2.53 35.37
CA GLU K 54 34.24 -3.79 36.12
C GLU K 54 34.13 -4.98 35.16
N LEU K 55 33.26 -4.84 34.16
CA LEU K 55 33.01 -5.83 33.13
C LEU K 55 34.26 -6.07 32.26
N ILE K 56 35.01 -5.04 31.86
CA ILE K 56 36.28 -5.20 31.11
C ILE K 56 37.29 -5.99 31.96
N LEU K 57 37.55 -5.61 33.22
CA LEU K 57 38.63 -6.25 33.96
C LEU K 57 38.27 -7.70 34.33
N GLN K 58 37.03 -7.99 34.72
CA GLN K 58 36.60 -9.36 34.96
C GLN K 58 36.60 -10.19 33.65
N GLY K 59 36.11 -9.61 32.56
CA GLY K 59 36.03 -10.27 31.26
C GLY K 59 37.36 -10.52 30.58
N SER K 60 38.27 -9.55 30.60
CA SER K 60 39.62 -9.71 30.02
C SER K 60 40.38 -10.86 30.68
N GLY K 61 40.34 -10.97 32.00
CA GLY K 61 40.90 -12.13 32.72
C GLY K 61 40.29 -13.47 32.32
N GLN K 62 38.99 -13.50 32.02
CA GLN K 62 38.26 -14.69 31.60
C GLN K 62 38.66 -15.11 30.18
N LEU K 63 38.78 -14.13 29.27
CA LEU K 63 39.24 -14.36 27.91
C LEU K 63 40.71 -14.79 27.87
N GLN K 64 41.60 -14.14 28.63
CA GLN K 64 43.00 -14.60 28.78
C GLN K 64 43.11 -16.00 29.42
N ALA K 65 42.13 -16.44 30.19
CA ALA K 65 42.12 -17.76 30.81
C ALA K 65 41.67 -18.82 29.79
N ALA K 66 40.72 -18.49 28.93
CA ALA K 66 40.27 -19.37 27.87
C ALA K 66 41.36 -19.59 26.81
N LEU K 67 42.06 -18.52 26.40
CA LEU K 67 43.27 -18.66 25.60
C LEU K 67 44.50 -19.24 26.30
N ASP K 68 44.55 -19.37 27.63
CA ASP K 68 45.49 -20.29 28.28
C ASP K 68 45.14 -21.78 28.10
N ARG K 69 43.99 -22.07 27.49
CA ARG K 69 43.62 -23.46 27.17
C ARG K 69 43.89 -23.75 25.69
N GLN K 70 44.01 -22.72 24.86
CA GLN K 70 44.36 -22.85 23.45
C GLN K 70 45.81 -23.32 23.22
N GLU K 71 46.03 -24.11 22.16
CA GLU K 71 47.37 -24.51 21.72
C GLU K 71 48.15 -23.35 21.09
N VAL K 72 49.46 -23.30 21.31
CA VAL K 72 50.21 -22.03 21.15
C VAL K 72 50.28 -21.57 19.70
N TYR K 73 50.15 -22.47 18.73
CA TYR K 73 50.08 -22.08 17.31
C TYR K 73 48.88 -21.20 16.95
N THR K 74 47.80 -21.26 17.76
CA THR K 74 46.64 -20.37 17.66
C THR K 74 46.87 -18.96 18.21
N ARG K 75 47.96 -18.69 18.96
CA ARG K 75 48.24 -17.35 19.54
C ARG K 75 49.43 -16.71 18.79
N PRO K 76 49.20 -15.98 17.70
CA PRO K 76 50.28 -15.45 16.86
C PRO K 76 51.24 -14.56 17.63
N ILE K 77 50.73 -13.80 18.60
CA ILE K 77 51.51 -12.90 19.46
C ILE K 77 52.51 -13.60 20.40
N ILE K 78 52.41 -14.93 20.57
CA ILE K 78 53.46 -15.77 21.16
C ILE K 78 54.23 -16.61 20.12
N LYS K 79 53.55 -17.18 19.13
CA LYS K 79 54.12 -18.03 18.07
C LYS K 79 55.05 -17.29 17.08
N ASP K 80 54.66 -16.12 16.57
CA ASP K 80 55.25 -15.56 15.34
C ASP K 80 56.49 -14.67 15.57
N LYS K 81 56.98 -14.56 16.80
CA LYS K 81 58.15 -13.74 17.20
C LYS K 81 58.95 -14.42 18.33
N SER K 82 60.23 -14.09 18.45
CA SER K 82 61.15 -14.66 19.44
C SER K 82 61.71 -13.55 20.34
N VAL K 83 61.06 -13.35 21.47
CA VAL K 83 61.34 -12.31 22.47
C VAL K 83 60.89 -12.77 23.87
N ALA K 84 61.43 -12.15 24.91
CA ALA K 84 61.32 -12.58 26.30
C ALA K 84 59.87 -12.72 26.82
N TYR K 85 59.66 -13.74 27.65
CA TYR K 85 58.37 -14.18 28.17
C TYR K 85 57.55 -13.05 28.79
N GLU K 86 58.12 -12.27 29.71
CA GLU K 86 57.38 -11.17 30.35
C GLU K 86 56.97 -10.05 29.40
N THR K 87 57.62 -9.89 28.24
CA THR K 87 57.25 -8.83 27.28
C THR K 87 56.25 -9.33 26.26
N ARG K 88 56.42 -10.56 25.73
CA ARG K 88 55.38 -11.17 24.89
C ARG K 88 54.07 -11.41 25.65
N GLN K 89 54.14 -11.74 26.95
CA GLN K 89 52.95 -11.82 27.80
C GLN K 89 52.30 -10.46 28.07
N LEU K 90 53.06 -9.36 28.13
CA LEU K 90 52.47 -8.05 28.35
C LEU K 90 51.73 -7.55 27.09
N GLN K 91 52.32 -7.70 25.91
CA GLN K 91 51.62 -7.34 24.68
C GLN K 91 50.37 -8.21 24.44
N GLU K 92 50.42 -9.51 24.69
CA GLU K 92 49.23 -10.37 24.63
C GLU K 92 48.13 -9.91 25.59
N LEU K 93 48.46 -9.56 26.83
CA LEU K 93 47.49 -8.95 27.75
C LEU K 93 46.94 -7.59 27.27
N GLU K 94 47.73 -6.72 26.65
CA GLU K 94 47.18 -5.43 26.20
C GLU K 94 46.37 -5.56 24.91
N ALA K 95 46.67 -6.54 24.04
CA ALA K 95 45.81 -6.85 22.91
C ALA K 95 44.46 -7.44 23.38
N ILE K 96 44.45 -8.33 24.37
CA ILE K 96 43.20 -8.85 24.97
C ILE K 96 42.40 -7.75 25.67
N GLN K 97 43.05 -6.88 26.43
CA GLN K 97 42.33 -5.79 27.11
C GLN K 97 41.78 -4.76 26.11
N ILE K 98 42.55 -4.36 25.09
CA ILE K 98 42.05 -3.36 24.14
C ILE K 98 40.91 -3.87 23.25
N PHE K 99 40.95 -5.12 22.80
CA PHE K 99 39.81 -5.81 22.17
C PHE K 99 38.58 -5.76 23.08
N MET K 100 38.74 -5.98 24.39
CA MET K 100 37.61 -5.88 25.29
C MET K 100 37.16 -4.43 25.52
N THR K 101 37.98 -3.39 25.26
CA THR K 101 37.46 -2.01 25.30
C THR K 101 36.48 -1.71 24.17
N THR K 102 36.78 -2.05 22.92
CA THR K 102 35.86 -1.88 21.77
C THR K 102 34.59 -2.70 21.96
N CYS K 103 34.76 -3.97 22.30
CA CYS K 103 33.65 -4.91 22.49
C CYS K 103 32.62 -4.41 23.52
N VAL K 104 33.03 -3.79 24.63
CA VAL K 104 32.10 -3.18 25.59
C VAL K 104 31.70 -1.75 25.21
N ARG K 105 32.62 -0.84 24.92
CA ARG K 105 32.35 0.60 24.82
C ARG K 105 31.90 1.07 23.45
N ASP K 106 32.02 0.21 22.43
CA ASP K 106 31.51 0.52 21.09
C ASP K 106 30.48 -0.52 20.63
N LEU K 107 30.81 -1.81 20.59
CA LEU K 107 29.89 -2.83 20.11
C LEU K 107 28.66 -2.98 21.00
N PHE K 108 28.84 -3.26 22.28
CA PHE K 108 27.71 -3.29 23.21
C PHE K 108 27.18 -1.88 23.51
N GLY K 109 28.04 -1.01 24.00
CA GLY K 109 27.69 0.30 24.54
C GLY K 109 27.12 1.32 23.55
N GLU K 110 27.48 1.29 22.25
CA GLU K 110 26.95 2.27 21.29
C GLU K 110 26.13 1.55 20.20
N MET K 111 26.71 0.56 19.52
CA MET K 111 26.09 -0.10 18.36
C MET K 111 24.87 -0.94 18.74
N CYS K 112 24.94 -1.70 19.83
CA CYS K 112 23.81 -2.34 20.51
C CYS K 112 23.12 -1.44 21.55
N LYS K 113 23.17 -0.11 21.40
CA LYS K 113 22.48 0.89 22.25
C LYS K 113 22.86 0.88 23.75
N GLY K 114 23.78 0.03 24.22
CA GLY K 114 23.97 -0.23 25.65
C GLY K 114 22.91 -1.16 26.27
N ASP K 115 22.11 -1.82 25.43
CA ASP K 115 20.91 -2.56 25.85
C ASP K 115 21.05 -4.06 25.52
N ARG K 116 20.88 -4.91 26.55
CA ARG K 116 21.05 -6.36 26.42
C ARG K 116 20.00 -6.98 25.48
N ALA K 117 18.78 -6.45 25.44
CA ALA K 117 17.71 -6.97 24.60
C ALA K 117 17.98 -6.85 23.09
N ILE K 118 18.47 -5.69 22.63
CA ILE K 118 18.83 -5.53 21.22
C ILE K 118 20.13 -6.25 20.87
N LEU K 119 21.05 -6.50 21.81
CA LEU K 119 22.24 -7.32 21.54
C LEU K 119 21.84 -8.80 21.38
N GLN K 120 21.00 -9.31 22.27
CA GLN K 120 20.61 -10.71 22.32
C GLN K 120 19.86 -11.16 21.06
N GLU K 121 18.94 -10.34 20.53
CA GLU K 121 18.28 -10.61 19.25
C GLU K 121 19.22 -10.45 18.03
N GLN K 122 20.45 -9.98 18.25
CA GLN K 122 21.40 -9.63 17.19
C GLN K 122 22.65 -10.53 17.23
N ARG K 123 22.84 -11.42 18.22
CA ARG K 123 24.11 -12.17 18.37
C ARG K 123 24.41 -12.98 17.13
N ASN K 124 23.42 -13.63 16.52
CA ASN K 124 23.66 -14.50 15.38
C ASN K 124 24.16 -13.72 14.16
N ARG K 125 23.75 -12.45 14.03
CA ARG K 125 24.11 -11.55 12.93
C ARG K 125 25.44 -10.86 13.16
N ILE K 126 25.72 -10.36 14.36
CA ILE K 126 27.07 -9.82 14.66
C ILE K 126 28.12 -10.95 14.70
N LYS K 127 27.75 -12.18 15.08
CA LYS K 127 28.59 -13.36 14.89
C LYS K 127 28.81 -13.66 13.41
N SER K 128 27.76 -13.72 12.59
CA SER K 128 27.94 -13.97 11.16
C SER K 128 28.69 -12.88 10.40
N GLY K 129 28.60 -11.61 10.81
CA GLY K 129 29.46 -10.55 10.32
C GLY K 129 30.92 -10.80 10.68
N ALA K 130 31.21 -11.05 11.95
CA ALA K 130 32.56 -11.34 12.42
C ALA K 130 33.17 -12.63 11.84
N GLU K 131 32.36 -13.68 11.66
CA GLU K 131 32.71 -14.89 10.93
C GLU K 131 33.13 -14.59 9.52
N PHE K 132 32.34 -13.78 8.80
CA PHE K 132 32.60 -13.49 7.40
C PHE K 132 33.81 -12.57 7.26
N ALA K 133 33.91 -11.55 8.12
CA ALA K 133 35.02 -10.63 8.15
C ALA K 133 36.33 -11.35 8.45
N TYR K 134 36.36 -12.30 9.38
CA TYR K 134 37.58 -13.07 9.65
C TYR K 134 38.09 -13.82 8.43
N ARG K 135 37.22 -14.52 7.68
CA ARG K 135 37.62 -15.24 6.45
C ARG K 135 37.97 -14.29 5.33
N LEU K 136 37.20 -13.22 5.15
CA LEU K 136 37.45 -12.16 4.18
C LEU K 136 38.85 -11.53 4.38
N LEU K 137 39.29 -11.33 5.63
CA LEU K 137 40.64 -10.88 5.99
C LEU K 137 41.66 -12.00 5.85
N ALA K 138 41.45 -13.16 6.46
CA ALA K 138 42.46 -14.20 6.54
C ALA K 138 42.82 -14.77 5.17
N LEU K 139 41.82 -15.03 4.33
CA LEU K 139 42.00 -15.53 2.98
C LEU K 139 42.53 -14.43 2.05
N GLU K 140 42.25 -13.15 2.32
CA GLU K 140 42.93 -12.06 1.61
C GLU K 140 44.42 -12.00 1.98
N ALA K 141 44.76 -12.02 3.27
CA ALA K 141 46.12 -12.05 3.78
C ALA K 141 46.93 -13.24 3.21
N GLN K 142 46.30 -14.40 3.06
CA GLN K 142 46.91 -15.58 2.43
C GLN K 142 47.07 -15.41 0.90
N GLN K 143 45.99 -15.04 0.18
CA GLN K 143 45.88 -15.25 -1.26
C GLN K 143 46.02 -14.00 -2.14
N ASN K 144 46.13 -12.79 -1.59
CA ASN K 144 46.16 -11.57 -2.42
C ASN K 144 47.34 -11.50 -3.43
N GLN K 145 48.42 -12.25 -3.21
CA GLN K 145 49.53 -12.41 -4.16
C GLN K 145 49.24 -13.31 -5.37
N ASN K 146 48.14 -14.08 -5.37
CA ASN K 146 47.69 -14.96 -6.46
C ASN K 146 46.70 -14.29 -7.43
#